data_7UOJ
#
_entry.id   7UOJ
#
_cell.length_a   1.00
_cell.length_b   1.00
_cell.length_c   1.00
_cell.angle_alpha   90.00
_cell.angle_beta   90.00
_cell.angle_gamma   90.00
#
_symmetry.space_group_name_H-M   'P 1'
#
loop_
_entity.id
_entity.type
_entity.pdbx_description
1 polymer 'Envelope glycoprotein gp120'
2 polymer 'Envelope glycoprotein gp41'
3 polymer 'N49-P9.6-FR3 Fab heavy chain'
4 polymer 'N49-P9.6-FR3 Fab light chain'
5 polymer 'PGT121 Fab light chain'
6 polymer 'PGT121 Fab heavy chain'
7 branched 2-acetamido-2-deoxy-beta-D-glucopyranose-(1-4)-2-acetamido-2-deoxy-beta-D-glucopyranose
8 branched alpha-D-mannopyranose-(1-3)-beta-D-mannopyranose-(1-4)-2-acetamido-2-deoxy-beta-D-glucopyranose-(1-4)-2-acetamido-2-deoxy-beta-D-glucopyranose
9 branched beta-D-mannopyranose-(1-4)-2-acetamido-2-deoxy-beta-D-glucopyranose-(1-4)-2-acetamido-2-deoxy-beta-D-glucopyranose
10 branched alpha-D-mannopyranose-(1-3)-[alpha-D-mannopyranose-(1-6)]beta-D-mannopyranose-(1-4)-2-acetamido-2-deoxy-beta-D-glucopyranose-(1-4)-2-acetamido-2-deoxy-beta-D-glucopyranose
11 branched alpha-D-mannopyranose-(1-2)-alpha-D-mannopyranose-(1-2)-alpha-D-mannopyranose-(1-3)-[alpha-D-mannopyranose-(1-3)-[alpha-D-mannopyranose-(1-6)]alpha-D-mannopyranose-(1-6)]beta-D-mannopyranose-(1-4)-2-acetamido-2-deoxy-beta-D-glucopyranose-(1-4)-2-acetamido-2-deoxy-beta-D-glucopyranose
12 non-polymer 2-acetamido-2-deoxy-beta-D-glucopyranose
#
loop_
_entity_poly.entity_id
_entity_poly.type
_entity_poly.pdbx_seq_one_letter_code
_entity_poly.pdbx_strand_id
1 'polypeptide(L)'
;AENLWVTVYYGVPVWKDAETTLFCASDAKAYETEKHNVWATHACVPTDPNPQEIHLENVTEEFNMWKNNMVEQMHTDIIS
LWDQSLKPCVKLTPLCVTLQCTNVTNNITDDMRGELKNCSFNMTTELRDKKQKVYSLFYRLDVVQINENQGNRSNNSNKE
YRLINCNTSAITQACPKVSFEPIPIHYCAPAGFAILKCKDKKFNGTGPCPSVSTVQCTHGIKPVVSTQLLLNGSLAEEEV
MIRSENITNNAKNILVQFNTPVQINCTRPNNNTRKSIRIGPGQAFYATGDIIGDIRQAHCNVSKATWNETLGKVVKQLRK
HFGNNTIIRFANSSGGDLEVTTHSFNCGGEFFYCNTSGLFNSTWISNTSVQGSNSTGSNDSITLPCRIKQIINMWQRIGQ
AMYAPPIQGVIRCVSNITGLILTRDGGSTNSTTETFRPGGGDMRDNWRSELYKYKVVKIEPLGVAPTRCKRRVVGRRRRR
R
;
G,A,I
2 'polypeptide(L)'
;AVGIGAVFLGFLGAAGSTMGAASMTLTVQARNLLSGIVQQQSNLLRAPEAQQHLLKLTVWGIKQLQARVLAVERYLRDQQ
LLGIWGCSGKLICCTNVPWNSSWSNRNLSEIWDNMTWLQWDKEISNYTQIIYGLLEESQNQQEKNEQDLLALD
;
B,C,J
3 'polypeptide(L)'
;HVQLVQSGGGVKKIGAAVRISCEVSGYNFMDQFINWVRQAPGQGLEWMGWMNPIYGQVNYSWRFQGRVTMTRQLSQDPDD
PDWGTAFMELRGLRVDDTAVYYCARGPSGENYPFHYWGQGVRVVVSSASTKGPSVFPLAPSSKSTSGGTAALGCLVKDYF
PEPVTVSWNSGALTSGVHTFPAVLQSSGLYSLSSVVTVPSSSLGTQTYICNVNHKPSNTKVDKRVEPKSC
;
H,D,K
4 'polypeptide(L)'
;LTQPASMSASPGQSVTISCSGTRHIISAWFQQYPGKPPKLIIFDDDKRPSGVPSRFSASRPGDTASLTISNVQPEDEATY
ICNTYEFFGGGTKLTVLGQPKAAPSVTLFPPSSEELQANKATLVCLVSDFYPGAVTVAWKADGSPVKVGVETTKPSKQSN
NKYAASSYLSLTPEQWKSHRSYSCRVTHEGSTVEKTVAPAECS
;
L,E,M
5 'polypeptide(L)'
;QVQIDISVAPGETARISCGEKSLGSRAVQWYQHRAGQAPSLIIYNNQDRPSGIPERFSGSPDSPFGTTATLTITSVEAGD
EADYYCHIWDSRVPTKWVFGGGTTLTVLGQPKAAPSVTLFPPSSEELQANKATLVCLISDFYPGAVTVAWKADSSPVKAG
VETTTPSKQSNNKYAASSYLSLTPEQWKSHKSYSCQVTHEGSTVEKTVAPTEC
;
l,e,m
6 'polypeptide(L)'
;QMQLQESGPGLVKPSETLSLTCSVSGASISDSYWSWIRRSPGKGLEWIGYVHKSGDTNYSPSLKSRVNLSLDTSKNQVSL
SLVAATAADSGKYYCARTLHGRRIYGIVAFNEWFTYFYMDVWGNGTQVTVSSASTKGPSVFPLAPSSKSTSGGTAALGCL
VKDYFPEPVTVSWNSGALTSGVHTFPAVLQSSGLYSLSSVVTVPSSSLGTQTYICNVNHKPSNTKVDKRVEPKSC
;
h,d,k
#
loop_
_chem_comp.id
_chem_comp.type
_chem_comp.name
_chem_comp.formula
BMA D-saccharide, beta linking beta-D-mannopyranose 'C6 H12 O6'
MAN D-saccharide, alpha linking alpha-D-mannopyranose 'C6 H12 O6'
NAG D-saccharide, beta linking 2-acetamido-2-deoxy-beta-D-glucopyranose 'C8 H15 N O6'
#
# COMPACT_ATOMS: atom_id res chain seq x y z
N ALA A 1 -18.23 -39.58 56.46
CA ALA A 1 -18.20 -41.02 56.73
C ALA A 1 -17.16 -41.71 55.86
N GLU A 2 -17.63 -42.44 54.84
CA GLU A 2 -16.74 -43.14 53.92
C GLU A 2 -17.06 -42.93 52.45
N ASN A 3 -18.26 -42.46 52.12
CA ASN A 3 -18.67 -42.27 50.72
C ASN A 3 -18.20 -40.89 50.25
N LEU A 4 -17.09 -40.86 49.52
CA LEU A 4 -16.59 -39.64 48.91
C LEU A 4 -17.17 -39.51 47.51
N TRP A 5 -18.01 -38.50 47.31
CA TRP A 5 -18.66 -38.25 46.02
C TRP A 5 -18.01 -37.04 45.38
N VAL A 6 -17.50 -37.20 44.16
CA VAL A 6 -16.93 -36.07 43.43
C VAL A 6 -18.06 -35.16 42.97
N THR A 7 -17.83 -33.85 43.07
CA THR A 7 -18.76 -32.85 42.59
C THR A 7 -17.97 -31.77 41.87
N VAL A 8 -18.64 -31.10 40.94
CA VAL A 8 -18.03 -30.00 40.20
C VAL A 8 -18.85 -28.75 40.44
N TYR A 9 -18.16 -27.66 40.79
CA TYR A 9 -18.77 -26.39 41.13
C TYR A 9 -18.36 -25.36 40.08
N TYR A 10 -19.33 -24.57 39.64
CA TYR A 10 -19.09 -23.48 38.72
C TYR A 10 -18.88 -22.18 39.48
N GLY A 11 -18.27 -21.21 38.80
CA GLY A 11 -18.02 -19.93 39.44
C GLY A 11 -17.02 -19.98 40.57
N VAL A 12 -16.25 -21.06 40.66
CA VAL A 12 -15.26 -21.18 41.75
C VAL A 12 -14.19 -20.11 41.59
N PRO A 13 -13.91 -19.32 42.62
CA PRO A 13 -12.79 -18.39 42.51
C PRO A 13 -11.45 -19.10 42.59
N VAL A 14 -10.81 -19.27 41.43
CA VAL A 14 -9.46 -19.82 41.36
C VAL A 14 -8.89 -19.46 39.99
N TRP A 15 -7.65 -19.01 39.99
CA TRP A 15 -7.02 -18.45 38.81
C TRP A 15 -5.70 -19.15 38.55
N LYS A 16 -5.07 -18.80 37.42
CA LYS A 16 -3.72 -19.24 37.12
C LYS A 16 -3.00 -18.12 36.37
N ASP A 17 -1.70 -18.31 36.17
CA ASP A 17 -0.93 -17.37 35.38
C ASP A 17 -1.03 -17.74 33.90
N ALA A 18 -1.09 -16.73 33.05
CA ALA A 18 -1.24 -16.95 31.62
C ALA A 18 -0.71 -15.76 30.85
N GLU A 19 -0.51 -15.96 29.55
CA GLU A 19 -0.09 -14.91 28.64
C GLU A 19 -1.23 -14.64 27.65
N THR A 20 -1.59 -13.37 27.50
CA THR A 20 -2.68 -13.00 26.62
C THR A 20 -2.49 -11.56 26.18
N THR A 21 -3.13 -11.22 25.06
CA THR A 21 -3.07 -9.87 24.51
C THR A 21 -4.09 -9.00 25.23
N LEU A 22 -3.63 -7.91 25.84
CA LEU A 22 -4.50 -7.03 26.58
C LEU A 22 -5.15 -6.01 25.66
N PHE A 23 -6.06 -5.23 26.23
CA PHE A 23 -6.90 -4.30 25.49
C PHE A 23 -6.61 -2.86 25.87
N CYS A 24 -6.30 -2.04 24.87
CA CYS A 24 -6.05 -0.63 25.10
C CYS A 24 -7.36 0.13 25.36
N ALA A 25 -7.22 1.28 26.01
CA ALA A 25 -8.34 2.16 26.27
C ALA A 25 -7.81 3.59 26.39
N SER A 26 -8.54 4.53 25.82
CA SER A 26 -8.11 5.93 25.78
C SER A 26 -9.06 6.79 26.60
N ASP A 27 -8.50 7.71 27.37
CA ASP A 27 -9.29 8.59 28.21
C ASP A 27 -10.11 9.56 27.36
N ALA A 28 -11.15 10.12 27.97
CA ALA A 28 -12.00 11.08 27.29
C ALA A 28 -11.29 12.40 27.02
N LYS A 29 -10.14 12.64 27.66
CA LYS A 29 -9.39 13.86 27.40
C LYS A 29 -8.91 13.94 25.96
N ALA A 30 -8.40 12.81 25.43
CA ALA A 30 -8.05 12.76 24.03
C ALA A 30 -9.27 12.75 23.13
N TYR A 31 -10.41 12.33 23.69
CA TYR A 31 -11.68 12.24 22.93
C TYR A 31 -12.35 13.62 22.84
N GLU A 32 -11.94 14.57 23.68
CA GLU A 32 -12.54 15.90 23.65
C GLU A 32 -12.37 16.53 22.27
N THR A 33 -11.19 16.36 21.68
CA THR A 33 -10.97 16.69 20.28
C THR A 33 -11.11 15.43 19.43
N GLU A 34 -11.60 15.61 18.21
CA GLU A 34 -11.93 14.50 17.33
C GLU A 34 -11.46 14.86 15.92
N LYS A 35 -11.96 14.12 14.93
CA LYS A 35 -11.64 14.36 13.53
C LYS A 35 -10.14 14.22 13.25
N HIS A 36 -9.45 13.40 14.06
CA HIS A 36 -8.03 13.11 13.89
C HIS A 36 -7.18 14.38 14.00
N ASN A 37 -7.55 15.28 14.92
CA ASN A 37 -6.71 16.47 15.15
C ASN A 37 -5.47 16.17 15.97
N VAL A 38 -5.47 15.08 16.75
CA VAL A 38 -4.34 14.74 17.61
C VAL A 38 -4.00 13.27 17.43
N TRP A 39 -3.03 12.80 18.21
CA TRP A 39 -2.50 11.45 18.10
C TRP A 39 -3.27 10.48 18.98
N ALA A 40 -3.53 9.29 18.44
CA ALA A 40 -4.26 8.22 19.13
C ALA A 40 -5.60 8.73 19.64
N THR A 41 -6.25 9.56 18.83
CA THR A 41 -7.53 10.17 19.20
C THR A 41 -8.72 9.25 19.00
N HIS A 42 -8.67 8.34 18.03
CA HIS A 42 -9.70 7.33 17.83
C HIS A 42 -9.08 5.94 17.74
N ALA A 43 -8.10 5.66 18.60
CA ALA A 43 -7.34 4.42 18.50
C ALA A 43 -7.87 3.32 19.41
N CYS A 44 -8.61 3.65 20.46
CA CYS A 44 -9.05 2.67 21.43
C CYS A 44 -10.48 3.01 21.85
N VAL A 45 -10.96 2.35 22.91
CA VAL A 45 -12.32 2.55 23.39
C VAL A 45 -12.30 3.64 24.45
N PRO A 46 -13.38 4.40 24.64
CA PRO A 46 -13.50 5.22 25.84
C PRO A 46 -13.45 4.37 27.10
N THR A 47 -12.79 4.90 28.13
CA THR A 47 -12.64 4.17 29.39
C THR A 47 -13.88 4.34 30.25
N ASP A 48 -14.32 3.24 30.85
CA ASP A 48 -15.45 3.31 31.77
C ASP A 48 -15.05 4.07 33.03
N PRO A 49 -15.84 5.06 33.45
CA PRO A 49 -15.53 5.76 34.70
C PRO A 49 -15.85 4.92 35.92
N ASN A 50 -15.75 5.52 37.12
CA ASN A 50 -16.09 4.97 38.44
C ASN A 50 -15.83 3.47 38.52
N PRO A 51 -14.57 3.03 38.44
CA PRO A 51 -14.29 1.60 38.32
C PRO A 51 -14.76 0.81 39.53
N GLN A 52 -14.93 -0.49 39.31
CA GLN A 52 -15.47 -1.42 40.30
C GLN A 52 -14.37 -2.17 41.04
N GLU A 53 -13.27 -1.49 41.34
CA GLU A 53 -12.16 -2.11 42.07
C GLU A 53 -12.64 -2.67 43.40
N ILE A 54 -12.25 -3.92 43.68
CA ILE A 54 -12.63 -4.62 44.90
C ILE A 54 -11.37 -4.98 45.66
N HIS A 55 -11.35 -4.68 46.96
CA HIS A 55 -10.21 -5.01 47.81
C HIS A 55 -10.31 -6.45 48.31
N LEU A 56 -9.32 -7.25 47.97
CA LEU A 56 -9.27 -8.64 48.41
C LEU A 56 -8.44 -8.76 49.68
N GLU A 57 -8.45 -9.95 50.27
CA GLU A 57 -7.73 -10.23 51.49
C GLU A 57 -7.25 -11.69 51.49
N ASN A 58 -6.23 -11.94 52.31
CA ASN A 58 -5.72 -13.28 52.56
C ASN A 58 -5.34 -14.00 51.26
N VAL A 59 -4.69 -13.28 50.35
CA VAL A 59 -4.17 -13.83 49.11
C VAL A 59 -2.71 -13.43 49.01
N THR A 60 -1.83 -14.42 48.82
CA THR A 60 -0.40 -14.20 48.71
C THR A 60 0.05 -14.64 47.32
N GLU A 61 -0.04 -13.74 46.36
CA GLU A 61 0.46 -13.97 45.01
C GLU A 61 1.84 -13.35 44.86
N GLU A 62 2.61 -13.88 43.93
CA GLU A 62 3.98 -13.43 43.69
C GLU A 62 4.07 -12.72 42.34
N PHE A 63 4.88 -11.67 42.31
CA PHE A 63 5.19 -10.93 41.10
C PHE A 63 6.64 -11.16 40.70
N ASN A 64 6.93 -10.86 39.43
CA ASN A 64 8.31 -10.92 38.93
C ASN A 64 8.39 -9.92 37.77
N MET A 65 8.88 -8.71 38.06
CA MET A 65 8.85 -7.65 37.06
C MET A 65 9.74 -7.93 35.86
N TRP A 66 10.73 -8.81 36.00
CA TRP A 66 11.66 -9.07 34.92
C TRP A 66 11.19 -10.18 33.98
N LYS A 67 10.50 -11.19 34.51
CA LYS A 67 10.08 -12.37 33.75
C LYS A 67 8.57 -12.45 33.63
N ASN A 68 7.92 -11.31 33.38
CA ASN A 68 6.47 -11.24 33.33
C ASN A 68 6.01 -10.80 31.95
N ASN A 69 4.83 -11.26 31.55
CA ASN A 69 4.20 -10.83 30.31
C ASN A 69 3.63 -9.44 30.50
N MET A 70 2.90 -8.95 29.50
CA MET A 70 2.19 -7.67 29.48
C MET A 70 3.14 -6.49 29.44
N VAL A 71 4.46 -6.71 29.54
CA VAL A 71 5.42 -5.64 29.43
C VAL A 71 6.24 -5.72 28.14
N GLU A 72 6.59 -6.93 27.67
CA GLU A 72 7.25 -7.09 26.39
C GLU A 72 6.33 -6.82 25.22
N GLN A 73 5.01 -6.78 25.45
CA GLN A 73 4.04 -6.61 24.38
C GLN A 73 3.60 -5.16 24.21
N MET A 74 3.49 -4.40 25.32
CA MET A 74 3.09 -3.00 25.20
C MET A 74 4.07 -2.22 24.36
N HIS A 75 5.35 -2.60 24.40
CA HIS A 75 6.34 -1.99 23.51
C HIS A 75 6.01 -2.27 22.05
N THR A 76 5.59 -3.50 21.75
CA THR A 76 5.18 -3.83 20.39
C THR A 76 3.97 -3.03 19.96
N ASP A 77 2.98 -2.89 20.83
CA ASP A 77 1.80 -2.08 20.51
C ASP A 77 2.19 -0.64 20.27
N ILE A 78 3.06 -0.08 21.12
CA ILE A 78 3.46 1.31 20.97
C ILE A 78 4.19 1.52 19.65
N ILE A 79 5.12 0.61 19.32
CA ILE A 79 5.89 0.79 18.09
C ILE A 79 5.01 0.60 16.86
N SER A 80 4.06 -0.34 16.90
CA SER A 80 3.18 -0.53 15.75
C SER A 80 2.25 0.67 15.57
N LEU A 81 1.72 1.19 16.67
CA LEU A 81 0.86 2.37 16.60
C LEU A 81 1.63 3.58 16.09
N TRP A 82 2.88 3.72 16.53
CA TRP A 82 3.75 4.79 16.05
C TRP A 82 4.02 4.64 14.55
N ASP A 83 4.31 3.43 14.10
CA ASP A 83 4.66 3.19 12.71
C ASP A 83 3.46 3.42 11.79
N GLN A 84 2.27 3.02 12.22
CA GLN A 84 1.10 3.16 11.36
C GLN A 84 0.68 4.62 11.17
N SER A 85 1.28 5.54 11.92
CA SER A 85 0.92 6.96 11.83
C SER A 85 1.73 7.71 10.78
N LEU A 86 2.59 7.03 10.03
CA LEU A 86 3.38 7.67 8.97
C LEU A 86 2.90 7.33 7.57
N LYS A 87 1.98 6.36 7.43
CA LYS A 87 1.52 5.97 6.10
C LYS A 87 0.90 7.12 5.32
N PRO A 88 0.00 7.94 5.87
CA PRO A 88 -0.53 9.08 5.10
C PRO A 88 0.39 10.29 5.09
N CYS A 89 1.60 10.20 5.64
CA CYS A 89 2.48 11.35 5.73
C CYS A 89 3.45 11.41 4.55
N VAL A 90 3.98 12.61 4.33
CA VAL A 90 4.82 12.88 3.16
C VAL A 90 6.09 12.03 3.19
N LYS A 91 6.66 11.80 2.01
CA LYS A 91 7.98 11.21 1.86
C LYS A 91 8.95 12.25 1.33
N LEU A 92 10.19 12.19 1.80
CA LEU A 92 11.22 13.16 1.48
C LEU A 92 12.14 12.68 0.36
N THR A 93 11.70 11.68 -0.41
CA THR A 93 12.55 10.97 -1.36
C THR A 93 13.33 11.87 -2.32
N PRO A 94 12.74 12.87 -2.98
CA PRO A 94 13.52 13.68 -3.91
C PRO A 94 14.33 14.80 -3.26
N LEU A 95 14.58 14.74 -1.96
CA LEU A 95 15.21 15.86 -1.27
C LEU A 95 16.73 15.82 -1.32
N CYS A 96 17.32 14.63 -1.45
CA CYS A 96 18.76 14.47 -1.20
C CYS A 96 19.60 14.95 -2.39
N VAL A 97 19.37 16.19 -2.77
CA VAL A 97 20.17 16.86 -3.79
C VAL A 97 21.38 17.45 -3.10
N THR A 98 22.45 17.68 -3.87
CA THR A 98 23.70 18.20 -3.31
C THR A 98 23.50 19.60 -2.76
N LEU A 99 23.45 19.73 -1.43
CA LEU A 99 23.28 21.03 -0.79
C LEU A 99 24.56 21.83 -0.91
N GLN A 100 24.49 23.00 -1.55
CA GLN A 100 25.56 23.98 -1.49
C GLN A 100 25.31 24.82 -0.25
N CYS A 101 26.14 24.67 0.76
CA CYS A 101 25.79 25.13 2.10
C CYS A 101 26.93 25.92 2.72
N THR A 102 26.56 26.92 3.52
CA THR A 102 27.53 27.77 4.21
C THR A 102 27.11 27.92 5.66
N ASN A 103 27.82 28.81 6.35
CA ASN A 103 27.67 29.02 7.78
C ASN A 103 26.84 30.28 8.02
N VAL A 104 25.97 30.23 9.04
CA VAL A 104 25.23 31.43 9.40
C VAL A 104 26.21 32.51 9.84
N THR A 105 25.95 33.74 9.40
CA THR A 105 26.87 34.84 9.68
C THR A 105 26.76 35.28 11.14
N ASN A 106 26.90 34.34 12.06
CA ASN A 106 26.83 34.59 13.48
C ASN A 106 28.15 35.15 13.99
N ASN A 107 28.13 35.66 15.22
CA ASN A 107 29.33 36.14 15.89
C ASN A 107 29.94 35.03 16.73
N ILE A 108 30.21 33.91 16.06
CA ILE A 108 30.70 32.71 16.74
C ILE A 108 32.15 32.89 17.16
N THR A 109 32.56 32.10 18.15
CA THR A 109 33.95 31.96 18.52
C THR A 109 34.51 30.68 17.90
N ASP A 110 35.74 30.35 18.27
CA ASP A 110 36.33 29.11 17.75
C ASP A 110 35.62 27.88 18.32
N ASP A 111 35.33 27.88 19.63
CA ASP A 111 34.71 26.71 20.25
C ASP A 111 33.26 26.56 19.81
N MET A 112 32.48 27.64 19.85
CA MET A 112 31.05 27.55 19.58
C MET A 112 30.81 27.36 18.09
N ARG A 113 30.80 26.11 17.64
CA ARG A 113 30.61 25.80 16.24
C ARG A 113 29.23 26.28 15.77
N GLY A 114 29.16 26.65 14.50
CA GLY A 114 27.91 27.11 13.93
C GLY A 114 26.83 26.05 14.01
N GLU A 115 25.85 26.24 14.89
CA GLU A 115 24.80 25.25 15.09
C GLU A 115 23.68 25.37 14.07
N LEU A 116 23.72 26.38 13.20
CA LEU A 116 22.78 26.51 12.10
C LEU A 116 23.58 26.62 10.81
N LYS A 117 23.34 25.70 9.88
CA LYS A 117 23.97 25.71 8.58
C LYS A 117 22.93 26.15 7.55
N ASN A 118 23.30 27.12 6.71
CA ASN A 118 22.39 27.72 5.74
C ASN A 118 22.68 27.07 4.40
N CYS A 119 21.77 26.21 3.94
CA CYS A 119 22.00 25.38 2.78
C CYS A 119 21.06 25.81 1.65
N SER A 120 21.53 25.71 0.42
CA SER A 120 20.74 26.00 -0.76
C SER A 120 20.79 24.83 -1.73
N PHE A 121 19.66 24.52 -2.36
CA PHE A 121 19.58 23.34 -3.20
C PHE A 121 18.41 23.46 -4.16
N ASN A 122 18.46 22.64 -5.20
CA ASN A 122 17.44 22.62 -6.23
C ASN A 122 16.28 21.72 -5.84
N MET A 123 15.12 22.02 -6.38
CA MET A 123 13.94 21.22 -6.06
C MET A 123 13.01 21.23 -7.27
N THR A 124 12.20 20.17 -7.37
CA THR A 124 11.28 19.98 -8.50
C THR A 124 9.89 20.47 -8.09
N THR A 125 9.36 21.45 -8.82
CA THR A 125 8.04 21.98 -8.56
C THR A 125 6.98 21.10 -9.21
N GLU A 126 5.74 21.57 -9.25
CA GLU A 126 4.66 20.81 -9.88
C GLU A 126 4.92 20.62 -11.37
N LEU A 127 5.39 21.67 -12.04
CA LEU A 127 5.74 21.56 -13.46
C LEU A 127 7.06 20.81 -13.59
N ARG A 128 7.00 19.60 -14.17
CA ARG A 128 8.12 18.68 -14.10
C ARG A 128 9.35 19.17 -14.86
N ASP A 129 9.18 20.07 -15.83
CA ASP A 129 10.34 20.58 -16.56
C ASP A 129 11.12 21.61 -15.74
N LYS A 130 10.44 22.41 -14.93
CA LYS A 130 11.08 23.53 -14.25
C LYS A 130 11.61 23.11 -12.88
N LYS A 131 12.73 23.72 -12.49
CA LYS A 131 13.37 23.46 -11.22
C LYS A 131 13.69 24.78 -10.52
N GLN A 132 13.53 24.81 -9.21
CA GLN A 132 13.73 26.01 -8.42
C GLN A 132 14.92 25.85 -7.49
N LYS A 133 15.44 26.98 -7.00
CA LYS A 133 16.55 27.00 -6.04
C LYS A 133 16.03 27.56 -4.73
N VAL A 134 15.95 26.70 -3.71
CA VAL A 134 15.40 27.12 -2.43
C VAL A 134 16.48 27.00 -1.36
N TYR A 135 16.35 27.82 -0.32
CA TYR A 135 17.27 27.87 0.80
C TYR A 135 16.57 27.47 2.08
N SER A 136 17.33 26.91 3.01
CA SER A 136 16.77 26.47 4.28
C SER A 136 17.90 26.40 5.31
N LEU A 137 17.51 26.12 6.54
CA LEU A 137 18.44 26.04 7.66
C LEU A 137 18.39 24.65 8.28
N PHE A 138 19.56 24.08 8.55
CA PHE A 138 19.65 22.76 9.16
C PHE A 138 20.55 22.83 10.38
N TYR A 139 20.33 21.89 11.30
CA TYR A 139 21.20 21.76 12.46
C TYR A 139 22.45 20.97 12.09
N ARG A 140 23.54 21.22 12.81
CA ARG A 140 24.84 20.66 12.44
C ARG A 140 24.83 19.14 12.44
N LEU A 141 23.99 18.53 13.26
CA LEU A 141 23.91 17.07 13.33
C LEU A 141 22.97 16.50 12.28
N ASP A 142 22.71 17.24 11.20
CA ASP A 142 21.89 16.75 10.11
C ASP A 142 22.55 16.92 8.74
N VAL A 143 23.83 17.27 8.70
CA VAL A 143 24.58 17.36 7.45
C VAL A 143 25.91 16.64 7.64
N VAL A 144 26.26 15.78 6.68
CA VAL A 144 27.57 15.17 6.58
C VAL A 144 28.20 15.58 5.26
N GLN A 145 29.50 15.88 5.32
CA GLN A 145 30.23 16.36 4.15
C GLN A 145 30.47 15.22 3.17
N ILE A 146 30.47 15.56 1.89
CA ILE A 146 30.87 14.65 0.82
C ILE A 146 32.21 15.06 0.22
N ASN A 147 32.38 16.34 -0.08
CA ASN A 147 33.63 16.85 -0.61
C ASN A 147 34.05 18.13 0.12
N ASN A 158 31.75 26.29 0.94
CA ASN A 158 31.51 25.65 -0.35
C ASN A 158 31.69 24.14 -0.24
N LYS A 159 31.45 23.60 0.95
CA LYS A 159 31.56 22.16 1.20
C LYS A 159 30.17 21.54 1.04
N GLU A 160 29.99 20.77 -0.03
CA GLU A 160 28.71 20.11 -0.26
C GLU A 160 28.38 19.17 0.89
N TYR A 161 27.14 19.23 1.35
CA TYR A 161 26.65 18.38 2.44
C TYR A 161 25.50 17.52 1.94
N ARG A 162 25.13 16.55 2.77
CA ARG A 162 23.92 15.78 2.52
C ARG A 162 23.35 15.32 3.85
N LEU A 163 22.06 14.98 3.85
CA LEU A 163 21.45 14.44 5.06
C LEU A 163 22.10 13.12 5.45
N ILE A 164 22.25 12.91 6.75
CA ILE A 164 23.10 11.83 7.25
C ILE A 164 22.50 10.46 6.93
N ASN A 165 21.17 10.35 6.99
CA ASN A 165 20.49 9.06 6.88
C ASN A 165 19.94 8.79 5.49
N CYS A 166 20.29 9.60 4.49
CA CYS A 166 19.73 9.40 3.16
C CYS A 166 20.22 8.10 2.52
N ASN A 167 21.54 7.87 2.57
CA ASN A 167 22.05 6.57 2.13
C ASN A 167 21.45 5.42 2.93
N THR A 168 21.42 5.57 4.26
CA THR A 168 21.12 4.45 5.14
C THR A 168 19.70 3.93 4.94
N SER A 169 18.75 4.83 4.76
CA SER A 169 17.34 4.43 4.62
C SER A 169 16.56 5.62 4.06
N ALA A 170 15.29 5.38 3.76
CA ALA A 170 14.41 6.45 3.32
C ALA A 170 13.86 7.20 4.53
N ILE A 171 13.72 8.52 4.38
CA ILE A 171 13.27 9.39 5.46
C ILE A 171 11.83 9.79 5.21
N THR A 172 11.01 9.69 6.25
CA THR A 172 9.57 9.92 6.18
C THR A 172 9.21 11.07 7.09
N GLN A 173 8.83 12.20 6.50
CA GLN A 173 8.44 13.37 7.27
C GLN A 173 7.15 13.10 8.03
N ALA A 174 7.09 13.59 9.27
CA ALA A 174 5.91 13.41 10.11
C ALA A 174 4.88 14.49 9.83
N CYS A 175 3.61 14.10 9.84
CA CYS A 175 2.53 15.04 9.54
C CYS A 175 2.47 16.13 10.61
N PRO A 176 2.33 17.40 10.22
CA PRO A 176 2.26 18.48 11.22
C PRO A 176 1.04 18.38 12.14
N LYS A 177 -0.05 17.76 11.69
CA LYS A 177 -1.25 17.72 12.52
C LYS A 177 -1.01 16.96 13.81
N VAL A 178 -0.34 15.82 13.74
CA VAL A 178 -0.14 14.99 14.92
C VAL A 178 0.89 15.65 15.84
N SER A 179 0.66 15.51 17.14
CA SER A 179 1.56 16.03 18.16
C SER A 179 2.05 14.88 19.00
N PHE A 180 3.38 14.78 19.16
CA PHE A 180 4.01 13.64 19.80
C PHE A 180 3.79 13.59 21.30
N GLU A 181 3.04 14.54 21.86
CA GLU A 181 2.87 14.61 23.31
C GLU A 181 2.20 13.34 23.83
N PRO A 182 2.72 12.74 24.90
CA PRO A 182 2.08 11.55 25.45
C PRO A 182 0.71 11.84 26.03
N ILE A 183 -0.17 10.85 25.92
CA ILE A 183 -1.55 10.96 26.40
C ILE A 183 -1.81 9.77 27.31
N PRO A 184 -2.53 9.94 28.43
CA PRO A 184 -2.75 8.82 29.34
C PRO A 184 -3.45 7.65 28.64
N ILE A 185 -3.05 6.44 29.01
CA ILE A 185 -3.54 5.21 28.42
C ILE A 185 -4.04 4.32 29.56
N HIS A 186 -4.94 3.40 29.23
CA HIS A 186 -5.41 2.40 30.17
C HIS A 186 -5.34 1.03 29.50
N TYR A 187 -5.11 0.00 30.30
CA TYR A 187 -5.00 -1.36 29.79
C TYR A 187 -5.99 -2.26 30.52
N CYS A 188 -7.13 -2.50 29.88
CA CYS A 188 -8.16 -3.38 30.42
C CYS A 188 -7.97 -4.79 29.87
N ALA A 189 -8.61 -5.75 30.53
CA ALA A 189 -8.48 -7.13 30.13
C ALA A 189 -9.75 -7.62 29.44
N PRO A 190 -9.61 -8.47 28.42
CA PRO A 190 -10.80 -9.06 27.80
C PRO A 190 -11.54 -9.93 28.80
N ALA A 191 -12.86 -9.99 28.63
CA ALA A 191 -13.74 -10.67 29.58
C ALA A 191 -13.25 -12.09 29.86
N GLY A 192 -12.94 -12.36 31.12
CA GLY A 192 -12.41 -13.65 31.51
C GLY A 192 -11.15 -13.56 32.34
N PHE A 193 -10.31 -12.56 32.05
CA PHE A 193 -9.06 -12.37 32.77
C PHE A 193 -9.23 -11.39 33.93
N ALA A 194 -8.18 -11.27 34.72
CA ALA A 194 -8.15 -10.31 35.81
C ALA A 194 -6.77 -9.69 35.90
N ILE A 195 -6.73 -8.44 36.34
CA ILE A 195 -5.47 -7.72 36.56
C ILE A 195 -5.26 -7.65 38.06
N LEU A 196 -4.32 -8.45 38.56
CA LEU A 196 -4.00 -8.47 39.98
C LEU A 196 -2.95 -7.40 40.27
N LYS A 197 -3.28 -6.49 41.19
CA LYS A 197 -2.37 -5.47 41.69
C LYS A 197 -2.26 -5.63 43.19
N CYS A 198 -1.05 -5.61 43.72
CA CYS A 198 -0.85 -5.72 45.17
C CYS A 198 -0.43 -4.36 45.71
N LYS A 199 -1.07 -3.93 46.80
CA LYS A 199 -0.94 -2.57 47.31
C LYS A 199 0.08 -2.46 48.44
N ASP A 200 1.07 -3.32 48.47
CA ASP A 200 2.08 -3.27 49.52
C ASP A 200 2.93 -2.00 49.39
N LYS A 201 3.30 -1.42 50.53
CA LYS A 201 4.08 -0.19 50.54
C LYS A 201 5.53 -0.43 50.16
N LYS A 202 6.24 -1.22 50.95
CA LYS A 202 7.65 -1.54 50.70
C LYS A 202 7.73 -2.76 49.78
N PHE A 203 7.36 -2.54 48.52
CA PHE A 203 7.34 -3.62 47.53
C PHE A 203 8.69 -3.67 46.83
N ASN A 204 9.55 -4.58 47.29
CA ASN A 204 10.81 -4.84 46.63
C ASN A 204 10.59 -5.22 45.16
N GLY A 205 9.52 -5.96 44.88
CA GLY A 205 9.12 -6.22 43.52
C GLY A 205 9.02 -7.69 43.15
N THR A 206 9.97 -8.50 43.61
CA THR A 206 10.07 -9.90 43.25
C THR A 206 9.55 -10.76 44.40
N GLY A 207 8.87 -11.86 44.05
CA GLY A 207 8.39 -12.79 45.03
C GLY A 207 7.00 -12.47 45.53
N PRO A 208 6.64 -12.99 46.70
CA PRO A 208 5.28 -12.77 47.22
C PRO A 208 5.03 -11.31 47.57
N CYS A 209 3.75 -10.94 47.56
CA CYS A 209 3.35 -9.60 47.94
C CYS A 209 2.07 -9.72 48.77
N PRO A 210 2.00 -9.10 49.96
CA PRO A 210 1.02 -9.51 50.97
C PRO A 210 -0.45 -9.31 50.60
N SER A 211 -0.86 -8.09 50.27
CA SER A 211 -2.27 -7.76 50.08
C SER A 211 -2.51 -7.39 48.62
N VAL A 212 -3.56 -7.97 48.03
CA VAL A 212 -3.82 -7.85 46.60
C VAL A 212 -5.20 -7.24 46.39
N SER A 213 -5.51 -6.97 45.12
CA SER A 213 -6.78 -6.42 44.68
C SER A 213 -6.86 -6.61 43.18
N THR A 214 -8.00 -7.09 42.70
CA THR A 214 -8.21 -7.31 41.27
C THR A 214 -8.98 -6.12 40.68
N VAL A 215 -8.38 -5.47 39.68
CA VAL A 215 -9.00 -4.32 39.04
C VAL A 215 -9.03 -4.57 37.53
N GLN A 216 -10.19 -4.34 36.92
CA GLN A 216 -10.37 -4.73 35.52
C GLN A 216 -9.49 -3.91 34.59
N CYS A 217 -9.17 -2.67 34.95
CA CYS A 217 -8.38 -1.80 34.10
C CYS A 217 -7.20 -1.23 34.90
N THR A 218 -6.15 -0.85 34.17
CA THR A 218 -4.93 -0.34 34.79
C THR A 218 -5.12 1.11 35.24
N HIS A 219 -4.18 1.58 36.05
CA HIS A 219 -4.14 3.00 36.38
C HIS A 219 -3.52 3.77 35.22
N GLY A 220 -3.60 5.10 35.28
CA GLY A 220 -3.11 5.94 34.21
C GLY A 220 -1.66 5.69 33.85
N ILE A 221 -1.43 5.18 32.64
CA ILE A 221 -0.10 4.95 32.11
C ILE A 221 0.12 5.86 30.90
N LYS A 222 1.33 6.41 30.78
CA LYS A 222 1.67 7.29 29.69
C LYS A 222 3.06 6.93 29.16
N PRO A 223 3.19 6.64 27.87
CA PRO A 223 4.51 6.28 27.32
C PRO A 223 5.33 7.51 26.94
N VAL A 224 6.49 7.66 27.57
CA VAL A 224 7.38 8.79 27.33
C VAL A 224 8.74 8.23 26.89
N VAL A 225 9.23 8.72 25.75
CA VAL A 225 10.53 8.30 25.24
C VAL A 225 11.61 9.14 25.91
N SER A 226 12.41 8.51 26.77
CA SER A 226 13.48 9.18 27.48
C SER A 226 14.45 8.13 27.99
N THR A 227 15.70 8.18 27.52
CA THR A 227 16.65 7.12 27.83
C THR A 227 17.05 7.15 29.31
N GLN A 228 17.65 8.24 29.75
CA GLN A 228 17.93 8.44 31.17
C GLN A 228 16.90 9.36 31.79
N LEU A 229 16.82 9.33 33.11
CA LEU A 229 16.08 10.31 33.90
C LEU A 229 14.63 10.43 33.39
N LEU A 230 13.93 9.31 33.45
CA LEU A 230 12.57 9.23 32.92
C LEU A 230 11.70 10.37 33.43
N LEU A 231 11.20 11.17 32.49
CA LEU A 231 10.40 12.34 32.81
C LEU A 231 8.93 11.96 33.02
N ASN A 232 8.24 12.76 33.82
CA ASN A 232 6.78 12.71 33.94
C ASN A 232 6.31 11.28 34.23
N GLY A 233 6.72 10.78 35.40
CA GLY A 233 6.41 9.42 35.78
C GLY A 233 5.54 9.31 37.02
N SER A 234 5.56 8.15 37.65
CA SER A 234 4.78 7.87 38.85
C SER A 234 5.71 7.57 40.01
N LEU A 235 5.40 8.14 41.17
CA LEU A 235 6.31 8.15 42.31
C LEU A 235 6.28 6.83 43.06
N ALA A 236 6.91 6.79 44.22
CA ALA A 236 6.84 5.71 45.19
C ALA A 236 6.15 6.21 46.44
N GLU A 237 5.82 5.29 47.34
CA GLU A 237 4.96 5.65 48.46
C GLU A 237 5.73 6.30 49.61
N GLU A 238 6.62 5.55 50.24
CA GLU A 238 7.28 6.05 51.44
C GLU A 238 8.79 6.02 51.36
N GLU A 239 9.38 4.98 50.76
CA GLU A 239 10.81 4.78 50.75
C GLU A 239 11.32 4.88 49.32
N VAL A 240 12.45 5.57 49.15
CA VAL A 240 13.09 5.67 47.84
C VAL A 240 13.52 4.26 47.44
N MET A 241 12.86 3.70 46.43
CA MET A 241 13.03 2.29 46.13
C MET A 241 14.11 2.06 45.08
N ILE A 242 14.75 0.90 45.19
CA ILE A 242 15.83 0.49 44.31
C ILE A 242 15.48 -0.92 43.87
N ARG A 243 14.94 -1.04 42.65
CA ARG A 243 14.23 -2.25 42.22
C ARG A 243 15.14 -3.15 41.39
N SER A 244 15.98 -3.90 42.11
CA SER A 244 16.59 -5.12 41.57
C SER A 244 17.14 -5.90 42.76
N GLU A 245 16.60 -7.11 43.01
CA GLU A 245 17.11 -7.96 44.08
C GLU A 245 18.59 -8.25 43.86
N ASN A 246 18.90 -9.13 42.89
CA ASN A 246 20.29 -9.41 42.48
C ASN A 246 20.87 -8.22 41.73
N ILE A 247 21.44 -7.30 42.51
CA ILE A 247 22.20 -6.14 42.08
C ILE A 247 23.68 -6.49 41.87
N THR A 248 24.11 -7.68 42.29
CA THR A 248 25.54 -8.00 42.34
C THR A 248 26.12 -8.22 40.95
N ASN A 249 25.35 -8.85 40.08
CA ASN A 249 25.75 -8.96 38.69
C ASN A 249 25.70 -7.59 38.03
N ASN A 250 26.78 -7.24 37.36
CA ASN A 250 27.00 -5.87 36.89
C ASN A 250 26.67 -5.68 35.42
N ALA A 251 25.70 -6.42 34.91
CA ALA A 251 25.24 -6.25 33.54
C ALA A 251 23.81 -5.71 33.48
N LYS A 252 22.94 -6.17 34.37
CA LYS A 252 21.59 -5.66 34.44
C LYS A 252 21.58 -4.26 35.02
N ASN A 253 20.80 -3.38 34.40
CA ASN A 253 20.64 -2.03 34.92
C ASN A 253 20.01 -2.05 36.31
N ILE A 254 20.10 -0.91 36.98
CA ILE A 254 19.49 -0.70 38.29
C ILE A 254 18.47 0.43 38.18
N LEU A 255 17.22 0.11 38.49
CA LEU A 255 16.15 1.09 38.48
C LEU A 255 16.03 1.70 39.87
N VAL A 256 15.97 3.03 39.92
CA VAL A 256 15.74 3.75 41.16
C VAL A 256 14.51 4.62 41.00
N GLN A 257 13.71 4.73 42.05
CA GLN A 257 12.50 5.54 42.03
C GLN A 257 12.41 6.26 43.36
N PHE A 258 12.66 7.57 43.36
CA PHE A 258 12.65 8.33 44.60
C PHE A 258 11.33 9.08 44.77
N ASN A 259 10.99 9.32 46.03
CA ASN A 259 9.62 9.71 46.38
C ASN A 259 9.27 11.10 45.85
N THR A 260 9.98 12.12 46.31
CA THR A 260 9.67 13.48 45.89
C THR A 260 10.15 13.71 44.47
N PRO A 261 9.33 14.30 43.61
CA PRO A 261 9.78 14.62 42.25
C PRO A 261 10.77 15.77 42.26
N VAL A 262 11.48 15.91 41.15
CA VAL A 262 12.42 17.01 40.95
C VAL A 262 11.93 17.82 39.77
N GLN A 263 11.71 19.12 39.98
CA GLN A 263 11.28 19.99 38.90
C GLN A 263 12.44 20.21 37.95
N ILE A 264 12.21 19.92 36.66
CA ILE A 264 13.19 20.19 35.62
C ILE A 264 12.53 21.07 34.59
N ASN A 265 13.00 22.30 34.45
CA ASN A 265 12.54 23.16 33.38
C ASN A 265 13.49 23.03 32.22
N CYS A 266 13.00 23.21 30.99
CA CYS A 266 13.85 23.11 29.78
C CYS A 266 13.20 23.94 28.65
N THR A 267 14.01 24.53 27.77
CA THR A 267 13.45 25.33 26.70
C THR A 267 14.51 25.63 25.65
N ARG A 268 14.03 26.03 24.47
CA ARG A 268 14.84 26.68 23.45
C ARG A 268 14.25 28.05 23.18
N PRO A 269 15.08 29.10 23.15
CA PRO A 269 14.59 30.45 22.85
C PRO A 269 14.73 30.85 21.39
N ASN A 270 15.41 30.08 20.55
CA ASN A 270 15.57 30.45 19.16
C ASN A 270 14.22 30.43 18.47
N ASN A 271 13.85 31.57 17.87
CA ASN A 271 12.54 31.74 17.26
C ASN A 271 12.61 31.24 15.82
N ASN A 272 12.09 30.04 15.60
CA ASN A 272 12.07 29.46 14.26
C ASN A 272 10.92 30.05 13.44
N THR A 273 11.12 30.12 12.14
CA THR A 273 10.09 30.56 11.20
C THR A 273 9.85 29.44 10.20
N ARG A 274 8.72 28.76 10.34
CA ARG A 274 8.39 27.64 9.45
C ARG A 274 8.16 28.17 8.04
N LYS A 275 8.57 27.38 7.04
CA LYS A 275 8.42 27.75 5.65
C LYS A 275 7.99 26.54 4.84
N SER A 276 7.16 26.78 3.82
CA SER A 276 6.56 25.72 3.02
C SER A 276 7.16 25.73 1.63
N ILE A 277 7.55 24.56 1.14
CA ILE A 277 8.01 24.40 -0.23
C ILE A 277 7.19 23.29 -0.86
N ARG A 278 6.95 23.40 -2.17
CA ARG A 278 6.16 22.40 -2.87
C ARG A 278 7.08 21.27 -3.35
N ILE A 279 6.83 20.05 -2.87
CA ILE A 279 7.66 18.93 -3.28
C ILE A 279 7.02 18.11 -4.40
N GLY A 280 5.71 18.24 -4.59
CA GLY A 280 5.02 17.50 -5.63
C GLY A 280 3.58 17.93 -5.76
N PRO A 281 2.81 17.18 -6.56
CA PRO A 281 1.39 17.52 -6.75
C PRO A 281 0.55 17.23 -5.51
N GLY A 282 0.64 18.12 -4.52
CA GLY A 282 -0.15 17.99 -3.31
C GLY A 282 0.62 17.70 -2.04
N GLN A 283 1.95 17.74 -2.09
CA GLN A 283 2.78 17.45 -0.93
C GLN A 283 3.71 18.61 -0.64
N ALA A 284 3.85 18.94 0.65
CA ALA A 284 4.65 20.07 1.09
C ALA A 284 5.83 19.61 1.93
N PHE A 285 6.97 20.26 1.74
CA PHE A 285 8.15 20.07 2.55
C PHE A 285 8.33 21.29 3.45
N TYR A 286 8.35 21.07 4.75
CA TYR A 286 8.26 22.13 5.75
C TYR A 286 9.66 22.38 6.32
N ALA A 287 10.35 23.35 5.72
CA ALA A 287 11.71 23.68 6.11
C ALA A 287 11.70 24.84 7.11
N THR A 288 12.89 25.25 7.52
CA THR A 288 13.06 26.36 8.43
C THR A 288 13.40 27.62 7.63
N GLY A 289 12.76 28.73 7.97
CA GLY A 289 12.99 29.96 7.26
C GLY A 289 14.19 30.72 7.79
N ASP A 290 13.99 31.97 8.18
CA ASP A 290 15.06 32.81 8.69
C ASP A 290 14.88 32.96 10.19
N ILE A 291 15.95 32.69 10.94
CA ILE A 291 15.89 32.79 12.40
C ILE A 291 15.85 34.25 12.81
N ILE A 292 14.87 34.62 13.61
CA ILE A 292 14.63 36.01 13.97
C ILE A 292 15.04 36.23 15.42
N GLY A 293 15.50 37.44 15.70
CA GLY A 293 15.89 37.78 17.06
C GLY A 293 17.22 37.17 17.46
N ASP A 294 17.37 36.96 18.77
CA ASP A 294 18.62 36.49 19.35
C ASP A 294 18.82 35.01 19.07
N ILE A 295 20.08 34.58 19.18
CA ILE A 295 20.46 33.17 19.07
C ILE A 295 21.11 32.77 20.39
N ARG A 296 20.59 31.71 21.01
CA ARG A 296 21.14 31.23 22.26
C ARG A 296 21.26 29.72 22.20
N GLN A 297 21.55 29.08 23.33
CA GLN A 297 21.63 27.64 23.41
C GLN A 297 20.48 27.13 24.26
N ALA A 298 19.69 26.20 23.69
CA ALA A 298 18.62 25.58 24.44
C ALA A 298 19.17 24.90 25.68
N HIS A 299 18.54 25.13 26.82
CA HIS A 299 19.13 24.70 28.08
C HIS A 299 18.05 24.15 29.01
N CYS A 300 18.53 23.37 29.99
CA CYS A 300 17.67 22.75 31.04
C CYS A 300 18.19 23.19 32.42
N ASN A 301 17.27 23.56 33.31
CA ASN A 301 17.58 24.02 34.66
C ASN A 301 16.93 23.10 35.68
N VAL A 302 17.72 22.76 36.71
CA VAL A 302 17.27 21.94 37.83
C VAL A 302 17.69 22.62 39.12
N SER A 303 16.80 22.56 40.12
CA SER A 303 17.05 23.24 41.39
C SER A 303 18.09 22.48 42.20
N LYS A 304 19.16 23.20 42.58
CA LYS A 304 20.37 22.56 43.08
C LYS A 304 20.14 21.90 44.44
N ALA A 305 19.49 22.59 45.36
CA ALA A 305 19.28 22.02 46.69
C ALA A 305 18.40 20.77 46.63
N THR A 306 17.32 20.83 45.84
CA THR A 306 16.46 19.67 45.69
C THR A 306 17.20 18.50 45.07
N TRP A 307 18.01 18.77 44.04
CA TRP A 307 18.79 17.70 43.42
C TRP A 307 19.76 17.07 44.41
N ASN A 308 20.47 17.90 45.17
CA ASN A 308 21.44 17.38 46.12
C ASN A 308 20.77 16.54 47.19
N GLU A 309 19.63 17.01 47.72
CA GLU A 309 18.94 16.25 48.75
C GLU A 309 18.40 14.93 48.21
N THR A 310 17.86 14.95 46.99
CA THR A 310 17.32 13.71 46.40
C THR A 310 18.44 12.69 46.17
N LEU A 311 19.58 13.14 45.66
CA LEU A 311 20.71 12.21 45.52
C LEU A 311 21.18 11.72 46.88
N GLY A 312 21.09 12.56 47.91
CA GLY A 312 21.41 12.11 49.26
C GLY A 312 20.53 10.96 49.70
N LYS A 313 19.23 11.08 49.45
CA LYS A 313 18.30 10.00 49.78
C LYS A 313 18.63 8.73 48.98
N VAL A 314 18.95 8.91 47.70
CA VAL A 314 19.26 7.76 46.86
C VAL A 314 20.48 7.01 47.39
N VAL A 315 21.54 7.74 47.75
CA VAL A 315 22.74 7.09 48.27
C VAL A 315 22.46 6.44 49.62
N LYS A 316 21.68 7.11 50.48
CA LYS A 316 21.29 6.50 51.75
C LYS A 316 20.65 5.15 51.54
N GLN A 317 19.74 5.05 50.57
CA GLN A 317 19.07 3.77 50.36
C GLN A 317 19.97 2.75 49.64
N LEU A 318 20.90 3.23 48.80
CA LEU A 318 21.84 2.30 48.14
C LEU A 318 22.80 1.67 49.15
N ARG A 319 23.16 2.40 50.20
CA ARG A 319 24.14 1.87 51.14
C ARG A 319 23.66 0.62 51.87
N LYS A 320 22.35 0.34 51.85
CA LYS A 320 21.86 -0.86 52.53
C LYS A 320 22.19 -2.13 51.76
N HIS A 321 22.22 -2.06 50.43
CA HIS A 321 22.43 -3.25 49.61
C HIS A 321 23.91 -3.56 49.37
N PHE A 322 24.83 -2.77 49.93
CA PHE A 322 26.26 -2.98 49.71
C PHE A 322 27.07 -2.90 50.99
N GLY A 323 26.44 -3.00 52.15
CA GLY A 323 27.18 -2.81 53.39
C GLY A 323 27.20 -1.36 53.81
N ASN A 324 27.27 -1.15 55.13
CA ASN A 324 27.13 0.20 55.67
C ASN A 324 28.33 1.08 55.31
N ASN A 325 29.54 0.57 55.52
CA ASN A 325 30.76 1.36 55.35
C ASN A 325 31.30 1.13 53.93
N THR A 326 30.96 2.05 53.03
CA THR A 326 31.45 1.98 51.65
C THR A 326 31.36 3.38 51.04
N ILE A 327 32.06 3.55 49.92
CA ILE A 327 32.20 4.85 49.26
C ILE A 327 31.52 4.79 47.91
N ILE A 328 30.76 5.84 47.58
CA ILE A 328 29.98 5.90 46.35
C ILE A 328 30.30 7.21 45.63
N ARG A 329 30.62 7.10 44.33
CA ARG A 329 30.87 8.27 43.51
C ARG A 329 30.32 8.04 42.11
N PHE A 330 29.52 8.98 41.62
CA PHE A 330 28.97 8.90 40.28
C PHE A 330 29.89 9.58 39.27
N ALA A 331 29.63 9.29 38.01
CA ALA A 331 30.35 9.90 36.90
C ALA A 331 29.48 9.79 35.66
N ASN A 332 29.56 10.80 34.79
CA ASN A 332 28.70 10.89 33.62
C ASN A 332 28.92 9.69 32.70
N SER A 333 28.03 9.58 31.70
CA SER A 333 28.10 8.46 30.78
C SER A 333 29.43 8.48 30.02
N SER A 334 30.00 7.29 29.80
CA SER A 334 31.35 7.13 29.29
C SER A 334 31.38 6.58 27.87
N GLY A 335 30.44 7.02 27.03
CA GLY A 335 30.46 6.62 25.63
C GLY A 335 29.14 6.12 25.09
N GLY A 336 29.12 5.77 23.81
CA GLY A 336 27.91 5.29 23.15
C GLY A 336 27.38 6.30 22.14
N ASP A 337 26.23 5.95 21.57
CA ASP A 337 25.54 6.82 20.64
C ASP A 337 25.21 8.15 21.30
N LEU A 338 24.86 9.13 20.45
CA LEU A 338 24.56 10.47 20.94
C LEU A 338 23.25 10.47 21.71
N GLU A 339 22.37 9.50 21.48
CA GLU A 339 21.08 9.48 22.14
C GLU A 339 21.06 8.61 23.39
N VAL A 340 22.18 8.01 23.77
CA VAL A 340 22.28 7.30 25.05
C VAL A 340 23.48 7.74 25.87
N THR A 341 24.45 8.45 25.28
CA THR A 341 25.50 9.09 26.07
C THR A 341 24.95 10.28 26.84
N THR A 342 23.88 10.87 26.30
CA THR A 342 23.16 12.01 26.91
C THR A 342 21.68 11.65 26.86
N HIS A 343 20.88 12.02 27.86
CA HIS A 343 19.49 11.59 27.82
C HIS A 343 18.70 12.40 26.82
N SER A 344 17.72 11.74 26.21
CA SER A 344 16.89 12.30 25.15
C SER A 344 15.50 12.57 25.68
N PHE A 345 14.88 13.66 25.22
CA PHE A 345 13.48 13.83 25.58
C PHE A 345 12.76 14.68 24.54
N ASN A 346 11.46 14.43 24.40
CA ASN A 346 10.62 15.14 23.44
C ASN A 346 9.91 16.28 24.16
N CYS A 347 10.32 17.51 23.86
CA CYS A 347 9.73 18.72 24.41
C CYS A 347 8.98 19.45 23.31
N GLY A 348 7.68 19.66 23.52
CA GLY A 348 6.88 20.47 22.61
C GLY A 348 6.74 19.91 21.22
N GLY A 349 7.11 18.65 21.02
CA GLY A 349 7.12 18.07 19.70
C GLY A 349 8.45 18.07 18.98
N GLU A 350 9.53 18.43 19.67
CA GLU A 350 10.87 18.33 19.11
C GLU A 350 11.79 17.69 20.13
N PHE A 351 12.79 16.97 19.65
CA PHE A 351 13.60 16.10 20.51
C PHE A 351 14.91 16.79 20.88
N PHE A 352 15.11 17.02 22.17
CA PHE A 352 16.35 17.53 22.73
C PHE A 352 17.28 16.38 23.07
N TYR A 353 18.53 16.50 22.62
CA TYR A 353 19.63 15.64 23.06
C TYR A 353 20.58 16.54 23.84
N CYS A 354 20.65 16.34 25.16
CA CYS A 354 21.51 17.22 26.01
C CYS A 354 22.38 16.35 26.93
N ASN A 355 23.22 16.97 27.76
CA ASN A 355 24.13 16.13 28.51
C ASN A 355 23.79 16.24 30.00
N THR A 356 24.30 15.28 30.77
CA THR A 356 23.95 15.18 32.18
C THR A 356 25.22 14.94 32.99
N SER A 357 26.25 15.74 32.73
CA SER A 357 27.48 15.66 33.52
C SER A 357 27.51 16.69 34.64
N GLY A 358 26.62 17.67 34.63
CA GLY A 358 26.50 18.61 35.72
C GLY A 358 25.73 18.09 36.91
N LEU A 359 25.21 16.88 36.81
CA LEU A 359 24.42 16.27 37.87
C LEU A 359 25.11 15.05 38.48
N PHE A 360 25.49 14.08 37.66
CA PHE A 360 26.02 12.80 38.15
C PHE A 360 27.52 12.93 38.43
N ASN A 361 27.83 13.79 39.40
CA ASN A 361 29.22 14.11 39.72
C ASN A 361 29.28 14.40 41.21
N SER A 362 29.46 13.34 42.00
CA SER A 362 29.31 13.46 43.45
C SER A 362 29.97 12.29 44.17
N THR A 363 31.07 12.56 44.90
CA THR A 363 31.78 11.53 45.65
C THR A 363 31.52 11.71 47.14
N TRP A 364 30.92 10.68 47.77
CA TRP A 364 30.38 10.77 49.13
C TRP A 364 31.01 9.72 50.03
N ILE A 365 31.79 10.19 51.00
CA ILE A 365 32.42 9.30 51.96
C ILE A 365 31.36 8.74 52.93
N SER A 366 31.77 7.71 53.67
CA SER A 366 30.83 7.01 54.55
C SER A 366 30.28 7.94 55.63
N ASN A 367 31.14 8.76 56.23
CA ASN A 367 30.70 9.65 57.31
C ASN A 367 30.00 10.88 56.75
N ASN A 379 18.20 30.24 45.15
CA ASN A 379 19.06 29.09 44.89
C ASN A 379 19.73 29.19 43.53
N ASP A 380 21.03 28.89 43.49
CA ASP A 380 21.77 28.86 42.24
C ASP A 380 21.25 27.69 41.40
N SER A 381 20.52 27.99 40.34
CA SER A 381 19.95 26.95 39.51
C SER A 381 21.04 26.27 38.70
N ILE A 382 21.05 24.95 38.71
CA ILE A 382 21.99 24.18 37.90
C ILE A 382 21.52 24.20 36.46
N THR A 383 22.38 24.69 35.56
CA THR A 383 22.09 24.75 34.14
C THR A 383 22.88 23.69 33.39
N LEU A 384 22.28 23.16 32.33
CA LEU A 384 22.94 22.18 31.50
C LEU A 384 22.55 22.43 30.05
N PRO A 385 23.51 22.49 29.14
CA PRO A 385 23.23 22.88 27.75
C PRO A 385 22.52 21.78 26.99
N CYS A 386 22.02 22.13 25.81
CA CYS A 386 21.39 21.16 24.94
C CYS A 386 21.71 21.41 23.46
N ARG A 387 21.55 20.34 22.67
CA ARG A 387 21.65 20.38 21.22
C ARG A 387 20.38 19.75 20.67
N ILE A 388 20.05 20.13 19.44
CA ILE A 388 18.78 19.80 18.83
C ILE A 388 19.03 19.06 17.53
N LYS A 389 18.42 17.89 17.37
CA LYS A 389 18.45 17.14 16.13
C LYS A 389 17.03 17.01 15.59
N GLN A 390 16.90 17.14 14.26
CA GLN A 390 15.60 17.05 13.61
C GLN A 390 15.26 15.62 13.20
N ILE A 391 16.10 15.00 12.36
CA ILE A 391 15.82 13.64 11.90
C ILE A 391 16.23 12.65 12.97
N ILE A 392 15.38 11.69 13.22
CA ILE A 392 15.58 10.72 14.30
C ILE A 392 15.44 9.30 13.75
N ASN A 393 16.18 8.40 14.38
CA ASN A 393 16.20 6.97 14.09
C ASN A 393 15.69 6.18 15.29
N MET A 394 14.69 6.73 15.98
CA MET A 394 14.25 6.19 17.26
C MET A 394 13.81 4.74 17.14
N TRP A 395 14.02 3.99 18.22
CA TRP A 395 13.84 2.55 18.33
C TRP A 395 14.82 1.77 17.46
N GLN A 396 15.74 2.47 16.78
CA GLN A 396 16.83 1.86 16.02
C GLN A 396 16.31 0.89 14.97
N ARG A 397 15.17 1.21 14.37
CA ARG A 397 14.71 0.47 13.20
C ARG A 397 15.72 0.64 12.07
N ILE A 398 16.03 -0.46 11.39
CA ILE A 398 17.12 -0.46 10.43
C ILE A 398 16.83 0.49 9.27
N GLY A 399 15.59 0.49 8.78
CA GLY A 399 15.29 1.24 7.58
C GLY A 399 14.23 2.31 7.71
N GLN A 400 14.21 3.03 8.84
CA GLN A 400 13.23 4.08 9.04
C GLN A 400 13.85 5.24 9.81
N ALA A 401 13.81 6.43 9.22
CA ALA A 401 14.26 7.66 9.86
C ALA A 401 13.24 8.74 9.53
N MET A 402 12.78 9.46 10.56
CA MET A 402 11.74 10.45 10.35
C MET A 402 12.30 11.86 10.56
N TYR A 403 11.75 12.79 9.78
CA TYR A 403 12.14 14.20 9.83
C TYR A 403 11.14 14.94 10.71
N ALA A 404 11.63 15.58 11.76
CA ALA A 404 10.76 16.31 12.66
C ALA A 404 10.61 17.75 12.18
N PRO A 405 9.42 18.20 11.82
CA PRO A 405 9.27 19.55 11.29
C PRO A 405 9.57 20.60 12.34
N PRO A 406 10.06 21.77 11.96
CA PRO A 406 10.37 22.79 12.95
C PRO A 406 9.13 23.33 13.63
N ILE A 407 9.31 23.77 14.88
CA ILE A 407 8.22 24.31 15.68
C ILE A 407 8.43 25.81 15.82
N GLN A 408 7.38 26.58 15.52
CA GLN A 408 7.52 28.03 15.42
C GLN A 408 7.62 28.68 16.79
N GLY A 409 8.63 29.53 16.97
CA GLY A 409 8.70 30.38 18.14
C GLY A 409 9.70 29.90 19.17
N VAL A 410 9.31 30.04 20.43
CA VAL A 410 10.10 29.60 21.57
C VAL A 410 9.35 28.45 22.23
N ILE A 411 10.04 27.37 22.61
CA ILE A 411 9.33 26.23 23.21
C ILE A 411 9.95 25.93 24.57
N ARG A 412 9.08 25.55 25.51
CA ARG A 412 9.46 25.30 26.89
C ARG A 412 8.66 24.12 27.42
N CYS A 413 9.17 23.50 28.46
CA CYS A 413 8.45 22.42 29.12
C CYS A 413 8.97 22.24 30.54
N VAL A 414 8.04 22.12 31.48
CA VAL A 414 8.32 21.82 32.87
C VAL A 414 7.98 20.36 33.09
N SER A 415 8.86 19.62 33.76
CA SER A 415 8.66 18.18 33.90
C SER A 415 9.07 17.72 35.29
N ASN A 416 8.58 16.54 35.64
CA ASN A 416 9.00 15.80 36.82
C ASN A 416 10.07 14.77 36.47
N ILE A 417 11.30 15.00 36.94
CA ILE A 417 12.24 13.91 37.13
C ILE A 417 11.78 13.05 38.30
N THR A 418 11.76 11.75 38.09
CA THR A 418 11.26 10.84 39.11
C THR A 418 12.23 9.72 39.47
N GLY A 419 12.96 9.18 38.50
CA GLY A 419 13.79 8.02 38.77
C GLY A 419 15.16 8.10 38.13
N LEU A 420 15.90 7.01 38.27
CA LEU A 420 17.23 6.87 37.71
C LEU A 420 17.34 5.54 36.99
N ILE A 421 18.24 5.46 36.01
CA ILE A 421 18.62 4.20 35.38
C ILE A 421 20.13 4.16 35.38
N LEU A 422 20.71 3.44 36.33
CA LEU A 422 22.15 3.40 36.52
C LEU A 422 22.68 2.01 36.15
N THR A 423 23.98 1.97 35.88
CA THR A 423 24.69 0.73 35.62
C THR A 423 25.94 0.70 36.48
N ARG A 424 26.20 -0.43 37.11
CA ARG A 424 27.33 -0.57 38.01
C ARG A 424 28.64 -0.62 37.21
N ASP A 425 29.75 -0.71 37.93
CA ASP A 425 31.07 -0.86 37.34
C ASP A 425 31.67 -2.18 37.81
N GLY A 426 32.09 -3.02 36.87
CA GLY A 426 32.62 -4.32 37.19
C GLY A 426 34.01 -4.27 37.80
N GLY A 427 34.15 -3.53 38.89
CA GLY A 427 35.43 -3.39 39.56
C GLY A 427 35.93 -4.70 40.14
N SER A 428 37.14 -5.09 39.74
CA SER A 428 37.73 -6.33 40.20
C SER A 428 38.22 -6.18 41.65
N THR A 429 38.61 -7.32 42.23
CA THR A 429 39.14 -7.42 43.59
C THR A 429 38.06 -6.96 44.56
N ASN A 430 38.30 -5.93 45.38
CA ASN A 430 37.37 -5.56 46.44
C ASN A 430 37.00 -4.08 46.34
N SER A 431 36.58 -3.65 45.15
CA SER A 431 36.27 -2.25 44.88
C SER A 431 35.38 -1.65 45.96
N THR A 432 35.91 -0.65 46.65
CA THR A 432 35.17 0.07 47.67
C THR A 432 34.43 1.27 47.12
N THR A 433 35.07 2.03 46.23
CA THR A 433 34.42 3.15 45.54
C THR A 433 33.60 2.56 44.40
N GLU A 434 32.39 2.12 44.74
CA GLU A 434 31.51 1.45 43.79
C GLU A 434 30.88 2.49 42.87
N THR A 435 31.61 2.80 41.80
CA THR A 435 31.16 3.80 40.85
C THR A 435 29.88 3.35 40.15
N PHE A 436 28.94 4.29 40.00
CA PHE A 436 27.74 4.07 39.21
C PHE A 436 27.76 5.01 38.01
N ARG A 437 27.11 4.59 36.93
CA ARG A 437 27.02 5.39 35.73
C ARG A 437 25.56 5.56 35.34
N PRO A 438 25.20 6.64 34.67
CA PRO A 438 23.85 6.73 34.12
C PRO A 438 23.75 5.94 32.81
N GLY A 439 23.11 4.77 32.88
CA GLY A 439 23.01 3.90 31.74
C GLY A 439 21.61 3.86 31.14
N GLY A 440 21.43 4.47 29.97
CA GLY A 440 20.11 4.57 29.40
C GLY A 440 19.52 3.24 29.00
N GLY A 441 20.31 2.40 28.33
CA GLY A 441 19.77 1.15 27.82
C GLY A 441 18.75 1.43 26.72
N ASP A 442 17.78 0.52 26.62
CA ASP A 442 16.69 0.67 25.66
C ASP A 442 15.57 1.51 26.28
N MET A 443 14.42 1.56 25.62
CA MET A 443 13.26 2.28 26.12
C MET A 443 12.29 1.40 26.89
N ARG A 444 12.61 0.11 27.07
CA ARG A 444 11.70 -0.78 27.77
C ARG A 444 11.74 -0.55 29.29
N ASP A 445 12.92 -0.27 29.82
CA ASP A 445 13.04 0.04 31.24
C ASP A 445 12.33 1.34 31.60
N ASN A 446 12.01 2.17 30.61
CA ASN A 446 11.18 3.34 30.87
C ASN A 446 9.79 2.93 31.32
N TRP A 447 9.25 1.88 30.72
CA TRP A 447 7.91 1.40 31.05
C TRP A 447 7.90 0.38 32.19
N ARG A 448 8.95 -0.43 32.31
CA ARG A 448 8.94 -1.49 33.32
C ARG A 448 8.76 -0.94 34.73
N SER A 449 9.17 0.31 34.97
CA SER A 449 8.91 0.94 36.26
C SER A 449 7.45 1.37 36.40
N GLU A 450 6.68 1.36 35.31
CA GLU A 450 5.27 1.73 35.36
C GLU A 450 4.35 0.52 35.54
N LEU A 451 4.77 -0.65 35.08
CA LEU A 451 3.96 -1.86 35.10
C LEU A 451 4.62 -2.97 35.90
N TYR A 452 5.15 -2.63 37.08
CA TYR A 452 5.70 -3.62 37.99
C TYR A 452 4.67 -4.17 38.97
N LYS A 453 3.50 -3.54 39.08
CA LYS A 453 2.53 -3.88 40.09
C LYS A 453 1.32 -4.62 39.54
N TYR A 454 1.36 -5.01 38.26
CA TYR A 454 0.27 -5.71 37.60
C TYR A 454 0.70 -7.09 37.14
N LYS A 455 -0.14 -8.08 37.34
CA LYS A 455 -0.01 -9.34 36.63
C LYS A 455 -1.35 -9.75 36.05
N VAL A 456 -1.30 -10.47 34.94
CA VAL A 456 -2.49 -10.86 34.19
C VAL A 456 -2.79 -12.32 34.53
N VAL A 457 -3.92 -12.57 35.19
CA VAL A 457 -4.28 -13.92 35.59
C VAL A 457 -5.50 -14.37 34.79
N LYS A 458 -5.46 -15.63 34.39
CA LYS A 458 -6.56 -16.27 33.68
C LYS A 458 -7.45 -16.97 34.68
N ILE A 459 -8.72 -16.56 34.71
CA ILE A 459 -9.70 -17.23 35.56
C ILE A 459 -9.91 -18.64 35.05
N GLU A 460 -9.86 -19.61 35.96
CA GLU A 460 -10.13 -21.01 35.66
C GLU A 460 -11.34 -21.41 36.48
N PRO A 461 -12.54 -21.29 35.94
CA PRO A 461 -13.73 -21.75 36.67
C PRO A 461 -13.79 -23.27 36.65
N LEU A 462 -14.92 -23.84 37.08
CA LEU A 462 -15.12 -25.28 37.05
C LEU A 462 -14.20 -25.98 38.04
N GLY A 463 -14.31 -25.63 39.32
CA GLY A 463 -13.57 -26.34 40.34
C GLY A 463 -14.14 -27.72 40.60
N VAL A 464 -13.29 -28.60 41.12
CA VAL A 464 -13.67 -29.96 41.46
C VAL A 464 -13.42 -30.19 42.94
N ALA A 465 -14.35 -30.88 43.60
CA ALA A 465 -14.22 -31.10 45.03
C ALA A 465 -14.97 -32.34 45.48
N PRO A 466 -14.39 -33.15 46.36
CA PRO A 466 -15.15 -34.26 46.95
C PRO A 466 -15.99 -33.81 48.14
N THR A 467 -17.23 -34.27 48.20
CA THR A 467 -18.13 -33.99 49.31
C THR A 467 -19.13 -35.13 49.40
N ARG A 468 -20.19 -34.92 50.17
CA ARG A 468 -21.21 -35.94 50.39
C ARG A 468 -22.55 -35.43 49.86
N CYS A 469 -23.03 -36.04 48.79
CA CYS A 469 -24.34 -35.76 48.21
C CYS A 469 -24.66 -36.86 47.22
N LYS A 470 -25.90 -36.88 46.75
CA LYS A 470 -26.32 -37.83 45.73
C LYS A 470 -27.39 -37.17 44.86
N ARG A 471 -27.20 -37.27 43.55
CA ARG A 471 -28.19 -36.81 42.58
C ARG A 471 -29.35 -37.81 42.60
N ARG A 472 -30.39 -37.49 43.37
CA ARG A 472 -31.47 -38.42 43.63
C ARG A 472 -32.25 -38.72 42.35
N VAL A 473 -33.11 -39.74 42.44
CA VAL A 473 -33.93 -40.15 41.31
C VAL A 473 -35.40 -39.89 41.61
N VAL B 2 -15.55 -1.84 52.21
CA VAL B 2 -15.69 -1.91 50.76
C VAL B 2 -17.17 -1.98 50.40
N GLY B 3 -18.00 -2.26 51.39
CA GLY B 3 -19.43 -2.27 51.22
C GLY B 3 -19.98 -3.65 50.83
N ILE B 4 -21.28 -3.83 51.06
CA ILE B 4 -21.94 -5.07 50.68
C ILE B 4 -22.20 -5.12 49.17
N GLY B 5 -22.12 -3.98 48.49
CA GLY B 5 -22.20 -4.00 47.03
C GLY B 5 -21.09 -4.79 46.40
N ALA B 6 -19.90 -4.78 47.01
CA ALA B 6 -18.81 -5.62 46.54
C ALA B 6 -19.18 -7.10 46.63
N VAL B 7 -19.82 -7.49 47.73
CA VAL B 7 -20.28 -8.88 47.86
C VAL B 7 -21.33 -9.19 46.80
N PHE B 8 -22.26 -8.26 46.58
CA PHE B 8 -23.37 -8.52 45.67
C PHE B 8 -22.89 -8.64 44.22
N LEU B 9 -22.13 -7.66 43.74
CA LEU B 9 -21.75 -7.57 42.33
C LEU B 9 -20.26 -7.27 42.19
N GLY B 10 -19.43 -8.03 42.90
CA GLY B 10 -18.00 -7.85 42.86
C GLY B 10 -17.33 -8.67 41.78
N PHE B 11 -16.06 -8.98 42.01
CA PHE B 11 -15.28 -9.79 41.08
C PHE B 11 -14.15 -10.42 41.86
N LEU B 12 -14.22 -11.73 42.06
CA LEU B 12 -13.23 -12.47 42.87
C LEU B 12 -13.15 -11.90 44.29
N GLY B 13 -14.28 -11.44 44.80
CA GLY B 13 -14.28 -10.70 46.06
C GLY B 13 -13.92 -11.52 47.28
N ALA B 14 -14.07 -12.84 47.22
CA ALA B 14 -13.73 -13.74 48.32
C ALA B 14 -12.96 -14.94 47.82
N ALA B 15 -12.00 -14.70 46.92
CA ALA B 15 -11.25 -15.80 46.31
C ALA B 15 -10.37 -16.49 47.34
N GLY B 16 -9.62 -15.72 48.13
CA GLY B 16 -8.72 -16.30 49.10
C GLY B 16 -9.37 -16.81 50.36
N SER B 17 -10.67 -16.56 50.55
CA SER B 17 -11.37 -17.02 51.73
C SER B 17 -11.65 -18.52 51.62
N THR B 18 -12.26 -19.07 52.66
CA THR B 18 -12.61 -20.48 52.67
C THR B 18 -13.70 -20.76 51.64
N MET B 19 -13.68 -21.98 51.11
CA MET B 19 -14.70 -22.37 50.13
C MET B 19 -16.10 -22.32 50.72
N GLY B 20 -16.23 -22.43 52.04
CA GLY B 20 -17.53 -22.20 52.67
C GLY B 20 -18.05 -20.80 52.40
N ALA B 21 -17.18 -19.80 52.52
CA ALA B 21 -17.55 -18.42 52.19
C ALA B 21 -17.45 -18.13 50.70
N ALA B 22 -16.91 -19.04 49.91
CA ALA B 22 -16.91 -18.89 48.47
C ALA B 22 -18.17 -19.44 47.81
N SER B 23 -18.82 -20.42 48.44
CA SER B 23 -20.01 -21.02 47.87
C SER B 23 -21.21 -20.07 47.88
N MET B 24 -21.25 -19.11 48.81
CA MET B 24 -22.41 -18.22 48.89
C MET B 24 -22.54 -17.36 47.64
N THR B 25 -21.43 -16.87 47.09
CA THR B 25 -21.44 -16.03 45.91
C THR B 25 -20.79 -16.77 44.75
N LEU B 26 -21.56 -17.00 43.69
CA LEU B 26 -21.06 -17.67 42.49
C LEU B 26 -21.46 -16.88 41.24
N THR B 27 -22.54 -16.11 41.36
CA THR B 27 -23.03 -15.34 40.21
C THR B 27 -22.04 -14.26 39.81
N VAL B 28 -21.29 -13.70 40.77
CA VAL B 28 -20.30 -12.69 40.44
C VAL B 28 -19.20 -13.26 39.56
N GLN B 29 -19.08 -14.58 39.48
CA GLN B 29 -18.15 -15.25 38.58
C GLN B 29 -18.83 -15.79 37.32
N ALA B 30 -20.01 -16.38 37.46
CA ALA B 30 -20.70 -16.93 36.30
C ALA B 30 -21.14 -15.84 35.34
N ARG B 31 -21.56 -14.68 35.86
CA ARG B 31 -22.05 -13.62 34.99
C ARG B 31 -20.93 -12.74 34.48
N ASN B 32 -19.96 -12.40 35.34
CA ASN B 32 -18.84 -11.56 34.92
C ASN B 32 -17.78 -12.38 34.21
N LEU B 33 -18.20 -13.13 33.18
CA LEU B 33 -17.28 -13.93 32.37
C LEU B 33 -17.44 -13.71 30.88
N LEU B 34 -18.56 -13.14 30.42
CA LEU B 34 -18.81 -12.92 29.01
C LEU B 34 -19.12 -11.48 28.66
N SER B 35 -19.84 -10.76 29.53
CA SER B 35 -20.21 -9.38 29.24
C SER B 35 -19.07 -8.42 29.60
N GLY B 36 -18.68 -8.39 30.86
CA GLY B 36 -17.65 -7.47 31.32
C GLY B 36 -18.19 -6.39 32.23
N THR B 58 -10.65 1.64 13.89
CA THR B 58 -10.95 0.28 13.46
C THR B 58 -9.69 -0.45 13.03
N VAL B 59 -8.53 0.16 13.30
CA VAL B 59 -7.25 -0.46 12.95
C VAL B 59 -7.05 -1.74 13.75
N TRP B 60 -7.36 -1.71 15.05
CA TRP B 60 -7.27 -2.88 15.90
C TRP B 60 -8.54 -3.71 15.89
N GLY B 61 -9.33 -3.62 14.82
CA GLY B 61 -10.51 -4.47 14.70
C GLY B 61 -10.15 -5.95 14.67
N ILE B 62 -8.99 -6.29 14.12
CA ILE B 62 -8.56 -7.68 14.14
C ILE B 62 -8.26 -8.14 15.57
N LYS B 63 -7.65 -7.26 16.38
CA LYS B 63 -7.45 -7.58 17.78
C LYS B 63 -8.78 -7.73 18.51
N GLN B 64 -9.74 -6.87 18.18
CA GLN B 64 -11.08 -6.97 18.75
C GLN B 64 -11.69 -8.33 18.44
N LEU B 65 -11.68 -8.72 17.16
CA LEU B 65 -12.25 -10.00 16.77
C LEU B 65 -11.54 -11.15 17.47
N GLN B 66 -10.20 -11.09 17.55
CA GLN B 66 -9.45 -12.16 18.20
C GLN B 66 -9.84 -12.29 19.67
N ALA B 67 -9.86 -11.18 20.40
CA ALA B 67 -10.19 -11.24 21.82
C ALA B 67 -11.61 -11.73 22.04
N ARG B 68 -12.56 -11.21 21.25
CA ARG B 68 -13.96 -11.61 21.41
C ARG B 68 -14.14 -13.10 21.10
N VAL B 69 -13.53 -13.59 20.02
CA VAL B 69 -13.70 -15.01 19.68
C VAL B 69 -13.01 -15.88 20.71
N LEU B 70 -11.86 -15.46 21.24
CA LEU B 70 -11.19 -16.23 22.27
C LEU B 70 -12.08 -16.38 23.50
N ALA B 71 -12.64 -15.26 23.97
CA ALA B 71 -13.49 -15.32 25.16
C ALA B 71 -14.73 -16.17 24.91
N VAL B 72 -15.38 -15.97 23.76
CA VAL B 72 -16.64 -16.68 23.50
C VAL B 72 -16.39 -18.17 23.31
N GLU B 73 -15.27 -18.53 22.67
CA GLU B 73 -14.96 -19.94 22.44
C GLU B 73 -14.57 -20.62 23.75
N ARG B 74 -13.85 -19.91 24.62
CA ARG B 74 -13.57 -20.46 25.94
C ARG B 74 -14.85 -20.72 26.72
N TYR B 75 -15.78 -19.75 26.71
CA TYR B 75 -17.03 -19.94 27.42
C TYR B 75 -17.82 -21.11 26.85
N LEU B 76 -17.87 -21.24 25.52
CA LEU B 76 -18.63 -22.34 24.93
C LEU B 76 -17.98 -23.68 25.20
N ARG B 77 -16.64 -23.75 25.19
CA ARG B 77 -15.97 -24.98 25.58
C ARG B 77 -16.33 -25.36 27.02
N ASP B 78 -16.36 -24.36 27.92
CA ASP B 78 -16.73 -24.64 29.30
C ASP B 78 -18.16 -25.17 29.39
N GLN B 79 -19.10 -24.51 28.71
CA GLN B 79 -20.49 -24.92 28.80
C GLN B 79 -20.69 -26.31 28.21
N GLN B 80 -20.00 -26.61 27.10
CA GLN B 80 -20.09 -27.96 26.52
C GLN B 80 -19.47 -29.00 27.44
N LEU B 81 -18.38 -28.65 28.12
CA LEU B 81 -17.81 -29.57 29.11
C LEU B 81 -18.82 -29.88 30.21
N LEU B 82 -19.59 -28.89 30.63
CA LEU B 82 -20.71 -29.16 31.52
C LEU B 82 -21.74 -30.06 30.84
N GLY B 83 -22.09 -29.74 29.60
CA GLY B 83 -23.21 -30.39 28.94
C GLY B 83 -23.00 -31.88 28.72
N ILE B 84 -21.79 -32.26 28.32
CA ILE B 84 -21.51 -33.68 28.11
C ILE B 84 -21.55 -34.45 29.44
N TRP B 85 -21.54 -33.74 30.56
CA TRP B 85 -21.76 -34.33 31.87
C TRP B 85 -23.27 -34.34 32.14
N GLY B 86 -23.67 -34.63 33.38
CA GLY B 86 -25.07 -34.80 33.70
C GLY B 86 -25.78 -33.55 34.17
N CYS B 87 -25.21 -32.39 33.89
CA CYS B 87 -25.80 -31.13 34.33
C CYS B 87 -25.39 -30.02 33.37
N SER B 88 -26.28 -29.05 33.17
CA SER B 88 -26.01 -27.97 32.24
C SER B 88 -26.24 -26.61 32.88
N GLY B 89 -27.18 -26.52 33.81
CA GLY B 89 -27.52 -25.24 34.40
C GLY B 89 -27.82 -25.28 35.89
N LYS B 90 -27.39 -26.33 36.57
CA LYS B 90 -27.59 -26.44 38.01
C LYS B 90 -26.42 -25.85 38.80
N LEU B 91 -25.44 -25.25 38.13
CA LEU B 91 -24.27 -24.67 38.78
C LEU B 91 -23.56 -25.70 39.63
N ILE B 92 -24.03 -25.91 40.85
CA ILE B 92 -23.53 -26.99 41.70
C ILE B 92 -23.93 -28.31 41.05
N CYS B 93 -22.96 -29.18 40.80
CA CYS B 93 -23.23 -30.43 40.10
C CYS B 93 -22.70 -31.58 40.94
N CYS B 94 -23.61 -32.48 41.34
CA CYS B 94 -23.29 -33.63 42.17
C CYS B 94 -23.46 -34.90 41.34
N THR B 95 -22.39 -35.69 41.25
CA THR B 95 -22.36 -36.87 40.41
C THR B 95 -22.44 -38.13 41.26
N ASN B 96 -22.97 -39.21 40.68
CA ASN B 96 -23.24 -40.45 41.38
C ASN B 96 -22.08 -41.44 41.33
N VAL B 97 -20.85 -40.97 41.29
CA VAL B 97 -19.70 -41.86 41.16
C VAL B 97 -18.78 -41.66 42.37
N PRO B 98 -18.02 -42.68 42.77
CA PRO B 98 -17.15 -42.54 43.94
C PRO B 98 -15.92 -41.70 43.63
N TRP B 99 -15.21 -41.34 44.71
CA TRP B 99 -14.01 -40.53 44.62
C TRP B 99 -12.84 -41.30 45.24
N ASN B 100 -11.73 -41.37 44.51
CA ASN B 100 -10.54 -42.04 45.02
C ASN B 100 -9.97 -41.30 46.21
N SER B 101 -9.62 -42.03 47.26
CA SER B 101 -9.13 -41.46 48.51
C SER B 101 -7.61 -41.48 48.59
N SER B 102 -6.92 -41.31 47.46
CA SER B 102 -5.46 -41.32 47.43
C SER B 102 -4.84 -39.99 47.03
N TRP B 103 -5.60 -39.08 46.43
CA TRP B 103 -5.06 -37.82 45.93
C TRP B 103 -5.19 -36.69 46.95
N SER B 104 -6.42 -36.35 47.34
CA SER B 104 -6.61 -35.30 48.34
C SER B 104 -6.14 -35.77 49.70
N ASN B 105 -6.78 -36.82 50.24
CA ASN B 105 -6.43 -37.41 51.53
C ASN B 105 -6.51 -36.37 52.65
N ARG B 106 -7.60 -35.61 52.67
CA ARG B 106 -7.91 -34.70 53.75
C ARG B 106 -9.21 -35.13 54.43
N ASN B 107 -9.32 -34.83 55.71
CA ASN B 107 -10.54 -35.17 56.44
C ASN B 107 -11.72 -34.38 55.88
N LEU B 108 -12.78 -35.09 55.53
CA LEU B 108 -13.93 -34.47 54.88
C LEU B 108 -14.80 -33.67 55.84
N SER B 109 -14.61 -33.83 57.16
CA SER B 109 -15.39 -33.04 58.11
C SER B 109 -15.01 -31.57 58.04
N GLU B 110 -13.71 -31.26 57.96
CA GLU B 110 -13.24 -29.89 57.88
C GLU B 110 -12.72 -29.52 56.50
N ILE B 111 -13.04 -30.31 55.47
CA ILE B 111 -12.63 -30.01 54.11
C ILE B 111 -13.32 -28.77 53.55
N TRP B 112 -14.39 -28.30 54.21
CA TRP B 112 -15.21 -27.23 53.67
C TRP B 112 -15.07 -25.91 54.42
N ASP B 113 -14.18 -25.84 55.41
CA ASP B 113 -14.10 -24.62 56.21
C ASP B 113 -12.71 -24.11 56.54
N ASN B 114 -11.64 -24.87 56.34
CA ASN B 114 -10.32 -24.44 56.81
C ASN B 114 -9.36 -24.03 55.71
N MET B 115 -9.24 -24.81 54.64
CA MET B 115 -8.30 -24.48 53.59
C MET B 115 -8.98 -23.57 52.56
N THR B 116 -8.31 -23.36 51.42
CA THR B 116 -8.79 -22.45 50.39
C THR B 116 -8.74 -23.13 49.04
N TRP B 117 -9.50 -22.58 48.09
CA TRP B 117 -9.43 -23.04 46.71
C TRP B 117 -8.02 -22.85 46.14
N LEU B 118 -7.32 -21.81 46.60
CA LEU B 118 -5.94 -21.58 46.19
C LEU B 118 -4.99 -22.62 46.77
N GLN B 119 -5.45 -23.42 47.73
CA GLN B 119 -4.75 -24.63 48.11
C GLN B 119 -5.29 -25.85 47.39
N TRP B 120 -6.58 -25.86 47.06
CA TRP B 120 -7.17 -27.00 46.35
C TRP B 120 -6.53 -27.17 44.98
N ASP B 121 -6.39 -26.09 44.23
CA ASP B 121 -5.77 -26.20 42.91
C ASP B 121 -4.33 -26.70 43.02
N LYS B 122 -3.62 -26.30 44.07
CA LYS B 122 -2.27 -26.83 44.31
C LYS B 122 -2.31 -28.32 44.57
N GLU B 123 -3.17 -28.76 45.49
CA GLU B 123 -3.17 -30.16 45.92
C GLU B 123 -3.61 -31.09 44.79
N ILE B 124 -4.54 -30.62 43.93
CA ILE B 124 -5.08 -31.46 42.88
C ILE B 124 -4.36 -31.27 41.54
N SER B 125 -3.36 -30.38 41.48
CA SER B 125 -2.71 -30.07 40.21
C SER B 125 -2.03 -31.30 39.62
N ASN B 126 -1.33 -32.08 40.44
CA ASN B 126 -0.59 -33.23 39.91
C ASN B 126 -1.53 -34.24 39.26
N TYR B 127 -2.66 -34.53 39.90
CA TYR B 127 -3.65 -35.48 39.39
C TYR B 127 -4.69 -34.67 38.63
N THR B 128 -4.51 -34.59 37.31
CA THR B 128 -5.33 -33.71 36.49
C THR B 128 -5.65 -34.35 35.15
N GLN B 129 -6.74 -33.88 34.53
CA GLN B 129 -7.31 -34.42 33.30
C GLN B 129 -7.59 -35.91 33.38
N ILE B 130 -7.79 -36.45 34.59
CA ILE B 130 -8.20 -37.84 34.73
C ILE B 130 -9.51 -37.90 35.51
N ILE B 131 -9.74 -36.91 36.37
CA ILE B 131 -11.03 -36.81 37.05
C ILE B 131 -12.12 -36.52 36.04
N TYR B 132 -11.86 -35.60 35.10
CA TYR B 132 -12.83 -35.32 34.06
C TYR B 132 -13.07 -36.55 33.19
N GLY B 133 -12.02 -37.31 32.89
CA GLY B 133 -12.20 -38.51 32.09
C GLY B 133 -13.06 -39.56 32.78
N LEU B 134 -12.76 -39.82 34.06
CA LEU B 134 -13.55 -40.79 34.81
C LEU B 134 -14.99 -40.35 34.95
N LEU B 135 -15.20 -39.07 35.27
CA LEU B 135 -16.56 -38.56 35.38
C LEU B 135 -17.29 -38.65 34.06
N GLU B 136 -16.61 -38.34 32.96
CA GLU B 136 -17.22 -38.38 31.64
C GLU B 136 -17.64 -39.80 31.29
N GLU B 137 -16.75 -40.77 31.46
CA GLU B 137 -17.09 -42.15 31.09
C GLU B 137 -18.19 -42.71 31.99
N SER B 138 -18.10 -42.49 33.30
CA SER B 138 -19.11 -43.00 34.21
C SER B 138 -20.48 -42.36 33.93
N GLN B 139 -20.50 -41.05 33.69
CA GLN B 139 -21.77 -40.40 33.40
C GLN B 139 -22.29 -40.84 32.04
N ASN B 140 -21.40 -41.10 31.08
CA ASN B 140 -21.79 -41.62 29.78
C ASN B 140 -22.52 -42.93 29.91
N GLN B 141 -21.93 -43.88 30.64
CA GLN B 141 -22.64 -45.15 30.87
C GLN B 141 -23.89 -44.92 31.72
N GLN B 142 -23.93 -43.85 32.51
CA GLN B 142 -25.14 -43.53 33.26
C GLN B 142 -26.29 -43.20 32.31
N GLU B 143 -26.06 -42.32 31.33
CA GLU B 143 -27.17 -42.12 30.38
C GLU B 143 -27.33 -43.30 29.43
N LYS B 144 -26.32 -44.16 29.28
CA LYS B 144 -26.53 -45.40 28.54
C LYS B 144 -27.60 -46.24 29.22
N ASN B 145 -27.47 -46.43 30.54
CA ASN B 145 -28.48 -47.17 31.28
C ASN B 145 -29.82 -46.44 31.28
N GLU B 146 -29.79 -45.11 31.39
CA GLU B 146 -31.04 -44.33 31.31
C GLU B 146 -31.74 -44.57 29.98
N GLN B 147 -30.99 -44.53 28.89
CA GLN B 147 -31.57 -44.76 27.56
C GLN B 147 -32.12 -46.16 27.43
N ASP B 148 -31.39 -47.16 27.94
CA ASP B 148 -31.89 -48.53 27.87
C ASP B 148 -33.21 -48.66 28.62
N LEU B 149 -33.28 -48.08 29.83
CA LEU B 149 -34.51 -48.18 30.62
C LEU B 149 -35.67 -47.46 29.95
N LEU B 150 -35.44 -46.23 29.45
CA LEU B 150 -36.54 -45.51 28.83
C LEU B 150 -36.99 -46.16 27.53
N ALA B 151 -36.06 -46.76 26.78
CA ALA B 151 -36.44 -47.44 25.54
C ALA B 151 -37.21 -48.71 25.83
N LEU B 152 -36.80 -49.49 26.83
CA LEU B 152 -37.55 -50.70 27.17
C LEU B 152 -38.88 -50.36 27.84
N ASP B 153 -39.01 -49.16 28.41
CA ASP B 153 -40.27 -48.74 29.01
C ASP B 153 -41.35 -48.55 27.95
N HIS C 1 24.29 -21.71 13.55
CA HIS C 1 25.25 -21.87 14.64
C HIS C 1 25.61 -20.52 15.25
N VAL C 2 26.71 -20.50 16.01
CA VAL C 2 27.18 -19.30 16.68
C VAL C 2 28.61 -19.06 16.21
N GLN C 3 28.76 -18.21 15.20
CA GLN C 3 30.04 -17.98 14.54
C GLN C 3 30.63 -16.66 15.00
N LEU C 4 31.91 -16.68 15.37
CA LEU C 4 32.59 -15.44 15.73
C LEU C 4 34.08 -15.59 15.42
N VAL C 5 34.69 -14.49 14.97
CA VAL C 5 36.11 -14.46 14.64
C VAL C 5 36.70 -13.16 15.15
N GLN C 6 38.03 -13.16 15.31
CA GLN C 6 38.77 -11.95 15.63
C GLN C 6 39.78 -11.65 14.54
N SER C 7 40.34 -10.45 14.61
CA SER C 7 41.33 -10.02 13.63
C SER C 7 42.10 -8.83 14.18
N GLY C 8 43.35 -8.68 13.72
CA GLY C 8 44.13 -7.50 14.02
C GLY C 8 45.10 -7.63 15.17
N GLY C 9 45.94 -8.66 15.16
CA GLY C 9 46.94 -8.81 16.19
C GLY C 9 48.20 -8.02 15.88
N GLY C 10 49.37 -8.65 16.06
CA GLY C 10 50.63 -8.03 15.72
C GLY C 10 51.33 -7.39 16.90
N VAL C 11 52.54 -6.93 16.64
CA VAL C 11 53.41 -6.30 17.63
C VAL C 11 53.61 -4.85 17.26
N LYS C 12 53.55 -3.96 18.25
CA LYS C 12 53.59 -2.53 18.02
C LYS C 12 54.52 -1.86 19.04
N LYS C 13 55.10 -0.73 18.62
CA LYS C 13 55.95 0.07 19.49
C LYS C 13 55.10 0.83 20.50
N ILE C 14 55.68 1.05 21.69
CA ILE C 14 54.96 1.75 22.75
C ILE C 14 54.54 3.14 22.28
N GLY C 15 53.32 3.53 22.62
CA GLY C 15 52.80 4.83 22.27
C GLY C 15 51.87 4.86 21.09
N ALA C 16 51.52 3.71 20.51
CA ALA C 16 50.63 3.63 19.37
C ALA C 16 49.33 2.94 19.76
N ALA C 17 48.36 3.02 18.86
CA ALA C 17 47.02 2.50 19.09
C ALA C 17 46.86 1.13 18.44
N VAL C 18 46.33 0.18 19.20
CA VAL C 18 46.07 -1.17 18.71
C VAL C 18 44.58 -1.32 18.44
N ARG C 19 44.25 -1.77 17.24
CA ARG C 19 42.87 -2.04 16.85
C ARG C 19 42.63 -3.54 16.87
N ILE C 20 41.57 -3.96 17.54
CA ILE C 20 41.20 -5.37 17.61
C ILE C 20 39.75 -5.50 17.15
N SER C 21 39.51 -6.35 16.15
CA SER C 21 38.20 -6.49 15.57
C SER C 21 37.61 -7.85 15.93
N CYS C 22 36.31 -7.88 16.22
CA CYS C 22 35.59 -9.11 16.50
C CYS C 22 34.32 -9.11 15.65
N GLU C 23 34.27 -9.99 14.66
CA GLU C 23 33.18 -10.06 13.71
C GLU C 23 32.32 -11.28 14.03
N VAL C 24 31.00 -11.08 14.15
CA VAL C 24 30.13 -12.15 14.60
C VAL C 24 29.03 -12.37 13.58
N SER C 25 28.48 -13.59 13.60
CA SER C 25 27.42 -14.00 12.70
C SER C 25 26.77 -15.26 13.24
N GLY C 26 25.65 -15.64 12.65
CA GLY C 26 24.90 -16.81 13.07
C GLY C 26 23.84 -16.54 14.11
N TYR C 27 23.74 -15.31 14.61
CA TYR C 27 22.71 -14.96 15.57
C TYR C 27 22.36 -13.49 15.39
N ASN C 28 21.18 -13.11 15.84
CA ASN C 28 20.78 -11.71 15.77
C ASN C 28 21.73 -10.86 16.61
N PHE C 29 22.25 -9.79 16.02
CA PHE C 29 23.34 -9.04 16.65
C PHE C 29 22.88 -8.03 17.69
N MET C 30 21.59 -7.72 17.75
CA MET C 30 21.16 -6.64 18.64
C MET C 30 21.34 -7.01 20.11
N ASP C 31 21.09 -8.27 20.46
CA ASP C 31 21.27 -8.72 21.83
C ASP C 31 22.69 -9.27 22.02
N GLN C 32 22.93 -9.98 23.12
CA GLN C 32 24.17 -10.73 23.35
C GLN C 32 25.39 -9.81 23.35
N PHE C 33 25.48 -9.03 24.43
CA PHE C 33 26.61 -8.15 24.69
C PHE C 33 27.93 -8.84 24.39
N ILE C 34 28.88 -8.08 23.85
CA ILE C 34 30.23 -8.57 23.61
C ILE C 34 31.08 -8.22 24.82
N ASN C 35 31.44 -9.23 25.61
CA ASN C 35 32.35 -9.02 26.73
C ASN C 35 33.77 -9.20 26.24
N TRP C 36 34.72 -8.49 26.86
CA TRP C 36 36.08 -8.46 26.34
C TRP C 36 37.03 -8.90 27.44
N VAL C 37 37.60 -10.09 27.31
CA VAL C 37 38.41 -10.68 28.36
C VAL C 37 39.87 -10.73 27.92
N ARG C 38 40.75 -10.28 28.81
CA ARG C 38 42.18 -10.22 28.58
C ARG C 38 42.86 -11.43 29.23
N GLN C 39 44.05 -11.77 28.74
CA GLN C 39 44.88 -12.82 29.32
C GLN C 39 46.34 -12.48 29.11
N ALA C 40 47.00 -12.03 30.18
CA ALA C 40 48.46 -11.95 30.09
C ALA C 40 49.07 -13.29 30.46
N PRO C 41 50.24 -13.62 29.92
CA PRO C 41 50.89 -14.88 30.29
C PRO C 41 51.44 -14.82 31.71
N GLY C 42 51.01 -15.76 32.55
CA GLY C 42 51.53 -15.89 33.89
C GLY C 42 50.52 -15.80 35.02
N GLN C 43 49.24 -15.61 34.71
CA GLN C 43 48.20 -15.57 35.75
C GLN C 43 46.86 -15.90 35.11
N GLY C 44 45.81 -15.88 35.92
CA GLY C 44 44.46 -16.10 35.44
C GLY C 44 43.91 -14.91 34.70
N LEU C 45 42.72 -15.10 34.14
CA LEU C 45 42.06 -14.06 33.36
C LEU C 45 41.77 -12.82 34.20
N GLU C 46 41.77 -11.67 33.53
CA GLU C 46 41.30 -10.41 34.07
C GLU C 46 40.14 -9.93 33.20
N TRP C 47 39.52 -8.83 33.59
CA TRP C 47 38.37 -8.32 32.84
C TRP C 47 38.69 -6.93 32.31
N MET C 48 38.22 -6.66 31.09
CA MET C 48 38.32 -5.34 30.48
C MET C 48 36.98 -4.66 30.32
N GLY C 49 35.89 -5.30 30.73
CA GLY C 49 34.56 -4.76 30.58
C GLY C 49 33.81 -5.37 29.42
N TRP C 50 32.80 -4.64 28.96
CA TRP C 50 31.95 -5.15 27.90
C TRP C 50 31.27 -4.02 27.14
N MET C 51 30.69 -4.40 25.99
CA MET C 51 30.02 -3.49 25.09
C MET C 51 28.68 -4.08 24.71
N ASN C 52 27.71 -3.21 24.45
CA ASN C 52 26.35 -3.62 24.09
C ASN C 52 25.99 -2.93 22.79
N PRO C 53 25.64 -3.68 21.75
CA PRO C 53 25.52 -3.09 20.41
C PRO C 53 24.17 -2.44 20.09
N ILE C 54 23.19 -2.46 21.00
CA ILE C 54 21.93 -1.77 20.72
C ILE C 54 22.17 -0.28 20.52
N TYR C 55 22.89 0.35 21.46
CA TYR C 55 23.28 1.74 21.31
C TYR C 55 24.76 1.94 21.62
N GLY C 56 25.57 0.90 21.49
CA GLY C 56 26.98 1.00 21.80
C GLY C 56 27.28 1.35 23.24
N GLN C 57 26.49 0.83 24.19
CA GLN C 57 26.82 1.05 25.59
C GLN C 57 28.13 0.38 25.93
N VAL C 58 28.85 0.96 26.90
CA VAL C 58 30.11 0.40 27.36
C VAL C 58 30.06 0.28 28.88
N ASN C 59 30.91 -0.58 29.41
CA ASN C 59 31.04 -0.72 30.86
C ASN C 59 32.46 -1.21 31.12
N TYR C 60 33.29 -0.34 31.67
CA TYR C 60 34.73 -0.56 31.78
C TYR C 60 35.07 -1.21 33.12
N SER C 61 36.37 -1.25 33.42
CA SER C 61 36.90 -1.74 34.68
C SER C 61 37.41 -0.55 35.51
N TRP C 62 38.08 -0.85 36.61
CA TRP C 62 38.65 0.17 37.48
C TRP C 62 40.05 0.59 37.05
N ARG C 63 40.54 0.08 35.93
CA ARG C 63 41.90 0.33 35.46
C ARG C 63 41.97 0.98 34.08
N PHE C 64 41.08 0.59 33.16
CA PHE C 64 41.20 0.96 31.76
C PHE C 64 40.46 2.23 31.39
N GLN C 65 39.83 2.90 32.35
CA GLN C 65 38.99 4.06 32.02
C GLN C 65 39.86 5.22 31.56
N GLY C 66 39.76 5.57 30.28
CA GLY C 66 40.60 6.58 29.68
C GLY C 66 41.64 6.06 28.71
N ARG C 67 41.63 4.77 28.39
CA ARG C 67 42.57 4.19 27.46
C ARG C 67 41.93 3.27 26.42
N VAL C 68 40.63 2.99 26.52
CA VAL C 68 39.97 2.00 25.68
C VAL C 68 38.73 2.64 25.06
N THR C 69 38.45 2.27 23.81
CA THR C 69 37.20 2.65 23.16
C THR C 69 36.61 1.42 22.49
N MET C 70 35.42 1.01 22.94
CA MET C 70 34.72 -0.14 22.38
C MET C 70 33.64 0.37 21.43
N THR C 71 34.00 0.53 20.16
CA THR C 71 33.07 0.98 19.14
C THR C 71 32.45 -0.23 18.45
N ARG C 72 31.52 0.04 17.53
CA ARG C 72 30.87 -1.05 16.83
C ARG C 72 30.50 -0.62 15.42
N GLN C 73 30.03 -1.59 14.64
CA GLN C 73 29.40 -1.33 13.36
C GLN C 73 28.33 -2.39 13.13
N LEU C 74 27.08 -1.95 13.00
CA LEU C 74 25.95 -2.80 12.70
C LEU C 74 25.86 -2.98 11.19
N SER C 75 24.75 -3.53 10.72
CA SER C 75 24.49 -3.72 9.29
C SER C 75 23.56 -2.64 8.79
N GLN C 76 24.00 -1.87 7.79
CA GLN C 76 23.20 -0.77 7.28
C GLN C 76 22.01 -1.28 6.46
N ASP C 77 22.23 -2.28 5.61
CA ASP C 77 21.14 -2.79 4.73
C ASP C 77 20.40 -3.95 5.39
N PRO C 78 19.06 -4.06 5.30
CA PRO C 78 18.33 -5.18 5.90
C PRO C 78 18.62 -6.54 5.28
N ASP C 79 19.54 -6.62 4.32
CA ASP C 79 19.87 -7.91 3.72
C ASP C 79 20.47 -8.86 4.75
N ASP C 80 21.37 -8.35 5.59
CA ASP C 80 22.06 -9.17 6.60
C ASP C 80 21.95 -8.48 7.96
N PRO C 81 20.76 -8.46 8.55
CA PRO C 81 20.59 -7.74 9.82
C PRO C 81 21.39 -8.33 10.98
N ASP C 82 21.86 -9.57 10.87
CA ASP C 82 22.55 -10.24 11.97
C ASP C 82 24.06 -10.27 11.79
N TRP C 83 24.61 -9.43 10.91
CA TRP C 83 26.05 -9.34 10.71
C TRP C 83 26.56 -8.05 11.35
N GLY C 84 27.58 -8.17 12.18
CA GLY C 84 28.10 -7.02 12.88
C GLY C 84 29.53 -7.22 13.33
N THR C 85 30.17 -6.10 13.67
CA THR C 85 31.58 -6.10 14.02
C THR C 85 31.83 -5.15 15.19
N ALA C 86 32.32 -5.69 16.31
CA ALA C 86 32.69 -4.86 17.45
C ALA C 86 34.19 -4.58 17.40
N PHE C 87 34.55 -3.30 17.45
CA PHE C 87 35.94 -2.86 17.37
C PHE C 87 36.39 -2.38 18.75
N MET C 88 37.66 -2.58 19.07
CA MET C 88 38.24 -2.06 20.29
C MET C 88 39.55 -1.37 19.94
N GLU C 89 39.65 -0.09 20.29
CA GLU C 89 40.87 0.68 20.10
C GLU C 89 41.50 0.92 21.46
N LEU C 90 42.73 0.44 21.61
CA LEU C 90 43.49 0.58 22.85
C LEU C 90 44.64 1.55 22.61
N ARG C 91 44.79 2.52 23.52
CA ARG C 91 45.69 3.64 23.31
C ARG C 91 46.66 3.78 24.47
N GLY C 92 47.84 4.33 24.18
CA GLY C 92 48.81 4.67 25.19
C GLY C 92 49.22 3.50 26.06
N LEU C 93 49.41 2.34 25.45
CA LEU C 93 49.62 1.11 26.20
C LEU C 93 51.02 1.07 26.82
N ARG C 94 51.08 0.59 28.06
CA ARG C 94 52.35 0.35 28.72
C ARG C 94 52.98 -0.94 28.21
N VAL C 95 54.27 -1.11 28.51
CA VAL C 95 55.01 -2.27 28.02
C VAL C 95 54.53 -3.57 28.65
N ASP C 96 53.87 -3.49 29.82
CA ASP C 96 53.56 -4.68 30.62
C ASP C 96 52.21 -5.31 30.29
N ASP C 97 51.70 -5.13 29.08
CA ASP C 97 50.39 -5.67 28.73
C ASP C 97 50.46 -6.56 27.48
N THR C 98 51.62 -7.16 27.24
CA THR C 98 51.72 -8.18 26.19
C THR C 98 50.80 -9.32 26.56
N ALA C 99 49.76 -9.55 25.78
CA ALA C 99 48.69 -10.45 26.21
C ALA C 99 47.94 -10.97 25.00
N VAL C 100 46.83 -11.66 25.27
CA VAL C 100 45.91 -12.15 24.25
C VAL C 100 44.50 -11.72 24.63
N TYR C 101 43.76 -11.26 23.64
CA TYR C 101 42.44 -10.67 23.85
C TYR C 101 41.37 -11.55 23.21
N TYR C 102 40.29 -11.79 23.95
CA TYR C 102 39.20 -12.64 23.54
C TYR C 102 37.91 -11.83 23.55
N CYS C 103 37.09 -12.01 22.52
CA CYS C 103 35.77 -11.36 22.45
C CYS C 103 34.71 -12.40 22.79
N ALA C 104 34.46 -12.58 24.08
CA ALA C 104 33.50 -13.58 24.52
C ALA C 104 32.08 -13.02 24.48
N ARG C 105 31.11 -13.91 24.57
CA ARG C 105 29.71 -13.53 24.67
C ARG C 105 29.02 -14.47 25.66
N GLY C 106 27.69 -14.41 25.70
CA GLY C 106 26.94 -15.14 26.69
C GLY C 106 25.80 -15.95 26.12
N PRO C 107 25.00 -16.55 27.01
CA PRO C 107 23.91 -17.43 26.56
C PRO C 107 22.75 -16.66 25.94
N SER C 108 21.69 -17.37 25.58
CA SER C 108 20.51 -16.73 25.00
C SER C 108 19.75 -15.96 26.07
N GLY C 109 19.72 -14.64 25.94
CA GLY C 109 18.98 -13.78 26.85
C GLY C 109 19.75 -13.27 28.05
N GLU C 110 20.97 -13.76 28.28
CA GLU C 110 21.76 -13.33 29.43
C GLU C 110 23.11 -12.82 28.97
N ASN C 111 24.00 -12.53 29.94
CA ASN C 111 25.40 -12.30 29.62
C ASN C 111 26.36 -12.99 30.58
N TYR C 112 25.89 -13.62 31.64
CA TYR C 112 26.82 -14.24 32.58
C TYR C 112 26.40 -15.67 32.86
N PRO C 113 27.35 -16.62 32.83
CA PRO C 113 28.77 -16.46 32.52
C PRO C 113 29.08 -16.72 31.04
N PHE C 114 30.30 -16.43 30.58
CA PHE C 114 30.64 -16.60 29.17
C PHE C 114 30.57 -18.07 28.77
N HIS C 115 29.91 -18.36 27.64
CA HIS C 115 29.95 -19.69 27.04
C HIS C 115 30.89 -19.75 25.85
N TYR C 116 30.60 -19.00 24.79
CA TYR C 116 31.43 -18.99 23.59
C TYR C 116 32.63 -18.08 23.79
N TRP C 117 33.72 -18.43 23.13
CA TRP C 117 34.95 -17.65 23.24
C TRP C 117 35.51 -17.44 21.84
N GLY C 118 36.69 -16.83 21.77
CA GLY C 118 37.29 -16.49 20.50
C GLY C 118 38.69 -17.05 20.38
N GLN C 119 39.11 -17.22 19.12
CA GLN C 119 40.47 -17.70 18.85
C GLN C 119 41.49 -16.82 19.55
N GLY C 120 41.25 -15.52 19.62
CA GLY C 120 42.05 -14.64 20.44
C GLY C 120 43.22 -14.02 19.72
N VAL C 121 43.28 -12.70 19.69
CA VAL C 121 44.37 -12.00 19.03
C VAL C 121 45.48 -11.75 20.06
N ARG C 122 46.71 -12.06 19.68
CA ARG C 122 47.86 -11.85 20.56
C ARG C 122 48.53 -10.55 20.17
N VAL C 123 48.84 -9.74 21.18
CA VAL C 123 49.49 -8.44 20.98
C VAL C 123 50.69 -8.36 21.93
N VAL C 124 51.83 -7.98 21.38
CA VAL C 124 53.06 -7.77 22.13
C VAL C 124 53.53 -6.35 21.81
N VAL C 125 54.22 -5.72 22.76
CA VAL C 125 54.72 -4.37 22.59
C VAL C 125 56.24 -4.38 22.71
N SER C 126 56.89 -3.67 21.79
CA SER C 126 58.35 -3.60 21.78
C SER C 126 58.82 -2.19 22.11
N LEU D 1 38.78 -18.99 42.67
CA LEU D 1 39.26 -17.72 43.19
C LEU D 1 40.31 -17.95 44.26
N THR D 2 41.54 -17.52 43.96
CA THR D 2 42.73 -17.82 44.77
C THR D 2 42.91 -19.35 44.89
N GLN D 3 43.11 -19.95 43.72
CA GLN D 3 43.32 -21.38 43.52
C GLN D 3 44.78 -21.74 43.64
N PRO D 4 45.09 -23.01 43.90
CA PRO D 4 46.49 -23.45 43.93
C PRO D 4 47.13 -23.37 42.56
N ALA D 5 48.47 -23.34 42.57
CA ALA D 5 49.23 -23.18 41.33
C ALA D 5 49.07 -24.39 40.42
N SER D 6 49.49 -25.57 40.89
CA SER D 6 49.43 -26.76 40.06
C SER D 6 49.34 -27.99 40.96
N MET D 7 48.90 -29.09 40.37
CA MET D 7 48.77 -30.35 41.09
C MET D 7 48.93 -31.50 40.10
N SER D 8 49.24 -32.67 40.64
CA SER D 8 49.54 -33.86 39.86
C SER D 8 48.62 -35.01 40.25
N ALA D 9 48.43 -35.93 39.31
CA ALA D 9 47.56 -37.07 39.52
C ALA D 9 48.02 -38.21 38.62
N SER D 10 47.42 -39.38 38.83
CA SER D 10 47.69 -40.58 38.05
C SER D 10 46.38 -41.16 37.54
N PRO D 11 46.41 -41.89 36.42
CA PRO D 11 45.16 -42.40 35.84
C PRO D 11 44.40 -43.30 36.81
N GLY D 12 43.08 -43.22 36.74
CA GLY D 12 42.22 -43.99 37.61
C GLY D 12 41.96 -43.37 38.97
N GLN D 13 42.44 -42.16 39.22
CA GLN D 13 42.26 -41.50 40.50
C GLN D 13 41.14 -40.47 40.42
N SER D 14 40.52 -40.22 41.58
CA SER D 14 39.48 -39.22 41.73
C SER D 14 40.01 -38.07 42.56
N VAL D 15 39.82 -36.84 42.07
CA VAL D 15 40.40 -35.67 42.71
C VAL D 15 39.33 -34.60 42.90
N THR D 16 39.50 -33.79 43.94
CA THR D 16 38.61 -32.70 44.28
C THR D 16 39.38 -31.38 44.27
N ILE D 17 38.77 -30.34 43.71
CA ILE D 17 39.35 -29.01 43.63
C ILE D 17 38.42 -28.06 44.38
N SER D 18 39.02 -27.15 45.15
CA SER D 18 38.27 -26.23 46.00
C SER D 18 38.51 -24.80 45.54
N CYS D 19 37.43 -24.04 45.38
CA CYS D 19 37.47 -22.62 45.08
C CYS D 19 37.09 -21.83 46.32
N SER D 20 37.90 -20.84 46.65
CA SER D 20 37.74 -20.06 47.87
C SER D 20 36.99 -18.76 47.58
N GLY D 21 36.52 -18.13 48.66
CA GLY D 21 35.79 -16.88 48.52
C GLY D 21 34.43 -17.11 47.90
N THR D 22 34.13 -16.31 46.87
CA THR D 22 32.93 -16.40 46.05
C THR D 22 31.66 -16.02 46.81
N ARG D 23 31.77 -15.77 48.12
CA ARG D 23 30.73 -15.10 48.91
C ARG D 23 29.32 -15.65 48.65
N HIS D 24 29.22 -16.92 48.28
CA HIS D 24 27.94 -17.57 48.01
C HIS D 24 27.17 -16.86 46.90
N ILE D 25 27.81 -16.62 45.76
CA ILE D 25 27.14 -15.90 44.67
C ILE D 25 27.28 -16.68 43.36
N ILE D 26 27.39 -18.01 43.46
CA ILE D 26 27.51 -18.91 42.31
C ILE D 26 28.86 -18.77 41.63
N SER D 27 29.58 -19.88 41.53
CA SER D 27 30.83 -19.95 40.79
C SER D 27 30.68 -20.91 39.61
N ALA D 28 31.57 -20.76 38.64
CA ALA D 28 31.58 -21.60 37.45
C ALA D 28 32.98 -22.14 37.22
N TRP D 29 33.06 -23.27 36.51
CA TRP D 29 34.32 -23.94 36.24
C TRP D 29 34.57 -23.97 34.74
N PHE D 30 35.74 -23.47 34.34
CA PHE D 30 36.21 -23.45 32.96
C PHE D 30 37.43 -24.35 32.84
N GLN D 31 37.44 -25.20 31.82
CA GLN D 31 38.61 -26.00 31.47
C GLN D 31 39.32 -25.34 30.29
N GLN D 32 40.64 -25.24 30.37
CA GLN D 32 41.43 -24.51 29.39
C GLN D 32 42.60 -25.37 28.93
N TYR D 33 42.73 -25.52 27.62
CA TYR D 33 43.93 -26.09 27.06
C TYR D 33 45.00 -25.01 26.92
N PRO D 34 46.28 -25.36 27.05
CA PRO D 34 47.34 -24.35 26.97
C PRO D 34 47.33 -23.63 25.64
N GLY D 35 47.14 -22.31 25.70
CA GLY D 35 47.06 -21.51 24.48
C GLY D 35 45.83 -21.78 23.64
N LYS D 36 44.66 -21.83 24.26
CA LYS D 36 43.41 -22.09 23.57
C LYS D 36 42.30 -21.35 24.32
N PRO D 37 41.12 -21.22 23.73
CA PRO D 37 40.00 -20.60 24.45
C PRO D 37 39.29 -21.61 25.35
N PRO D 38 39.26 -21.38 26.67
CA PRO D 38 38.59 -22.28 27.61
C PRO D 38 37.07 -22.25 27.40
N LYS D 39 36.45 -23.44 27.37
CA LYS D 39 35.02 -23.61 27.18
C LYS D 39 34.39 -24.05 28.48
N LEU D 40 33.16 -23.59 28.73
CA LEU D 40 32.50 -23.83 30.00
C LEU D 40 32.28 -25.32 30.24
N ILE D 41 32.57 -25.78 31.45
CA ILE D 41 32.35 -27.17 31.80
C ILE D 41 31.38 -27.30 32.97
N ILE D 42 31.31 -26.27 33.83
CA ILE D 42 30.35 -26.26 34.93
C ILE D 42 29.79 -24.87 35.13
N PHE D 43 28.46 -24.75 35.15
CA PHE D 43 27.80 -23.52 35.54
C PHE D 43 26.64 -23.84 36.48
N ASP D 44 26.28 -22.87 37.30
CA ASP D 44 25.25 -22.97 38.34
C ASP D 44 25.60 -23.99 39.41
N ASP D 45 26.81 -24.53 39.40
CA ASP D 45 27.31 -25.51 40.36
C ASP D 45 26.53 -26.82 40.34
N ASP D 46 25.58 -26.97 39.42
CA ASP D 46 24.75 -28.17 39.41
C ASP D 46 24.49 -28.73 38.01
N LYS D 47 24.97 -28.09 36.96
CA LYS D 47 24.66 -28.51 35.59
C LYS D 47 25.94 -28.56 34.77
N ARG D 48 25.90 -29.37 33.71
CA ARG D 48 27.03 -29.55 32.82
C ARG D 48 26.55 -29.48 31.37
N PRO D 49 27.40 -28.99 30.47
CA PRO D 49 27.01 -28.93 29.05
C PRO D 49 27.03 -30.30 28.41
N SER D 50 26.32 -30.41 27.29
CA SER D 50 26.33 -31.65 26.52
C SER D 50 27.71 -31.90 25.92
N GLY D 51 28.17 -33.15 26.00
CA GLY D 51 29.49 -33.50 25.51
C GLY D 51 30.54 -33.67 26.58
N VAL D 52 30.15 -33.72 27.85
CA VAL D 52 31.08 -33.86 28.96
C VAL D 52 30.88 -35.24 29.57
N PRO D 53 31.93 -35.91 30.05
CA PRO D 53 31.72 -37.15 30.80
C PRO D 53 31.06 -36.89 32.14
N SER D 54 30.34 -37.90 32.64
CA SER D 54 29.57 -37.78 33.87
C SER D 54 30.44 -37.75 35.11
N ARG D 55 31.75 -37.99 34.99
CA ARG D 55 32.63 -37.95 36.15
C ARG D 55 32.71 -36.56 36.75
N PHE D 56 32.29 -35.53 36.03
CA PHE D 56 32.31 -34.16 36.54
C PHE D 56 31.12 -33.92 37.45
N SER D 57 31.39 -33.56 38.70
CA SER D 57 30.30 -33.11 39.56
C SER D 57 30.79 -31.95 40.41
N ALA D 58 29.86 -31.05 40.75
CA ALA D 58 30.20 -29.84 41.47
C ALA D 58 29.14 -29.56 42.52
N SER D 59 29.54 -28.85 43.57
CA SER D 59 28.63 -28.45 44.64
C SER D 59 29.23 -27.27 45.37
N ARG D 60 28.44 -26.72 46.30
CA ARG D 60 28.85 -25.53 47.05
C ARG D 60 28.06 -25.50 48.36
N PRO D 61 28.43 -26.36 49.32
CA PRO D 61 27.76 -26.31 50.63
C PRO D 61 27.92 -24.98 51.35
N GLY D 62 29.07 -24.33 51.19
CA GLY D 62 29.33 -23.04 51.81
C GLY D 62 29.92 -22.08 50.79
N ASP D 63 30.87 -21.27 51.25
CA ASP D 63 31.53 -20.32 50.36
C ASP D 63 32.38 -21.02 49.32
N THR D 64 33.10 -22.07 49.73
CA THR D 64 33.98 -22.78 48.81
C THR D 64 33.18 -23.63 47.84
N ALA D 65 33.65 -23.69 46.60
CA ALA D 65 33.05 -24.53 45.57
C ALA D 65 33.87 -25.79 45.39
N SER D 66 33.23 -26.94 45.52
CA SER D 66 33.91 -28.22 45.41
C SER D 66 33.59 -28.87 44.07
N LEU D 67 34.61 -29.08 43.25
CA LEU D 67 34.50 -29.76 41.96
C LEU D 67 35.25 -31.08 42.07
N THR D 68 34.52 -32.19 42.06
CA THR D 68 35.14 -33.50 42.16
C THR D 68 34.94 -34.28 40.87
N ILE D 69 36.00 -35.01 40.47
CA ILE D 69 35.98 -35.84 39.28
C ILE D 69 36.57 -37.20 39.64
N SER D 70 36.20 -38.21 38.86
CA SER D 70 36.63 -39.58 39.09
C SER D 70 37.18 -40.17 37.79
N ASN D 71 37.94 -41.24 37.93
CA ASN D 71 38.57 -41.97 36.83
C ASN D 71 39.17 -41.02 35.79
N VAL D 72 40.07 -40.15 36.27
CA VAL D 72 40.67 -39.14 35.41
C VAL D 72 41.42 -39.81 34.26
N GLN D 73 41.13 -39.37 33.05
CA GLN D 73 41.73 -39.92 31.84
C GLN D 73 43.16 -39.38 31.68
N PRO D 74 44.07 -40.20 31.17
CA PRO D 74 45.49 -39.78 31.15
C PRO D 74 45.77 -38.49 30.41
N GLU D 75 44.99 -38.17 29.38
CA GLU D 75 45.19 -36.94 28.60
C GLU D 75 44.25 -35.83 29.03
N ASP D 76 43.95 -35.73 30.32
CA ASP D 76 43.13 -34.64 30.85
C ASP D 76 43.96 -33.55 31.52
N GLU D 77 45.27 -33.52 31.29
CA GLU D 77 46.09 -32.43 31.78
C GLU D 77 45.66 -31.13 31.12
N ALA D 78 45.46 -30.09 31.93
CA ALA D 78 44.89 -28.83 31.44
C ALA D 78 45.10 -27.78 32.52
N THR D 79 44.44 -26.63 32.36
CA THR D 79 44.36 -25.63 33.41
C THR D 79 42.89 -25.39 33.74
N TYR D 80 42.64 -25.02 34.98
CA TYR D 80 41.28 -24.90 35.50
C TYR D 80 41.08 -23.49 36.03
N ILE D 81 39.95 -22.87 35.67
CA ILE D 81 39.66 -21.48 36.01
C ILE D 81 38.34 -21.43 36.76
N CYS D 82 38.33 -20.72 37.88
CA CYS D 82 37.13 -20.53 38.69
C CYS D 82 36.58 -19.13 38.45
N ASN D 83 35.27 -19.05 38.24
CA ASN D 83 34.62 -17.82 37.82
C ASN D 83 33.58 -17.42 38.85
N THR D 84 33.51 -16.12 39.12
CA THR D 84 32.50 -15.53 40.02
C THR D 84 32.02 -14.23 39.35
N TYR D 85 30.98 -14.35 38.52
CA TYR D 85 30.55 -13.27 37.65
C TYR D 85 31.68 -12.69 36.82
N GLU D 86 32.13 -11.48 37.17
CA GLU D 86 33.02 -10.74 36.28
C GLU D 86 34.50 -10.97 36.60
N PHE D 87 34.81 -11.52 37.78
CA PHE D 87 36.20 -11.81 38.12
C PHE D 87 36.66 -13.04 37.36
N PHE D 88 37.86 -13.51 37.69
CA PHE D 88 38.35 -14.81 37.26
C PHE D 88 39.38 -15.25 38.28
N GLY D 89 39.35 -16.53 38.63
CA GLY D 89 40.17 -17.04 39.70
C GLY D 89 41.65 -17.07 39.36
N GLY D 90 42.39 -17.84 40.16
CA GLY D 90 43.81 -18.00 39.92
C GLY D 90 44.14 -19.14 38.98
N GLY D 91 43.26 -20.12 38.87
CA GLY D 91 43.49 -21.26 37.99
C GLY D 91 44.55 -22.21 38.51
N THR D 92 44.45 -23.49 38.11
CA THR D 92 45.38 -24.50 38.56
C THR D 92 45.78 -25.37 37.38
N LYS D 93 47.05 -25.75 37.32
CA LYS D 93 47.54 -26.63 36.26
C LYS D 93 47.45 -28.07 36.74
N LEU D 94 46.54 -28.84 36.15
CA LEU D 94 46.34 -30.24 36.49
C LEU D 94 47.14 -31.09 35.52
N THR D 95 48.09 -31.87 36.07
CA THR D 95 48.97 -32.71 35.26
C THR D 95 48.79 -34.16 35.70
N VAL D 96 48.46 -35.02 34.74
CA VAL D 96 48.26 -36.45 34.99
C VAL D 96 49.48 -37.19 34.46
N LEU D 97 50.14 -37.93 35.35
CA LEU D 97 51.35 -38.66 34.96
C LEU D 97 50.99 -39.88 34.12
N GLY D 98 51.94 -40.30 33.29
CA GLY D 98 51.74 -41.46 32.44
C GLY D 98 52.85 -42.49 32.57
N GLN E 1 29.14 58.84 6.55
CA GLN E 1 29.61 58.85 5.17
C GLN E 1 29.02 60.02 4.40
N VAL E 2 27.91 59.76 3.71
CA VAL E 2 27.29 60.78 2.87
C VAL E 2 26.66 61.85 3.76
N GLN E 3 26.97 63.11 3.47
CA GLN E 3 26.44 64.24 4.23
C GLN E 3 25.06 64.63 3.69
N ILE E 4 24.08 63.76 3.99
CA ILE E 4 22.71 64.01 3.57
C ILE E 4 22.15 65.20 4.34
N ASP E 5 21.55 66.14 3.62
CA ASP E 5 21.05 67.37 4.21
C ASP E 5 19.62 67.17 4.68
N ILE E 6 19.39 67.31 6.00
CA ILE E 6 18.07 67.25 6.59
C ILE E 6 17.88 68.49 7.45
N SER E 7 16.77 69.20 7.24
CA SER E 7 16.45 70.39 8.00
C SER E 7 15.15 70.18 8.75
N VAL E 8 15.06 70.74 9.96
CA VAL E 8 13.89 70.61 10.81
C VAL E 8 13.42 72.01 11.19
N ALA E 9 12.11 72.23 11.10
CA ALA E 9 11.55 73.51 11.52
C ALA E 9 11.68 73.64 13.04
N PRO E 10 12.07 74.82 13.53
CA PRO E 10 12.17 75.02 14.98
C PRO E 10 10.82 74.81 15.66
N GLY E 11 10.87 74.21 16.85
CA GLY E 11 9.67 73.91 17.60
C GLY E 11 9.02 72.58 17.28
N GLU E 12 9.53 71.84 16.30
CA GLU E 12 8.98 70.54 15.94
C GLU E 12 10.07 69.48 16.00
N THR E 13 9.69 68.27 16.37
CA THR E 13 10.63 67.18 16.54
C THR E 13 11.19 66.73 15.19
N ALA E 14 12.33 66.04 15.26
CA ALA E 14 12.98 65.48 14.08
C ALA E 14 13.35 64.03 14.35
N ARG E 15 13.40 63.23 13.29
CA ARG E 15 13.73 61.82 13.38
C ARG E 15 14.80 61.49 12.36
N ILE E 16 15.98 61.10 12.84
CA ILE E 16 17.12 60.76 11.99
C ILE E 16 17.31 59.25 12.03
N SER E 17 17.63 58.66 10.88
CA SER E 17 17.74 57.22 10.74
C SER E 17 19.19 56.82 10.46
N CYS E 18 19.58 55.66 10.98
CA CYS E 18 20.86 55.03 10.66
C CYS E 18 20.57 53.72 9.95
N GLY E 19 21.19 53.52 8.78
CA GLY E 19 20.83 52.42 7.92
C GLY E 19 21.38 51.09 8.37
N GLU E 20 21.06 50.06 7.57
CA GLU E 20 21.55 48.70 7.77
C GLU E 20 21.13 48.14 9.14
N LYS E 21 19.81 48.01 9.30
CA LYS E 21 19.29 47.37 10.50
C LYS E 21 19.79 45.94 10.62
N SER E 22 20.27 45.57 11.81
CA SER E 22 20.68 44.22 12.08
C SER E 22 19.48 43.38 12.52
N LEU E 23 19.73 42.13 12.90
CA LEU E 23 18.66 41.18 13.18
C LEU E 23 18.85 40.50 14.55
N GLY E 24 19.23 41.27 15.57
CA GLY E 24 19.41 40.71 16.88
C GLY E 24 19.47 41.80 17.94
N SER E 25 19.91 41.40 19.13
CA SER E 25 20.13 42.36 20.20
C SER E 25 21.24 43.33 19.82
N ARG E 26 21.03 44.61 20.12
CA ARG E 26 21.93 45.67 19.69
C ARG E 26 22.33 46.56 20.85
N ALA E 27 23.31 47.43 20.56
CA ALA E 27 23.76 48.48 21.46
C ALA E 27 24.16 49.66 20.58
N VAL E 28 23.42 50.74 20.66
CA VAL E 28 23.57 51.84 19.72
C VAL E 28 24.40 52.94 20.36
N GLN E 29 25.17 53.66 19.54
CA GLN E 29 25.84 54.87 19.98
C GLN E 29 25.67 55.95 18.91
N TRP E 30 25.52 57.19 19.36
CA TRP E 30 25.34 58.32 18.46
C TRP E 30 26.26 59.45 18.90
N TYR E 31 27.02 59.98 17.94
CA TYR E 31 28.03 60.99 18.22
C TYR E 31 27.79 62.21 17.34
N GLN E 32 28.27 63.35 17.83
CA GLN E 32 27.98 64.63 17.21
C GLN E 32 29.27 65.27 16.72
N HIS E 33 29.15 66.08 15.66
CA HIS E 33 30.28 66.78 15.06
C HIS E 33 29.84 68.21 14.78
N ARG E 34 30.34 69.14 15.58
CA ARG E 34 30.06 70.56 15.39
C ARG E 34 31.37 71.26 15.01
N ALA E 35 31.34 71.98 13.89
CA ALA E 35 32.52 72.71 13.46
C ALA E 35 32.93 73.74 14.50
N GLY E 36 34.20 73.74 14.87
CA GLY E 36 34.70 74.64 15.89
C GLY E 36 34.46 74.19 17.32
N GLN E 37 33.84 73.03 17.52
CA GLN E 37 33.55 72.52 18.86
C GLN E 37 33.98 71.07 18.96
N ALA E 38 34.22 70.63 20.20
CA ALA E 38 34.71 69.28 20.44
C ALA E 38 33.58 68.27 20.26
N PRO E 39 33.74 67.26 19.40
CA PRO E 39 32.72 66.23 19.27
C PRO E 39 32.49 65.49 20.58
N SER E 40 31.23 65.13 20.82
CA SER E 40 30.86 64.40 22.02
C SER E 40 29.63 63.56 21.72
N LEU E 41 29.41 62.55 22.55
CA LEU E 41 28.30 61.63 22.35
C LEU E 41 26.98 62.28 22.75
N ILE E 42 25.89 61.65 22.29
CA ILE E 42 24.54 62.01 22.72
C ILE E 42 23.89 60.86 23.47
N ILE E 43 24.05 59.64 22.97
CA ILE E 43 23.50 58.44 23.56
C ILE E 43 24.59 57.37 23.53
N TYR E 44 24.53 56.42 24.47
CA TYR E 44 25.45 55.30 24.48
C TYR E 44 24.77 53.94 24.56
N ASN E 45 23.56 53.88 25.11
CA ASN E 45 22.70 52.73 24.99
C ASN E 45 21.28 53.21 24.69
N ASN E 46 20.44 52.28 24.24
CA ASN E 46 19.13 52.64 23.72
C ASN E 46 18.33 53.50 24.70
N GLN E 47 18.32 53.13 25.98
CA GLN E 47 17.49 53.81 26.95
C GLN E 47 18.30 54.46 28.08
N ASP E 48 19.63 54.44 28.00
CA ASP E 48 20.48 55.08 28.99
C ASP E 48 21.29 56.17 28.29
N ARG E 49 21.37 57.34 28.93
CA ARG E 49 22.01 58.50 28.34
C ARG E 49 23.04 59.09 29.28
N PRO E 50 24.06 59.76 28.74
CA PRO E 50 25.05 60.40 29.61
C PRO E 50 24.52 61.70 30.19
N SER E 51 25.05 62.06 31.36
CA SER E 51 24.67 63.29 32.03
C SER E 51 25.22 64.50 31.27
N GLY E 52 24.78 65.67 31.70
CA GLY E 52 25.22 66.92 31.08
C GLY E 52 24.41 67.37 29.90
N ILE E 53 24.19 66.46 28.94
CA ILE E 53 23.40 66.81 27.75
C ILE E 53 21.94 66.96 28.14
N PRO E 54 21.24 67.98 27.66
CA PRO E 54 19.82 68.12 27.99
C PRO E 54 18.99 66.94 27.50
N GLU E 55 17.86 66.72 28.16
CA GLU E 55 17.03 65.54 27.98
C GLU E 55 16.29 65.53 26.64
N ARG E 56 16.37 66.63 25.87
CA ARG E 56 15.52 66.79 24.69
C ARG E 56 15.77 65.72 23.62
N PHE E 57 16.92 65.05 23.64
CA PHE E 57 17.20 64.00 22.67
C PHE E 57 16.84 62.64 23.23
N SER E 58 16.62 61.67 22.33
CA SER E 58 16.36 60.31 22.75
C SER E 58 16.62 59.36 21.58
N GLY E 59 16.79 58.08 21.92
CA GLY E 59 17.06 57.06 20.94
C GLY E 59 16.06 55.94 21.01
N SER E 60 15.89 55.23 19.90
CA SER E 60 14.87 54.19 19.80
C SER E 60 15.34 52.92 20.50
N PRO E 61 14.56 52.34 21.41
CA PRO E 61 14.94 51.07 22.04
C PRO E 61 14.53 49.89 21.15
N ASP E 62 15.50 49.03 20.83
CA ASP E 62 15.22 47.85 20.03
C ASP E 62 14.91 46.61 20.87
N SER E 63 13.96 46.70 21.80
CA SER E 63 13.57 45.51 22.54
C SER E 63 12.54 44.72 21.74
N PRO E 64 11.50 45.34 21.19
CA PRO E 64 10.71 44.65 20.16
C PRO E 64 11.46 44.64 18.83
N PHE E 65 11.12 43.66 18.00
CA PHE E 65 11.72 43.61 16.67
C PHE E 65 11.06 44.65 15.76
N GLY E 66 11.76 44.97 14.67
CA GLY E 66 11.28 45.97 13.73
C GLY E 66 11.53 47.40 14.16
N THR E 67 12.21 47.61 15.29
CA THR E 67 12.45 48.94 15.84
C THR E 67 13.88 49.35 15.50
N THR E 68 14.05 49.92 14.31
CA THR E 68 15.37 50.42 13.90
C THR E 68 15.78 51.58 14.81
N ALA E 69 17.09 51.69 15.03
CA ALA E 69 17.64 52.75 15.87
C ALA E 69 17.40 54.09 15.20
N THR E 70 16.42 54.84 15.70
CA THR E 70 16.08 56.15 15.17
C THR E 70 16.27 57.20 16.26
N LEU E 71 17.00 58.26 15.94
CA LEU E 71 17.30 59.32 16.90
C LEU E 71 16.22 60.38 16.80
N THR E 72 15.50 60.61 17.91
CA THR E 72 14.42 61.57 17.97
C THR E 72 14.89 62.80 18.73
N ILE E 73 14.81 63.96 18.09
CA ILE E 73 15.17 65.24 18.69
C ILE E 73 13.87 65.98 18.96
N THR E 74 13.55 66.15 20.24
CA THR E 74 12.35 66.86 20.67
C THR E 74 12.74 68.25 21.13
N SER E 75 11.88 69.23 20.83
CA SER E 75 12.14 70.64 21.17
C SER E 75 13.48 71.08 20.60
N VAL E 76 13.57 71.08 19.27
CA VAL E 76 14.82 71.37 18.60
C VAL E 76 15.26 72.80 18.91
N GLU E 77 16.57 73.03 18.80
CA GLU E 77 17.18 74.30 19.17
C GLU E 77 18.10 74.74 18.04
N ALA E 78 18.23 76.06 17.88
CA ALA E 78 19.07 76.62 16.82
C ALA E 78 20.53 76.20 16.95
N GLY E 79 20.96 75.79 18.15
CA GLY E 79 22.30 75.28 18.36
C GLY E 79 22.50 73.82 18.06
N ASP E 80 21.47 73.14 17.54
CA ASP E 80 21.55 71.72 17.24
C ASP E 80 22.19 71.41 15.89
N GLU E 81 22.47 72.43 15.07
CA GLU E 81 23.05 72.19 13.76
C GLU E 81 24.41 71.51 13.90
N ALA E 82 24.52 70.30 13.36
CA ALA E 82 25.74 69.51 13.50
C ALA E 82 25.67 68.34 12.54
N ASP E 83 26.61 67.41 12.69
CA ASP E 83 26.58 66.12 12.01
C ASP E 83 26.36 65.03 13.04
N TYR E 84 25.47 64.10 12.73
CA TYR E 84 25.12 63.00 13.63
C TYR E 84 25.56 61.69 13.01
N TYR E 85 26.36 60.93 13.76
CA TYR E 85 26.95 59.69 13.29
C TYR E 85 26.49 58.53 14.18
N CYS E 86 26.30 57.37 13.58
CA CYS E 86 25.83 56.19 14.29
C CYS E 86 26.91 55.12 14.31
N HIS E 87 27.13 54.53 15.48
CA HIS E 87 28.01 53.37 15.62
C HIS E 87 27.21 52.26 16.29
N ILE E 88 27.04 51.15 15.58
CA ILE E 88 26.12 50.10 15.98
C ILE E 88 26.94 48.91 16.47
N TRP E 89 26.55 48.36 17.62
CA TRP E 89 27.01 47.07 18.11
C TRP E 89 25.88 46.07 17.97
N ASP E 90 26.19 44.90 17.44
CA ASP E 90 25.16 44.02 16.90
C ASP E 90 25.55 42.56 17.07
N SER E 91 24.57 41.75 17.49
CA SER E 91 24.85 40.41 18.00
C SER E 91 25.07 39.40 16.88
N ARG E 92 24.04 39.17 16.06
CA ARG E 92 24.10 38.11 15.08
C ARG E 92 25.16 38.38 14.02
N VAL E 93 24.93 39.44 13.24
CA VAL E 93 25.84 39.94 12.15
C VAL E 93 27.14 40.38 12.82
N PRO E 94 28.34 40.28 12.18
CA PRO E 94 29.58 40.57 12.91
C PRO E 94 29.78 42.02 13.33
N THR E 95 30.98 42.27 13.86
CA THR E 95 31.36 43.59 14.35
C THR E 95 31.32 44.64 13.23
N LYS E 96 30.84 45.83 13.55
CA LYS E 96 30.84 46.98 12.65
C LYS E 96 31.90 47.95 13.14
N TRP E 97 33.13 47.78 12.66
CA TRP E 97 34.22 48.65 13.07
C TRP E 97 33.98 50.10 12.62
N VAL E 98 33.55 50.28 11.38
CA VAL E 98 33.38 51.61 10.82
C VAL E 98 32.01 52.14 11.21
N PHE E 99 31.93 53.45 11.45
CA PHE E 99 30.66 54.08 11.79
C PHE E 99 29.69 53.98 10.62
N GLY E 100 28.40 54.05 10.93
CA GLY E 100 27.37 53.98 9.92
C GLY E 100 27.25 55.27 9.14
N GLY E 101 26.36 55.25 8.16
CA GLY E 101 26.12 56.41 7.31
C GLY E 101 25.66 57.62 8.11
N GLY E 102 26.41 58.72 7.98
CA GLY E 102 26.12 59.89 8.79
C GLY E 102 25.01 60.74 8.23
N THR E 103 24.63 61.74 9.02
CA THR E 103 23.59 62.70 8.64
C THR E 103 24.03 64.09 9.02
N THR E 104 23.53 65.08 8.31
CA THR E 104 23.79 66.49 8.61
C THR E 104 22.46 67.15 8.97
N LEU E 105 22.37 67.67 10.20
CA LEU E 105 21.18 68.37 10.65
C LEU E 105 21.45 69.87 10.69
N THR E 106 20.59 70.64 10.04
CA THR E 106 20.64 72.09 10.04
C THR E 106 19.29 72.65 10.50
N VAL E 107 19.34 73.79 11.16
CA VAL E 107 18.17 74.41 11.76
C VAL E 107 17.66 75.51 10.82
N LEU E 108 16.39 75.42 10.45
CA LEU E 108 15.76 76.43 9.60
C LEU E 108 14.99 77.44 10.44
N GLN F 1 38.62 68.99 34.13
CA GLN F 1 38.36 67.57 34.25
C GLN F 1 39.43 66.74 33.55
N MET F 2 39.28 66.56 32.24
CA MET F 2 40.16 65.72 31.45
C MET F 2 40.64 66.52 30.24
N GLN F 3 41.96 66.55 30.04
CA GLN F 3 42.57 67.29 28.93
C GLN F 3 43.56 66.38 28.22
N LEU F 4 43.26 66.00 26.98
CA LEU F 4 44.12 65.15 26.18
C LEU F 4 44.93 66.05 25.25
N GLN F 5 46.22 66.23 25.55
CA GLN F 5 47.07 67.14 24.79
C GLN F 5 47.58 66.40 23.55
N GLU F 6 47.10 66.79 22.38
CA GLU F 6 47.47 66.13 21.13
C GLU F 6 48.62 66.88 20.48
N SER F 7 49.68 66.15 20.13
CA SER F 7 50.84 66.74 19.48
C SER F 7 51.29 65.83 18.35
N GLY F 8 51.92 66.45 17.34
CA GLY F 8 52.39 65.73 16.19
C GLY F 8 52.88 66.68 15.11
N PRO F 9 53.96 66.31 14.42
CA PRO F 9 54.47 67.17 13.36
C PRO F 9 53.46 67.41 12.24
N GLY F 10 52.63 66.42 11.92
CA GLY F 10 51.62 66.56 10.90
C GLY F 10 52.13 66.47 9.48
N LEU F 11 53.41 66.16 9.29
CA LEU F 11 53.98 66.07 7.94
C LEU F 11 55.02 64.96 7.95
N VAL F 12 54.86 63.99 7.04
CA VAL F 12 55.75 62.85 6.92
C VAL F 12 55.80 62.44 5.45
N LYS F 13 57.02 62.18 4.96
CA LYS F 13 57.19 61.77 3.57
C LYS F 13 56.53 60.42 3.33
N PRO F 14 56.14 60.14 2.08
CA PRO F 14 55.52 58.84 1.78
C PRO F 14 56.46 57.68 2.10
N SER F 15 55.85 56.55 2.48
CA SER F 15 56.58 55.35 2.89
C SER F 15 57.42 55.62 4.13
N GLU F 16 56.78 56.21 5.14
CA GLU F 16 57.42 56.50 6.41
C GLU F 16 56.37 56.57 7.49
N THR F 17 56.82 56.47 8.74
CA THR F 17 55.91 56.48 9.88
C THR F 17 55.39 57.89 10.15
N LEU F 18 54.06 58.00 10.32
CA LEU F 18 53.41 59.23 10.74
C LEU F 18 53.12 59.08 12.23
N SER F 19 53.92 59.75 13.06
CA SER F 19 53.89 59.56 14.50
C SER F 19 53.21 60.76 15.17
N LEU F 20 52.24 60.47 16.04
CA LEU F 20 51.63 61.49 16.87
C LEU F 20 51.49 60.95 18.28
N THR F 21 51.49 61.88 19.25
CA THR F 21 51.47 61.53 20.66
C THR F 21 50.33 62.26 21.35
N CYS F 22 49.52 61.51 22.09
CA CYS F 22 48.42 62.06 22.87
C CYS F 22 48.82 61.95 24.34
N SER F 23 49.30 63.04 24.90
CA SER F 23 49.68 63.08 26.30
C SER F 23 48.43 63.21 27.17
N VAL F 24 48.37 62.39 28.21
CA VAL F 24 47.26 62.40 29.16
C VAL F 24 47.64 63.30 30.32
N SER F 25 46.90 64.39 30.50
CA SER F 25 47.18 65.38 31.53
C SER F 25 46.13 65.45 32.63
N GLY F 26 44.88 65.13 32.32
CA GLY F 26 43.83 65.24 33.34
C GLY F 26 44.02 64.26 34.49
N ALA F 27 44.34 63.01 34.18
CA ALA F 27 44.50 61.99 35.21
C ALA F 27 45.53 60.96 34.71
N SER F 28 45.57 59.82 35.39
CA SER F 28 46.51 58.76 35.04
C SER F 28 46.03 58.00 33.81
N ILE F 29 47.00 57.46 33.06
CA ILE F 29 46.71 56.67 31.87
C ILE F 29 46.01 55.36 32.18
N SER F 30 46.04 54.91 33.43
CA SER F 30 45.46 53.63 33.82
C SER F 30 44.06 53.78 34.42
N ASP F 31 43.28 54.74 33.92
CA ASP F 31 41.92 54.95 34.40
C ASP F 31 40.85 54.46 33.42
N SER F 32 41.14 54.45 32.13
CA SER F 32 40.19 53.99 31.13
C SER F 32 40.96 53.61 29.87
N TYR F 33 40.29 52.90 28.97
CA TYR F 33 40.90 52.54 27.70
C TYR F 33 41.12 53.79 26.85
N TRP F 34 42.08 53.71 25.94
CA TRP F 34 42.41 54.83 25.05
C TRP F 34 42.27 54.36 23.61
N SER F 35 41.42 55.04 22.84
CA SER F 35 41.17 54.68 21.46
C SER F 35 41.48 55.85 20.54
N TRP F 36 41.52 55.56 19.24
CA TRP F 36 41.91 56.53 18.24
C TRP F 36 40.90 56.57 17.11
N ILE F 37 40.64 57.78 16.60
CA ILE F 37 39.65 58.00 15.56
C ILE F 37 40.25 58.90 14.49
N ARG F 38 40.09 58.50 13.23
CA ARG F 38 40.62 59.25 12.09
C ARG F 38 39.46 59.67 11.19
N ARG F 39 39.39 60.97 10.90
CA ARG F 39 38.37 61.53 10.03
C ARG F 39 39.03 62.02 8.74
N SER F 40 38.47 61.62 7.61
CA SER F 40 38.95 62.04 6.30
C SER F 40 37.77 62.50 5.45
N PRO F 41 38.01 63.43 4.53
CA PRO F 41 36.90 63.89 3.66
C PRO F 41 36.38 62.77 2.79
N GLY F 42 35.06 62.78 2.57
CA GLY F 42 34.41 61.79 1.75
C GLY F 42 33.86 60.58 2.48
N LYS F 43 34.33 60.31 3.69
CA LYS F 43 33.84 59.21 4.51
C LYS F 43 33.66 59.68 5.93
N GLY F 44 32.79 58.98 6.66
CA GLY F 44 32.60 59.28 8.06
C GLY F 44 33.83 58.95 8.89
N LEU F 45 33.88 59.55 10.09
CA LEU F 45 35.01 59.30 10.97
C LEU F 45 35.11 57.83 11.34
N GLU F 46 36.32 57.32 11.36
CA GLU F 46 36.59 55.89 11.53
C GLU F 46 37.27 55.62 12.86
N TRP F 47 36.82 54.56 13.53
CA TRP F 47 37.33 54.11 14.81
C TRP F 47 38.47 53.13 14.56
N ILE F 48 39.70 53.66 14.45
CA ILE F 48 40.77 52.85 13.87
C ILE F 48 41.19 51.72 14.82
N GLY F 49 41.23 51.98 16.11
CA GLY F 49 41.61 50.95 17.06
C GLY F 49 41.64 51.48 18.46
N TYR F 50 41.96 50.59 19.40
CA TYR F 50 42.00 50.98 20.81
C TYR F 50 43.11 50.23 21.52
N VAL F 51 43.45 50.72 22.71
CA VAL F 51 44.50 50.14 23.55
C VAL F 51 43.88 49.65 24.85
N HIS F 52 44.18 48.40 25.20
CA HIS F 52 43.71 47.81 26.43
C HIS F 52 44.48 48.40 27.62
N LYS F 53 43.99 48.11 28.84
CA LYS F 53 44.65 48.57 30.04
C LYS F 53 46.08 48.04 30.13
N SER F 54 46.29 46.77 29.80
CA SER F 54 47.59 46.14 29.84
C SER F 54 48.41 46.38 28.58
N GLY F 55 47.92 47.23 27.67
CA GLY F 55 48.61 47.46 26.42
C GLY F 55 48.29 46.48 25.32
N ASP F 56 47.35 45.56 25.55
CA ASP F 56 46.95 44.58 24.53
C ASP F 56 45.97 45.23 23.56
N THR F 57 46.52 46.07 22.69
CA THR F 57 45.73 46.87 21.77
C THR F 57 45.06 45.99 20.71
N ASN F 58 43.94 46.48 20.18
CA ASN F 58 43.20 45.83 19.12
C ASN F 58 43.00 46.81 17.96
N TYR F 59 43.07 46.27 16.75
CA TYR F 59 43.18 47.04 15.52
C TYR F 59 42.03 46.72 14.58
N SER F 60 41.75 47.66 13.68
CA SER F 60 40.77 47.41 12.64
C SER F 60 41.32 46.40 11.64
N PRO F 61 40.48 45.53 11.09
CA PRO F 61 40.97 44.55 10.12
C PRO F 61 41.57 45.16 8.86
N SER F 62 41.10 46.35 8.47
CA SER F 62 41.58 46.97 7.24
C SER F 62 43.06 47.31 7.31
N LEU F 63 43.51 47.86 8.43
CA LEU F 63 44.88 48.35 8.53
C LEU F 63 45.63 47.73 9.70
N LYS F 64 45.52 46.42 9.87
CA LYS F 64 46.16 45.77 11.01
C LYS F 64 47.69 45.88 10.94
N SER F 65 48.26 45.75 9.74
CA SER F 65 49.70 45.79 9.55
C SER F 65 50.19 47.15 9.08
N ARG F 66 49.32 48.16 9.02
CA ARG F 66 49.69 49.48 8.52
C ARG F 66 49.99 50.48 9.63
N VAL F 67 49.53 50.24 10.86
CA VAL F 67 49.65 51.21 11.93
C VAL F 67 50.16 50.51 13.19
N ASN F 68 50.70 51.30 14.12
CA ASN F 68 51.24 50.80 15.37
C ASN F 68 50.79 51.68 16.52
N LEU F 69 50.47 51.06 17.66
CA LEU F 69 50.08 51.75 18.88
C LEU F 69 51.02 51.33 20.02
N SER F 70 51.28 52.28 20.92
CA SER F 70 52.07 51.98 22.10
C SER F 70 51.61 52.85 23.27
N LEU F 71 51.81 52.34 24.48
CA LEU F 71 51.48 53.04 25.71
C LEU F 71 52.71 53.04 26.60
N ASP F 72 53.02 54.19 27.18
CA ASP F 72 54.17 54.35 28.05
C ASP F 72 53.70 54.79 29.44
N THR F 73 54.23 54.16 30.47
CA THR F 73 53.85 54.47 31.84
C THR F 73 54.75 55.52 32.49
N SER F 74 56.00 55.62 32.06
CA SER F 74 56.89 56.65 32.61
C SER F 74 56.38 58.04 32.29
N LYS F 75 55.94 58.27 31.05
CA LYS F 75 55.31 59.51 30.65
C LYS F 75 53.86 59.21 30.28
N ASN F 76 52.93 59.94 30.88
CA ASN F 76 51.50 59.66 30.72
C ASN F 76 51.05 60.10 29.33
N GLN F 77 51.33 59.23 28.36
CA GLN F 77 51.00 59.52 26.97
C GLN F 77 50.80 58.21 26.22
N VAL F 78 50.05 58.29 25.12
CA VAL F 78 49.92 57.19 24.18
C VAL F 78 50.52 57.64 22.85
N SER F 79 51.01 56.68 22.07
CA SER F 79 51.69 56.97 20.82
C SER F 79 51.05 56.19 19.69
N LEU F 80 50.75 56.87 18.59
CA LEU F 80 50.24 56.27 17.38
C LEU F 80 51.22 56.53 16.24
N SER F 81 51.39 55.55 15.35
CA SER F 81 52.39 55.68 14.30
C SER F 81 51.92 54.91 13.07
N LEU F 82 51.55 55.64 12.02
CA LEU F 82 51.27 55.04 10.74
C LEU F 82 52.56 54.52 10.11
N VAL F 83 52.47 53.40 9.40
CA VAL F 83 53.62 52.77 8.76
C VAL F 83 53.41 52.79 7.26
N ALA F 84 54.36 53.38 6.53
CA ALA F 84 54.32 53.47 5.07
C ALA F 84 53.03 54.16 4.61
N ALA F 85 52.80 55.34 5.14
CA ALA F 85 51.59 56.09 4.85
C ALA F 85 51.65 56.70 3.45
N THR F 86 50.48 56.93 2.87
CA THR F 86 50.30 57.58 1.58
C THR F 86 49.53 58.88 1.77
N ALA F 87 49.16 59.51 0.65
CA ALA F 87 48.48 60.79 0.69
C ALA F 87 46.99 60.68 1.01
N ALA F 88 46.45 59.47 1.10
CA ALA F 88 45.02 59.28 1.37
C ALA F 88 44.68 59.29 2.85
N ASP F 89 45.69 59.32 3.73
CA ASP F 89 45.46 59.29 5.17
C ASP F 89 45.26 60.68 5.77
N SER F 90 45.57 61.74 5.03
CA SER F 90 45.52 63.09 5.56
C SER F 90 44.10 63.44 6.03
N GLY F 91 44.03 64.19 7.13
CA GLY F 91 42.76 64.54 7.73
C GLY F 91 42.85 65.01 9.16
N LYS F 92 42.04 64.43 10.04
CA LYS F 92 41.99 64.82 11.44
C LYS F 92 42.09 63.57 12.31
N TYR F 93 42.75 63.69 13.46
CA TYR F 93 42.81 62.62 14.44
C TYR F 93 42.27 63.08 15.78
N TYR F 94 41.68 62.12 16.50
CA TYR F 94 41.20 62.30 17.86
C TYR F 94 41.69 61.13 18.70
N CYS F 95 42.23 61.42 19.89
CA CYS F 95 42.47 60.42 20.91
C CYS F 95 41.38 60.55 21.97
N ALA F 96 40.68 59.45 22.23
CA ALA F 96 39.47 59.50 23.05
C ALA F 96 39.51 58.44 24.14
N ARG F 97 38.99 58.83 25.31
CA ARG F 97 38.80 57.89 26.41
C ARG F 97 37.62 56.98 26.08
N THR F 98 37.75 55.70 26.42
CA THR F 98 36.71 54.71 26.18
C THR F 98 36.57 53.82 27.40
N LEU F 99 35.34 53.38 27.63
CA LEU F 99 34.96 52.68 28.85
C LEU F 99 34.50 51.26 28.52
N HIS F 100 34.64 50.39 29.51
CA HIS F 100 34.23 48.99 29.35
C HIS F 100 32.72 48.92 29.14
N GLY F 101 32.29 47.94 28.35
CA GLY F 101 30.88 47.69 28.10
C GLY F 101 30.50 46.30 28.57
N ARG F 102 29.27 46.16 29.12
CA ARG F 102 28.85 44.84 29.66
C ARG F 102 27.35 44.61 29.51
N ARG F 103 26.90 44.20 28.32
CA ARG F 103 25.51 43.83 28.08
C ARG F 103 25.43 42.33 27.86
N ILE F 104 24.42 41.71 28.45
CA ILE F 104 24.24 40.27 28.40
C ILE F 104 22.87 39.98 27.81
N TYR F 105 22.80 39.09 26.82
CA TYR F 105 21.54 38.68 26.24
C TYR F 105 21.31 37.18 26.34
N GLY F 106 22.34 36.39 26.62
CA GLY F 106 22.17 34.96 26.79
C GLY F 106 22.37 34.52 28.22
N ILE F 107 23.19 33.49 28.42
CA ILE F 107 23.55 33.01 29.76
C ILE F 107 25.05 33.08 29.88
N VAL F 108 25.53 33.70 30.96
CA VAL F 108 26.96 33.99 31.10
C VAL F 108 27.78 32.71 31.04
N ALA F 109 27.31 31.65 31.70
CA ALA F 109 28.05 30.40 31.73
C ALA F 109 28.28 29.82 30.34
N PHE F 110 27.47 30.20 29.36
CA PHE F 110 27.59 29.69 28.00
C PHE F 110 28.22 30.71 27.06
N ASN F 111 28.84 31.78 27.60
CA ASN F 111 29.23 33.00 26.90
C ASN F 111 28.00 33.87 26.60
N GLU F 112 27.69 34.09 25.33
CA GLU F 112 26.53 34.86 24.89
C GLU F 112 26.48 36.26 25.52
N TRP F 113 27.47 37.07 25.17
CA TRP F 113 27.36 38.51 25.37
C TRP F 113 28.39 39.18 24.45
N PHE F 114 28.47 40.50 24.55
CA PHE F 114 29.40 41.27 23.74
C PHE F 114 29.95 42.42 24.57
N THR F 115 31.12 42.90 24.17
CA THR F 115 31.79 44.02 24.84
C THR F 115 31.70 45.23 23.93
N TYR F 116 30.89 46.21 24.32
CA TYR F 116 30.67 47.41 23.53
C TYR F 116 31.49 48.56 24.09
N PHE F 117 32.12 49.32 23.20
CA PHE F 117 32.90 50.49 23.60
C PHE F 117 32.27 51.74 23.00
N TYR F 118 32.28 52.82 23.78
CA TYR F 118 31.80 54.11 23.33
C TYR F 118 32.77 55.19 23.80
N MET F 119 32.43 56.43 23.48
CA MET F 119 33.30 57.56 23.74
C MET F 119 32.68 58.43 24.84
N ASP F 120 33.51 58.89 25.77
CA ASP F 120 33.05 59.72 26.88
C ASP F 120 33.52 61.17 26.74
N VAL F 121 34.83 61.37 26.63
CA VAL F 121 35.41 62.69 26.42
C VAL F 121 36.43 62.58 25.30
N TRP F 122 36.27 63.42 24.28
CA TRP F 122 37.16 63.41 23.13
C TRP F 122 38.29 64.41 23.32
N GLY F 123 39.17 64.47 22.33
CA GLY F 123 40.18 65.51 22.27
C GLY F 123 39.80 66.57 21.25
N ASN F 124 40.54 67.69 21.29
CA ASN F 124 40.31 68.75 20.32
C ASN F 124 40.79 68.38 18.93
N GLY F 125 41.57 67.31 18.79
CA GLY F 125 41.96 66.79 17.49
C GLY F 125 43.22 67.45 16.95
N THR F 126 43.85 66.78 16.00
CA THR F 126 45.02 67.31 15.31
C THR F 126 44.83 67.16 13.81
N GLN F 127 45.26 68.17 13.06
CA GLN F 127 45.14 68.17 11.61
C GLN F 127 46.45 67.69 10.99
N VAL F 128 46.35 66.76 10.05
CA VAL F 128 47.49 66.22 9.34
C VAL F 128 47.28 66.40 7.85
N THR F 129 48.34 66.85 7.17
CA THR F 129 48.32 67.06 5.73
C THR F 129 49.59 66.42 5.16
N VAL F 130 49.46 65.21 4.63
CA VAL F 130 50.58 64.47 4.07
C VAL F 130 50.58 64.66 2.56
N SER F 131 51.70 65.18 2.04
CA SER F 131 51.82 65.44 0.61
C SER F 131 53.30 65.58 0.28
N SER F 132 53.61 65.50 -1.01
CA SER F 132 54.99 65.66 -1.46
C SER F 132 55.49 67.07 -1.21
N ALA F 133 54.70 68.08 -1.57
CA ALA F 133 55.08 69.47 -1.38
C ALA F 133 53.86 70.38 -1.42
N ALA G 1 -43.82 -52.98 18.31
CA ALA G 1 -45.28 -53.09 18.29
C ALA G 1 -45.88 -52.26 17.16
N GLU G 2 -46.63 -51.21 17.53
CA GLU G 2 -47.23 -50.32 16.55
C GLU G 2 -46.97 -48.85 16.81
N ASN G 3 -46.69 -48.44 18.05
CA ASN G 3 -46.45 -47.03 18.38
C ASN G 3 -45.04 -46.61 17.96
N LEU G 4 -44.95 -46.04 16.77
CA LEU G 4 -43.68 -45.51 16.25
C LEU G 4 -43.48 -44.12 16.83
N TRP G 5 -42.46 -43.97 17.68
CA TRP G 5 -42.16 -42.71 18.34
C TRP G 5 -40.89 -42.13 17.73
N VAL G 6 -40.98 -40.92 17.18
CA VAL G 6 -39.81 -40.27 16.63
C VAL G 6 -38.91 -39.80 17.77
N THR G 7 -37.60 -39.97 17.60
CA THR G 7 -36.61 -39.52 18.55
C THR G 7 -35.46 -38.92 17.78
N VAL G 8 -34.73 -38.02 18.43
CA VAL G 8 -33.54 -37.42 17.84
C VAL G 8 -32.35 -37.73 18.75
N TYR G 9 -31.27 -38.21 18.14
CA TYR G 9 -30.05 -38.59 18.82
C TYR G 9 -28.94 -37.63 18.43
N TYR G 10 -28.21 -37.15 19.43
CA TYR G 10 -27.05 -36.31 19.18
C TYR G 10 -25.80 -37.19 19.07
N GLY G 11 -24.74 -36.60 18.52
CA GLY G 11 -23.50 -37.35 18.37
C GLY G 11 -23.57 -38.49 17.38
N VAL G 12 -24.61 -38.54 16.55
CA VAL G 12 -24.75 -39.63 15.58
C VAL G 12 -23.61 -39.56 14.57
N PRO G 13 -22.88 -40.64 14.36
CA PRO G 13 -21.88 -40.63 13.28
C PRO G 13 -22.53 -40.71 11.91
N VAL G 14 -22.61 -39.57 11.23
CA VAL G 14 -23.07 -39.52 9.84
C VAL G 14 -22.60 -38.20 9.25
N TRP G 15 -22.10 -38.27 8.03
CA TRP G 15 -21.43 -37.14 7.39
C TRP G 15 -22.04 -36.89 6.03
N LYS G 16 -21.58 -35.82 5.37
CA LYS G 16 -21.95 -35.52 4.00
C LYS G 16 -20.77 -34.90 3.29
N ASP G 17 -20.89 -34.79 1.97
CA ASP G 17 -19.88 -34.11 1.17
C ASP G 17 -20.15 -32.61 1.20
N ALA G 18 -19.08 -31.82 1.29
CA ALA G 18 -19.22 -30.38 1.37
C ALA G 18 -17.95 -29.71 0.89
N GLU G 19 -18.07 -28.42 0.57
CA GLU G 19 -16.95 -27.57 0.22
C GLU G 19 -16.71 -26.60 1.36
N THR G 20 -15.44 -26.50 1.80
CA THR G 20 -15.11 -25.64 2.93
C THR G 20 -13.65 -25.23 2.82
N THR G 21 -13.30 -24.20 3.58
CA THR G 21 -11.95 -23.65 3.57
C THR G 21 -11.10 -24.38 4.59
N LEU G 22 -10.03 -25.03 4.12
CA LEU G 22 -9.15 -25.79 4.98
C LEU G 22 -8.07 -24.89 5.58
N PHE G 23 -7.27 -25.46 6.48
CA PHE G 23 -6.24 -24.69 7.16
C PHE G 23 -4.87 -25.36 7.11
N CYS G 24 -3.85 -24.52 6.88
CA CYS G 24 -2.47 -24.93 6.74
C CYS G 24 -1.86 -25.29 8.10
N ALA G 25 -0.66 -25.87 8.04
CA ALA G 25 0.09 -26.20 9.23
C ALA G 25 1.55 -26.41 8.83
N SER G 26 2.47 -25.83 9.61
CA SER G 26 3.89 -25.89 9.30
C SER G 26 4.60 -26.81 10.29
N ASP G 27 5.72 -27.36 9.85
CA ASP G 27 6.42 -28.39 10.61
C ASP G 27 7.43 -27.77 11.57
N ALA G 28 7.74 -28.54 12.62
CA ALA G 28 8.79 -28.13 13.55
C ALA G 28 10.14 -28.04 12.86
N LYS G 29 10.34 -28.81 11.79
CA LYS G 29 11.57 -28.69 11.00
C LYS G 29 11.69 -27.29 10.42
N ALA G 30 10.59 -26.76 9.87
CA ALA G 30 10.59 -25.39 9.38
C ALA G 30 10.70 -24.39 10.52
N TYR G 31 10.02 -24.68 11.63
CA TYR G 31 9.98 -23.77 12.81
C TYR G 31 11.34 -23.66 13.51
N GLU G 32 12.23 -24.65 13.34
CA GLU G 32 13.52 -24.61 14.01
C GLU G 32 14.31 -23.37 13.62
N THR G 33 14.26 -23.00 12.34
CA THR G 33 14.81 -21.74 11.86
C THR G 33 13.69 -20.71 11.71
N GLU G 34 13.99 -19.48 12.08
CA GLU G 34 12.98 -18.42 12.11
C GLU G 34 13.62 -17.13 11.62
N LYS G 35 12.94 -16.01 11.87
CA LYS G 35 13.40 -14.68 11.49
C LYS G 35 13.57 -14.56 9.97
N HIS G 36 12.60 -15.13 9.24
CA HIS G 36 12.52 -15.05 7.79
C HIS G 36 13.72 -15.69 7.09
N ASN G 37 14.47 -16.54 7.80
CA ASN G 37 15.57 -17.26 7.17
C ASN G 37 15.07 -18.26 6.12
N VAL G 38 13.79 -18.62 6.16
CA VAL G 38 13.18 -19.53 5.22
C VAL G 38 11.83 -18.96 4.78
N TRP G 39 11.11 -19.74 3.98
CA TRP G 39 9.88 -19.28 3.34
C TRP G 39 8.67 -19.96 3.98
N ALA G 40 7.62 -19.18 4.23
CA ALA G 40 6.34 -19.66 4.75
C ALA G 40 6.53 -20.49 6.04
N THR G 41 7.32 -19.92 6.95
CA THR G 41 7.57 -20.57 8.23
C THR G 41 6.75 -20.00 9.38
N HIS G 42 6.38 -18.72 9.33
CA HIS G 42 5.58 -18.09 10.37
C HIS G 42 4.12 -17.91 9.95
N ALA G 43 3.70 -18.54 8.86
CA ALA G 43 2.37 -18.34 8.29
C ALA G 43 1.40 -19.47 8.63
N CYS G 44 1.77 -20.37 9.53
CA CYS G 44 0.95 -21.53 9.85
C CYS G 44 1.06 -21.85 11.34
N VAL G 45 0.13 -22.67 11.81
CA VAL G 45 0.17 -23.19 13.18
C VAL G 45 1.24 -24.28 13.23
N PRO G 46 1.91 -24.47 14.36
CA PRO G 46 2.72 -25.69 14.52
C PRO G 46 1.86 -26.93 14.38
N THR G 47 2.41 -27.94 13.72
CA THR G 47 1.66 -29.16 13.45
C THR G 47 1.77 -30.10 14.63
N ASP G 48 0.64 -30.57 15.13
CA ASP G 48 0.63 -31.50 16.25
C ASP G 48 1.24 -32.82 15.83
N PRO G 49 2.22 -33.35 16.56
CA PRO G 49 2.78 -34.66 16.24
C PRO G 49 1.81 -35.77 16.65
N ASN G 50 2.30 -37.02 16.53
CA ASN G 50 1.66 -38.27 16.92
C ASN G 50 0.13 -38.20 16.83
N PRO G 51 -0.41 -38.06 15.61
CA PRO G 51 -1.85 -37.81 15.46
C PRO G 51 -2.69 -38.98 15.97
N GLN G 52 -3.99 -38.70 16.11
CA GLN G 52 -4.96 -39.63 16.66
C GLN G 52 -5.75 -40.35 15.57
N GLU G 53 -5.07 -40.71 14.47
CA GLU G 53 -5.72 -41.40 13.37
C GLU G 53 -6.36 -42.69 13.85
N ILE G 54 -7.60 -42.92 13.41
CA ILE G 54 -8.38 -44.09 13.78
C ILE G 54 -8.73 -44.85 12.52
N HIS G 55 -8.48 -46.16 12.52
CA HIS G 55 -8.79 -47.01 11.38
C HIS G 55 -10.27 -47.39 11.42
N LEU G 56 -11.00 -46.98 10.39
CA LEU G 56 -12.42 -47.31 10.27
C LEU G 56 -12.59 -48.62 9.51
N GLU G 57 -13.82 -49.13 9.51
CA GLU G 57 -14.15 -50.36 8.82
C GLU G 57 -15.57 -50.29 8.30
N ASN G 58 -15.85 -51.14 7.30
CA ASN G 58 -17.19 -51.33 6.75
C ASN G 58 -17.80 -50.01 6.28
N VAL G 59 -16.99 -49.17 5.63
CA VAL G 59 -17.44 -47.93 5.03
C VAL G 59 -16.97 -47.90 3.59
N THR G 60 -17.91 -47.68 2.66
CA THR G 60 -17.60 -47.63 1.23
C THR G 60 -17.93 -46.22 0.73
N GLU G 61 -16.96 -45.32 0.85
CA GLU G 61 -17.07 -43.98 0.32
C GLU G 61 -16.37 -43.91 -1.04
N GLU G 62 -16.82 -42.95 -1.86
CA GLU G 62 -16.31 -42.78 -3.20
C GLU G 62 -15.58 -41.44 -3.33
N PHE G 63 -14.49 -41.45 -4.10
CA PHE G 63 -13.76 -40.24 -4.43
C PHE G 63 -13.90 -39.94 -5.92
N ASN G 64 -13.62 -38.69 -6.26
CA ASN G 64 -13.55 -38.25 -7.67
C ASN G 64 -12.42 -37.24 -7.75
N MET G 65 -11.22 -37.73 -8.07
CA MET G 65 -10.03 -36.88 -8.06
C MET G 65 -10.15 -35.71 -9.02
N TRP G 66 -10.98 -35.83 -10.07
CA TRP G 66 -11.05 -34.80 -11.09
C TRP G 66 -12.08 -33.73 -10.78
N LYS G 67 -13.14 -34.07 -10.03
CA LYS G 67 -14.20 -33.12 -9.74
C LYS G 67 -14.39 -32.94 -8.23
N ASN G 68 -13.28 -32.78 -7.51
CA ASN G 68 -13.29 -32.67 -6.06
C ASN G 68 -12.75 -31.32 -5.64
N ASN G 69 -13.16 -30.87 -4.45
CA ASN G 69 -12.67 -29.62 -3.89
C ASN G 69 -11.29 -29.86 -3.27
N MET G 70 -10.80 -28.86 -2.52
CA MET G 70 -9.58 -28.93 -1.73
C MET G 70 -8.33 -28.99 -2.61
N VAL G 71 -8.51 -29.09 -3.92
CA VAL G 71 -7.41 -29.09 -4.86
C VAL G 71 -7.34 -27.77 -5.65
N GLU G 72 -8.49 -27.20 -5.99
CA GLU G 72 -8.54 -25.90 -6.62
C GLU G 72 -8.26 -24.76 -5.64
N GLN G 73 -8.32 -25.02 -4.34
CA GLN G 73 -8.11 -23.99 -3.33
C GLN G 73 -6.66 -23.94 -2.85
N MET G 74 -5.97 -25.07 -2.80
CA MET G 74 -4.57 -25.05 -2.40
C MET G 74 -3.72 -24.26 -3.39
N HIS G 75 -4.04 -24.34 -4.69
CA HIS G 75 -3.34 -23.54 -5.68
C HIS G 75 -3.57 -22.05 -5.43
N THR G 76 -4.80 -21.67 -5.07
CA THR G 76 -5.09 -20.28 -4.73
C THR G 76 -4.29 -19.83 -3.50
N ASP G 77 -4.22 -20.69 -2.48
CA ASP G 77 -3.43 -20.36 -1.30
C ASP G 77 -1.96 -20.18 -1.66
N ILE G 78 -1.43 -21.07 -2.49
CA ILE G 78 -0.02 -21.00 -2.88
C ILE G 78 0.25 -19.72 -3.65
N ILE G 79 -0.62 -19.38 -4.59
CA ILE G 79 -0.38 -18.17 -5.39
C ILE G 79 -0.52 -16.92 -4.52
N SER G 80 -1.47 -16.91 -3.58
CA SER G 80 -1.62 -15.75 -2.71
C SER G 80 -0.40 -15.58 -1.81
N LEU G 81 0.10 -16.68 -1.25
CA LEU G 81 1.30 -16.59 -0.40
C LEU G 81 2.51 -16.14 -1.22
N TRP G 82 2.68 -16.70 -2.42
CA TRP G 82 3.79 -16.30 -3.28
C TRP G 82 3.72 -14.83 -3.62
N ASP G 83 2.52 -14.34 -3.94
CA ASP G 83 2.34 -12.92 -4.25
C ASP G 83 2.65 -12.04 -3.04
N GLN G 84 2.16 -12.43 -1.86
CA GLN G 84 2.42 -11.62 -0.67
C GLN G 84 3.87 -11.70 -0.22
N SER G 85 4.64 -12.67 -0.73
CA SER G 85 6.04 -12.79 -0.38
C SER G 85 6.93 -11.77 -1.08
N LEU G 86 6.37 -10.95 -1.99
CA LEU G 86 7.15 -9.99 -2.76
C LEU G 86 6.83 -8.55 -2.42
N LYS G 87 5.88 -8.29 -1.52
CA LYS G 87 5.51 -6.91 -1.20
C LYS G 87 6.66 -6.08 -0.65
N PRO G 88 7.43 -6.54 0.35
CA PRO G 88 8.50 -5.70 0.89
C PRO G 88 9.82 -5.76 0.13
N CYS G 89 9.87 -6.45 -1.01
CA CYS G 89 11.12 -6.58 -1.75
C CYS G 89 11.28 -5.47 -2.78
N VAL G 90 12.49 -5.37 -3.31
CA VAL G 90 12.89 -4.24 -4.14
C VAL G 90 12.11 -4.23 -5.45
N LYS G 91 11.99 -3.04 -6.05
CA LYS G 91 11.45 -2.86 -7.39
C LYS G 91 12.56 -2.42 -8.33
N LEU G 92 12.39 -2.75 -9.61
CA LEU G 92 13.41 -2.48 -10.63
C LEU G 92 13.00 -1.36 -11.58
N THR G 93 12.09 -0.49 -11.12
CA THR G 93 11.47 0.52 -11.98
C THR G 93 12.45 1.37 -12.78
N PRO G 94 13.53 1.93 -12.22
CA PRO G 94 14.45 2.73 -13.04
C PRO G 94 15.52 1.94 -13.76
N LEU G 95 15.36 0.63 -13.91
CA LEU G 95 16.42 -0.21 -14.45
C LEU G 95 16.44 -0.25 -15.98
N CYS G 96 15.30 -0.02 -16.64
CA CYS G 96 15.16 -0.35 -18.06
C CYS G 96 15.77 0.73 -18.96
N VAL G 97 17.04 1.00 -18.71
CA VAL G 97 17.82 1.91 -19.53
C VAL G 97 18.39 1.11 -20.70
N THR G 98 18.74 1.82 -21.78
CA THR G 98 19.23 1.16 -22.98
C THR G 98 20.57 0.49 -22.73
N LEU G 99 20.57 -0.84 -22.69
CA LEU G 99 21.79 -1.60 -22.40
C LEU G 99 22.71 -1.58 -23.61
N GLN G 100 23.91 -1.03 -23.45
CA GLN G 100 24.94 -1.16 -24.48
C GLN G 100 25.70 -2.45 -24.19
N CYS G 101 25.50 -3.46 -25.02
CA CYS G 101 25.89 -4.81 -24.67
C CYS G 101 26.75 -5.43 -25.75
N THR G 102 27.67 -6.30 -25.33
CA THR G 102 28.50 -7.07 -26.23
C THR G 102 28.60 -8.52 -25.75
N ASN G 103 29.50 -9.27 -26.37
CA ASN G 103 29.66 -10.68 -26.11
C ASN G 103 30.77 -10.92 -25.10
N VAL G 104 30.60 -11.95 -24.27
CA VAL G 104 31.68 -12.37 -23.39
C VAL G 104 32.82 -12.90 -24.25
N THR G 105 34.05 -12.53 -23.90
CA THR G 105 35.20 -12.88 -24.72
C THR G 105 35.54 -14.36 -24.57
N ASN G 106 34.59 -15.22 -24.94
CA ASN G 106 34.71 -16.67 -24.84
C ASN G 106 35.21 -17.24 -26.15
N ASN G 107 35.63 -18.51 -26.09
CA ASN G 107 36.07 -19.25 -27.27
C ASN G 107 34.90 -20.01 -27.89
N ILE G 108 33.84 -19.27 -28.19
CA ILE G 108 32.61 -19.85 -28.69
C ILE G 108 32.80 -20.33 -30.12
N THR G 109 32.06 -21.36 -30.49
CA THR G 109 31.96 -21.79 -31.87
C THR G 109 30.79 -21.09 -32.54
N ASP G 110 30.53 -21.43 -33.82
CA ASP G 110 29.40 -20.83 -34.51
C ASP G 110 28.08 -21.29 -33.93
N ASP G 111 27.97 -22.57 -33.58
CA ASP G 111 26.71 -23.10 -33.05
C ASP G 111 26.45 -22.61 -31.64
N MET G 112 27.46 -22.69 -30.77
CA MET G 112 27.26 -22.37 -29.36
C MET G 112 27.15 -20.86 -29.17
N ARG G 113 25.91 -20.35 -29.25
CA ARG G 113 25.69 -18.91 -29.10
C ARG G 113 26.12 -18.46 -27.72
N GLY G 114 26.67 -17.24 -27.65
CA GLY G 114 27.12 -16.70 -26.39
C GLY G 114 26.01 -16.61 -25.37
N GLU G 115 26.05 -17.48 -24.36
CA GLU G 115 24.98 -17.54 -23.38
C GLU G 115 25.13 -16.50 -22.28
N LEU G 116 26.20 -15.72 -22.28
CA LEU G 116 26.39 -14.63 -21.35
C LEU G 116 26.63 -13.35 -22.15
N LYS G 117 25.77 -12.36 -21.96
CA LYS G 117 25.86 -11.08 -22.63
C LYS G 117 26.35 -10.05 -21.61
N ASN G 118 27.41 -9.33 -21.97
CA ASN G 118 28.05 -8.37 -21.07
C ASN G 118 27.54 -6.98 -21.42
N CYS G 119 26.65 -6.45 -20.59
CA CYS G 119 25.97 -5.20 -20.90
C CYS G 119 26.35 -4.13 -19.87
N SER G 120 26.57 -2.92 -20.36
CA SER G 120 26.81 -1.75 -19.52
C SER G 120 25.70 -0.73 -19.73
N PHE G 121 25.41 0.02 -18.66
CA PHE G 121 24.28 0.95 -18.70
C PHE G 121 24.47 1.99 -17.60
N ASN G 122 23.51 2.91 -17.51
CA ASN G 122 23.55 4.04 -16.61
C ASN G 122 22.51 3.84 -15.50
N MET G 123 22.86 4.33 -14.31
CA MET G 123 22.05 4.10 -13.12
C MET G 123 22.11 5.34 -12.24
N THR G 124 21.05 5.55 -11.47
CA THR G 124 20.92 6.72 -10.61
C THR G 124 21.31 6.34 -9.18
N THR G 125 22.34 6.99 -8.65
CA THR G 125 22.79 6.74 -7.29
C THR G 125 21.90 7.52 -6.30
N GLU G 126 22.32 7.57 -5.04
CA GLU G 126 21.55 8.28 -4.02
C GLU G 126 21.43 9.76 -4.37
N LEU G 127 22.53 10.37 -4.79
CA LEU G 127 22.53 11.78 -5.18
C LEU G 127 21.81 11.91 -6.51
N ARG G 128 20.59 12.45 -6.48
CA ARG G 128 19.74 12.44 -7.67
C ARG G 128 20.32 13.24 -8.82
N ASP G 129 21.31 14.10 -8.55
CA ASP G 129 21.90 14.90 -9.61
C ASP G 129 22.88 14.10 -10.47
N LYS G 130 23.50 13.07 -9.92
CA LYS G 130 24.58 12.36 -10.60
C LYS G 130 24.11 10.99 -11.09
N LYS G 131 24.83 10.49 -12.10
CA LYS G 131 24.54 9.19 -12.70
C LYS G 131 25.85 8.43 -12.87
N GLN G 132 25.77 7.10 -12.79
CA GLN G 132 26.93 6.24 -12.86
C GLN G 132 26.78 5.23 -14.00
N LYS G 133 27.90 4.69 -14.44
CA LYS G 133 27.93 3.66 -15.47
C LYS G 133 28.40 2.35 -14.85
N VAL G 134 27.57 1.31 -14.95
CA VAL G 134 27.89 0.03 -14.36
C VAL G 134 27.71 -1.07 -15.41
N TYR G 135 28.43 -2.17 -15.20
CA TYR G 135 28.41 -3.31 -16.10
C TYR G 135 27.87 -4.54 -15.37
N SER G 136 27.34 -5.49 -16.15
CA SER G 136 26.79 -6.71 -15.58
C SER G 136 26.67 -7.76 -16.68
N LEU G 137 26.30 -8.97 -16.27
CA LEU G 137 26.17 -10.11 -17.15
C LEU G 137 24.74 -10.61 -17.11
N PHE G 138 24.16 -10.89 -18.29
CA PHE G 138 22.81 -11.42 -18.38
C PHE G 138 22.81 -12.67 -19.24
N TYR G 139 21.84 -13.55 -18.99
CA TYR G 139 21.68 -14.72 -19.83
C TYR G 139 20.97 -14.33 -21.13
N ARG G 140 21.13 -15.17 -22.15
CA ARG G 140 20.69 -14.83 -23.49
C ARG G 140 19.17 -14.68 -23.60
N LEU G 141 18.42 -15.18 -22.61
CA LEU G 141 16.96 -15.13 -22.67
C LEU G 141 16.40 -13.96 -21.86
N ASP G 142 17.20 -12.90 -21.67
CA ASP G 142 16.76 -11.73 -20.94
C ASP G 142 17.02 -10.42 -21.66
N VAL G 143 17.41 -10.46 -22.93
CA VAL G 143 17.63 -9.26 -23.73
C VAL G 143 16.93 -9.41 -25.06
N VAL G 144 16.27 -8.34 -25.50
CA VAL G 144 15.75 -8.23 -26.86
C VAL G 144 16.28 -6.94 -27.47
N GLN G 145 16.41 -6.95 -28.78
CA GLN G 145 16.99 -5.86 -29.53
C GLN G 145 15.99 -4.72 -29.71
N ILE G 146 16.53 -3.52 -29.94
CA ILE G 146 15.75 -2.37 -30.36
C ILE G 146 16.25 -1.83 -31.69
N ASN G 147 17.56 -1.68 -31.83
CA ASN G 147 18.18 -1.26 -33.09
C ASN G 147 19.12 -2.34 -33.60
N ASN G 158 27.42 -3.75 -30.67
CA ASN G 158 26.87 -2.44 -30.36
C ASN G 158 25.36 -2.41 -30.57
N LYS G 159 24.72 -3.55 -30.32
CA LYS G 159 23.27 -3.68 -30.47
C LYS G 159 22.62 -3.37 -29.12
N GLU G 160 21.86 -2.28 -29.06
CA GLU G 160 21.15 -1.92 -27.85
C GLU G 160 20.18 -3.01 -27.45
N TYR G 161 20.20 -3.37 -26.17
CA TYR G 161 19.34 -4.41 -25.63
C TYR G 161 18.47 -3.86 -24.51
N ARG G 162 17.30 -4.46 -24.33
CA ARG G 162 16.46 -4.17 -23.17
C ARG G 162 15.91 -5.48 -22.63
N LEU G 163 15.53 -5.46 -21.35
CA LEU G 163 14.93 -6.65 -20.75
C LEU G 163 13.61 -6.98 -21.45
N ILE G 164 13.33 -8.29 -21.56
CA ILE G 164 12.23 -8.74 -22.39
C ILE G 164 10.88 -8.37 -21.77
N ASN G 165 10.77 -8.48 -20.45
CA ASN G 165 9.51 -8.26 -19.75
C ASN G 165 9.42 -6.90 -19.08
N CYS G 166 10.08 -5.88 -19.63
CA CYS G 166 9.95 -4.54 -19.07
C CYS G 166 8.69 -3.85 -19.58
N ASN G 167 8.58 -3.69 -20.91
CA ASN G 167 7.38 -3.10 -21.48
C ASN G 167 6.15 -3.92 -21.14
N THR G 168 6.28 -5.25 -21.06
CA THR G 168 5.12 -6.09 -20.78
C THR G 168 4.52 -5.77 -19.42
N SER G 169 5.36 -5.60 -18.40
CA SER G 169 4.89 -5.30 -17.06
C SER G 169 6.08 -4.88 -16.20
N ALA G 170 5.77 -4.32 -15.03
CA ALA G 170 6.81 -3.98 -14.07
C ALA G 170 7.36 -5.26 -13.44
N ILE G 171 8.67 -5.27 -13.21
CA ILE G 171 9.39 -6.45 -12.72
C ILE G 171 9.78 -6.23 -11.28
N THR G 172 9.48 -7.23 -10.44
CA THR G 172 9.77 -7.19 -9.01
C THR G 172 10.97 -8.10 -8.75
N GLN G 173 11.86 -7.68 -7.86
CA GLN G 173 13.04 -8.48 -7.55
C GLN G 173 12.86 -9.18 -6.21
N ALA G 174 13.08 -10.49 -6.20
CA ALA G 174 12.96 -11.26 -4.97
C ALA G 174 14.12 -10.93 -4.03
N CYS G 175 13.80 -10.87 -2.73
CA CYS G 175 14.80 -10.54 -1.74
C CYS G 175 15.86 -11.64 -1.67
N PRO G 176 17.10 -11.29 -1.29
CA PRO G 176 18.12 -12.33 -1.08
C PRO G 176 17.73 -13.33 -0.02
N LYS G 177 16.99 -12.91 1.00
CA LYS G 177 16.42 -13.84 1.96
C LYS G 177 15.31 -14.65 1.30
N VAL G 178 14.67 -15.51 2.11
CA VAL G 178 13.63 -16.47 1.75
C VAL G 178 14.01 -17.28 0.51
N SER G 179 14.20 -18.58 0.71
CA SER G 179 14.63 -19.48 -0.36
C SER G 179 13.43 -20.23 -0.91
N PHE G 180 13.35 -20.29 -2.24
CA PHE G 180 12.21 -20.89 -2.93
C PHE G 180 12.07 -22.39 -2.67
N GLU G 181 13.00 -22.98 -1.92
CA GLU G 181 12.97 -24.43 -1.71
C GLU G 181 11.65 -24.84 -1.05
N PRO G 182 10.99 -25.88 -1.54
CA PRO G 182 9.74 -26.32 -0.92
C PRO G 182 9.97 -26.82 0.49
N ILE G 183 8.99 -26.55 1.35
CA ILE G 183 9.02 -26.97 2.75
C ILE G 183 7.76 -27.77 3.03
N PRO G 184 7.83 -28.89 3.75
CA PRO G 184 6.65 -29.73 3.95
C PRO G 184 5.50 -28.95 4.59
N ILE G 185 4.29 -29.23 4.12
CA ILE G 185 3.07 -28.59 4.59
C ILE G 185 2.13 -29.68 5.09
N HIS G 186 1.27 -29.32 6.04
CA HIS G 186 0.19 -30.19 6.47
C HIS G 186 -1.11 -29.43 6.33
N TYR G 187 -2.19 -30.14 5.99
CA TYR G 187 -3.50 -29.53 5.86
C TYR G 187 -4.44 -30.18 6.87
N CYS G 188 -5.13 -29.36 7.66
CA CYS G 188 -6.05 -29.81 8.67
C CYS G 188 -7.38 -29.10 8.49
N ALA G 189 -8.42 -29.72 9.02
CA ALA G 189 -9.76 -29.17 8.90
C ALA G 189 -10.17 -28.44 10.16
N PRO G 190 -10.91 -27.35 10.02
CA PRO G 190 -11.46 -26.67 11.20
C PRO G 190 -12.43 -27.60 11.94
N ALA G 191 -12.49 -27.42 13.26
CA ALA G 191 -13.26 -28.30 14.13
C ALA G 191 -14.68 -28.50 13.60
N GLY G 192 -15.02 -29.75 13.31
CA GLY G 192 -16.31 -30.07 12.74
C GLY G 192 -16.23 -30.96 11.51
N PHE G 193 -15.18 -30.78 10.71
CA PHE G 193 -15.01 -31.54 9.48
C PHE G 193 -14.13 -32.76 9.72
N ALA G 194 -14.04 -33.60 8.69
CA ALA G 194 -13.15 -34.75 8.71
C ALA G 194 -12.50 -34.91 7.34
N ILE G 195 -11.30 -35.47 7.33
CA ILE G 195 -10.55 -35.70 6.11
C ILE G 195 -10.52 -37.21 5.90
N LEU G 196 -11.41 -37.70 5.03
CA LEU G 196 -11.49 -39.14 4.75
C LEU G 196 -10.39 -39.51 3.77
N LYS G 197 -9.56 -40.47 4.19
CA LYS G 197 -8.51 -41.06 3.37
C LYS G 197 -8.76 -42.56 3.31
N CYS G 198 -8.76 -43.12 2.11
CA CYS G 198 -8.98 -44.56 1.98
C CYS G 198 -7.66 -45.25 1.64
N LYS G 199 -7.40 -46.36 2.31
CA LYS G 199 -6.10 -47.02 2.30
C LYS G 199 -6.04 -48.20 1.34
N ASP G 200 -6.73 -48.12 0.21
CA ASP G 200 -6.69 -49.21 -0.75
C ASP G 200 -5.38 -49.21 -1.51
N LYS G 201 -4.88 -50.41 -1.82
CA LYS G 201 -3.60 -50.54 -2.52
C LYS G 201 -3.74 -50.15 -3.99
N LYS G 202 -4.56 -50.89 -4.74
CA LYS G 202 -4.77 -50.62 -6.16
C LYS G 202 -5.93 -49.65 -6.32
N PHE G 203 -5.66 -48.39 -6.00
CA PHE G 203 -6.69 -47.34 -6.06
C PHE G 203 -6.60 -46.67 -7.43
N ASN G 204 -7.51 -47.06 -8.32
CA ASN G 204 -7.62 -46.39 -9.62
C ASN G 204 -7.90 -44.90 -9.45
N GLY G 205 -8.63 -44.52 -8.40
CA GLY G 205 -8.83 -43.13 -8.03
C GLY G 205 -10.28 -42.68 -8.06
N THR G 206 -11.06 -43.14 -9.02
CA THR G 206 -12.44 -42.73 -9.20
C THR G 206 -13.38 -43.79 -8.65
N GLY G 207 -14.52 -43.35 -8.11
CA GLY G 207 -15.53 -44.28 -7.66
C GLY G 207 -15.31 -44.71 -6.21
N PRO G 208 -15.92 -45.83 -5.83
CA PRO G 208 -15.79 -46.31 -4.45
C PRO G 208 -14.38 -46.74 -4.13
N CYS G 209 -14.07 -46.76 -2.83
CA CYS G 209 -12.77 -47.20 -2.37
C CYS G 209 -13.02 -47.97 -1.08
N PRO G 210 -12.50 -49.21 -0.97
CA PRO G 210 -13.04 -50.17 0.02
C PRO G 210 -12.88 -49.78 1.48
N SER G 211 -11.65 -49.53 1.94
CA SER G 211 -11.39 -49.30 3.36
C SER G 211 -10.92 -47.87 3.57
N VAL G 212 -11.49 -47.21 4.57
CA VAL G 212 -11.27 -45.79 4.81
C VAL G 212 -10.72 -45.57 6.22
N SER G 213 -10.38 -44.33 6.51
CA SER G 213 -9.87 -43.89 7.79
C SER G 213 -9.92 -42.37 7.82
N THR G 214 -10.33 -41.82 8.97
CA THR G 214 -10.43 -40.38 9.13
C THR G 214 -9.27 -39.87 9.97
N VAL G 215 -8.48 -38.98 9.39
CA VAL G 215 -7.35 -38.35 10.07
C VAL G 215 -7.52 -36.84 9.97
N GLN G 216 -7.36 -36.16 11.10
CA GLN G 216 -7.67 -34.73 11.16
C GLN G 216 -6.72 -33.89 10.32
N CYS G 217 -5.51 -34.37 10.07
CA CYS G 217 -4.53 -33.63 9.29
C CYS G 217 -3.97 -34.50 8.18
N THR G 218 -3.55 -33.85 7.11
CA THR G 218 -3.04 -34.53 5.93
C THR G 218 -1.62 -35.05 6.17
N HIS G 219 -1.19 -35.95 5.30
CA HIS G 219 0.19 -36.37 5.30
C HIS G 219 1.05 -35.27 4.68
N GLY G 220 2.36 -35.36 4.91
CA GLY G 220 3.29 -34.35 4.43
C GLY G 220 3.17 -34.05 2.95
N ILE G 221 2.76 -32.83 2.63
CA ILE G 221 2.63 -32.37 1.24
C ILE G 221 3.60 -31.24 1.01
N LYS G 222 4.25 -31.25 -0.16
CA LYS G 222 5.23 -30.23 -0.52
C LYS G 222 4.94 -29.74 -1.93
N PRO G 223 4.70 -28.43 -2.12
CA PRO G 223 4.43 -27.93 -3.47
C PRO G 223 5.70 -27.65 -4.26
N VAL G 224 5.87 -28.34 -5.39
CA VAL G 224 7.04 -28.19 -6.24
C VAL G 224 6.55 -27.79 -7.63
N VAL G 225 7.11 -26.69 -8.15
CA VAL G 225 6.75 -26.21 -9.48
C VAL G 225 7.62 -26.93 -10.51
N SER G 226 6.98 -27.80 -11.31
CA SER G 226 7.68 -28.54 -12.36
C SER G 226 6.64 -29.06 -13.33
N THR G 227 6.79 -28.70 -14.61
CA THR G 227 5.78 -29.07 -15.59
C THR G 227 5.80 -30.56 -15.89
N GLN G 228 6.91 -31.06 -16.43
CA GLN G 228 7.08 -32.48 -16.67
C GLN G 228 7.94 -33.09 -15.57
N LEU G 229 8.06 -34.42 -15.60
CA LEU G 229 8.94 -35.18 -14.71
C LEU G 229 8.90 -34.64 -13.28
N LEU G 230 7.68 -34.53 -12.76
CA LEU G 230 7.45 -33.89 -11.47
C LEU G 230 8.38 -34.41 -10.39
N LEU G 231 9.20 -33.51 -9.86
CA LEU G 231 10.30 -33.84 -8.98
C LEU G 231 9.83 -34.03 -7.55
N ASN G 232 10.57 -34.85 -6.80
CA ASN G 232 10.47 -34.94 -5.33
C ASN G 232 9.01 -35.09 -4.90
N GLY G 233 8.44 -36.23 -5.28
CA GLY G 233 7.05 -36.52 -5.00
C GLY G 233 6.83 -37.73 -4.13
N SER G 234 5.61 -38.26 -4.15
CA SER G 234 5.22 -39.42 -3.35
C SER G 234 4.86 -40.58 -4.27
N LEU G 235 5.30 -41.78 -3.89
CA LEU G 235 5.26 -42.94 -4.77
C LEU G 235 3.87 -43.57 -4.78
N ALA G 236 3.77 -44.74 -5.40
CA ALA G 236 2.61 -45.62 -5.32
C ALA G 236 3.00 -46.86 -4.52
N GLU G 237 2.00 -47.70 -4.23
CA GLU G 237 2.25 -48.80 -3.30
C GLU G 237 2.89 -50.00 -3.97
N GLU G 238 2.18 -50.64 -4.90
CA GLU G 238 2.68 -51.89 -5.47
C GLU G 238 2.71 -51.89 -6.98
N GLU G 239 1.73 -51.28 -7.64
CA GLU G 239 1.59 -51.32 -9.09
C GLU G 239 1.86 -49.94 -9.66
N VAL G 240 2.68 -49.89 -10.70
CA VAL G 240 2.94 -48.63 -11.39
C VAL G 240 1.61 -48.15 -11.94
N MET G 241 1.08 -47.07 -11.38
CA MET G 241 -0.32 -46.71 -11.60
C MET G 241 -0.44 -45.67 -12.70
N ILE G 242 -1.58 -45.74 -13.40
CA ILE G 242 -1.93 -44.78 -14.43
C ILE G 242 -3.28 -44.20 -14.03
N ARG G 243 -3.26 -42.98 -13.49
CA ARG G 243 -4.43 -42.38 -12.85
C ARG G 243 -5.14 -41.47 -13.84
N SER G 244 -5.84 -42.09 -14.77
CA SER G 244 -6.94 -41.43 -15.47
C SER G 244 -7.84 -42.53 -16.02
N GLU G 245 -8.99 -42.74 -15.37
CA GLU G 245 -9.98 -43.63 -15.96
C GLU G 245 -10.43 -43.11 -17.31
N ASN G 246 -10.54 -41.78 -17.44
CA ASN G 246 -10.85 -41.18 -18.72
C ASN G 246 -9.57 -41.05 -19.53
N ILE G 247 -9.39 -42.04 -20.41
CA ILE G 247 -8.16 -42.23 -21.18
C ILE G 247 -8.45 -42.24 -22.68
N THR G 248 -9.69 -42.53 -23.09
CA THR G 248 -10.01 -42.63 -24.50
C THR G 248 -10.09 -41.25 -25.16
N ASN G 249 -10.66 -40.28 -24.47
CA ASN G 249 -10.64 -38.91 -24.96
C ASN G 249 -9.21 -38.36 -24.89
N ASN G 250 -8.78 -37.70 -25.96
CA ASN G 250 -7.39 -37.32 -26.12
C ASN G 250 -7.15 -35.83 -25.84
N ALA G 251 -7.87 -35.26 -24.89
CA ALA G 251 -7.64 -33.89 -24.45
C ALA G 251 -7.15 -33.84 -23.01
N LYS G 252 -7.76 -34.61 -22.12
CA LYS G 252 -7.31 -34.69 -20.74
C LYS G 252 -5.95 -35.39 -20.67
N ASN G 253 -5.08 -34.88 -19.81
CA ASN G 253 -3.77 -35.48 -19.61
C ASN G 253 -3.90 -36.87 -19.03
N ILE G 254 -2.79 -37.60 -19.04
CA ILE G 254 -2.69 -38.90 -18.39
C ILE G 254 -1.59 -38.83 -17.34
N LEU G 255 -1.98 -38.97 -16.08
CA LEU G 255 -1.02 -38.98 -14.98
C LEU G 255 -0.50 -40.39 -14.80
N VAL G 256 0.81 -40.53 -14.67
CA VAL G 256 1.44 -41.81 -14.38
C VAL G 256 2.26 -41.65 -13.12
N GLN G 257 2.18 -42.63 -12.22
CA GLN G 257 2.93 -42.62 -10.98
C GLN G 257 3.58 -43.99 -10.83
N PHE G 258 4.89 -44.07 -11.06
CA PHE G 258 5.58 -45.34 -11.01
C PHE G 258 6.32 -45.51 -9.67
N ASN G 259 6.52 -46.78 -9.30
CA ASN G 259 6.82 -47.11 -7.91
C ASN G 259 8.23 -46.69 -7.51
N THR G 260 9.24 -47.26 -8.16
CA THR G 260 10.61 -46.96 -7.76
C THR G 260 11.00 -45.58 -8.27
N PRO G 261 11.54 -44.71 -7.42
CA PRO G 261 11.98 -43.40 -7.89
C PRO G 261 13.20 -43.52 -8.80
N VAL G 262 13.39 -42.49 -9.63
CA VAL G 262 14.55 -42.39 -10.50
C VAL G 262 15.37 -41.19 -10.04
N GLN G 263 16.66 -41.43 -9.79
CA GLN G 263 17.52 -40.38 -9.25
C GLN G 263 17.92 -39.45 -10.40
N ILE G 264 17.32 -38.26 -10.44
CA ILE G 264 17.69 -37.25 -11.43
C ILE G 264 18.67 -36.31 -10.73
N ASN G 265 19.91 -36.30 -11.22
CA ASN G 265 20.98 -35.56 -10.55
C ASN G 265 21.55 -34.53 -11.50
N CYS G 266 21.35 -33.24 -11.20
CA CYS G 266 21.81 -32.22 -12.18
C CYS G 266 22.63 -31.15 -11.47
N THR G 267 22.97 -30.09 -12.21
CA THR G 267 23.76 -29.01 -11.65
C THR G 267 24.21 -28.06 -12.74
N ARG G 268 24.76 -26.92 -12.29
CA ARG G 268 25.58 -26.04 -13.09
C ARG G 268 26.93 -25.85 -12.41
N PRO G 269 28.01 -25.90 -13.18
CA PRO G 269 29.37 -25.73 -12.62
C PRO G 269 29.94 -24.33 -12.68
N ASN G 270 29.23 -23.37 -13.27
CA ASN G 270 29.73 -22.01 -13.33
C ASN G 270 29.80 -21.42 -11.93
N ASN G 271 30.74 -20.50 -11.74
CA ASN G 271 30.96 -19.85 -10.44
C ASN G 271 30.58 -18.38 -10.61
N ASN G 272 29.32 -18.07 -10.32
CA ASN G 272 28.85 -16.70 -10.39
C ASN G 272 29.44 -15.87 -9.26
N THR G 273 29.67 -14.60 -9.53
CA THR G 273 30.15 -13.65 -8.54
C THR G 273 29.09 -12.59 -8.36
N ARG G 274 28.37 -12.65 -7.23
CA ARG G 274 27.32 -11.68 -6.96
C ARG G 274 27.92 -10.30 -6.76
N LYS G 275 27.20 -9.27 -7.24
CA LYS G 275 27.66 -7.89 -7.12
C LYS G 275 26.48 -7.01 -6.72
N SER G 276 26.75 -6.04 -5.86
CA SER G 276 25.74 -5.13 -5.34
C SER G 276 25.86 -3.77 -6.01
N ILE G 277 24.73 -3.22 -6.45
CA ILE G 277 24.65 -1.88 -6.99
C ILE G 277 23.56 -1.15 -6.22
N ARG G 278 23.75 0.14 -5.96
CA ARG G 278 22.79 0.90 -5.16
C ARG G 278 21.84 1.62 -6.11
N ILE G 279 20.55 1.32 -6.01
CA ILE G 279 19.57 1.91 -6.92
C ILE G 279 18.93 3.16 -6.32
N GLY G 280 18.88 3.27 -5.00
CA GLY G 280 18.26 4.39 -4.35
C GLY G 280 18.56 4.44 -2.87
N PRO G 281 17.82 5.27 -2.14
CA PRO G 281 18.07 5.40 -0.70
C PRO G 281 17.60 4.18 0.08
N GLY G 282 18.41 3.12 0.08
CA GLY G 282 18.12 1.93 0.84
C GLY G 282 17.74 0.70 0.03
N GLN G 283 17.90 0.73 -1.29
CA GLN G 283 17.53 -0.39 -2.14
C GLN G 283 18.70 -0.80 -3.02
N ALA G 284 18.91 -2.12 -3.14
CA ALA G 284 20.04 -2.67 -3.85
C ALA G 284 19.58 -3.55 -4.99
N PHE G 285 20.26 -3.40 -6.13
CA PHE G 285 20.09 -4.26 -7.30
C PHE G 285 21.26 -5.22 -7.37
N TYR G 286 20.98 -6.51 -7.38
CA TYR G 286 21.99 -7.55 -7.23
C TYR G 286 22.27 -8.16 -8.59
N ALA G 287 23.34 -7.71 -9.22
CA ALA G 287 23.72 -8.15 -10.56
C ALA G 287 24.79 -9.24 -10.46
N THR G 288 25.19 -9.73 -11.63
CA THR G 288 26.25 -10.72 -11.73
C THR G 288 27.56 -10.02 -12.05
N GLY G 289 28.61 -10.39 -11.35
CA GLY G 289 29.91 -9.78 -11.56
C GLY G 289 30.66 -10.43 -12.70
N ASP G 290 31.90 -10.81 -12.46
CA ASP G 290 32.73 -11.44 -13.47
C ASP G 290 32.76 -12.94 -13.20
N ILE G 291 32.45 -13.74 -14.23
CA ILE G 291 32.44 -15.19 -14.07
C ILE G 291 33.87 -15.69 -13.97
N ILE G 292 34.15 -16.47 -12.94
CA ILE G 292 35.52 -16.89 -12.64
C ILE G 292 35.67 -18.36 -13.00
N GLY G 293 36.83 -18.71 -13.54
CA GLY G 293 37.12 -20.07 -13.90
C GLY G 293 36.48 -20.46 -15.23
N ASP G 294 36.19 -21.75 -15.36
CA ASP G 294 35.72 -22.29 -16.62
C ASP G 294 34.25 -21.96 -16.86
N ILE G 295 33.86 -21.97 -18.13
CA ILE G 295 32.48 -21.80 -18.54
C ILE G 295 32.02 -23.09 -19.19
N ARG G 296 30.92 -23.64 -18.70
CA ARG G 296 30.39 -24.89 -19.22
C ARG G 296 28.89 -24.75 -19.41
N GLN G 297 28.20 -25.86 -19.66
CA GLN G 297 26.75 -25.87 -19.78
C GLN G 297 26.16 -26.71 -18.66
N ALA G 298 25.21 -26.12 -17.93
CA ALA G 298 24.50 -26.86 -16.89
C ALA G 298 23.85 -28.09 -17.49
N HIS G 299 23.95 -29.22 -16.78
CA HIS G 299 23.48 -30.47 -17.35
C HIS G 299 22.76 -31.29 -16.30
N CYS G 300 21.89 -32.19 -16.77
CA CYS G 300 21.27 -33.21 -15.95
C CYS G 300 21.69 -34.60 -16.40
N ASN G 301 21.82 -35.51 -15.43
CA ASN G 301 22.02 -36.92 -15.68
C ASN G 301 20.96 -37.79 -15.01
N VAL G 302 20.54 -38.81 -15.75
CA VAL G 302 19.67 -39.88 -15.27
C VAL G 302 20.31 -41.21 -15.63
N SER G 303 20.24 -42.17 -14.71
CA SER G 303 20.89 -43.46 -14.92
C SER G 303 20.13 -44.27 -15.97
N LYS G 304 20.87 -44.75 -16.97
CA LYS G 304 20.25 -45.26 -18.19
C LYS G 304 19.47 -46.55 -17.95
N ALA G 305 20.08 -47.52 -17.24
CA ALA G 305 19.40 -48.79 -17.03
C ALA G 305 18.14 -48.60 -16.20
N THR G 306 18.21 -47.78 -15.15
CA THR G 306 17.04 -47.50 -14.33
C THR G 306 15.96 -46.84 -15.16
N TRP G 307 16.34 -45.87 -15.99
CA TRP G 307 15.36 -45.17 -16.82
C TRP G 307 14.66 -46.13 -17.79
N ASN G 308 15.43 -46.97 -18.48
CA ASN G 308 14.85 -47.87 -19.45
C ASN G 308 13.95 -48.90 -18.78
N GLU G 309 14.37 -49.42 -17.62
CA GLU G 309 13.52 -50.37 -16.90
C GLU G 309 12.22 -49.72 -16.43
N THR G 310 12.31 -48.49 -15.92
CA THR G 310 11.11 -47.79 -15.47
C THR G 310 10.14 -47.54 -16.62
N LEU G 311 10.67 -47.12 -17.78
CA LEU G 311 9.79 -46.93 -18.94
C LEU G 311 9.18 -48.26 -19.37
N GLY G 312 9.94 -49.35 -19.26
CA GLY G 312 9.39 -50.66 -19.56
C GLY G 312 8.20 -50.99 -18.67
N LYS G 313 8.33 -50.71 -17.37
CA LYS G 313 7.22 -50.93 -16.45
C LYS G 313 6.02 -50.06 -16.81
N VAL G 314 6.28 -48.79 -17.16
CA VAL G 314 5.20 -47.87 -17.52
C VAL G 314 4.43 -48.41 -18.72
N VAL G 315 5.13 -48.84 -19.76
CA VAL G 315 4.46 -49.36 -20.95
C VAL G 315 3.74 -50.67 -20.65
N LYS G 316 4.34 -51.53 -19.81
CA LYS G 316 3.67 -52.75 -19.41
C LYS G 316 2.31 -52.47 -18.79
N GLN G 317 2.26 -51.48 -17.89
CA GLN G 317 0.97 -51.14 -17.30
C GLN G 317 0.06 -50.47 -18.32
N LEU G 318 0.62 -49.69 -19.23
CA LEU G 318 -0.20 -48.90 -20.15
C LEU G 318 -0.88 -49.78 -21.19
N ARG G 319 -0.27 -50.91 -21.56
CA ARG G 319 -0.88 -51.76 -22.59
C ARG G 319 -2.21 -52.35 -22.16
N LYS G 320 -2.52 -52.35 -20.85
CA LYS G 320 -3.79 -52.92 -20.40
C LYS G 320 -4.98 -52.08 -20.82
N HIS G 321 -4.84 -50.76 -20.85
CA HIS G 321 -5.94 -49.86 -21.14
C HIS G 321 -6.18 -49.67 -22.63
N PHE G 322 -5.33 -50.25 -23.50
CA PHE G 322 -5.45 -50.07 -24.94
C PHE G 322 -5.41 -51.40 -25.69
N GLY G 323 -5.63 -52.51 -25.01
CA GLY G 323 -5.51 -53.79 -25.68
C GLY G 323 -4.09 -54.32 -25.65
N ASN G 324 -3.99 -55.66 -25.65
CA ASN G 324 -2.69 -56.30 -25.44
C ASN G 324 -1.75 -56.06 -26.62
N ASN G 325 -2.23 -56.28 -27.84
CA ASN G 325 -1.37 -56.23 -29.02
C ASN G 325 -1.42 -54.83 -29.61
N THR G 326 -0.37 -54.04 -29.37
CA THR G 326 -0.28 -52.68 -29.90
C THR G 326 1.17 -52.24 -29.85
N ILE G 327 1.45 -51.10 -30.48
CA ILE G 327 2.78 -50.54 -30.62
C ILE G 327 2.80 -49.17 -29.98
N ILE G 328 3.81 -48.89 -29.18
CA ILE G 328 3.85 -47.65 -28.39
C ILE G 328 5.19 -46.96 -28.61
N ARG G 329 5.16 -45.70 -29.05
CA ARG G 329 6.38 -44.93 -29.25
C ARG G 329 6.21 -43.52 -28.71
N PHE G 330 7.18 -43.08 -27.92
CA PHE G 330 7.17 -41.73 -27.38
C PHE G 330 7.90 -40.77 -28.30
N ALA G 331 7.74 -39.47 -28.02
CA ALA G 331 8.39 -38.42 -28.79
C ALA G 331 8.32 -37.14 -27.97
N ASN G 332 9.40 -36.37 -28.01
CA ASN G 332 9.52 -35.17 -27.19
C ASN G 332 8.42 -34.16 -27.55
N SER G 333 8.30 -33.13 -26.72
CA SER G 333 7.26 -32.12 -26.92
C SER G 333 7.44 -31.42 -28.26
N SER G 334 6.31 -31.08 -28.88
CA SER G 334 6.28 -30.61 -30.26
C SER G 334 5.80 -29.17 -30.35
N GLY G 335 6.16 -28.34 -29.38
CA GLY G 335 5.84 -26.93 -29.45
C GLY G 335 5.50 -26.39 -28.07
N GLY G 336 5.10 -25.12 -28.06
CA GLY G 336 4.72 -24.44 -26.85
C GLY G 336 5.81 -23.52 -26.36
N ASP G 337 5.47 -22.78 -25.30
CA ASP G 337 6.41 -21.86 -24.65
C ASP G 337 7.65 -22.61 -24.17
N LEU G 338 8.70 -21.83 -23.89
CA LEU G 338 9.98 -22.40 -23.51
C LEU G 338 9.93 -23.09 -22.15
N GLU G 339 8.85 -22.89 -21.39
CA GLU G 339 8.71 -23.49 -20.07
C GLU G 339 7.67 -24.60 -20.02
N VAL G 340 7.09 -24.97 -21.16
CA VAL G 340 6.28 -26.18 -21.25
C VAL G 340 6.71 -27.09 -22.40
N THR G 341 7.42 -26.57 -23.40
CA THR G 341 8.02 -27.45 -24.40
C THR G 341 9.12 -28.30 -23.78
N THR G 342 9.67 -27.88 -22.65
CA THR G 342 10.71 -28.59 -21.93
C THR G 342 10.51 -28.36 -20.44
N HIS G 343 10.94 -29.32 -19.62
CA HIS G 343 10.61 -29.25 -18.20
C HIS G 343 11.26 -28.03 -17.56
N SER G 344 10.60 -27.50 -16.54
CA SER G 344 11.11 -26.39 -15.76
C SER G 344 11.25 -26.82 -14.30
N PHE G 345 12.40 -26.52 -13.69
CA PHE G 345 12.51 -26.88 -12.29
C PHE G 345 13.51 -25.99 -11.57
N ASN G 346 13.18 -25.66 -10.33
CA ASN G 346 14.06 -24.87 -9.48
C ASN G 346 15.13 -25.75 -8.83
N CYS G 347 16.35 -25.24 -8.75
CA CYS G 347 17.48 -25.99 -8.20
C CYS G 347 18.34 -25.04 -7.37
N GLY G 348 18.15 -25.05 -6.05
CA GLY G 348 18.96 -24.23 -5.19
C GLY G 348 18.59 -22.77 -5.16
N GLY G 349 17.39 -22.41 -5.62
CA GLY G 349 16.97 -21.03 -5.69
C GLY G 349 16.99 -20.41 -7.06
N GLU G 350 17.16 -21.21 -8.12
CA GLU G 350 17.16 -20.69 -9.48
C GLU G 350 16.55 -21.75 -10.39
N PHE G 351 16.01 -21.31 -11.52
CA PHE G 351 15.17 -22.14 -12.38
C PHE G 351 15.91 -22.56 -13.64
N PHE G 352 15.97 -23.86 -13.90
CA PHE G 352 16.48 -24.40 -15.15
C PHE G 352 15.33 -24.64 -16.11
N TYR G 353 15.53 -24.28 -17.38
CA TYR G 353 14.58 -24.51 -18.45
C TYR G 353 15.30 -25.37 -19.49
N CYS G 354 15.43 -26.67 -19.22
CA CYS G 354 16.23 -27.59 -20.08
C CYS G 354 15.34 -28.39 -21.04
N ASN G 355 15.89 -29.41 -21.70
CA ASN G 355 15.04 -30.14 -22.62
C ASN G 355 15.04 -31.63 -22.27
N THR G 356 14.09 -32.36 -22.85
CA THR G 356 13.93 -33.79 -22.56
C THR G 356 13.67 -34.56 -23.86
N SER G 357 14.53 -34.38 -24.86
CA SER G 357 14.43 -35.21 -26.05
C SER G 357 15.30 -36.46 -25.96
N GLY G 358 16.18 -36.54 -24.96
CA GLY G 358 17.02 -37.68 -24.72
C GLY G 358 16.39 -38.80 -23.92
N LEU G 359 15.17 -38.61 -23.43
CA LEU G 359 14.46 -39.61 -22.64
C LEU G 359 13.25 -40.17 -23.35
N PHE G 360 12.33 -39.31 -23.78
CA PHE G 360 11.05 -39.74 -24.35
C PHE G 360 11.23 -40.15 -25.81
N ASN G 361 12.06 -41.18 -26.00
CA ASN G 361 12.43 -41.60 -27.35
C ASN G 361 12.66 -43.11 -27.28
N SER G 362 11.58 -43.87 -27.49
CA SER G 362 11.61 -45.32 -27.41
C SER G 362 10.39 -45.91 -28.12
N THR G 363 10.61 -46.61 -29.23
CA THR G 363 9.53 -47.27 -29.97
C THR G 363 9.54 -48.75 -29.63
N TRP G 364 8.42 -49.25 -29.11
CA TRP G 364 8.33 -50.59 -28.56
C TRP G 364 7.20 -51.35 -29.23
N ILE G 365 7.54 -52.57 -29.68
CA ILE G 365 6.61 -53.48 -30.34
C ILE G 365 5.96 -54.37 -29.29
N SER G 366 4.88 -55.05 -29.68
CA SER G 366 4.15 -55.90 -28.75
C SER G 366 5.04 -57.02 -28.20
N ASN G 367 5.83 -57.66 -29.05
CA ASN G 367 6.69 -58.75 -28.62
C ASN G 367 7.92 -58.24 -27.89
N ASN G 379 27.67 -47.50 -15.48
CA ASN G 379 26.61 -47.28 -16.47
C ASN G 379 26.80 -45.96 -17.20
N ASP G 380 26.50 -45.96 -18.50
CA ASP G 380 26.57 -44.75 -19.30
C ASP G 380 25.43 -43.82 -18.86
N SER G 381 25.77 -42.77 -18.12
CA SER G 381 24.76 -41.84 -17.63
C SER G 381 24.17 -41.06 -18.79
N ILE G 382 22.84 -40.97 -18.83
CA ILE G 382 22.17 -40.18 -19.85
C ILE G 382 22.26 -38.71 -19.45
N THR G 383 22.91 -37.92 -20.29
CA THR G 383 23.04 -36.48 -20.09
C THR G 383 22.00 -35.74 -20.92
N LEU G 384 21.64 -34.55 -20.44
CA LEU G 384 20.72 -33.70 -21.16
C LEU G 384 21.08 -32.26 -20.80
N PRO G 385 21.23 -31.38 -21.80
CA PRO G 385 21.80 -30.05 -21.54
C PRO G 385 20.80 -29.16 -20.84
N CYS G 386 21.29 -28.05 -20.29
CA CYS G 386 20.39 -27.09 -19.67
C CYS G 386 20.76 -25.65 -19.97
N ARG G 387 19.72 -24.86 -20.24
CA ARG G 387 19.79 -23.42 -20.31
C ARG G 387 19.04 -22.81 -19.13
N ILE G 388 19.43 -21.59 -18.78
CA ILE G 388 19.03 -20.97 -17.52
C ILE G 388 18.40 -19.60 -17.80
N LYS G 389 17.23 -19.35 -17.21
CA LYS G 389 16.59 -18.05 -17.25
C LYS G 389 16.59 -17.43 -15.85
N GLN G 390 16.73 -16.10 -15.81
CA GLN G 390 16.64 -15.38 -14.55
C GLN G 390 15.22 -14.89 -14.26
N ILE G 391 14.67 -14.05 -15.13
CA ILE G 391 13.36 -13.47 -14.89
C ILE G 391 12.28 -14.48 -15.26
N ILE G 392 11.29 -14.62 -14.40
CA ILE G 392 10.27 -15.64 -14.57
C ILE G 392 8.88 -15.00 -14.42
N ASN G 393 7.93 -15.56 -15.17
CA ASN G 393 6.54 -15.16 -15.19
C ASN G 393 5.67 -16.29 -14.67
N MET G 394 6.11 -16.94 -13.60
CA MET G 394 5.47 -18.18 -13.15
C MET G 394 4.01 -17.93 -12.81
N TRP G 395 3.20 -18.97 -13.04
CA TRP G 395 1.74 -18.96 -12.91
C TRP G 395 1.08 -18.15 -14.01
N GLN G 396 1.86 -17.54 -14.91
CA GLN G 396 1.34 -16.79 -16.06
C GLN G 396 0.39 -15.67 -15.64
N ARG G 397 0.74 -14.98 -14.54
CA ARG G 397 0.05 -13.75 -14.22
C ARG G 397 0.30 -12.72 -15.31
N ILE G 398 -0.74 -11.94 -15.63
CA ILE G 398 -0.68 -11.06 -16.80
C ILE G 398 0.43 -10.02 -16.63
N GLY G 399 0.49 -9.39 -15.46
CA GLY G 399 1.40 -8.28 -15.29
C GLY G 399 2.40 -8.38 -14.17
N GLN G 400 2.95 -9.58 -13.94
CA GLN G 400 3.94 -9.77 -12.89
C GLN G 400 5.07 -10.65 -13.38
N ALA G 401 6.30 -10.14 -13.27
CA ALA G 401 7.49 -10.89 -13.62
C ALA G 401 8.56 -10.59 -12.58
N MET G 402 9.16 -11.63 -12.03
CA MET G 402 10.15 -11.44 -10.97
C MET G 402 11.54 -11.81 -11.46
N TYR G 403 12.51 -10.99 -11.04
CA TYR G 403 13.91 -11.15 -11.36
C TYR G 403 14.56 -11.97 -10.26
N ALA G 404 15.04 -13.16 -10.60
CA ALA G 404 15.66 -14.03 -9.61
C ALA G 404 17.12 -13.63 -9.42
N PRO G 405 17.55 -13.27 -8.21
CA PRO G 405 18.93 -12.84 -8.02
C PRO G 405 19.89 -14.00 -8.25
N PRO G 406 21.12 -13.71 -8.68
CA PRO G 406 22.07 -14.80 -8.96
C PRO G 406 22.52 -15.49 -7.68
N ILE G 407 22.88 -16.76 -7.84
CA ILE G 407 23.38 -17.60 -6.74
C ILE G 407 24.86 -17.85 -6.97
N GLN G 408 25.65 -17.69 -5.93
CA GLN G 408 27.10 -17.65 -6.06
C GLN G 408 27.69 -19.07 -6.05
N GLY G 409 28.48 -19.38 -7.08
CA GLY G 409 29.25 -20.61 -7.12
C GLY G 409 28.59 -21.72 -7.91
N VAL G 410 29.22 -22.88 -7.84
CA VAL G 410 28.63 -24.09 -8.40
C VAL G 410 27.36 -24.42 -7.62
N ILE G 411 26.36 -24.94 -8.32
CA ILE G 411 25.10 -25.30 -7.66
C ILE G 411 24.61 -26.63 -8.20
N ARG G 412 24.02 -27.44 -7.33
CA ARG G 412 23.65 -28.81 -7.67
C ARG G 412 22.40 -29.21 -6.91
N CYS G 413 21.74 -30.26 -7.41
CA CYS G 413 20.58 -30.84 -6.74
C CYS G 413 20.38 -32.27 -7.20
N VAL G 414 20.09 -33.14 -6.23
CA VAL G 414 19.76 -34.55 -6.45
C VAL G 414 18.28 -34.71 -6.12
N SER G 415 17.49 -35.14 -7.09
CA SER G 415 16.04 -35.14 -6.95
C SER G 415 15.46 -36.50 -7.34
N ASN G 416 14.18 -36.66 -7.01
CA ASN G 416 13.45 -37.91 -7.18
C ASN G 416 12.40 -37.75 -8.28
N ILE G 417 12.72 -38.16 -9.50
CA ILE G 417 11.68 -38.33 -10.51
C ILE G 417 10.75 -39.45 -10.05
N THR G 418 9.45 -39.17 -10.05
CA THR G 418 8.45 -40.11 -9.57
C THR G 418 7.40 -40.47 -10.60
N GLY G 419 6.91 -39.51 -11.37
CA GLY G 419 5.83 -39.76 -12.29
C GLY G 419 6.03 -39.06 -13.62
N LEU G 420 5.00 -39.14 -14.45
CA LEU G 420 5.01 -38.54 -15.78
C LEU G 420 3.65 -37.89 -16.03
N ILE G 421 3.65 -36.87 -16.90
CA ILE G 421 2.43 -36.24 -17.37
C ILE G 421 2.47 -36.28 -18.89
N LEU G 422 1.60 -37.08 -19.50
CA LEU G 422 1.62 -37.34 -20.92
C LEU G 422 0.30 -36.94 -21.55
N THR G 423 0.35 -36.66 -22.85
CA THR G 423 -0.83 -36.37 -23.66
C THR G 423 -0.81 -37.26 -24.89
N ARG G 424 -1.97 -37.83 -25.23
CA ARG G 424 -2.03 -38.76 -26.33
C ARG G 424 -2.03 -38.02 -27.67
N ASP G 425 -2.21 -38.79 -28.74
CA ASP G 425 -2.27 -38.26 -30.10
C ASP G 425 -3.56 -38.74 -30.76
N GLY G 426 -4.29 -37.81 -31.37
CA GLY G 426 -5.55 -38.14 -32.00
C GLY G 426 -5.40 -38.90 -33.29
N GLY G 427 -4.73 -40.05 -33.23
CA GLY G 427 -4.52 -40.88 -34.40
C GLY G 427 -5.83 -41.31 -35.05
N SER G 428 -6.10 -40.78 -36.23
CA SER G 428 -7.37 -41.02 -36.89
C SER G 428 -7.51 -42.49 -37.29
N THR G 429 -8.76 -42.90 -37.51
CA THR G 429 -9.12 -44.27 -37.92
C THR G 429 -8.68 -45.22 -36.83
N ASN G 430 -7.77 -46.17 -37.10
CA ASN G 430 -7.39 -47.21 -36.16
C ASN G 430 -5.88 -47.20 -35.95
N SER G 431 -5.34 -46.02 -35.67
CA SER G 431 -3.90 -45.87 -35.42
C SER G 431 -3.41 -46.89 -34.41
N THR G 432 -2.39 -47.66 -34.82
CA THR G 432 -1.82 -48.68 -33.96
C THR G 432 -0.69 -48.13 -33.10
N THR G 433 0.26 -47.41 -33.72
CA THR G 433 1.35 -46.78 -33.00
C THR G 433 0.79 -45.57 -32.27
N GLU G 434 0.23 -45.82 -31.09
CA GLU G 434 -0.39 -44.76 -30.30
C GLU G 434 0.67 -43.87 -29.67
N THR G 435 1.15 -42.89 -30.44
CA THR G 435 2.21 -42.02 -29.97
C THR G 435 1.76 -41.24 -28.74
N PHE G 436 2.68 -41.06 -27.79
CA PHE G 436 2.47 -40.26 -26.61
C PHE G 436 3.44 -39.08 -26.61
N ARG G 437 3.06 -38.02 -25.92
CA ARG G 437 3.89 -36.84 -25.79
C ARG G 437 4.01 -36.48 -24.32
N PRO G 438 5.09 -35.82 -23.93
CA PRO G 438 5.16 -35.26 -22.57
C PRO G 438 4.41 -33.94 -22.50
N GLY G 439 3.23 -33.97 -21.88
CA GLY G 439 2.38 -32.79 -21.83
C GLY G 439 2.41 -32.09 -20.49
N GLY G 440 3.08 -30.94 -20.45
CA GLY G 440 3.23 -30.24 -19.18
C GLY G 440 1.92 -29.72 -18.62
N GLY G 441 1.11 -29.08 -19.46
CA GLY G 441 -0.10 -28.46 -18.98
C GLY G 441 0.21 -27.35 -17.99
N ASP G 442 -0.73 -27.13 -17.07
CA ASP G 442 -0.53 -26.18 -16.00
C ASP G 442 0.18 -26.88 -14.83
N MET G 443 0.23 -26.21 -13.69
CA MET G 443 0.85 -26.78 -12.49
C MET G 443 -0.16 -27.42 -11.55
N ARG G 444 -1.43 -27.50 -11.95
CA ARG G 444 -2.44 -28.09 -11.09
C ARG G 444 -2.34 -29.61 -11.06
N ASP G 445 -2.02 -30.22 -12.20
CA ASP G 445 -1.79 -31.67 -12.23
C ASP G 445 -0.56 -32.07 -11.42
N ASN G 446 0.33 -31.12 -11.15
CA ASN G 446 1.48 -31.39 -10.29
C ASN G 446 1.01 -31.75 -8.88
N TRP G 447 -0.03 -31.06 -8.40
CA TRP G 447 -0.57 -31.32 -7.07
C TRP G 447 -1.67 -32.37 -7.05
N ARG G 448 -2.44 -32.50 -8.15
CA ARG G 448 -3.56 -33.43 -8.14
C ARG G 448 -3.12 -34.87 -7.89
N SER G 449 -1.86 -35.19 -8.21
CA SER G 449 -1.33 -36.51 -7.87
C SER G 449 -0.95 -36.63 -6.40
N GLU G 450 -0.96 -35.53 -5.65
CA GLU G 450 -0.65 -35.53 -4.23
C GLU G 450 -1.88 -35.56 -3.34
N LEU G 451 -3.00 -35.03 -3.81
CA LEU G 451 -4.23 -34.93 -3.03
C LEU G 451 -5.38 -35.66 -3.71
N TYR G 452 -5.12 -36.88 -4.17
CA TYR G 452 -6.14 -37.71 -4.77
C TYR G 452 -6.83 -38.63 -3.79
N LYS G 453 -6.24 -38.86 -2.63
CA LYS G 453 -6.73 -39.84 -1.66
C LYS G 453 -7.57 -39.20 -0.55
N TYR G 454 -7.82 -37.90 -0.63
CA TYR G 454 -8.43 -37.15 0.45
C TYR G 454 -9.76 -36.56 0.00
N LYS G 455 -10.77 -36.65 0.85
CA LYS G 455 -11.99 -35.89 0.65
C LYS G 455 -12.39 -35.23 1.96
N VAL G 456 -12.98 -34.04 1.84
CA VAL G 456 -13.35 -33.23 2.99
C VAL G 456 -14.84 -33.43 3.24
N VAL G 457 -15.18 -34.04 4.37
CA VAL G 457 -16.59 -34.31 4.69
C VAL G 457 -17.00 -33.45 5.87
N LYS G 458 -18.26 -33.01 5.81
CA LYS G 458 -18.86 -32.21 6.87
C LYS G 458 -19.67 -33.13 7.76
N ILE G 459 -19.33 -33.13 9.05
CA ILE G 459 -20.08 -33.91 10.03
C ILE G 459 -21.46 -33.30 10.19
N GLU G 460 -22.48 -34.16 10.12
CA GLU G 460 -23.87 -33.74 10.32
C GLU G 460 -24.39 -34.48 11.54
N PRO G 461 -24.27 -33.90 12.73
CA PRO G 461 -24.84 -34.54 13.93
C PRO G 461 -26.35 -34.44 13.94
N LEU G 462 -26.97 -34.82 15.05
CA LEU G 462 -28.42 -34.69 15.22
C LEU G 462 -29.16 -35.61 14.25
N GLY G 463 -28.91 -36.91 14.35
CA GLY G 463 -29.66 -37.86 13.56
C GLY G 463 -31.05 -38.07 14.11
N VAL G 464 -31.96 -38.52 13.24
CA VAL G 464 -33.35 -38.76 13.60
C VAL G 464 -33.65 -40.23 13.37
N ALA G 465 -34.37 -40.85 14.31
CA ALA G 465 -34.68 -42.27 14.20
C ALA G 465 -36.00 -42.55 14.90
N PRO G 466 -36.80 -43.47 14.38
CA PRO G 466 -37.98 -43.93 15.12
C PRO G 466 -37.66 -45.13 16.00
N THR G 467 -38.24 -45.13 17.20
CA THR G 467 -38.08 -46.21 18.15
C THR G 467 -39.31 -46.22 19.06
N ARG G 468 -39.23 -47.00 20.14
CA ARG G 468 -40.34 -47.16 21.07
C ARG G 468 -39.91 -46.65 22.44
N CYS G 469 -40.34 -45.45 22.79
CA CYS G 469 -40.10 -44.88 24.11
C CYS G 469 -41.11 -43.77 24.35
N LYS G 470 -41.23 -43.37 25.61
CA LYS G 470 -42.05 -42.23 25.98
C LYS G 470 -41.38 -41.47 27.12
N ARG G 471 -41.33 -40.15 26.99
CA ARG G 471 -40.82 -39.29 28.05
C ARG G 471 -41.85 -39.27 29.17
N ARG G 472 -41.58 -40.05 30.23
CA ARG G 472 -42.55 -40.22 31.30
C ARG G 472 -42.80 -38.90 32.03
N VAL G 473 -43.99 -38.77 32.59
CA VAL G 473 -44.37 -37.58 33.32
C VAL G 473 -44.59 -37.91 34.79
N VAL H 2 -2.03 -46.32 21.50
CA VAL H 2 -1.63 -47.23 22.56
C VAL H 2 -2.83 -47.54 23.46
N GLY H 3 -2.97 -48.81 23.84
CA GLY H 3 -4.08 -49.23 24.66
C GLY H 3 -5.38 -49.26 23.86
N ILE H 4 -6.48 -49.41 24.61
CA ILE H 4 -7.81 -49.41 24.00
C ILE H 4 -8.57 -48.11 24.28
N GLY H 5 -8.07 -47.25 25.18
CA GLY H 5 -8.75 -46.00 25.44
C GLY H 5 -8.78 -45.09 24.22
N ALA H 6 -7.65 -45.00 23.51
CA ALA H 6 -7.61 -44.16 22.31
C ALA H 6 -8.55 -44.68 21.24
N VAL H 7 -8.57 -46.00 21.03
CA VAL H 7 -9.45 -46.58 20.01
C VAL H 7 -10.92 -46.38 20.39
N PHE H 8 -11.26 -46.61 21.66
CA PHE H 8 -12.64 -46.46 22.10
C PHE H 8 -13.05 -45.00 22.24
N LEU H 9 -12.09 -44.08 22.19
CA LEU H 9 -12.37 -42.65 22.24
C LEU H 9 -11.71 -41.94 21.06
N GLY H 10 -11.85 -42.50 19.87
CA GLY H 10 -11.29 -41.91 18.67
C GLY H 10 -12.21 -40.84 18.09
N PHE H 11 -12.22 -40.77 16.77
CA PHE H 11 -13.03 -39.79 16.04
C PHE H 11 -13.74 -40.52 14.91
N LEU H 12 -15.06 -40.58 14.98
CA LEU H 12 -15.89 -41.32 14.02
C LEU H 12 -15.46 -42.79 13.93
N GLY H 13 -15.13 -43.37 15.08
CA GLY H 13 -14.53 -44.69 15.08
C GLY H 13 -15.45 -45.77 14.53
N ALA H 14 -16.71 -45.77 14.95
CA ALA H 14 -17.65 -46.79 14.51
C ALA H 14 -18.77 -46.17 13.67
N ALA H 15 -18.40 -45.26 12.77
CA ALA H 15 -19.40 -44.54 11.99
C ALA H 15 -20.17 -45.48 11.08
N GLY H 16 -19.47 -46.38 10.39
CA GLY H 16 -20.12 -47.30 9.47
C GLY H 16 -20.73 -48.52 10.11
N SER H 17 -20.51 -48.72 11.41
CA SER H 17 -21.05 -49.89 12.09
C SER H 17 -22.56 -49.73 12.28
N THR H 18 -23.17 -50.74 12.89
CA THR H 18 -24.59 -50.69 13.18
C THR H 18 -24.88 -49.60 14.20
N MET H 19 -26.04 -48.96 14.04
CA MET H 19 -26.43 -47.90 14.97
C MET H 19 -26.59 -48.40 16.41
N GLY H 20 -26.88 -49.70 16.59
CA GLY H 20 -26.86 -50.27 17.92
C GLY H 20 -25.50 -50.11 18.58
N ALA H 21 -24.44 -50.34 17.80
CA ALA H 21 -23.09 -50.06 18.29
C ALA H 21 -22.84 -48.55 18.36
N ALA H 22 -23.43 -47.78 17.45
CA ALA H 22 -23.24 -46.33 17.48
C ALA H 22 -23.78 -45.70 18.75
N SER H 23 -24.80 -46.32 19.37
CA SER H 23 -25.38 -45.76 20.58
C SER H 23 -24.43 -45.81 21.78
N MET H 24 -23.47 -46.75 21.81
CA MET H 24 -22.64 -46.87 23.00
C MET H 24 -21.68 -45.69 23.14
N THR H 25 -21.28 -45.08 22.02
CA THR H 25 -20.31 -43.98 22.04
C THR H 25 -20.87 -42.77 21.32
N LEU H 26 -21.10 -41.70 22.07
CA LEU H 26 -21.52 -40.41 21.53
C LEU H 26 -20.61 -39.26 21.94
N THR H 27 -19.86 -39.40 23.04
CA THR H 27 -18.96 -38.34 23.47
C THR H 27 -17.86 -38.08 22.46
N VAL H 28 -17.45 -39.11 21.71
CA VAL H 28 -16.42 -38.94 20.70
C VAL H 28 -16.89 -38.01 19.59
N GLN H 29 -18.18 -37.72 19.53
CA GLN H 29 -18.73 -36.75 18.59
C GLN H 29 -19.16 -35.45 19.26
N ALA H 30 -19.80 -35.52 20.42
CA ALA H 30 -20.23 -34.31 21.10
C ALA H 30 -19.04 -33.48 21.58
N ARG H 31 -17.96 -34.14 22.00
CA ARG H 31 -16.81 -33.43 22.52
C ARG H 31 -15.90 -32.92 21.40
N ASN H 32 -15.64 -33.76 20.41
CA ASN H 32 -14.73 -33.39 19.32
C ASN H 32 -15.46 -32.64 18.21
N LEU H 33 -16.16 -31.57 18.59
CA LEU H 33 -16.87 -30.73 17.64
C LEU H 33 -16.55 -29.23 17.79
N LEU H 34 -15.98 -28.81 18.91
CA LEU H 34 -15.67 -27.40 19.14
C LEU H 34 -14.21 -27.13 19.44
N SER H 35 -13.56 -28.00 20.21
CA SER H 35 -12.15 -27.79 20.56
C SER H 35 -11.22 -28.30 19.47
N GLY H 36 -11.29 -29.60 19.19
CA GLY H 36 -10.41 -30.21 18.21
C GLY H 36 -9.41 -31.16 18.84
N THR H 58 0.55 -13.44 9.91
CA THR H 58 -0.84 -13.13 10.21
C THR H 58 -1.64 -12.88 8.93
N VAL H 59 -1.07 -13.29 7.80
CA VAL H 59 -1.76 -13.13 6.52
C VAL H 59 -3.04 -13.95 6.50
N TRP H 60 -2.97 -15.20 6.98
CA TRP H 60 -4.12 -16.10 7.01
C TRP H 60 -4.87 -16.02 8.34
N GLY H 61 -4.63 -14.99 9.13
CA GLY H 61 -5.43 -14.77 10.32
C GLY H 61 -6.90 -14.55 10.00
N ILE H 62 -7.18 -13.95 8.85
CA ILE H 62 -8.58 -13.83 8.41
C ILE H 62 -9.17 -15.21 8.17
N LYS H 63 -8.36 -16.14 7.66
CA LYS H 63 -8.84 -17.51 7.46
C LYS H 63 -9.10 -18.19 8.80
N GLN H 64 -8.21 -18.00 9.76
CA GLN H 64 -8.47 -18.43 11.13
C GLN H 64 -9.80 -17.90 11.65
N LEU H 65 -10.01 -16.59 11.53
CA LEU H 65 -11.22 -15.98 12.09
C LEU H 65 -12.46 -16.53 11.40
N GLN H 66 -12.42 -16.66 10.07
CA GLN H 66 -13.59 -17.17 9.34
C GLN H 66 -13.88 -18.61 9.74
N ALA H 67 -12.85 -19.46 9.84
CA ALA H 67 -13.09 -20.85 10.24
C ALA H 67 -13.65 -20.93 11.64
N ARG H 68 -13.10 -20.15 12.57
CA ARG H 68 -13.57 -20.18 13.95
C ARG H 68 -15.03 -19.73 14.05
N VAL H 69 -15.37 -18.64 13.36
CA VAL H 69 -16.74 -18.14 13.45
C VAL H 69 -17.71 -19.10 12.78
N LEU H 70 -17.30 -19.72 11.68
CA LEU H 70 -18.16 -20.71 11.03
C LEU H 70 -18.44 -21.88 11.96
N ALA H 71 -17.39 -22.42 12.58
CA ALA H 71 -17.58 -23.56 13.49
C ALA H 71 -18.46 -23.18 14.67
N VAL H 72 -18.21 -22.02 15.28
CA VAL H 72 -18.97 -21.64 16.48
C VAL H 72 -20.42 -21.38 16.12
N GLU H 73 -20.67 -20.72 14.98
CA GLU H 73 -22.04 -20.48 14.55
C GLU H 73 -22.78 -21.78 14.26
N ARG H 74 -22.12 -22.73 13.61
CA ARG H 74 -22.75 -24.02 13.33
C ARG H 74 -23.12 -24.74 14.62
N TYR H 75 -22.18 -24.80 15.57
CA TYR H 75 -22.46 -25.47 16.83
C TYR H 75 -23.58 -24.79 17.59
N LEU H 76 -23.58 -23.46 17.63
CA LEU H 76 -24.61 -22.76 18.39
C LEU H 76 -25.98 -22.91 17.74
N ARG H 77 -26.03 -22.91 16.41
CA ARG H 77 -27.29 -23.21 15.73
C ARG H 77 -27.78 -24.61 16.07
N ASP H 78 -26.87 -25.58 16.11
CA ASP H 78 -27.26 -26.95 16.46
C ASP H 78 -27.84 -27.00 17.87
N GLN H 79 -27.14 -26.37 18.83
CA GLN H 79 -27.62 -26.40 20.21
C GLN H 79 -28.96 -25.70 20.35
N GLN H 80 -29.15 -24.57 19.64
CA GLN H 80 -30.42 -23.89 19.68
C GLN H 80 -31.53 -24.74 19.06
N LEU H 81 -31.23 -25.44 17.97
CA LEU H 81 -32.21 -26.32 17.36
C LEU H 81 -32.65 -27.41 18.33
N LEU H 82 -31.72 -27.94 19.12
CA LEU H 82 -32.13 -28.85 20.19
C LEU H 82 -32.95 -28.12 21.25
N GLY H 83 -32.51 -26.92 21.66
CA GLY H 83 -33.12 -26.23 22.77
C GLY H 83 -34.56 -25.81 22.54
N ILE H 84 -34.87 -25.36 21.32
CA ILE H 84 -36.24 -25.01 20.98
C ILE H 84 -37.15 -26.23 21.02
N TRP H 85 -36.59 -27.43 20.93
CA TRP H 85 -37.31 -28.66 21.19
C TRP H 85 -37.38 -28.88 22.69
N GLY H 86 -37.81 -30.06 23.11
CA GLY H 86 -38.04 -30.31 24.53
C GLY H 86 -36.86 -30.88 25.28
N CYS H 87 -35.65 -30.66 24.79
CA CYS H 87 -34.45 -31.21 25.41
C CYS H 87 -33.25 -30.32 25.07
N SER H 88 -32.31 -30.23 26.00
CA SER H 88 -31.12 -29.42 25.77
C SER H 88 -29.84 -30.19 26.08
N GLY H 89 -29.90 -31.11 27.04
CA GLY H 89 -28.70 -31.81 27.47
C GLY H 89 -28.89 -33.28 27.79
N LYS H 90 -30.05 -33.84 27.46
CA LYS H 90 -30.25 -35.27 27.67
C LYS H 90 -29.44 -36.10 26.68
N LEU H 91 -29.10 -35.52 25.53
CA LEU H 91 -28.29 -36.13 24.48
C LEU H 91 -29.02 -37.26 23.78
N ILE H 92 -30.16 -37.68 24.33
CA ILE H 92 -31.00 -38.71 23.71
C ILE H 92 -32.44 -38.25 23.88
N CYS H 93 -33.00 -37.62 22.85
CA CYS H 93 -34.27 -36.93 22.97
C CYS H 93 -35.39 -37.82 22.48
N CYS H 94 -36.20 -38.32 23.42
CA CYS H 94 -37.39 -39.10 23.11
C CYS H 94 -38.60 -38.18 23.20
N THR H 95 -39.26 -37.96 22.06
CA THR H 95 -40.33 -36.99 21.94
C THR H 95 -41.68 -37.70 22.00
N ASN H 96 -42.69 -36.99 22.53
CA ASN H 96 -44.01 -37.56 22.80
C ASN H 96 -44.98 -37.36 21.64
N VAL H 97 -44.49 -37.40 20.40
CA VAL H 97 -45.35 -37.18 19.24
C VAL H 97 -45.28 -38.41 18.34
N PRO H 98 -46.32 -38.72 17.57
CA PRO H 98 -46.31 -39.94 16.76
C PRO H 98 -45.44 -39.79 15.52
N TRP H 99 -45.24 -40.93 14.85
CA TRP H 99 -44.40 -41.01 13.66
C TRP H 99 -45.17 -41.75 12.56
N ASN H 100 -45.22 -41.17 11.36
CA ASN H 100 -45.93 -41.78 10.26
C ASN H 100 -45.20 -43.05 9.82
N SER H 101 -45.96 -44.12 9.55
CA SER H 101 -45.41 -45.42 9.24
C SER H 101 -45.17 -45.62 7.74
N SER H 102 -45.02 -44.54 6.97
CA SER H 102 -44.77 -44.63 5.55
C SER H 102 -43.41 -44.07 5.15
N TRP H 103 -42.54 -43.75 6.11
CA TRP H 103 -41.25 -43.16 5.82
C TRP H 103 -40.17 -44.22 5.62
N SER H 104 -39.92 -45.01 6.66
CA SER H 104 -38.90 -46.05 6.59
C SER H 104 -39.44 -47.33 5.96
N ASN H 105 -40.68 -47.70 6.29
CA ASN H 105 -41.28 -48.94 5.82
C ASN H 105 -40.39 -50.14 6.13
N ARG H 106 -39.82 -50.13 7.32
CA ARG H 106 -38.90 -51.17 7.78
C ARG H 106 -39.35 -51.64 9.16
N ASN H 107 -39.12 -52.92 9.43
CA ASN H 107 -39.52 -53.49 10.71
C ASN H 107 -38.69 -52.88 11.84
N LEU H 108 -39.36 -52.51 12.92
CA LEU H 108 -38.70 -51.87 14.05
C LEU H 108 -38.01 -52.87 14.98
N SER H 109 -38.29 -54.16 14.83
CA SER H 109 -37.62 -55.15 15.68
C SER H 109 -36.15 -55.29 15.29
N GLU H 110 -35.84 -55.32 14.00
CA GLU H 110 -34.47 -55.43 13.52
C GLU H 110 -33.91 -54.09 13.05
N ILE H 111 -34.60 -52.98 13.36
CA ILE H 111 -34.14 -51.67 12.93
C ILE H 111 -32.85 -51.27 13.61
N TRP H 112 -32.50 -51.90 14.73
CA TRP H 112 -31.43 -51.44 15.59
C TRP H 112 -30.17 -52.30 15.50
N ASP H 113 -30.12 -53.28 14.60
CA ASP H 113 -29.00 -54.21 14.59
C ASP H 113 -28.36 -54.41 13.22
N ASN H 114 -29.13 -54.28 12.15
CA ASN H 114 -28.67 -54.70 10.83
C ASN H 114 -28.25 -53.56 9.91
N MET H 115 -28.95 -52.43 9.92
CA MET H 115 -28.69 -51.37 8.97
C MET H 115 -27.83 -50.27 9.62
N THR H 116 -27.64 -49.15 8.93
CA THR H 116 -26.67 -48.15 9.34
C THR H 116 -27.25 -46.75 9.22
N TRP H 117 -26.68 -45.83 10.00
CA TRP H 117 -26.94 -44.41 9.79
C TRP H 117 -26.56 -43.98 8.38
N LEU H 118 -25.58 -44.64 7.79
CA LEU H 118 -25.15 -44.34 6.42
C LEU H 118 -26.16 -44.79 5.38
N GLN H 119 -27.21 -45.50 5.78
CA GLN H 119 -28.38 -45.62 4.92
C GLN H 119 -29.55 -44.80 5.43
N TRP H 120 -29.63 -44.56 6.73
CA TRP H 120 -30.68 -43.69 7.26
C TRP H 120 -30.64 -42.32 6.59
N ASP H 121 -29.44 -41.74 6.50
CA ASP H 121 -29.27 -40.49 5.78
C ASP H 121 -29.70 -40.62 4.32
N LYS H 122 -29.67 -41.83 3.75
CA LYS H 122 -30.10 -42.03 2.37
C LYS H 122 -31.62 -41.97 2.25
N GLU H 123 -32.34 -42.87 2.95
CA GLU H 123 -33.79 -42.81 2.73
C GLU H 123 -34.49 -41.68 3.49
N ILE H 124 -33.76 -40.87 4.27
CA ILE H 124 -34.36 -39.63 4.77
C ILE H 124 -33.97 -38.42 3.91
N SER H 125 -32.93 -38.53 3.08
CA SER H 125 -32.51 -37.41 2.26
C SER H 125 -33.59 -37.02 1.24
N ASN H 126 -34.32 -38.00 0.72
CA ASN H 126 -35.32 -37.72 -0.31
C ASN H 126 -36.40 -36.78 0.22
N TYR H 127 -36.83 -36.98 1.46
CA TYR H 127 -37.85 -36.14 2.10
C TYR H 127 -37.21 -35.50 3.32
N THR H 128 -36.84 -34.22 3.22
CA THR H 128 -36.02 -33.57 4.22
C THR H 128 -36.61 -32.21 4.60
N GLN H 129 -36.24 -31.75 5.80
CA GLN H 129 -36.76 -30.54 6.43
C GLN H 129 -38.28 -30.55 6.55
N ILE H 130 -38.86 -31.72 6.85
CA ILE H 130 -40.28 -31.78 7.19
C ILE H 130 -40.45 -32.52 8.51
N ILE H 131 -39.51 -33.40 8.83
CA ILE H 131 -39.55 -34.11 10.11
C ILE H 131 -39.31 -33.13 11.25
N TYR H 132 -38.31 -32.27 11.10
CA TYR H 132 -38.07 -31.24 12.10
C TYR H 132 -39.26 -30.29 12.21
N GLY H 133 -39.92 -29.99 11.08
CA GLY H 133 -41.10 -29.15 11.14
C GLY H 133 -42.22 -29.79 11.94
N LEU H 134 -42.49 -31.07 11.68
CA LEU H 134 -43.54 -31.78 12.41
C LEU H 134 -43.23 -31.84 13.89
N LEU H 135 -41.99 -32.22 14.23
CA LEU H 135 -41.60 -32.29 15.64
C LEU H 135 -41.68 -30.92 16.30
N GLU H 136 -41.25 -29.88 15.59
CA GLU H 136 -41.27 -28.52 16.12
C GLU H 136 -42.69 -28.08 16.45
N GLU H 137 -43.60 -28.20 15.48
CA GLU H 137 -44.97 -27.76 15.71
C GLU H 137 -45.66 -28.60 16.79
N SER H 138 -45.49 -29.92 16.72
CA SER H 138 -46.17 -30.79 17.68
C SER H 138 -45.70 -30.53 19.10
N GLN H 139 -44.38 -30.51 19.31
CA GLN H 139 -43.93 -30.24 20.67
C GLN H 139 -44.11 -28.78 21.05
N ASN H 140 -44.22 -27.87 20.08
CA ASN H 140 -44.52 -26.48 20.40
C ASN H 140 -45.91 -26.36 21.01
N GLN H 141 -46.89 -27.02 20.41
CA GLN H 141 -48.20 -27.06 21.05
C GLN H 141 -48.18 -27.89 22.33
N GLN H 142 -47.26 -28.84 22.44
CA GLN H 142 -47.10 -29.59 23.69
C GLN H 142 -46.68 -28.66 24.83
N GLU H 143 -45.61 -27.87 24.64
CA GLU H 143 -45.27 -26.91 25.69
C GLU H 143 -46.25 -25.76 25.75
N LYS H 144 -47.07 -25.55 24.71
CA LYS H 144 -48.15 -24.57 24.82
C LYS H 144 -49.19 -25.04 25.84
N ASN H 145 -49.57 -26.32 25.77
CA ASN H 145 -50.46 -26.88 26.79
C ASN H 145 -49.78 -26.88 28.15
N GLU H 146 -48.48 -27.20 28.18
CA GLU H 146 -47.73 -27.15 29.44
C GLU H 146 -47.77 -25.75 30.03
N GLN H 147 -47.56 -24.72 29.20
CA GLN H 147 -47.60 -23.34 29.66
C GLN H 147 -48.98 -22.93 30.14
N ASP H 148 -50.03 -23.36 29.42
CA ASP H 148 -51.38 -23.03 29.85
C ASP H 148 -51.69 -23.64 31.21
N LEU H 149 -51.34 -24.92 31.40
CA LEU H 149 -51.57 -25.56 32.70
C LEU H 149 -50.72 -24.91 33.79
N LEU H 150 -49.48 -24.56 33.46
CA LEU H 150 -48.59 -23.90 34.42
C LEU H 150 -49.16 -22.55 34.86
N ALA H 151 -49.70 -21.78 33.91
CA ALA H 151 -50.26 -20.48 34.24
C ALA H 151 -51.57 -20.61 35.02
N LEU H 152 -52.42 -21.57 34.66
CA LEU H 152 -53.67 -21.73 35.39
C LEU H 152 -53.50 -22.46 36.73
N ASP H 153 -52.34 -23.06 36.97
CA ASP H 153 -52.07 -23.74 38.23
C ASP H 153 -52.04 -22.76 39.39
N HIS I 1 -21.83 -12.80 -24.78
CA HIS I 1 -21.96 -13.84 -25.80
C HIS I 1 -20.61 -14.48 -26.10
N VAL I 2 -20.52 -15.18 -27.23
CA VAL I 2 -19.32 -15.88 -27.64
C VAL I 2 -18.98 -15.41 -29.05
N GLN I 3 -17.93 -14.61 -29.17
CA GLN I 3 -17.54 -14.00 -30.43
C GLN I 3 -16.27 -14.66 -30.95
N LEU I 4 -16.28 -15.09 -32.20
CA LEU I 4 -15.09 -15.64 -32.82
C LEU I 4 -15.15 -15.44 -34.33
N VAL I 5 -14.02 -15.06 -34.92
CA VAL I 5 -13.92 -14.76 -36.34
C VAL I 5 -12.61 -15.32 -36.88
N GLN I 6 -12.56 -15.46 -38.20
CA GLN I 6 -11.39 -15.96 -38.90
C GLN I 6 -10.95 -14.95 -39.94
N SER I 7 -9.74 -15.15 -40.48
CA SER I 7 -9.21 -14.24 -41.47
C SER I 7 -8.02 -14.87 -42.17
N GLY I 8 -7.83 -14.50 -43.44
CA GLY I 8 -6.62 -14.80 -44.16
C GLY I 8 -6.65 -15.99 -45.09
N GLY I 9 -7.75 -16.26 -45.78
CA GLY I 9 -7.84 -17.36 -46.71
C GLY I 9 -7.22 -17.04 -48.05
N GLY I 10 -7.83 -17.57 -49.11
CA GLY I 10 -7.40 -17.25 -50.46
C GLY I 10 -6.77 -18.40 -51.23
N VAL I 11 -6.09 -18.07 -52.33
CA VAL I 11 -5.45 -19.05 -53.19
C VAL I 11 -3.96 -18.75 -53.26
N LYS I 12 -3.15 -19.80 -53.21
CA LYS I 12 -1.70 -19.66 -53.15
C LYS I 12 -1.04 -20.71 -54.03
N LYS I 13 0.18 -20.40 -54.48
CA LYS I 13 0.97 -21.31 -55.29
C LYS I 13 1.61 -22.39 -54.42
N ILE I 14 1.75 -23.58 -55.00
CA ILE I 14 2.33 -24.70 -54.26
C ILE I 14 3.74 -24.36 -53.79
N GLY I 15 4.03 -24.71 -52.54
CA GLY I 15 5.33 -24.47 -51.95
C GLY I 15 5.42 -23.29 -51.03
N ALA I 16 4.36 -22.49 -50.91
CA ALA I 16 4.34 -21.34 -50.02
C ALA I 16 3.57 -21.65 -48.75
N ALA I 17 3.67 -20.75 -47.78
CA ALA I 17 3.09 -20.94 -46.46
C ALA I 17 1.79 -20.15 -46.35
N VAL I 18 0.74 -20.81 -45.89
CA VAL I 18 -0.56 -20.18 -45.67
C VAL I 18 -0.66 -19.79 -44.20
N ARG I 19 -1.03 -18.55 -43.94
CA ARG I 19 -1.22 -18.05 -42.58
C ARG I 19 -2.70 -17.81 -42.35
N ILE I 20 -3.26 -18.52 -41.38
CA ILE I 20 -4.68 -18.41 -41.03
C ILE I 20 -4.78 -17.82 -39.63
N SER I 21 -5.49 -16.69 -39.51
CA SER I 21 -5.65 -16.01 -38.24
C SER I 21 -7.05 -16.23 -37.70
N CYS I 22 -7.17 -16.27 -36.38
CA CYS I 22 -8.44 -16.58 -35.73
C CYS I 22 -8.55 -15.76 -34.45
N GLU I 23 -9.45 -14.79 -34.43
CA GLU I 23 -9.58 -13.86 -33.32
C GLU I 23 -10.83 -14.17 -32.52
N VAL I 24 -10.67 -14.36 -31.21
CA VAL I 24 -11.79 -14.74 -30.36
C VAL I 24 -11.88 -13.80 -29.16
N SER I 25 -13.11 -13.58 -28.71
CA SER I 25 -13.41 -12.69 -27.59
C SER I 25 -14.81 -13.03 -27.08
N GLY I 26 -15.21 -12.34 -26.02
CA GLY I 26 -16.49 -12.58 -25.38
C GLY I 26 -16.46 -13.60 -24.26
N TYR I 27 -15.30 -14.23 -24.01
CA TYR I 27 -15.15 -15.18 -22.92
C TYR I 27 -13.70 -15.15 -22.47
N ASN I 28 -13.48 -15.62 -21.24
CA ASN I 28 -12.11 -15.71 -20.73
C ASN I 28 -11.28 -16.59 -21.65
N PHE I 29 -10.12 -16.06 -22.08
CA PHE I 29 -9.37 -16.72 -23.14
C PHE I 29 -8.44 -17.82 -22.63
N MET I 30 -8.13 -17.86 -21.34
CA MET I 30 -7.14 -18.80 -20.85
C MET I 30 -7.59 -20.25 -21.03
N ASP I 31 -8.84 -20.53 -20.69
CA ASP I 31 -9.39 -21.87 -20.84
C ASP I 31 -9.86 -22.07 -22.29
N GLN I 32 -10.66 -23.11 -22.52
CA GLN I 32 -11.37 -23.29 -23.79
C GLN I 32 -10.40 -23.44 -24.96
N PHE I 33 -9.76 -24.62 -25.00
CA PHE I 33 -8.89 -25.05 -26.08
C PHE I 33 -9.50 -24.73 -27.44
N ILE I 34 -8.66 -24.46 -28.44
CA ILE I 34 -9.11 -24.19 -29.80
C ILE I 34 -8.81 -25.44 -30.63
N ASN I 35 -9.86 -26.14 -31.05
CA ASN I 35 -9.71 -27.25 -31.98
C ASN I 35 -9.75 -26.68 -33.39
N TRP I 36 -8.93 -27.19 -34.28
CA TRP I 36 -8.90 -26.66 -35.65
C TRP I 36 -9.33 -27.76 -36.60
N VAL I 37 -10.52 -27.62 -37.16
CA VAL I 37 -11.13 -28.69 -37.94
C VAL I 37 -11.09 -28.33 -39.42
N ARG I 38 -10.70 -29.30 -40.23
CA ARG I 38 -10.57 -29.12 -41.67
C ARG I 38 -11.73 -29.79 -42.39
N GLN I 39 -12.09 -29.23 -43.55
CA GLN I 39 -13.15 -29.77 -44.39
C GLN I 39 -12.69 -29.74 -45.84
N ALA I 40 -12.42 -30.93 -46.38
CA ALA I 40 -12.10 -31.18 -47.78
C ALA I 40 -13.37 -31.48 -48.55
N PRO I 41 -13.63 -30.78 -49.65
CA PRO I 41 -14.89 -30.99 -50.38
C PRO I 41 -15.01 -32.42 -50.88
N GLY I 42 -16.23 -32.95 -50.79
CA GLY I 42 -16.51 -34.32 -51.19
C GLY I 42 -16.31 -35.36 -50.11
N GLN I 43 -15.84 -34.97 -48.92
CA GLN I 43 -15.57 -35.89 -47.83
C GLN I 43 -16.09 -35.28 -46.53
N GLY I 44 -16.17 -36.11 -45.51
CA GLY I 44 -16.52 -35.63 -44.19
C GLY I 44 -15.36 -34.90 -43.52
N LEU I 45 -15.66 -34.28 -42.38
CA LEU I 45 -14.65 -33.55 -41.63
C LEU I 45 -13.50 -34.47 -41.20
N GLU I 46 -12.31 -33.90 -41.18
CA GLU I 46 -11.11 -34.52 -40.62
C GLU I 46 -10.60 -33.62 -39.50
N TRP I 47 -9.59 -34.09 -38.78
CA TRP I 47 -9.07 -33.35 -37.64
C TRP I 47 -7.63 -32.93 -37.90
N MET I 48 -7.33 -31.66 -37.64
CA MET I 48 -5.97 -31.16 -37.68
C MET I 48 -5.35 -31.03 -36.29
N GLY I 49 -6.07 -31.44 -35.26
CA GLY I 49 -5.60 -31.30 -33.90
C GLY I 49 -6.13 -30.06 -33.20
N TRP I 50 -5.45 -29.72 -32.11
CA TRP I 50 -5.90 -28.61 -31.28
C TRP I 50 -4.73 -27.91 -30.64
N MET I 51 -5.05 -26.77 -30.03
CA MET I 51 -4.10 -25.90 -29.36
C MET I 51 -4.71 -25.43 -28.05
N ASN I 52 -3.85 -25.23 -27.05
CA ASN I 52 -4.28 -24.77 -25.73
C ASN I 52 -3.53 -23.49 -25.44
N PRO I 53 -4.22 -22.37 -25.21
CA PRO I 53 -3.55 -21.06 -25.17
C PRO I 53 -2.94 -20.68 -23.83
N ILE I 54 -3.08 -21.51 -22.79
CA ILE I 54 -2.42 -21.19 -21.52
C ILE I 54 -0.91 -21.12 -21.72
N TYR I 55 -0.34 -22.14 -22.36
CA TYR I 55 1.10 -22.16 -22.61
C TYR I 55 1.41 -22.58 -24.04
N GLY I 56 0.46 -22.40 -24.96
CA GLY I 56 0.64 -22.78 -26.34
C GLY I 56 0.85 -24.25 -26.58
N GLN I 57 0.18 -25.11 -25.82
CA GLN I 57 0.27 -26.54 -26.11
C GLN I 57 -0.35 -26.85 -27.46
N VAL I 58 0.20 -27.86 -28.13
CA VAL I 58 -0.32 -28.33 -29.40
C VAL I 58 -0.55 -29.82 -29.31
N ASN I 59 -1.41 -30.33 -30.19
CA ASN I 59 -1.65 -31.76 -30.28
C ASN I 59 -2.16 -32.03 -31.69
N TYR I 60 -1.31 -32.66 -32.51
CA TYR I 60 -1.55 -32.77 -33.95
C TYR I 60 -2.29 -34.06 -34.28
N SER I 61 -2.38 -34.36 -35.57
CA SER I 61 -2.92 -35.61 -36.08
C SER I 61 -1.78 -36.54 -36.45
N TRP I 62 -2.09 -37.64 -37.12
CA TRP I 62 -1.09 -38.59 -37.58
C TRP I 62 -0.55 -38.25 -38.96
N ARG I 63 -0.86 -37.06 -39.48
CA ARG I 63 -0.49 -36.65 -40.83
C ARG I 63 0.27 -35.34 -40.89
N PHE I 64 -0.06 -34.37 -40.05
CA PHE I 64 0.44 -33.00 -40.17
C PHE I 64 1.71 -32.73 -39.38
N GLN I 65 2.26 -33.74 -38.70
CA GLN I 65 3.40 -33.51 -37.83
C GLN I 65 4.64 -33.19 -38.65
N GLY I 66 5.07 -31.94 -38.59
CA GLY I 66 6.16 -31.46 -39.42
C GLY I 66 5.75 -30.51 -40.53
N ARG I 67 4.49 -30.07 -40.56
CA ARG I 67 4.01 -29.13 -41.57
C ARG I 67 3.17 -27.99 -41.02
N VAL I 68 2.82 -28.01 -39.73
CA VAL I 68 1.89 -27.06 -39.15
C VAL I 68 2.52 -26.45 -37.92
N THR I 69 2.22 -25.16 -37.67
CA THR I 69 2.58 -24.51 -36.42
C THR I 69 1.37 -23.72 -35.93
N MET I 70 0.86 -24.09 -34.76
CA MET I 70 -0.26 -23.40 -34.12
C MET I 70 0.31 -22.48 -33.04
N THR I 71 0.50 -21.21 -33.39
CA THR I 71 1.00 -20.22 -32.44
C THR I 71 -0.19 -19.42 -31.89
N ARG I 72 0.11 -18.50 -30.98
CA ARG I 72 -0.95 -17.69 -30.40
C ARG I 72 -0.43 -16.32 -30.03
N GLN I 73 -1.37 -15.47 -29.62
CA GLN I 73 -1.06 -14.19 -29.00
C GLN I 73 -2.15 -13.88 -27.98
N LEU I 74 -1.71 -13.68 -26.74
CA LEU I 74 -2.58 -13.32 -25.63
C LEU I 74 -2.71 -11.79 -25.56
N SER I 75 -3.27 -11.30 -24.46
CA SER I 75 -3.42 -9.87 -24.25
C SER I 75 -2.33 -9.39 -23.29
N GLN I 76 -1.49 -8.46 -23.78
CA GLN I 76 -0.38 -7.98 -22.96
C GLN I 76 -0.85 -7.07 -21.83
N ASP I 77 -1.80 -6.18 -22.12
CA ASP I 77 -2.31 -5.21 -21.10
C ASP I 77 -3.57 -5.77 -20.42
N PRO I 78 -3.75 -5.62 -19.09
CA PRO I 78 -4.94 -6.16 -18.42
C PRO I 78 -6.24 -5.45 -18.79
N ASP I 79 -6.18 -4.52 -19.75
CA ASP I 79 -7.40 -3.84 -20.17
C ASP I 79 -8.38 -4.80 -20.82
N ASP I 80 -7.89 -5.73 -21.64
CA ASP I 80 -8.73 -6.68 -22.36
C ASP I 80 -8.20 -8.10 -22.18
N PRO I 81 -8.28 -8.63 -20.95
CA PRO I 81 -7.70 -9.97 -20.70
C PRO I 81 -8.40 -11.10 -21.44
N ASP I 82 -9.60 -10.86 -21.98
CA ASP I 82 -10.39 -11.90 -22.64
C ASP I 82 -10.43 -11.74 -24.15
N TRP I 83 -9.32 -11.33 -24.75
CA TRP I 83 -9.20 -11.19 -26.20
C TRP I 83 -7.96 -11.93 -26.64
N GLY I 84 -8.12 -12.87 -27.58
CA GLY I 84 -7.02 -13.71 -27.98
C GLY I 84 -7.00 -13.94 -29.48
N THR I 85 -5.81 -14.31 -29.99
CA THR I 85 -5.67 -14.56 -31.42
C THR I 85 -4.82 -15.80 -31.63
N ALA I 86 -5.42 -16.85 -32.17
CA ALA I 86 -4.71 -18.08 -32.51
C ALA I 86 -4.32 -18.07 -33.98
N PHE I 87 -3.07 -18.43 -34.26
CA PHE I 87 -2.51 -18.35 -35.60
C PHE I 87 -2.08 -19.74 -36.05
N MET I 88 -2.22 -20.00 -37.35
CA MET I 88 -1.74 -21.25 -37.93
C MET I 88 -0.88 -20.95 -39.14
N GLU I 89 0.34 -21.46 -39.14
CA GLU I 89 1.25 -21.37 -40.28
C GLU I 89 1.41 -22.75 -40.88
N LEU I 90 1.04 -22.89 -42.16
CA LEU I 90 1.08 -24.17 -42.85
C LEU I 90 2.11 -24.08 -43.97
N ARG I 91 3.02 -25.04 -44.03
CA ARG I 91 4.16 -25.00 -44.93
C ARG I 91 4.14 -26.18 -45.89
N GLY I 92 4.65 -25.95 -47.09
CA GLY I 92 4.88 -27.04 -48.04
C GLY I 92 3.64 -27.83 -48.39
N LEU I 93 2.51 -27.15 -48.57
CA LEU I 93 1.24 -27.86 -48.77
C LEU I 93 1.21 -28.53 -50.13
N ARG I 94 0.66 -29.74 -50.16
CA ARG I 94 0.43 -30.42 -51.42
C ARG I 94 -0.80 -29.84 -52.11
N VAL I 95 -0.93 -30.15 -53.40
CA VAL I 95 -2.01 -29.57 -54.20
C VAL I 95 -3.37 -30.11 -53.78
N ASP I 96 -3.42 -31.20 -53.02
CA ASP I 96 -4.67 -31.89 -52.71
C ASP I 96 -5.28 -31.46 -51.39
N ASP I 97 -5.09 -30.21 -50.96
CA ASP I 97 -5.69 -29.74 -49.71
C ASP I 97 -6.47 -28.44 -49.90
N THR I 98 -7.03 -28.24 -51.09
CA THR I 98 -7.98 -27.15 -51.27
C THR I 98 -9.19 -27.43 -50.39
N ALA I 99 -9.40 -26.62 -49.36
CA ALA I 99 -10.35 -27.00 -48.32
C ALA I 99 -10.80 -25.73 -47.58
N VAL I 100 -11.53 -25.93 -46.49
CA VAL I 100 -11.96 -24.84 -45.63
C VAL I 100 -11.64 -25.20 -44.18
N TYR I 101 -11.15 -24.22 -43.43
CA TYR I 101 -10.66 -24.42 -42.08
C TYR I 101 -11.55 -23.66 -41.09
N TYR I 102 -11.94 -24.35 -40.02
CA TYR I 102 -12.84 -23.83 -38.99
C TYR I 102 -12.14 -23.85 -37.64
N CYS I 103 -12.44 -22.82 -36.83
CA CYS I 103 -11.94 -22.72 -35.46
C CYS I 103 -13.01 -23.22 -34.50
N ALA I 104 -13.10 -24.54 -34.37
CA ALA I 104 -14.05 -25.08 -33.42
C ALA I 104 -13.55 -24.89 -32.00
N ARG I 105 -14.48 -24.81 -31.05
CA ARG I 105 -14.14 -24.85 -29.64
C ARG I 105 -15.20 -25.67 -28.92
N GLY I 106 -15.20 -25.61 -27.59
CA GLY I 106 -16.05 -26.48 -26.82
C GLY I 106 -16.81 -25.77 -25.72
N PRO I 107 -17.66 -26.53 -25.02
CA PRO I 107 -18.49 -25.94 -23.96
C PRO I 107 -17.67 -25.57 -22.73
N SER I 108 -18.33 -24.98 -21.74
CA SER I 108 -17.63 -24.45 -20.57
C SER I 108 -17.05 -25.60 -19.74
N GLY I 109 -15.77 -25.50 -19.43
CA GLY I 109 -15.10 -26.47 -18.58
C GLY I 109 -14.63 -27.72 -19.29
N GLU I 110 -14.96 -27.89 -20.57
CA GLU I 110 -14.58 -29.09 -21.30
C GLU I 110 -13.95 -28.70 -22.63
N ASN I 111 -13.82 -29.69 -23.52
CA ASN I 111 -13.23 -29.50 -24.87
C ASN I 111 -13.88 -30.47 -25.88
N TYR I 112 -14.79 -31.34 -25.45
CA TYR I 112 -15.40 -32.27 -26.38
C TYR I 112 -16.87 -32.48 -26.01
N PRO I 113 -17.77 -32.44 -27.00
CA PRO I 113 -17.56 -32.22 -28.43
C PRO I 113 -17.70 -30.74 -28.80
N PHE I 114 -17.46 -30.39 -30.07
CA PHE I 114 -17.48 -28.99 -30.48
C PHE I 114 -18.89 -28.43 -30.42
N HIS I 115 -19.05 -27.26 -29.79
CA HIS I 115 -20.32 -26.53 -29.83
C HIS I 115 -20.32 -25.38 -30.82
N TYR I 116 -19.45 -24.40 -30.62
CA TYR I 116 -19.34 -23.27 -31.54
C TYR I 116 -18.45 -23.63 -32.71
N TRP I 117 -18.67 -22.96 -33.83
CA TRP I 117 -17.83 -23.09 -35.00
C TRP I 117 -17.56 -21.71 -35.55
N GLY I 118 -16.80 -21.65 -36.65
CA GLY I 118 -16.45 -20.41 -37.28
C GLY I 118 -16.90 -20.36 -38.73
N GLN I 119 -17.02 -19.13 -39.23
CA GLN I 119 -17.38 -18.94 -40.63
C GLN I 119 -16.42 -19.66 -41.57
N GLY I 120 -15.16 -19.79 -41.18
CA GLY I 120 -14.23 -20.65 -41.88
C GLY I 120 -13.55 -19.97 -43.05
N VAL I 121 -12.24 -20.17 -43.16
CA VAL I 121 -11.48 -19.60 -44.27
C VAL I 121 -11.23 -20.67 -45.30
N ARG I 122 -11.48 -20.34 -46.57
CA ARG I 122 -11.28 -21.26 -47.67
C ARG I 122 -9.92 -21.01 -48.30
N VAL I 123 -9.15 -22.09 -48.50
CA VAL I 123 -7.82 -22.01 -49.06
C VAL I 123 -7.76 -22.93 -50.27
N VAL I 124 -7.26 -22.40 -51.38
CA VAL I 124 -7.09 -23.14 -52.62
C VAL I 124 -5.64 -22.99 -53.06
N VAL I 125 -5.15 -23.97 -53.81
CA VAL I 125 -3.78 -23.97 -54.28
C VAL I 125 -3.78 -24.06 -55.79
N SER I 126 -2.89 -23.31 -56.44
CA SER I 126 -2.79 -23.31 -57.89
C SER I 126 -1.40 -23.74 -58.33
N LEU J 1 -20.23 -42.53 -38.22
CA LEU J 1 -18.98 -43.14 -38.68
C LEU J 1 -19.29 -44.20 -39.74
N THR J 2 -18.77 -43.98 -40.95
CA THR J 2 -19.12 -44.77 -42.14
C THR J 2 -20.64 -44.74 -42.38
N GLN J 3 -21.12 -43.52 -42.65
CA GLN J 3 -22.52 -43.20 -42.91
C GLN J 3 -22.84 -43.36 -44.39
N PRO J 4 -24.12 -43.52 -44.73
CA PRO J 4 -24.51 -43.57 -46.14
C PRO J 4 -24.29 -42.22 -46.83
N ALA J 5 -24.20 -42.27 -48.15
CA ALA J 5 -23.88 -41.07 -48.93
C ALA J 5 -25.01 -40.06 -48.89
N SER J 6 -26.18 -40.44 -49.39
CA SER J 6 -27.31 -39.52 -49.45
C SER J 6 -28.61 -40.33 -49.45
N MET J 7 -29.70 -39.63 -49.15
CA MET J 7 -31.01 -40.26 -49.09
C MET J 7 -32.09 -39.22 -49.30
N SER J 8 -33.28 -39.70 -49.67
CA SER J 8 -34.42 -38.86 -49.99
C SER J 8 -35.62 -39.25 -49.15
N ALA J 9 -36.50 -38.28 -48.92
CA ALA J 9 -37.70 -38.47 -48.13
C ALA J 9 -38.77 -37.50 -48.61
N SER J 10 -39.96 -37.63 -48.05
CA SER J 10 -41.09 -36.77 -48.35
C SER J 10 -41.68 -36.23 -47.06
N PRO J 11 -42.35 -35.07 -47.11
CA PRO J 11 -42.86 -34.47 -45.88
C PRO J 11 -43.85 -35.38 -45.17
N GLY J 12 -43.85 -35.29 -43.84
CA GLY J 12 -44.72 -36.11 -43.01
C GLY J 12 -44.21 -37.50 -42.71
N GLN J 13 -42.96 -37.80 -43.05
CA GLN J 13 -42.39 -39.12 -42.85
C GLN J 13 -41.39 -39.10 -41.71
N SER J 14 -41.36 -40.18 -40.94
CA SER J 14 -40.41 -40.37 -39.85
C SER J 14 -39.35 -41.37 -40.30
N VAL J 15 -38.07 -40.99 -40.13
CA VAL J 15 -36.96 -41.79 -40.63
C VAL J 15 -35.89 -41.89 -39.54
N THR J 16 -35.07 -42.94 -39.65
CA THR J 16 -34.00 -43.24 -38.72
C THR J 16 -32.65 -43.16 -39.42
N ILE J 17 -31.68 -42.62 -38.72
CA ILE J 17 -30.30 -42.52 -39.18
C ILE J 17 -29.45 -43.42 -38.29
N SER J 18 -28.60 -44.23 -38.90
CA SER J 18 -27.78 -45.20 -38.20
C SER J 18 -26.30 -44.84 -38.34
N CYS J 19 -25.60 -44.78 -37.21
CA CYS J 19 -24.17 -44.54 -37.18
C CYS J 19 -23.46 -45.81 -36.73
N SER J 20 -22.49 -46.24 -37.52
CA SER J 20 -21.77 -47.49 -37.27
C SER J 20 -20.52 -47.24 -36.44
N GLY J 21 -19.91 -48.34 -35.99
CA GLY J 21 -18.71 -48.23 -35.18
C GLY J 21 -19.00 -47.59 -33.85
N THR J 22 -18.20 -46.58 -33.51
CA THR J 22 -18.28 -45.76 -32.30
C THR J 22 -17.94 -46.52 -31.02
N ARG J 23 -17.72 -47.84 -31.10
CA ARG J 23 -17.13 -48.64 -30.02
C ARG J 23 -17.75 -48.34 -28.66
N HIS J 24 -19.01 -47.89 -28.63
CA HIS J 24 -19.75 -47.65 -27.39
C HIS J 24 -19.07 -46.56 -26.55
N ILE J 25 -18.72 -45.45 -27.21
CA ILE J 25 -18.03 -44.36 -26.51
C ILE J 25 -18.74 -43.03 -26.76
N ILE J 26 -20.06 -43.06 -26.96
CA ILE J 26 -20.90 -41.89 -27.21
C ILE J 26 -20.57 -41.23 -28.54
N SER J 27 -21.59 -41.08 -29.38
CA SER J 27 -21.51 -40.34 -30.63
C SER J 27 -22.40 -39.11 -30.55
N ALA J 28 -22.14 -38.16 -31.45
CA ALA J 28 -22.89 -36.93 -31.52
C ALA J 28 -23.31 -36.68 -32.96
N TRP J 29 -24.37 -35.89 -33.14
CA TRP J 29 -24.90 -35.60 -34.46
C TRP J 29 -24.86 -34.09 -34.70
N PHE J 30 -24.25 -33.70 -35.83
CA PHE J 30 -24.15 -32.32 -36.26
C PHE J 30 -24.97 -32.14 -37.53
N GLN J 31 -25.85 -31.14 -37.53
CA GLN J 31 -26.60 -30.74 -38.71
C GLN J 31 -25.86 -29.64 -39.44
N GLN J 32 -25.65 -29.82 -40.74
CA GLN J 32 -24.83 -28.92 -41.54
C GLN J 32 -25.62 -28.43 -42.73
N TYR J 33 -25.67 -27.12 -42.90
CA TYR J 33 -26.16 -26.56 -44.14
C TYR J 33 -25.04 -26.56 -45.18
N PRO J 34 -25.39 -26.68 -46.46
CA PRO J 34 -24.35 -26.74 -47.51
C PRO J 34 -23.46 -25.50 -47.49
N GLY J 35 -22.18 -25.72 -47.20
CA GLY J 35 -21.22 -24.62 -47.12
C GLY J 35 -21.45 -23.67 -45.96
N LYS J 36 -21.71 -24.19 -44.77
CA LYS J 36 -21.98 -23.39 -43.59
C LYS J 36 -21.42 -24.09 -42.37
N PRO J 37 -21.23 -23.37 -41.27
CA PRO J 37 -20.73 -24.01 -40.04
C PRO J 37 -21.83 -24.81 -39.36
N PRO J 38 -21.68 -26.13 -39.27
CA PRO J 38 -22.66 -26.93 -38.53
C PRO J 38 -22.70 -26.56 -37.06
N LYS J 39 -23.87 -26.69 -36.47
CA LYS J 39 -24.04 -26.48 -35.04
C LYS J 39 -24.64 -27.73 -34.42
N LEU J 40 -24.29 -27.97 -33.15
CA LEU J 40 -24.64 -29.21 -32.49
C LEU J 40 -26.15 -29.38 -32.37
N ILE J 41 -26.64 -30.58 -32.71
CA ILE J 41 -28.05 -30.87 -32.57
C ILE J 41 -28.26 -32.10 -31.69
N ILE J 42 -27.27 -32.99 -31.63
CA ILE J 42 -27.34 -34.14 -30.74
C ILE J 42 -25.99 -34.31 -30.04
N PHE J 43 -26.02 -34.31 -28.71
CA PHE J 43 -24.83 -34.62 -27.92
C PHE J 43 -25.26 -35.34 -26.65
N ASP J 44 -24.39 -36.21 -26.15
CA ASP J 44 -24.54 -36.98 -24.91
C ASP J 44 -25.71 -37.96 -25.05
N ASP J 45 -26.40 -37.98 -26.19
CA ASP J 45 -27.49 -38.88 -26.55
C ASP J 45 -28.74 -38.68 -25.69
N ASP J 46 -28.73 -37.74 -24.73
CA ASP J 46 -29.91 -37.50 -23.91
C ASP J 46 -30.27 -36.03 -23.70
N LYS J 47 -29.36 -35.09 -23.92
CA LYS J 47 -29.60 -33.69 -23.62
C LYS J 47 -29.69 -32.88 -24.91
N ARG J 48 -30.80 -32.16 -25.07
CA ARG J 48 -31.00 -31.42 -26.31
C ARG J 48 -30.58 -29.97 -26.16
N PRO J 49 -30.06 -29.36 -27.23
CA PRO J 49 -29.79 -27.93 -27.20
C PRO J 49 -31.08 -27.13 -27.20
N SER J 50 -31.00 -25.91 -26.70
CA SER J 50 -32.14 -25.02 -26.72
C SER J 50 -32.50 -24.66 -28.16
N GLY J 51 -33.80 -24.68 -28.46
CA GLY J 51 -34.29 -24.35 -29.78
C GLY J 51 -34.39 -25.49 -30.76
N VAL J 52 -34.19 -26.73 -30.33
CA VAL J 52 -34.33 -27.88 -31.21
C VAL J 52 -35.77 -28.37 -31.17
N PRO J 53 -36.38 -28.68 -32.30
CA PRO J 53 -37.69 -29.33 -32.28
C PRO J 53 -37.60 -30.70 -31.62
N SER J 54 -38.70 -31.10 -30.97
CA SER J 54 -38.73 -32.37 -30.25
C SER J 54 -38.72 -33.59 -31.16
N ARG J 55 -38.87 -33.40 -32.47
CA ARG J 55 -38.84 -34.52 -33.40
C ARG J 55 -37.49 -35.22 -33.43
N PHE J 56 -36.43 -34.56 -32.96
CA PHE J 56 -35.10 -35.16 -32.92
C PHE J 56 -34.96 -36.01 -31.65
N SER J 57 -34.66 -37.30 -31.83
CA SER J 57 -34.34 -38.14 -30.69
C SER J 57 -33.19 -39.05 -31.08
N ALA J 58 -32.44 -39.52 -30.08
CA ALA J 58 -31.29 -40.37 -30.35
C ALA J 58 -31.06 -41.32 -29.19
N SER J 59 -30.46 -42.46 -29.49
CA SER J 59 -30.12 -43.45 -28.48
C SER J 59 -29.06 -44.38 -29.05
N ARG J 60 -28.66 -45.36 -28.24
CA ARG J 60 -27.59 -46.27 -28.62
C ARG J 60 -27.65 -47.56 -27.80
N PRO J 61 -28.53 -48.50 -28.14
CA PRO J 61 -28.55 -49.77 -27.40
C PRO J 61 -27.21 -50.50 -27.42
N GLY J 62 -26.49 -50.45 -28.54
CA GLY J 62 -25.20 -51.11 -28.65
C GLY J 62 -24.11 -50.20 -29.18
N ASP J 63 -23.39 -50.66 -30.20
CA ASP J 63 -22.35 -49.83 -30.81
C ASP J 63 -22.95 -48.79 -31.75
N THR J 64 -23.98 -49.15 -32.51
CA THR J 64 -24.55 -48.24 -33.50
C THR J 64 -25.47 -47.22 -32.83
N ALA J 65 -25.38 -45.97 -33.28
CA ALA J 65 -26.21 -44.89 -32.77
C ALA J 65 -27.43 -44.74 -33.67
N SER J 66 -28.61 -44.77 -33.06
CA SER J 66 -29.86 -44.67 -33.79
C SER J 66 -30.51 -43.32 -33.48
N LEU J 67 -30.74 -42.52 -34.52
CA LEU J 67 -31.45 -41.25 -34.42
C LEU J 67 -32.78 -41.38 -35.14
N THR J 68 -33.82 -40.81 -34.56
CA THR J 68 -35.16 -40.83 -35.14
C THR J 68 -35.68 -39.41 -35.28
N ILE J 69 -36.30 -39.12 -36.43
CA ILE J 69 -36.97 -37.85 -36.66
C ILE J 69 -38.35 -38.13 -37.23
N SER J 70 -39.34 -37.37 -36.77
CA SER J 70 -40.72 -37.49 -37.24
C SER J 70 -41.14 -36.18 -37.88
N ASN J 71 -42.27 -36.23 -38.59
CA ASN J 71 -42.91 -35.09 -39.24
C ASN J 71 -41.89 -34.14 -39.88
N VAL J 72 -41.00 -34.71 -40.70
CA VAL J 72 -39.91 -33.96 -41.30
C VAL J 72 -40.48 -32.80 -42.13
N GLN J 73 -39.97 -31.61 -41.85
CA GLN J 73 -40.44 -30.38 -42.49
C GLN J 73 -39.79 -30.23 -43.87
N PRO J 74 -40.53 -29.73 -44.86
CA PRO J 74 -40.00 -29.73 -46.24
C PRO J 74 -38.69 -28.97 -46.42
N GLU J 75 -38.43 -27.95 -45.60
CA GLU J 75 -37.19 -27.18 -45.69
C GLU J 75 -36.15 -27.63 -44.66
N ASP J 76 -36.09 -28.93 -44.38
CA ASP J 76 -35.08 -29.48 -43.48
C ASP J 76 -34.08 -30.38 -44.21
N GLU J 77 -33.92 -30.18 -45.52
CA GLU J 77 -32.87 -30.86 -46.24
C GLU J 77 -31.51 -30.30 -45.82
N ALA J 78 -30.56 -31.19 -45.54
CA ALA J 78 -29.28 -30.78 -44.98
C ALA J 78 -28.29 -31.92 -45.15
N THR J 79 -27.15 -31.82 -44.46
CA THR J 79 -26.24 -32.94 -44.30
C THR J 79 -26.08 -33.24 -42.81
N TYR J 80 -25.80 -34.50 -42.51
CA TYR J 80 -25.69 -34.96 -41.14
C TYR J 80 -24.31 -35.58 -40.93
N ILE J 81 -23.64 -35.19 -39.86
CA ILE J 81 -22.27 -35.60 -39.59
C ILE J 81 -22.24 -36.30 -38.24
N CYS J 82 -21.62 -37.48 -38.19
CA CYS J 82 -21.53 -38.28 -36.98
C CYS J 82 -20.15 -38.06 -36.34
N ASN J 83 -20.14 -37.88 -35.03
CA ASN J 83 -18.93 -37.52 -34.28
C ASN J 83 -18.68 -38.57 -33.21
N THR J 84 -17.41 -38.89 -33.00
CA THR J 84 -16.97 -39.80 -31.93
C THR J 84 -15.67 -39.22 -31.38
N TYR J 85 -15.78 -38.37 -30.36
CA TYR J 85 -14.66 -37.56 -29.87
C TYR J 85 -13.95 -36.79 -30.98
N GLU J 86 -12.80 -37.29 -31.43
CA GLU J 86 -11.95 -36.49 -32.31
C GLU J 86 -12.15 -36.81 -33.79
N PHE J 87 -12.77 -37.92 -34.12
CA PHE J 87 -12.98 -38.28 -35.52
C PHE J 87 -14.14 -37.47 -36.08
N PHE J 88 -14.58 -37.81 -37.28
CA PHE J 88 -15.84 -37.33 -37.82
C PHE J 88 -16.30 -38.35 -38.85
N GLY J 89 -17.61 -38.61 -38.86
CA GLY J 89 -18.14 -39.69 -39.66
C GLY J 89 -18.12 -39.39 -41.15
N GLY J 90 -18.90 -40.18 -41.89
CA GLY J 90 -19.01 -39.99 -43.32
C GLY J 90 -20.03 -38.94 -43.73
N GLY J 91 -21.08 -38.77 -42.93
CA GLY J 91 -22.11 -37.78 -43.24
C GLY J 91 -23.04 -38.24 -44.34
N THR J 92 -24.30 -37.80 -44.27
CA THR J 92 -25.31 -38.17 -45.25
C THR J 92 -26.07 -36.93 -45.68
N LYS J 93 -26.41 -36.85 -46.96
CA LYS J 93 -27.18 -35.74 -47.49
C LYS J 93 -28.66 -36.11 -47.50
N LEU J 94 -29.43 -35.51 -46.60
CA LEU J 94 -30.86 -35.76 -46.50
C LEU J 94 -31.61 -34.74 -47.34
N THR J 95 -32.35 -35.21 -48.35
CA THR J 95 -33.11 -34.36 -49.24
C THR J 95 -34.59 -34.70 -49.12
N VAL J 96 -35.41 -33.69 -48.82
CA VAL J 96 -36.86 -33.86 -48.70
C VAL J 96 -37.49 -33.45 -50.02
N LEU J 97 -38.24 -34.37 -50.62
CA LEU J 97 -38.86 -34.10 -51.92
C LEU J 97 -39.96 -33.06 -51.79
N GLY J 98 -40.09 -32.22 -52.81
CA GLY J 98 -41.09 -31.17 -52.83
C GLY J 98 -40.89 -30.16 -53.93
N GLN K 1 59.39 -11.31 -26.36
CA GLN K 1 59.60 -9.93 -26.79
C GLN K 1 60.84 -9.32 -26.15
N VAL K 2 60.63 -8.55 -25.08
CA VAL K 2 61.72 -7.84 -24.44
C VAL K 2 62.63 -8.82 -23.72
N GLN K 3 63.93 -8.72 -23.96
CA GLN K 3 64.92 -9.60 -23.34
C GLN K 3 65.28 -9.02 -21.97
N ILE K 4 64.37 -9.20 -21.02
CA ILE K 4 64.61 -8.74 -19.66
C ILE K 4 65.65 -9.63 -19.00
N ASP K 5 66.68 -9.01 -18.42
CA ASP K 5 67.80 -9.74 -17.85
C ASP K 5 67.49 -10.11 -16.41
N ILE K 6 67.54 -11.42 -16.11
CA ILE K 6 67.38 -11.93 -14.76
C ILE K 6 68.54 -12.88 -14.48
N SER K 7 69.21 -12.69 -13.35
CA SER K 7 70.34 -13.50 -12.96
C SER K 7 70.02 -14.25 -11.67
N VAL K 8 70.52 -15.48 -11.57
CA VAL K 8 70.28 -16.34 -10.42
C VAL K 8 71.62 -16.85 -9.90
N ALA K 9 71.79 -16.81 -8.58
CA ALA K 9 73.00 -17.32 -7.97
C ALA K 9 73.02 -18.84 -8.03
N PRO K 10 74.11 -19.46 -8.47
CA PRO K 10 74.19 -20.93 -8.46
C PRO K 10 73.87 -21.50 -7.09
N GLY K 11 73.09 -22.59 -7.09
CA GLY K 11 72.68 -23.24 -5.87
C GLY K 11 71.36 -22.77 -5.30
N GLU K 12 70.74 -21.75 -5.88
CA GLU K 12 69.45 -21.25 -5.43
C GLU K 12 68.46 -21.25 -6.59
N THR K 13 67.21 -21.54 -6.26
CA THR K 13 66.17 -21.63 -7.28
C THR K 13 65.85 -20.27 -7.87
N ALA K 14 65.20 -20.29 -9.03
CA ALA K 14 64.75 -19.08 -9.70
C ALA K 14 63.29 -19.23 -10.11
N ARG K 15 62.61 -18.11 -10.28
CA ARG K 15 61.20 -18.11 -10.68
C ARG K 15 60.99 -17.11 -11.80
N ILE K 16 60.59 -17.61 -12.97
CA ILE K 16 60.35 -16.79 -14.15
C ILE K 16 58.84 -16.69 -14.37
N SER K 17 58.39 -15.53 -14.83
CA SER K 17 56.97 -15.27 -15.01
C SER K 17 56.64 -15.07 -16.48
N CYS K 18 55.41 -15.45 -16.84
CA CYS K 18 54.83 -15.15 -18.14
C CYS K 18 53.59 -14.29 -17.93
N GLY K 19 53.52 -13.16 -18.63
CA GLY K 19 52.51 -12.16 -18.37
C GLY K 19 51.15 -12.52 -18.93
N GLU K 20 50.19 -11.62 -18.67
CA GLU K 20 48.82 -11.70 -19.20
C GLU K 20 48.14 -13.01 -18.78
N LYS K 21 47.96 -13.14 -17.47
CA LYS K 21 47.19 -14.27 -16.94
C LYS K 21 45.76 -14.25 -17.49
N SER K 22 45.32 -15.41 -17.98
CA SER K 22 43.94 -15.60 -18.37
C SER K 22 43.12 -16.05 -17.17
N LEU K 23 41.84 -16.31 -17.39
CA LEU K 23 40.95 -16.59 -16.26
C LEU K 23 40.22 -17.91 -16.42
N GLY K 24 40.91 -18.95 -16.87
CA GLY K 24 40.26 -20.22 -17.10
C GLY K 24 41.26 -21.36 -17.20
N SER K 25 40.74 -22.53 -17.57
CA SER K 25 41.58 -23.71 -17.75
C SER K 25 42.63 -23.46 -18.82
N ARG K 26 43.85 -23.93 -18.57
CA ARG K 26 44.98 -23.64 -19.43
C ARG K 26 45.77 -24.92 -19.71
N ALA K 27 46.64 -24.82 -20.71
CA ALA K 27 47.61 -25.86 -21.04
C ALA K 27 48.88 -25.12 -21.46
N VAL K 28 49.80 -24.95 -20.53
CA VAL K 28 50.94 -24.07 -20.74
C VAL K 28 52.05 -24.80 -21.48
N GLN K 29 52.81 -24.04 -22.27
CA GLN K 29 54.04 -24.55 -22.87
C GLN K 29 55.17 -23.55 -22.66
N TRP K 30 56.37 -24.08 -22.47
CA TRP K 30 57.55 -23.30 -22.12
C TRP K 30 58.71 -23.85 -22.93
N TYR K 31 59.16 -23.09 -23.92
CA TYR K 31 60.24 -23.47 -24.82
C TYR K 31 61.50 -22.70 -24.46
N GLN K 32 62.63 -23.19 -24.99
CA GLN K 32 63.94 -22.74 -24.58
C GLN K 32 64.81 -22.45 -25.80
N HIS K 33 65.82 -21.61 -25.60
CA HIS K 33 66.65 -21.09 -26.69
C HIS K 33 68.08 -20.94 -26.19
N ARG K 34 68.98 -21.82 -26.63
CA ARG K 34 70.41 -21.63 -26.46
C ARG K 34 70.98 -21.08 -27.76
N ALA K 35 71.76 -20.02 -27.67
CA ALA K 35 72.44 -19.49 -28.84
C ALA K 35 73.54 -20.45 -29.28
N GLY K 36 73.56 -20.78 -30.58
CA GLY K 36 74.55 -21.66 -31.13
C GLY K 36 74.18 -23.12 -31.21
N GLN K 37 73.07 -23.54 -30.59
CA GLN K 37 72.61 -24.92 -30.69
C GLN K 37 71.12 -24.94 -30.95
N ALA K 38 70.60 -26.16 -31.13
CA ALA K 38 69.20 -26.34 -31.50
C ALA K 38 68.28 -26.05 -30.32
N PRO K 39 67.33 -25.13 -30.45
CA PRO K 39 66.35 -24.92 -29.38
C PRO K 39 65.47 -26.15 -29.20
N SER K 40 65.01 -26.33 -27.96
CA SER K 40 64.14 -27.46 -27.63
C SER K 40 63.18 -27.03 -26.54
N LEU K 41 62.13 -27.84 -26.35
CA LEU K 41 61.12 -27.52 -25.35
C LEU K 41 61.67 -27.79 -23.95
N ILE K 42 60.95 -27.24 -22.97
CA ILE K 42 61.18 -27.55 -21.56
C ILE K 42 59.92 -28.11 -20.90
N ILE K 43 58.79 -27.47 -21.13
CA ILE K 43 57.52 -27.86 -20.53
C ILE K 43 56.45 -27.88 -21.61
N TYR K 44 55.66 -28.96 -21.66
CA TYR K 44 54.52 -29.02 -22.57
C TYR K 44 53.18 -29.00 -21.84
N ASN K 45 53.13 -29.45 -20.59
CA ASN K 45 51.95 -29.32 -19.75
C ASN K 45 52.38 -29.01 -18.33
N ASN K 46 51.45 -28.49 -17.54
CA ASN K 46 51.78 -27.91 -16.24
C ASN K 46 52.55 -28.88 -15.36
N GLN K 47 52.05 -30.12 -15.22
CA GLN K 47 52.68 -31.09 -14.33
C GLN K 47 53.28 -32.27 -15.09
N ASP K 48 53.46 -32.16 -16.40
CA ASP K 48 54.07 -33.21 -17.20
C ASP K 48 55.24 -32.62 -17.97
N ARG K 49 56.40 -33.29 -17.90
CA ARG K 49 57.59 -32.82 -18.58
C ARG K 49 58.10 -33.88 -19.56
N PRO K 50 58.74 -33.47 -20.66
CA PRO K 50 59.20 -34.44 -21.65
C PRO K 50 60.40 -35.23 -21.17
N SER K 51 60.54 -36.42 -21.75
CA SER K 51 61.69 -37.27 -21.46
C SER K 51 62.95 -36.66 -22.07
N GLY K 52 64.09 -37.20 -21.65
CA GLY K 52 65.39 -36.69 -22.10
C GLY K 52 65.92 -35.55 -21.26
N ILE K 53 65.11 -34.51 -21.07
CA ILE K 53 65.47 -33.40 -20.20
C ILE K 53 65.23 -33.82 -18.75
N PRO K 54 66.23 -33.72 -17.87
CA PRO K 54 66.02 -34.12 -16.48
C PRO K 54 65.01 -33.23 -15.76
N GLU K 55 64.77 -33.56 -14.50
CA GLU K 55 63.64 -33.04 -13.73
C GLU K 55 63.91 -31.72 -13.04
N ARG K 56 65.09 -31.11 -13.21
CA ARG K 56 65.46 -29.96 -12.40
C ARG K 56 64.48 -28.79 -12.55
N PHE K 57 63.73 -28.74 -13.65
CA PHE K 57 62.80 -27.66 -13.90
C PHE K 57 61.38 -28.08 -13.53
N SER K 58 60.51 -27.10 -13.34
CA SER K 58 59.10 -27.42 -13.09
C SER K 58 58.23 -26.21 -13.43
N GLY K 59 56.93 -26.49 -13.58
CA GLY K 59 55.96 -25.45 -13.90
C GLY K 59 54.83 -25.37 -12.90
N SER K 60 54.17 -24.23 -12.84
CA SER K 60 53.12 -24.00 -11.86
C SER K 60 51.82 -24.64 -12.30
N PRO K 61 51.20 -25.50 -11.49
CA PRO K 61 49.86 -26.02 -11.83
C PRO K 61 48.81 -24.95 -11.60
N ASP K 62 47.92 -24.77 -12.58
CA ASP K 62 46.89 -23.71 -12.51
C ASP K 62 45.50 -24.26 -12.13
N SER K 63 45.43 -25.49 -11.61
CA SER K 63 44.12 -26.01 -11.22
C SER K 63 43.46 -25.14 -10.16
N PRO K 64 44.13 -24.73 -9.07
CA PRO K 64 43.57 -23.64 -8.26
C PRO K 64 43.73 -22.31 -8.95
N PHE K 65 42.75 -21.43 -8.75
CA PHE K 65 42.82 -20.11 -9.35
C PHE K 65 43.84 -19.24 -8.63
N GLY K 66 44.28 -18.18 -9.31
CA GLY K 66 45.31 -17.30 -8.78
C GLY K 66 46.71 -17.83 -8.93
N THR K 67 46.89 -18.99 -9.58
CA THR K 67 48.19 -19.62 -9.75
C THR K 67 48.66 -19.35 -11.18
N THR K 68 49.31 -18.20 -11.38
CA THR K 68 49.88 -17.87 -12.67
C THR K 68 50.99 -18.86 -13.01
N ALA K 69 51.18 -19.10 -14.30
CA ALA K 69 52.20 -20.03 -14.78
C ALA K 69 53.58 -19.45 -14.47
N THR K 70 54.21 -19.96 -13.41
CA THR K 70 55.53 -19.52 -12.99
C THR K 70 56.50 -20.69 -13.12
N LEU K 71 57.59 -20.47 -13.84
CA LEU K 71 58.59 -21.50 -14.11
C LEU K 71 59.61 -21.52 -12.99
N THR K 72 59.72 -22.67 -12.32
CA THR K 72 60.62 -22.86 -11.19
C THR K 72 61.88 -23.58 -11.65
N ILE K 73 63.03 -22.95 -11.44
CA ILE K 73 64.34 -23.47 -11.78
C ILE K 73 64.99 -23.94 -10.48
N THR K 74 64.93 -25.24 -10.22
CA THR K 74 65.48 -25.82 -9.01
C THR K 74 66.84 -26.44 -9.31
N SER K 75 67.81 -26.19 -8.44
CA SER K 75 69.18 -26.65 -8.62
C SER K 75 69.75 -26.12 -9.95
N VAL K 76 69.86 -24.79 -10.00
CA VAL K 76 70.29 -24.13 -11.23
C VAL K 76 71.69 -24.60 -11.61
N GLU K 77 71.98 -24.55 -12.92
CA GLU K 77 73.23 -25.04 -13.48
C GLU K 77 73.86 -23.96 -14.34
N ALA K 78 75.19 -23.99 -14.43
CA ALA K 78 75.91 -23.02 -15.23
C ALA K 78 75.52 -23.07 -16.71
N GLY K 79 74.99 -24.20 -17.17
CA GLY K 79 74.50 -24.32 -18.53
C GLY K 79 73.09 -23.85 -18.75
N ASP K 80 72.45 -23.29 -17.72
CA ASP K 80 71.07 -22.83 -17.84
C ASP K 80 70.93 -21.47 -18.52
N GLU K 81 72.04 -20.75 -18.74
CA GLU K 81 71.98 -19.45 -19.39
C GLU K 81 71.37 -19.58 -20.77
N ALA K 82 70.18 -19.02 -20.96
CA ALA K 82 69.42 -19.23 -22.20
C ALA K 82 68.29 -18.21 -22.27
N ASP K 83 67.39 -18.40 -23.22
CA ASP K 83 66.19 -17.60 -23.36
C ASP K 83 64.98 -18.51 -23.16
N TYR K 84 64.05 -18.09 -22.32
CA TYR K 84 62.89 -18.90 -21.98
C TYR K 84 61.64 -18.18 -22.49
N TYR K 85 60.85 -18.88 -23.31
CA TYR K 85 59.68 -18.32 -23.95
C TYR K 85 58.44 -19.09 -23.52
N CYS K 86 57.33 -18.37 -23.39
CA CYS K 86 56.07 -18.93 -22.93
C CYS K 86 55.03 -18.87 -24.04
N HIS K 87 54.39 -20.00 -24.31
CA HIS K 87 53.25 -20.08 -25.23
C HIS K 87 52.06 -20.62 -24.44
N ILE K 88 51.00 -19.82 -24.36
CA ILE K 88 49.89 -20.08 -23.47
C ILE K 88 48.72 -20.61 -24.28
N TRP K 89 48.14 -21.73 -23.83
CA TRP K 89 46.85 -22.19 -24.31
C TRP K 89 45.79 -21.89 -23.26
N ASP K 90 44.69 -21.29 -23.70
CA ASP K 90 43.72 -20.67 -22.80
C ASP K 90 42.30 -20.95 -23.29
N SER K 91 41.39 -21.08 -22.33
CA SER K 91 40.03 -21.54 -22.60
C SER K 91 39.06 -20.37 -22.85
N ARG K 92 38.89 -19.50 -21.86
CA ARG K 92 37.96 -18.39 -22.01
C ARG K 92 38.40 -17.42 -23.11
N VAL K 93 39.49 -16.71 -22.87
CA VAL K 93 40.00 -15.75 -23.85
C VAL K 93 40.62 -16.55 -25.00
N PRO K 94 40.58 -16.03 -26.23
CA PRO K 94 40.84 -16.89 -27.40
C PRO K 94 42.29 -17.29 -27.59
N THR K 95 42.54 -17.97 -28.71
CA THR K 95 43.86 -18.52 -29.00
C THR K 95 44.93 -17.43 -29.01
N LYS K 96 46.06 -17.74 -28.38
CA LYS K 96 47.23 -16.85 -28.35
C LYS K 96 48.24 -17.40 -29.35
N TRP K 97 48.14 -16.95 -30.60
CA TRP K 97 49.04 -17.45 -31.64
C TRP K 97 50.49 -17.07 -31.34
N VAL K 98 50.73 -15.83 -30.95
CA VAL K 98 52.08 -15.36 -30.70
C VAL K 98 52.51 -15.75 -29.29
N PHE K 99 53.77 -16.11 -29.15
CA PHE K 99 54.32 -16.48 -27.85
C PHE K 99 54.30 -15.27 -26.92
N GLY K 100 54.33 -15.54 -25.62
CA GLY K 100 54.34 -14.49 -24.63
C GLY K 100 55.70 -13.83 -24.52
N GLY K 101 55.76 -12.81 -23.67
CA GLY K 101 56.98 -12.07 -23.45
C GLY K 101 58.11 -12.95 -22.96
N GLY K 102 59.24 -12.90 -23.66
CA GLY K 102 60.36 -13.77 -23.35
C GLY K 102 61.18 -13.28 -22.17
N THR K 103 62.02 -14.18 -21.68
CA THR K 103 62.92 -13.87 -20.57
C THR K 103 64.32 -14.36 -20.91
N THR K 104 65.33 -13.66 -20.40
CA THR K 104 66.72 -14.04 -20.55
C THR K 104 67.25 -14.47 -19.19
N LEU K 105 67.72 -15.70 -19.08
CA LEU K 105 68.32 -16.20 -17.86
C LEU K 105 69.82 -16.28 -18.01
N THR K 106 70.54 -15.67 -17.06
CA THR K 106 71.99 -15.69 -17.01
C THR K 106 72.44 -16.26 -15.68
N VAL K 107 73.59 -16.93 -15.68
CA VAL K 107 74.12 -17.60 -14.50
C VAL K 107 75.25 -16.74 -13.94
N LEU K 108 75.15 -16.39 -12.66
CA LEU K 108 76.18 -15.62 -11.99
C LEU K 108 77.08 -16.52 -11.14
N GLN L 1 64.75 -41.04 -34.79
CA GLN L 1 65.60 -39.86 -34.98
C GLN L 1 65.61 -39.41 -36.44
N MET L 2 65.36 -38.13 -36.65
CA MET L 2 65.31 -37.55 -37.98
C MET L 2 65.99 -36.18 -37.98
N GLN L 3 66.52 -35.80 -39.14
CA GLN L 3 67.21 -34.53 -39.31
C GLN L 3 66.39 -33.68 -40.28
N LEU L 4 65.77 -32.63 -39.78
CA LEU L 4 64.90 -31.77 -40.59
C LEU L 4 65.79 -30.87 -41.44
N GLN L 5 66.15 -31.35 -42.63
CA GLN L 5 67.09 -30.62 -43.47
C GLN L 5 66.39 -29.43 -44.11
N GLU L 6 66.89 -28.23 -43.87
CA GLU L 6 66.26 -27.01 -44.36
C GLU L 6 67.08 -26.46 -45.51
N SER L 7 66.45 -26.37 -46.69
CA SER L 7 67.09 -25.82 -47.88
C SER L 7 66.39 -24.53 -48.24
N GLY L 8 67.16 -23.45 -48.35
CA GLY L 8 66.62 -22.15 -48.68
C GLY L 8 67.68 -21.22 -49.21
N PRO L 9 67.39 -20.56 -50.33
CA PRO L 9 68.35 -19.57 -50.87
C PRO L 9 68.64 -18.44 -49.90
N GLY L 10 67.67 -18.06 -49.08
CA GLY L 10 67.87 -17.02 -48.09
C GLY L 10 67.85 -15.62 -48.63
N LEU L 11 67.53 -15.43 -49.92
CA LEU L 11 67.52 -14.11 -50.52
C LEU L 11 66.51 -14.09 -51.66
N VAL L 12 65.56 -13.17 -51.59
CA VAL L 12 64.54 -12.98 -52.61
C VAL L 12 64.23 -11.49 -52.69
N LYS L 13 64.13 -10.98 -53.92
CA LYS L 13 63.84 -9.57 -54.11
C LYS L 13 62.46 -9.22 -53.55
N PRO L 14 62.25 -7.97 -53.15
CA PRO L 14 60.94 -7.59 -52.59
C PRO L 14 59.83 -7.80 -53.62
N SER L 15 58.64 -8.11 -53.10
CA SER L 15 57.47 -8.42 -53.91
C SER L 15 57.71 -9.66 -54.78
N GLU L 16 58.09 -10.74 -54.10
CA GLU L 16 58.34 -12.01 -54.76
C GLU L 16 58.23 -13.13 -53.73
N THR L 17 58.13 -14.36 -54.22
CA THR L 17 57.98 -15.52 -53.35
C THR L 17 59.31 -15.88 -52.72
N LEU L 18 59.31 -16.01 -51.39
CA LEU L 18 60.45 -16.52 -50.62
C LEU L 18 60.15 -17.97 -50.27
N SER L 19 60.76 -18.90 -51.00
CA SER L 19 60.45 -20.32 -50.87
C SER L 19 61.56 -21.04 -50.13
N LEU L 20 61.19 -21.80 -49.10
CA LEU L 20 62.13 -22.66 -48.40
C LEU L 20 61.48 -24.02 -48.19
N THR L 21 62.32 -25.06 -48.20
CA THR L 21 61.85 -26.44 -48.16
C THR L 21 62.46 -27.15 -46.97
N CYS L 22 61.60 -27.77 -46.15
CA CYS L 22 62.03 -28.61 -45.04
C CYS L 22 61.83 -30.06 -45.45
N SER L 23 62.93 -30.77 -45.67
CA SER L 23 62.90 -32.17 -46.04
C SER L 23 63.09 -33.03 -44.80
N VAL L 24 62.21 -34.00 -44.61
CA VAL L 24 62.25 -34.90 -43.46
C VAL L 24 63.07 -36.12 -43.87
N SER L 25 64.18 -36.34 -43.18
CA SER L 25 65.13 -37.39 -43.57
C SER L 25 64.85 -38.71 -42.87
N GLY L 26 64.88 -38.72 -41.54
CA GLY L 26 64.72 -39.95 -40.80
C GLY L 26 63.29 -40.37 -40.52
N ALA L 27 62.31 -39.58 -40.95
CA ALA L 27 60.91 -39.91 -40.71
C ALA L 27 60.13 -39.67 -42.01
N SER L 28 58.82 -39.79 -41.93
CA SER L 28 57.93 -39.54 -43.05
C SER L 28 57.15 -38.26 -42.79
N ILE L 29 56.94 -37.48 -43.85
CA ILE L 29 56.28 -36.18 -43.73
C ILE L 29 54.79 -36.37 -43.47
N SER L 30 54.34 -37.63 -43.44
CA SER L 30 52.98 -37.98 -43.10
C SER L 30 52.94 -38.84 -41.84
N ASP L 31 53.71 -38.45 -40.82
CA ASP L 31 53.73 -39.15 -39.54
C ASP L 31 53.28 -38.28 -38.37
N SER L 32 53.47 -36.96 -38.45
CA SER L 32 53.06 -36.05 -37.40
C SER L 32 52.86 -34.68 -38.02
N TYR L 33 52.17 -33.80 -37.30
CA TYR L 33 51.90 -32.47 -37.84
C TYR L 33 53.20 -31.70 -37.98
N TRP L 34 53.25 -30.82 -38.98
CA TRP L 34 54.44 -30.03 -39.27
C TRP L 34 54.09 -28.55 -39.16
N SER L 35 54.86 -27.82 -38.34
CA SER L 35 54.59 -26.40 -38.11
C SER L 35 55.85 -25.59 -38.41
N TRP L 36 55.65 -24.27 -38.47
CA TRP L 36 56.70 -23.35 -38.87
C TRP L 36 56.77 -22.17 -37.91
N ILE L 37 57.98 -21.70 -37.64
CA ILE L 37 58.23 -20.66 -36.66
C ILE L 37 59.22 -19.67 -37.25
N ARG L 38 58.93 -18.38 -37.08
CA ARG L 38 59.75 -17.29 -37.62
C ARG L 38 60.24 -16.43 -36.47
N ARG L 39 61.56 -16.31 -36.34
CA ARG L 39 62.19 -15.47 -35.33
C ARG L 39 62.77 -14.23 -35.98
N SER L 40 62.48 -13.06 -35.40
CA SER L 40 62.99 -11.80 -35.88
C SER L 40 63.64 -11.03 -34.73
N PRO L 41 64.64 -10.21 -35.01
CA PRO L 41 65.29 -9.44 -33.93
C PRO L 41 64.31 -8.47 -33.28
N GLY L 42 64.41 -8.35 -31.96
CA GLY L 42 63.59 -7.44 -31.20
C GLY L 42 62.23 -7.98 -30.81
N LYS L 43 61.82 -9.13 -31.33
CA LYS L 43 60.54 -9.74 -30.99
C LYS L 43 60.75 -11.23 -30.74
N GLY L 44 59.85 -11.80 -29.94
CA GLY L 44 59.89 -13.23 -29.69
C GLY L 44 59.54 -14.03 -30.93
N LEU L 45 60.04 -15.27 -30.95
CA LEU L 45 59.75 -16.15 -32.07
C LEU L 45 58.26 -16.40 -32.21
N GLU L 46 57.78 -16.44 -33.45
CA GLU L 46 56.36 -16.45 -33.76
C GLU L 46 55.97 -17.76 -34.43
N TRP L 47 54.91 -18.38 -33.90
CA TRP L 47 54.30 -19.56 -34.50
C TRP L 47 53.43 -19.12 -35.67
N ILE L 48 53.83 -19.44 -36.89
CA ILE L 48 53.16 -18.86 -38.05
C ILE L 48 52.09 -19.75 -38.67
N GLY L 49 52.09 -21.04 -38.37
CA GLY L 49 51.04 -21.91 -38.89
C GLY L 49 51.49 -23.36 -38.89
N TYR L 50 50.56 -24.22 -39.31
CA TYR L 50 50.84 -25.65 -39.31
C TYR L 50 49.95 -26.34 -40.34
N VAL L 51 50.21 -27.64 -40.54
CA VAL L 51 49.53 -28.47 -41.52
C VAL L 51 49.07 -29.75 -40.85
N HIS L 52 47.87 -30.22 -41.21
CA HIS L 52 47.32 -31.45 -40.67
C HIS L 52 48.00 -32.65 -41.32
N LYS L 53 47.50 -33.85 -41.00
CA LYS L 53 47.97 -35.06 -41.67
C LYS L 53 47.54 -35.08 -43.13
N SER L 54 46.30 -34.68 -43.42
CA SER L 54 45.74 -34.76 -44.76
C SER L 54 46.04 -33.53 -45.61
N GLY L 55 47.07 -32.77 -45.25
CA GLY L 55 47.42 -31.57 -46.00
C GLY L 55 46.58 -30.35 -45.70
N ASP L 56 45.64 -30.45 -44.77
CA ASP L 56 44.84 -29.31 -44.36
C ASP L 56 45.65 -28.44 -43.41
N THR L 57 45.67 -27.13 -43.67
CA THR L 57 46.56 -26.23 -42.98
C THR L 57 45.78 -25.14 -42.24
N ASN L 58 46.41 -24.59 -41.22
CA ASN L 58 45.87 -23.47 -40.45
C ASN L 58 46.95 -22.41 -40.27
N TYR L 59 46.52 -21.15 -40.31
CA TYR L 59 47.42 -20.01 -40.40
C TYR L 59 47.12 -19.02 -39.29
N SER L 60 48.12 -18.20 -38.97
CA SER L 60 47.90 -17.08 -38.07
C SER L 60 47.04 -16.02 -38.77
N PRO L 61 46.15 -15.35 -38.04
CA PRO L 61 45.32 -14.31 -38.68
C PRO L 61 46.12 -13.16 -39.26
N SER L 62 47.30 -12.87 -38.70
CA SER L 62 48.08 -11.73 -39.17
C SER L 62 48.55 -11.92 -40.61
N LEU L 63 49.02 -13.12 -40.95
CA LEU L 63 49.60 -13.42 -42.24
C LEU L 63 48.77 -14.45 -43.00
N LYS L 64 47.45 -14.28 -42.99
CA LYS L 64 46.57 -15.25 -43.62
C LYS L 64 46.80 -15.33 -45.13
N SER L 65 46.95 -14.18 -45.79
CA SER L 65 47.12 -14.13 -47.23
C SER L 65 48.54 -13.74 -47.64
N ARG L 66 49.47 -13.64 -46.70
CA ARG L 66 50.83 -13.23 -47.00
C ARG L 66 51.78 -14.40 -47.24
N VAL L 67 51.45 -15.59 -46.72
CA VAL L 67 52.32 -16.75 -46.84
C VAL L 67 51.47 -17.94 -47.26
N ASN L 68 52.13 -18.96 -47.81
CA ASN L 68 51.47 -20.18 -48.26
C ASN L 68 52.29 -21.40 -47.84
N LEU L 69 51.60 -22.48 -47.55
CA LEU L 69 52.21 -23.76 -47.21
C LEU L 69 51.78 -24.83 -48.21
N SER L 70 52.67 -25.77 -48.49
CA SER L 70 52.35 -26.82 -49.44
C SER L 70 53.08 -28.10 -49.05
N LEU L 71 52.46 -29.23 -49.42
CA LEU L 71 53.04 -30.56 -49.24
C LEU L 71 53.00 -31.29 -50.58
N ASP L 72 54.06 -32.03 -50.87
CA ASP L 72 54.18 -32.78 -52.11
C ASP L 72 54.38 -34.25 -51.80
N THR L 73 53.63 -35.11 -52.49
CA THR L 73 53.76 -36.55 -52.28
C THR L 73 55.00 -37.11 -52.98
N SER L 74 55.35 -36.56 -54.15
CA SER L 74 56.50 -37.08 -54.89
C SER L 74 57.80 -36.87 -54.14
N LYS L 75 57.97 -35.71 -53.52
CA LYS L 75 59.15 -35.40 -52.72
C LYS L 75 58.75 -35.32 -51.25
N ASN L 76 59.38 -36.13 -50.42
CA ASN L 76 59.05 -36.18 -48.99
C ASN L 76 59.60 -34.93 -48.32
N GLN L 77 58.89 -33.82 -48.50
CA GLN L 77 59.29 -32.54 -47.93
C GLN L 77 58.07 -31.62 -47.88
N VAL L 78 58.21 -30.56 -47.09
CA VAL L 78 57.19 -29.51 -47.00
C VAL L 78 57.81 -28.22 -47.52
N SER L 79 56.95 -27.34 -48.05
CA SER L 79 57.42 -26.10 -48.64
C SER L 79 56.64 -24.93 -48.06
N LEU L 80 57.35 -23.84 -47.78
CA LEU L 80 56.76 -22.61 -47.28
C LEU L 80 57.18 -21.46 -48.20
N SER L 81 56.22 -20.63 -48.60
CA SER L 81 56.41 -19.64 -49.63
C SER L 81 55.84 -18.31 -49.19
N LEU L 82 56.70 -17.31 -48.97
CA LEU L 82 56.26 -15.95 -48.70
C LEU L 82 55.86 -15.26 -50.00
N VAL L 83 54.86 -14.39 -49.91
CA VAL L 83 54.36 -13.63 -51.04
C VAL L 83 54.47 -12.15 -50.71
N ALA L 84 55.11 -11.38 -51.60
CA ALA L 84 55.25 -9.93 -51.45
C ALA L 84 55.92 -9.56 -50.13
N ALA L 85 57.01 -10.25 -49.82
CA ALA L 85 57.73 -10.01 -48.58
C ALA L 85 58.44 -8.65 -48.61
N THR L 86 58.64 -8.08 -47.42
CA THR L 86 59.32 -6.81 -47.25
C THR L 86 60.58 -7.02 -46.41
N ALA L 87 61.23 -5.91 -46.05
CA ALA L 87 62.49 -5.98 -45.32
C ALA L 87 62.33 -6.51 -43.90
N ALA L 88 61.13 -6.43 -43.33
CA ALA L 88 60.89 -6.88 -41.97
C ALA L 88 60.82 -8.40 -41.85
N ASP L 89 60.78 -9.13 -42.97
CA ASP L 89 60.64 -10.57 -42.93
C ASP L 89 61.95 -11.25 -42.53
N SER L 90 63.09 -10.62 -42.84
CA SER L 90 64.39 -11.26 -42.64
C SER L 90 64.60 -11.68 -41.19
N GLY L 91 65.17 -12.87 -41.01
CA GLY L 91 65.38 -13.42 -39.69
C GLY L 91 65.80 -14.88 -39.71
N LYS L 92 65.12 -15.72 -38.93
CA LYS L 92 65.40 -17.14 -38.88
C LYS L 92 64.11 -17.93 -39.00
N TYR L 93 64.18 -19.08 -39.68
CA TYR L 93 63.06 -19.97 -39.86
C TYR L 93 63.34 -21.33 -39.23
N TYR L 94 62.31 -21.91 -38.62
CA TYR L 94 62.36 -23.23 -38.04
C TYR L 94 61.17 -24.05 -38.55
N CYS L 95 61.45 -25.27 -39.00
CA CYS L 95 60.43 -26.26 -39.29
C CYS L 95 60.46 -27.31 -38.19
N ALA L 96 59.32 -27.53 -37.54
CA ALA L 96 59.28 -28.32 -36.32
C ALA L 96 58.14 -29.31 -36.33
N ARG L 97 58.37 -30.45 -35.68
CA ARG L 97 57.33 -31.44 -35.47
C ARG L 97 56.34 -30.94 -34.41
N THR L 98 55.08 -31.33 -34.58
CA THR L 98 54.01 -31.01 -33.63
C THR L 98 53.08 -32.20 -33.52
N LEU L 99 52.64 -32.45 -32.30
CA LEU L 99 51.84 -33.62 -31.94
C LEU L 99 50.43 -33.20 -31.56
N HIS L 100 49.50 -34.11 -31.78
CA HIS L 100 48.09 -33.83 -31.48
C HIS L 100 47.90 -33.60 -29.98
N GLY L 101 46.91 -32.79 -29.65
CA GLY L 101 46.60 -32.45 -28.26
C GLY L 101 45.20 -32.87 -27.89
N ARG L 102 45.02 -33.29 -26.63
CA ARG L 102 43.68 -33.77 -26.17
C ARG L 102 43.46 -33.55 -24.67
N ARG L 103 43.14 -32.31 -24.28
CA ARG L 103 42.78 -31.98 -22.91
C ARG L 103 41.29 -31.71 -22.82
N ILE L 104 40.67 -32.24 -21.78
CA ILE L 104 39.22 -32.15 -21.59
C ILE L 104 38.96 -31.44 -20.27
N TYR L 105 38.17 -30.36 -20.32
CA TYR L 105 37.78 -29.63 -19.13
C TYR L 105 36.28 -29.53 -18.94
N GLY L 106 35.48 -29.72 -19.98
CA GLY L 106 34.04 -29.70 -19.84
C GLY L 106 33.42 -31.07 -19.98
N ILE L 107 32.43 -31.19 -20.87
CA ILE L 107 31.79 -32.47 -21.16
C ILE L 107 32.01 -32.77 -22.63
N VAL L 108 32.60 -33.93 -22.94
CA VAL L 108 32.97 -34.27 -24.30
C VAL L 108 31.76 -34.27 -25.22
N ALA L 109 30.56 -34.53 -24.67
CA ALA L 109 29.37 -34.55 -25.50
C ALA L 109 29.04 -33.17 -26.04
N PHE L 110 29.30 -32.12 -25.27
CA PHE L 110 28.83 -30.78 -25.59
C PHE L 110 29.95 -29.89 -26.15
N ASN L 111 30.95 -30.50 -26.79
CA ASN L 111 32.24 -29.89 -27.13
C ASN L 111 33.08 -29.69 -25.88
N GLU L 112 33.33 -28.43 -25.51
CA GLU L 112 34.11 -28.06 -24.33
C GLU L 112 35.44 -28.81 -24.25
N TRP L 113 36.30 -28.56 -25.23
CA TRP L 113 37.72 -28.86 -25.08
C TRP L 113 38.47 -28.05 -26.13
N PHE L 114 39.78 -28.30 -26.21
CA PHE L 114 40.63 -27.57 -27.13
C PHE L 114 41.78 -28.48 -27.56
N THR L 115 42.36 -28.15 -28.69
CA THR L 115 43.48 -28.90 -29.25
C THR L 115 44.76 -28.09 -29.02
N TYR L 116 45.56 -28.52 -28.06
CA TYR L 116 46.80 -27.85 -27.71
C TYR L 116 47.95 -28.47 -28.49
N PHE L 117 48.78 -27.63 -29.08
CA PHE L 117 49.95 -28.10 -29.84
C PHE L 117 51.21 -27.62 -29.16
N TYR L 118 52.32 -28.31 -29.48
CA TYR L 118 53.61 -27.95 -28.92
C TYR L 118 54.71 -28.56 -29.77
N MET L 119 55.95 -28.22 -29.43
CA MET L 119 57.12 -28.69 -30.16
C MET L 119 57.86 -29.68 -29.27
N ASP L 120 58.25 -30.82 -29.84
CA ASP L 120 59.05 -31.80 -29.12
C ASP L 120 60.43 -32.03 -29.70
N VAL L 121 60.58 -31.95 -31.03
CA VAL L 121 61.88 -32.01 -31.68
C VAL L 121 61.90 -30.90 -32.73
N TRP L 122 62.90 -30.03 -32.65
CA TRP L 122 63.03 -28.91 -33.57
C TRP L 122 64.04 -29.24 -34.67
N GLY L 123 64.26 -28.27 -35.55
CA GLY L 123 65.32 -28.32 -36.53
C GLY L 123 66.36 -27.25 -36.23
N ASN L 124 67.51 -27.39 -36.88
CA ASN L 124 68.59 -26.41 -36.71
C ASN L 124 68.23 -25.06 -37.35
N GLY L 125 67.23 -25.04 -38.23
CA GLY L 125 66.73 -23.79 -38.78
C GLY L 125 67.61 -23.24 -39.88
N THR L 126 67.14 -22.13 -40.46
CA THR L 126 67.88 -21.44 -41.51
C THR L 126 67.82 -19.94 -41.28
N GLN L 127 68.83 -19.24 -41.79
CA GLN L 127 68.90 -17.79 -41.68
C GLN L 127 68.53 -17.18 -43.03
N VAL L 128 67.63 -16.20 -43.01
CA VAL L 128 67.14 -15.54 -44.21
C VAL L 128 67.42 -14.05 -44.08
N THR L 129 67.90 -13.44 -45.17
CA THR L 129 68.18 -12.01 -45.23
C THR L 129 67.57 -11.47 -46.52
N VAL L 130 66.49 -10.70 -46.38
CA VAL L 130 65.83 -10.08 -47.51
C VAL L 130 66.09 -8.59 -47.49
N SER L 131 66.68 -8.07 -48.56
CA SER L 131 67.02 -6.65 -48.65
C SER L 131 67.33 -6.34 -50.11
N SER L 132 67.37 -5.03 -50.41
CA SER L 132 67.72 -4.60 -51.76
C SER L 132 69.16 -4.96 -52.10
N ALA L 133 70.08 -4.74 -51.16
CA ALA L 133 71.49 -5.04 -51.37
C ALA L 133 72.22 -5.17 -50.05
N ALA M 1 -56.38 -15.19 43.40
CA ALA M 1 -56.09 -14.20 42.38
C ALA M 1 -55.56 -12.91 43.01
N GLU M 2 -54.76 -13.05 44.07
CA GLU M 2 -54.18 -11.91 44.76
C GLU M 2 -52.66 -11.93 44.80
N ASN M 3 -52.02 -13.09 44.77
CA ASN M 3 -50.58 -13.16 44.79
C ASN M 3 -50.00 -12.82 43.42
N LEU M 4 -48.91 -12.05 43.42
CA LEU M 4 -48.26 -11.59 42.19
C LEU M 4 -46.92 -12.30 42.05
N TRP M 5 -46.84 -13.21 41.08
CA TRP M 5 -45.65 -14.01 40.85
C TRP M 5 -44.94 -13.50 39.60
N VAL M 6 -43.63 -13.30 39.71
CA VAL M 6 -42.86 -12.81 38.58
C VAL M 6 -42.56 -13.94 37.61
N THR M 7 -42.63 -13.65 36.31
CA THR M 7 -42.26 -14.60 35.28
C THR M 7 -41.49 -13.86 34.20
N VAL M 8 -40.58 -14.58 33.55
CA VAL M 8 -39.89 -14.09 32.38
C VAL M 8 -40.15 -15.04 31.22
N TYR M 9 -40.55 -14.48 30.08
CA TYR M 9 -40.85 -15.23 28.88
C TYR M 9 -39.80 -14.90 27.84
N TYR M 10 -39.23 -15.94 27.23
CA TYR M 10 -38.35 -15.76 26.10
C TYR M 10 -39.16 -15.60 24.82
N GLY M 11 -38.57 -14.97 23.82
CA GLY M 11 -39.23 -14.80 22.54
C GLY M 11 -40.36 -13.80 22.53
N VAL M 12 -40.47 -12.96 23.56
CA VAL M 12 -41.56 -11.98 23.60
C VAL M 12 -41.42 -11.01 22.44
N PRO M 13 -42.47 -10.75 21.67
CA PRO M 13 -42.39 -9.73 20.63
C PRO M 13 -42.37 -8.33 21.22
N VAL M 14 -41.18 -7.71 21.27
CA VAL M 14 -41.04 -6.32 21.68
C VAL M 14 -39.67 -5.85 21.22
N TRP M 15 -39.63 -4.63 20.69
CA TRP M 15 -38.45 -4.10 20.04
C TRP M 15 -38.12 -2.73 20.62
N LYS M 16 -36.96 -2.20 20.24
CA LYS M 16 -36.59 -0.83 20.55
C LYS M 16 -35.86 -0.24 19.35
N ASP M 17 -35.54 1.05 19.44
CA ASP M 17 -34.79 1.72 18.40
C ASP M 17 -33.31 1.59 18.73
N ALA M 18 -32.48 1.44 17.70
CA ALA M 18 -31.05 1.29 17.90
C ALA M 18 -30.31 1.73 16.65
N GLU M 19 -29.03 2.03 16.83
CA GLU M 19 -28.11 2.31 15.73
C GLU M 19 -27.20 1.12 15.56
N THR M 20 -27.12 0.62 14.32
CA THR M 20 -26.36 -0.60 14.06
C THR M 20 -25.83 -0.57 12.64
N THR M 21 -24.82 -1.40 12.40
CA THR M 21 -24.20 -1.53 11.10
C THR M 21 -24.98 -2.54 10.25
N LEU M 22 -25.63 -2.06 9.20
CA LEU M 22 -26.49 -2.90 8.37
C LEU M 22 -25.62 -3.79 7.47
N PHE M 23 -26.25 -4.48 6.53
CA PHE M 23 -25.58 -5.51 5.75
C PHE M 23 -26.02 -5.44 4.29
N CYS M 24 -25.06 -5.33 3.38
CA CYS M 24 -25.38 -5.12 1.98
C CYS M 24 -25.85 -6.42 1.33
N ALA M 25 -26.38 -6.28 0.11
CA ALA M 25 -26.75 -7.43 -0.70
C ALA M 25 -26.85 -6.97 -2.15
N SER M 26 -26.39 -7.83 -3.07
CA SER M 26 -26.34 -7.49 -4.49
C SER M 26 -27.22 -8.44 -5.29
N ASP M 27 -27.94 -7.89 -6.26
CA ASP M 27 -28.82 -8.68 -7.10
C ASP M 27 -28.02 -9.57 -8.04
N ALA M 28 -28.70 -10.60 -8.56
CA ALA M 28 -28.06 -11.50 -9.51
C ALA M 28 -27.77 -10.83 -10.84
N LYS M 29 -28.38 -9.67 -11.11
CA LYS M 29 -28.07 -8.96 -12.35
C LYS M 29 -26.61 -8.53 -12.38
N ALA M 30 -26.09 -8.03 -11.25
CA ALA M 30 -24.68 -7.69 -11.19
C ALA M 30 -23.79 -8.93 -11.20
N TYR M 31 -24.32 -10.04 -10.68
CA TYR M 31 -23.57 -11.31 -10.59
C TYR M 31 -23.49 -11.99 -11.97
N GLU M 32 -24.40 -11.64 -12.89
CA GLU M 32 -24.40 -12.26 -14.21
C GLU M 32 -23.06 -12.07 -14.90
N THR M 33 -22.46 -10.89 -14.77
CA THR M 33 -21.08 -10.66 -15.17
C THR M 33 -20.20 -10.64 -13.94
N GLU M 34 -19.10 -11.39 -13.99
CA GLU M 34 -18.25 -11.60 -12.82
C GLU M 34 -16.82 -11.19 -13.12
N LYS M 35 -15.88 -11.52 -12.22
CA LYS M 35 -14.47 -11.18 -12.38
C LYS M 35 -14.27 -9.67 -12.44
N HIS M 36 -15.11 -8.93 -11.70
CA HIS M 36 -14.97 -7.49 -11.52
C HIS M 36 -15.12 -6.71 -12.84
N ASN M 37 -15.92 -7.21 -13.78
CA ASN M 37 -16.17 -6.43 -14.99
C ASN M 37 -17.07 -5.23 -14.75
N VAL M 38 -17.75 -5.16 -13.61
CA VAL M 38 -18.65 -4.06 -13.31
C VAL M 38 -18.41 -3.58 -11.88
N TRP M 39 -19.26 -2.66 -11.44
CA TRP M 39 -19.06 -1.94 -10.19
C TRP M 39 -19.87 -2.59 -9.08
N ALA M 40 -19.22 -2.81 -7.93
CA ALA M 40 -19.84 -3.35 -6.72
C ALA M 40 -20.61 -4.65 -7.02
N THR M 41 -19.90 -5.58 -7.66
CA THR M 41 -20.50 -6.84 -8.06
C THR M 41 -20.03 -8.04 -7.25
N HIS M 42 -18.86 -7.97 -6.61
CA HIS M 42 -18.32 -9.07 -5.83
C HIS M 42 -18.08 -8.66 -4.39
N ALA M 43 -18.89 -7.74 -3.87
CA ALA M 43 -18.70 -7.22 -2.52
C ALA M 43 -19.94 -7.37 -1.66
N CYS M 44 -20.87 -8.24 -2.05
CA CYS M 44 -22.11 -8.40 -1.31
C CYS M 44 -22.59 -9.85 -1.40
N VAL M 45 -23.52 -10.19 -0.53
CA VAL M 45 -24.17 -11.50 -0.53
C VAL M 45 -25.24 -11.51 -1.63
N PRO M 46 -25.49 -12.65 -2.28
CA PRO M 46 -26.70 -12.76 -3.11
C PRO M 46 -27.95 -12.56 -2.28
N THR M 47 -28.94 -11.91 -2.88
CA THR M 47 -30.17 -11.58 -2.17
C THR M 47 -31.12 -12.76 -2.16
N ASP M 48 -31.67 -13.06 -0.99
CA ASP M 48 -32.66 -14.13 -0.88
C ASP M 48 -33.97 -13.67 -1.51
N PRO M 49 -34.53 -14.43 -2.45
CA PRO M 49 -35.81 -14.06 -3.05
C PRO M 49 -36.95 -14.34 -2.08
N ASN M 50 -38.18 -14.21 -2.60
CA ASN M 50 -39.47 -14.50 -1.98
C ASN M 50 -39.46 -14.27 -0.47
N PRO M 51 -39.31 -13.03 -0.01
CA PRO M 51 -39.22 -12.78 1.43
C PRO M 51 -40.51 -13.13 2.15
N GLN M 52 -40.40 -13.23 3.48
CA GLN M 52 -41.49 -13.70 4.33
C GLN M 52 -42.17 -12.53 5.04
N GLU M 53 -42.37 -11.44 4.30
CA GLU M 53 -43.02 -10.25 4.85
C GLU M 53 -44.42 -10.60 5.37
N ILE M 54 -44.72 -10.12 6.57
CA ILE M 54 -46.04 -10.27 7.17
C ILE M 54 -46.62 -8.89 7.42
N HIS M 55 -47.85 -8.67 6.94
CA HIS M 55 -48.54 -7.40 7.11
C HIS M 55 -48.95 -7.24 8.56
N LEU M 56 -48.23 -6.42 9.30
CA LEU M 56 -48.54 -6.19 10.70
C LEU M 56 -49.81 -5.37 10.84
N GLU M 57 -50.38 -5.42 12.04
CA GLU M 57 -51.61 -4.68 12.35
C GLU M 57 -51.55 -4.17 13.78
N ASN M 58 -52.33 -3.12 14.03
CA ASN M 58 -52.48 -2.54 15.37
C ASN M 58 -51.14 -2.14 15.97
N VAL M 59 -50.26 -1.58 15.14
CA VAL M 59 -48.97 -1.06 15.58
C VAL M 59 -48.83 0.36 15.08
N THR M 60 -48.49 1.28 15.97
CA THR M 60 -48.32 2.69 15.64
C THR M 60 -46.89 3.09 16.00
N GLU M 61 -45.97 2.87 15.07
CA GLU M 61 -44.58 3.29 15.22
C GLU M 61 -44.38 4.63 14.52
N GLU M 62 -43.41 5.39 15.02
CA GLU M 62 -43.11 6.72 14.48
C GLU M 62 -41.79 6.68 13.72
N PHE M 63 -41.73 7.45 12.65
CA PHE M 63 -40.53 7.65 11.85
C PHE M 63 -40.03 9.08 12.01
N ASN M 64 -38.79 9.29 11.59
CA ASN M 64 -38.22 10.64 11.54
C ASN M 64 -37.12 10.61 10.47
N MET M 65 -37.47 11.02 9.25
CA MET M 65 -36.53 10.88 8.15
C MET M 65 -35.27 11.72 8.36
N TRP M 66 -35.35 12.77 9.18
CA TRP M 66 -34.23 13.69 9.30
C TRP M 66 -33.27 13.28 10.41
N LYS M 67 -33.78 12.65 11.47
CA LYS M 67 -32.98 12.27 12.63
C LYS M 67 -32.90 10.76 12.76
N ASN M 68 -32.70 10.06 11.65
CA ASN M 68 -32.69 8.61 11.62
C ASN M 68 -31.33 8.11 11.14
N ASN M 69 -30.96 6.92 11.62
CA ASN M 69 -29.74 6.26 11.18
C ASN M 69 -29.99 5.59 9.83
N MET M 70 -29.03 4.75 9.41
CA MET M 70 -29.14 3.91 8.23
C MET M 70 -29.06 4.74 6.95
N VAL M 71 -29.08 6.07 7.09
CA VAL M 71 -28.92 6.96 5.95
C VAL M 71 -27.61 7.74 6.01
N GLU M 72 -27.17 8.15 7.20
CA GLU M 72 -25.87 8.81 7.33
C GLU M 72 -24.72 7.84 7.12
N GLN M 73 -24.97 6.53 7.20
CA GLN M 73 -23.92 5.54 7.06
C GLN M 73 -23.81 5.00 5.64
N MET M 74 -24.93 4.86 4.93
CA MET M 74 -24.88 4.35 3.57
C MET M 74 -24.06 5.25 2.66
N HIS M 75 -24.04 6.56 2.93
CA HIS M 75 -23.13 7.45 2.23
C HIS M 75 -21.68 7.06 2.49
N THR M 76 -21.34 6.74 3.74
CA THR M 76 -19.99 6.29 4.06
C THR M 76 -19.65 5.01 3.32
N ASP M 77 -20.58 4.06 3.28
CA ASP M 77 -20.34 2.81 2.57
C ASP M 77 -20.13 3.06 1.07
N ILE M 78 -20.96 3.93 0.49
CA ILE M 78 -20.85 4.23 -0.94
C ILE M 78 -19.51 4.86 -1.25
N ILE M 79 -19.10 5.84 -0.43
CA ILE M 79 -17.84 6.52 -0.69
C ILE M 79 -16.65 5.60 -0.45
N SER M 80 -16.73 4.69 0.53
CA SER M 80 -15.63 3.76 0.76
C SER M 80 -15.50 2.77 -0.40
N LEU M 81 -16.63 2.23 -0.86
CA LEU M 81 -16.59 1.32 -2.01
C LEU M 81 -16.09 2.04 -3.25
N TRP M 82 -16.50 3.31 -3.42
CA TRP M 82 -16.02 4.10 -4.56
C TRP M 82 -14.52 4.31 -4.49
N ASP M 83 -14.01 4.65 -3.30
CA ASP M 83 -12.58 4.96 -3.17
C ASP M 83 -11.73 3.72 -3.32
N GLN M 84 -12.20 2.57 -2.82
CA GLN M 84 -11.42 1.35 -2.94
C GLN M 84 -11.32 0.85 -4.38
N SER M 85 -12.12 1.40 -5.30
CA SER M 85 -12.11 0.99 -6.69
C SER M 85 -11.03 1.66 -7.53
N LEU M 86 -10.25 2.56 -6.93
CA LEU M 86 -9.19 3.27 -7.65
C LEU M 86 -7.79 2.85 -7.21
N LYS M 87 -7.67 2.01 -6.18
CA LYS M 87 -6.35 1.56 -5.74
C LYS M 87 -5.57 0.83 -6.83
N PRO M 88 -6.13 -0.15 -7.55
CA PRO M 88 -5.37 -0.81 -8.61
C PRO M 88 -5.35 -0.09 -9.95
N CYS M 89 -5.82 1.15 -10.02
CA CYS M 89 -5.89 1.87 -11.28
C CYS M 89 -4.69 2.81 -11.45
N VAL M 90 -4.53 3.29 -12.69
CA VAL M 90 -3.36 4.05 -13.09
C VAL M 90 -3.30 5.37 -12.33
N LYS M 91 -2.09 5.92 -12.22
CA LYS M 91 -1.86 7.27 -11.71
C LYS M 91 -1.31 8.14 -12.83
N LEU M 92 -1.70 9.43 -12.82
CA LEU M 92 -1.37 10.36 -13.88
C LEU M 92 -0.20 11.27 -13.51
N THR M 93 0.55 10.93 -12.47
CA THR M 93 1.53 11.82 -11.87
C THR M 93 2.54 12.43 -12.86
N PRO M 94 3.16 11.67 -13.80
CA PRO M 94 4.18 12.30 -14.65
C PRO M 94 3.57 13.06 -15.82
N LEU M 95 2.27 13.33 -15.77
CA LEU M 95 1.56 13.88 -16.92
C LEU M 95 1.59 15.41 -16.95
N CYS M 96 1.81 16.08 -15.82
CA CYS M 96 1.56 17.51 -15.71
C CYS M 96 2.70 18.33 -16.31
N VAL M 97 2.99 18.04 -17.57
CA VAL M 97 4.00 18.78 -18.32
C VAL M 97 3.32 19.99 -18.96
N THR M 98 4.12 21.01 -19.29
CA THR M 98 3.57 22.24 -19.87
C THR M 98 2.99 21.96 -21.25
N LEU M 99 1.67 21.90 -21.34
CA LEU M 99 0.98 21.62 -22.60
C LEU M 99 1.06 22.84 -23.51
N GLN M 100 1.81 22.74 -24.60
CA GLN M 100 1.75 23.74 -25.65
C GLN M 100 0.49 23.48 -26.46
N CYS M 101 -0.48 24.38 -26.38
CA CYS M 101 -1.83 24.06 -26.80
C CYS M 101 -2.43 25.18 -27.62
N THR M 102 -3.31 24.81 -28.54
CA THR M 102 -3.96 25.76 -29.44
C THR M 102 -5.45 25.42 -29.55
N ASN M 103 -6.13 26.17 -30.42
CA ASN M 103 -7.56 26.02 -30.64
C ASN M 103 -7.81 25.05 -31.78
N VAL M 104 -8.91 24.29 -31.66
CA VAL M 104 -9.33 23.44 -32.77
C VAL M 104 -9.75 24.32 -33.94
N THR M 105 -9.38 23.90 -35.15
CA THR M 105 -9.64 24.71 -36.34
C THR M 105 -11.10 24.63 -36.74
N ASN M 106 -12.00 24.94 -35.80
CA ASN M 106 -13.43 24.89 -36.03
C ASN M 106 -13.93 26.21 -36.63
N ASN M 107 -15.18 26.18 -37.07
CA ASN M 107 -15.83 27.38 -37.61
C ASN M 107 -16.63 28.05 -36.49
N ILE M 108 -15.91 28.53 -35.49
CA ILE M 108 -16.51 29.10 -34.30
C ILE M 108 -16.89 30.55 -34.55
N THR M 109 -17.78 31.06 -33.71
CA THR M 109 -18.14 32.47 -33.71
C THR M 109 -17.44 33.15 -32.53
N ASP M 110 -17.75 34.43 -32.32
CA ASP M 110 -17.13 35.16 -31.20
C ASP M 110 -17.62 34.64 -29.86
N ASP M 111 -18.95 34.50 -29.70
CA ASP M 111 -19.50 34.04 -28.43
C ASP M 111 -19.25 32.57 -28.20
N MET M 112 -19.46 31.74 -29.24
CA MET M 112 -19.34 30.30 -29.06
C MET M 112 -17.88 29.91 -28.93
N ARG M 113 -17.40 29.83 -27.69
CA ARG M 113 -15.99 29.56 -27.44
C ARG M 113 -15.62 28.16 -27.90
N GLY M 114 -14.35 27.99 -28.27
CA GLY M 114 -13.86 26.68 -28.66
C GLY M 114 -13.89 25.72 -27.48
N GLU M 115 -14.81 24.76 -27.53
CA GLU M 115 -14.98 23.83 -26.42
C GLU M 115 -14.01 22.66 -26.47
N LEU M 116 -13.16 22.60 -27.48
CA LEU M 116 -12.09 21.61 -27.56
C LEU M 116 -10.77 22.33 -27.77
N LYS M 117 -9.80 22.05 -26.91
CA LYS M 117 -8.46 22.61 -27.01
C LYS M 117 -7.50 21.50 -27.39
N ASN M 118 -6.74 21.74 -28.46
CA ASN M 118 -5.83 20.74 -29.01
C ASN M 118 -4.45 20.98 -28.42
N CYS M 119 -4.03 20.09 -27.52
CA CYS M 119 -2.84 20.33 -26.70
C CYS M 119 -1.79 19.27 -27.00
N SER M 120 -0.54 19.71 -27.18
CA SER M 120 0.57 18.80 -27.42
C SER M 120 1.63 18.98 -26.33
N PHE M 121 2.31 17.90 -26.01
CA PHE M 121 3.21 17.89 -24.85
C PHE M 121 4.15 16.69 -24.95
N ASN M 122 5.00 16.55 -23.92
CA ASN M 122 6.01 15.51 -23.88
C ASN M 122 5.67 14.46 -22.83
N MET M 123 6.18 13.25 -23.05
CA MET M 123 5.88 12.12 -22.17
C MET M 123 7.08 11.18 -22.16
N THR M 124 7.17 10.39 -21.09
CA THR M 124 8.26 9.45 -20.90
C THR M 124 7.80 8.05 -21.30
N THR M 125 8.46 7.47 -22.31
CA THR M 125 8.12 6.14 -22.79
C THR M 125 8.70 5.08 -21.86
N GLU M 126 8.62 3.81 -22.28
CA GLU M 126 9.16 2.72 -21.46
C GLU M 126 10.66 2.87 -21.28
N LEU M 127 11.37 3.28 -22.33
CA LEU M 127 12.81 3.52 -22.26
C LEU M 127 13.04 4.86 -21.58
N ARG M 128 13.59 4.84 -20.36
CA ARG M 128 13.65 6.03 -19.53
C ARG M 128 14.55 7.11 -20.11
N ASP M 129 15.40 6.78 -21.08
CA ASP M 129 16.27 7.78 -21.67
C ASP M 129 15.54 8.69 -22.65
N LYS M 130 14.56 8.17 -23.37
CA LYS M 130 13.92 8.88 -24.47
C LYS M 130 12.59 9.49 -24.04
N LYS M 131 12.23 10.61 -24.67
CA LYS M 131 10.98 11.30 -24.42
C LYS M 131 10.28 11.57 -25.74
N GLN M 132 8.99 11.29 -25.79
CA GLN M 132 8.19 11.43 -27.00
C GLN M 132 7.27 12.63 -26.90
N LYS M 133 6.81 13.10 -28.05
CA LYS M 133 5.87 14.21 -28.14
C LYS M 133 4.53 13.69 -28.65
N VAL M 134 3.47 13.90 -27.88
CA VAL M 134 2.15 13.39 -28.22
C VAL M 134 1.14 14.54 -28.12
N TYR M 135 0.04 14.39 -28.85
CA TYR M 135 -1.02 15.38 -28.91
C TYR M 135 -2.34 14.74 -28.49
N SER M 136 -3.25 15.58 -27.99
CA SER M 136 -4.55 15.10 -27.54
C SER M 136 -5.51 16.29 -27.50
N LEU M 137 -6.75 16.01 -27.10
CA LEU M 137 -7.81 17.01 -27.04
C LEU M 137 -8.36 17.07 -25.63
N PHE M 138 -8.59 18.28 -25.13
CA PHE M 138 -9.15 18.48 -23.81
C PHE M 138 -10.34 19.42 -23.88
N TYR M 139 -11.29 19.25 -22.96
CA TYR M 139 -12.37 20.18 -22.86
C TYR M 139 -11.91 21.47 -22.17
N ARG M 140 -12.68 22.53 -22.35
CA ARG M 140 -12.25 23.86 -21.91
C ARG M 140 -12.12 23.95 -20.39
N LEU M 141 -12.79 23.06 -19.66
CA LEU M 141 -12.75 23.08 -18.21
C LEU M 141 -11.70 22.15 -17.63
N ASP M 142 -10.65 21.84 -18.40
CA ASP M 142 -9.55 21.02 -17.90
C ASP M 142 -8.20 21.68 -18.13
N VAL M 143 -8.17 22.94 -18.58
CA VAL M 143 -6.92 23.66 -18.78
C VAL M 143 -7.05 25.03 -18.12
N VAL M 144 -6.04 25.40 -17.33
CA VAL M 144 -5.87 26.75 -16.82
C VAL M 144 -4.53 27.26 -17.30
N GLN M 145 -4.51 28.55 -17.63
CA GLN M 145 -3.34 29.19 -18.21
C GLN M 145 -2.27 29.41 -17.15
N ILE M 146 -1.02 29.43 -17.59
CA ILE M 146 0.12 29.83 -16.77
C ILE M 146 0.75 31.11 -17.29
N ASN M 147 0.97 31.18 -18.60
CA ASN M 147 1.51 32.39 -19.23
C ASN M 147 0.70 32.75 -20.47
N ASN M 158 -0.39 30.05 -28.44
CA ASN M 158 0.81 29.60 -27.74
C ASN M 158 0.73 29.93 -26.25
N LYS M 159 -0.43 29.71 -25.66
CA LYS M 159 -0.66 29.93 -24.24
C LYS M 159 -0.50 28.60 -23.51
N GLU M 160 0.57 28.48 -22.72
CA GLU M 160 0.80 27.26 -21.96
C GLU M 160 -0.37 26.99 -21.01
N TYR M 161 -0.83 25.73 -21.00
CA TYR M 161 -1.94 25.31 -20.18
C TYR M 161 -1.50 24.16 -19.28
N ARG M 162 -2.21 24.00 -18.16
CA ARG M 162 -2.03 22.82 -17.32
C ARG M 162 -3.37 22.39 -16.78
N LEU M 163 -3.49 21.12 -16.40
CA LEU M 163 -4.73 20.65 -15.82
C LEU M 163 -5.00 21.37 -14.50
N ILE M 164 -6.29 21.62 -14.24
CA ILE M 164 -6.66 22.55 -13.17
C ILE M 164 -6.35 21.97 -11.79
N ASN M 165 -6.50 20.67 -11.61
CA ASN M 165 -6.38 20.06 -10.28
C ASN M 165 -5.01 19.45 -10.02
N CYS M 166 -4.02 19.72 -10.88
CA CYS M 166 -2.69 19.15 -10.66
C CYS M 166 -2.03 19.76 -9.43
N ASN M 167 -1.99 21.08 -9.34
CA ASN M 167 -1.47 21.71 -8.13
C ASN M 167 -2.33 21.38 -6.92
N THR M 168 -3.62 21.12 -7.13
CA THR M 168 -4.51 20.83 -6.01
C THR M 168 -4.15 19.51 -5.35
N SER M 169 -4.01 18.45 -6.13
CA SER M 169 -3.72 17.11 -5.61
C SER M 169 -3.41 16.18 -6.77
N ALA M 170 -2.92 14.98 -6.44
CA ALA M 170 -2.64 13.99 -7.45
C ALA M 170 -3.94 13.48 -8.08
N ILE M 171 -3.90 13.21 -9.38
CA ILE M 171 -5.07 12.83 -10.15
C ILE M 171 -4.99 11.34 -10.48
N THR M 172 -6.06 10.62 -10.18
CA THR M 172 -6.14 9.19 -10.39
C THR M 172 -7.05 8.91 -11.58
N GLN M 173 -6.62 8.01 -12.46
CA GLN M 173 -7.41 7.65 -13.63
C GLN M 173 -8.22 6.39 -13.37
N ALA M 174 -9.51 6.45 -13.68
CA ALA M 174 -10.40 5.32 -13.47
C ALA M 174 -10.14 4.23 -14.51
N CYS M 175 -10.15 2.98 -14.04
CA CYS M 175 -9.90 1.86 -14.94
C CYS M 175 -11.00 1.75 -15.98
N PRO M 176 -10.67 1.53 -17.26
CA PRO M 176 -11.72 1.41 -18.28
C PRO M 176 -12.63 0.21 -18.09
N LYS M 177 -12.20 -0.82 -17.35
CA LYS M 177 -13.02 -2.01 -17.17
C LYS M 177 -14.31 -1.67 -16.43
N VAL M 178 -14.21 -0.89 -15.36
CA VAL M 178 -15.38 -0.59 -14.54
C VAL M 178 -16.26 0.42 -15.25
N SER M 179 -17.57 0.25 -15.08
CA SER M 179 -18.57 1.15 -15.63
C SER M 179 -19.36 1.77 -14.49
N PHE M 180 -19.52 3.09 -14.55
CA PHE M 180 -20.06 3.86 -13.43
C PHE M 180 -21.56 3.72 -13.26
N GLU M 181 -22.22 2.94 -14.13
CA GLU M 181 -23.67 2.85 -14.11
C GLU M 181 -24.16 2.32 -12.77
N PRO M 182 -25.20 2.93 -12.19
CA PRO M 182 -25.74 2.42 -10.92
C PRO M 182 -26.33 1.03 -11.09
N ILE M 183 -26.21 0.22 -10.04
CA ILE M 183 -26.71 -1.15 -10.02
C ILE M 183 -27.57 -1.31 -8.77
N PRO M 184 -28.73 -1.96 -8.87
CA PRO M 184 -29.60 -2.07 -7.69
C PRO M 184 -28.91 -2.72 -6.51
N ILE M 185 -29.20 -2.21 -5.32
CA ILE M 185 -28.65 -2.70 -4.07
C ILE M 185 -29.80 -3.06 -3.13
N HIS M 186 -29.52 -3.95 -2.18
CA HIS M 186 -30.46 -4.29 -1.13
C HIS M 186 -29.75 -4.15 0.21
N TYR M 187 -30.49 -3.73 1.22
CA TYR M 187 -29.93 -3.48 2.55
C TYR M 187 -30.66 -4.36 3.57
N CYS M 188 -30.08 -5.51 3.86
CA CYS M 188 -30.63 -6.42 4.86
C CYS M 188 -30.03 -6.13 6.22
N ALA M 189 -30.69 -6.65 7.26
CA ALA M 189 -30.20 -6.47 8.61
C ALA M 189 -29.59 -7.76 9.13
N PRO M 190 -28.53 -7.66 9.94
CA PRO M 190 -27.96 -8.87 10.54
C PRO M 190 -28.96 -9.53 11.48
N ALA M 191 -28.81 -10.84 11.64
CA ALA M 191 -29.75 -11.64 12.42
C ALA M 191 -29.99 -11.04 13.79
N GLY M 192 -31.24 -10.68 14.08
CA GLY M 192 -31.58 -10.05 15.33
C GLY M 192 -32.40 -8.78 15.16
N PHE M 193 -32.13 -8.03 14.10
CA PHE M 193 -32.82 -6.77 13.84
C PHE M 193 -34.01 -6.98 12.90
N ALA M 194 -34.76 -5.91 12.69
CA ALA M 194 -35.85 -5.90 11.74
C ALA M 194 -35.91 -4.53 11.07
N ILE M 195 -36.42 -4.50 9.84
CA ILE M 195 -36.60 -3.26 9.10
C ILE M 195 -38.09 -2.97 9.10
N LEU M 196 -38.51 -2.03 9.92
CA LEU M 196 -39.92 -1.61 9.96
C LEU M 196 -40.15 -0.63 8.82
N LYS M 197 -41.04 -1.02 7.90
CA LYS M 197 -41.53 -0.15 6.83
C LYS M 197 -43.02 -0.01 7.00
N CYS M 198 -43.53 1.21 6.94
CA CYS M 198 -44.95 1.47 7.10
C CYS M 198 -45.55 1.84 5.75
N LYS M 199 -46.70 1.25 5.43
CA LYS M 199 -47.28 1.31 4.10
C LYS M 199 -48.40 2.35 4.00
N ASP M 200 -48.26 3.47 4.69
CA ASP M 200 -49.27 4.52 4.61
C ASP M 200 -49.17 5.25 3.28
N LYS M 201 -50.33 5.67 2.76
CA LYS M 201 -50.36 6.34 1.46
C LYS M 201 -49.89 7.79 1.56
N LYS M 202 -50.61 8.61 2.31
CA LYS M 202 -50.25 10.01 2.51
C LYS M 202 -49.28 10.12 3.70
N PHE M 203 -48.05 9.68 3.46
CA PHE M 203 -47.04 9.63 4.50
C PHE M 203 -46.26 10.94 4.53
N ASN M 204 -46.48 11.72 5.60
CA ASN M 204 -45.69 12.92 5.82
C ASN M 204 -44.22 12.58 6.01
N GLY M 205 -43.93 11.46 6.66
CA GLY M 205 -42.58 10.99 6.89
C GLY M 205 -42.12 11.06 8.34
N THR M 206 -42.72 11.94 9.13
CA THR M 206 -42.33 12.12 10.53
C THR M 206 -43.54 11.87 11.41
N GLY M 207 -43.28 11.40 12.63
CA GLY M 207 -44.33 11.11 13.57
C GLY M 207 -44.88 9.72 13.38
N PRO M 208 -46.07 9.46 13.91
CA PRO M 208 -46.67 8.13 13.79
C PRO M 208 -47.02 7.80 12.36
N CYS M 209 -47.07 6.50 12.07
CA CYS M 209 -47.49 6.02 10.76
C CYS M 209 -48.41 4.82 10.97
N PRO M 210 -49.61 4.82 10.37
CA PRO M 210 -50.68 3.91 10.85
C PRO M 210 -50.40 2.42 10.74
N SER M 211 -50.11 1.93 9.54
CA SER M 211 -49.96 0.50 9.29
C SER M 211 -48.52 0.19 8.92
N VAL M 212 -47.95 -0.82 9.54
CA VAL M 212 -46.54 -1.14 9.40
C VAL M 212 -46.38 -2.58 8.91
N SER M 213 -45.13 -2.97 8.69
CA SER M 213 -44.76 -4.30 8.23
C SER M 213 -43.26 -4.46 8.45
N THR M 214 -42.88 -5.60 9.02
CA THR M 214 -41.48 -5.90 9.27
C THR M 214 -40.91 -6.70 8.11
N VAL M 215 -39.73 -6.29 7.64
CA VAL M 215 -39.05 -6.96 6.55
C VAL M 215 -37.61 -7.22 6.98
N GLN M 216 -36.94 -8.13 6.26
CA GLN M 216 -35.54 -8.41 6.57
C GLN M 216 -34.59 -7.68 5.62
N CYS M 217 -35.07 -7.30 4.44
CA CYS M 217 -34.24 -6.62 3.44
C CYS M 217 -35.02 -5.47 2.82
N THR M 218 -34.30 -4.46 2.36
CA THR M 218 -34.91 -3.27 1.78
C THR M 218 -35.40 -3.56 0.36
N HIS M 219 -36.22 -2.64 -0.15
CA HIS M 219 -36.59 -2.70 -1.56
C HIS M 219 -35.43 -2.19 -2.41
N GLY M 220 -35.53 -2.42 -3.72
CA GLY M 220 -34.48 -2.04 -4.64
C GLY M 220 -34.07 -0.58 -4.53
N ILE M 221 -32.85 -0.35 -4.06
CA ILE M 221 -32.29 0.99 -3.95
C ILE M 221 -31.09 1.09 -4.87
N LYS M 222 -30.99 2.21 -5.58
CA LYS M 222 -29.88 2.46 -6.49
C LYS M 222 -29.33 3.86 -6.25
N PRO M 223 -28.02 3.99 -5.99
CA PRO M 223 -27.43 5.31 -5.75
C PRO M 223 -27.08 6.00 -7.06
N VAL M 224 -27.70 7.15 -7.31
CA VAL M 224 -27.46 7.95 -8.50
C VAL M 224 -26.99 9.33 -8.06
N VAL M 225 -25.81 9.73 -8.53
CA VAL M 225 -25.24 11.01 -8.16
C VAL M 225 -25.82 12.08 -9.09
N SER M 226 -26.66 12.95 -8.52
CA SER M 226 -27.28 14.03 -9.28
C SER M 226 -27.74 15.09 -8.29
N THR M 227 -27.28 16.33 -8.47
CA THR M 227 -27.56 17.37 -7.48
C THR M 227 -29.01 17.84 -7.54
N GLN M 228 -29.43 18.40 -8.67
CA GLN M 228 -30.82 18.79 -8.87
C GLN M 228 -31.54 17.75 -9.71
N LEU M 229 -32.85 17.62 -9.47
CA LEU M 229 -33.72 16.74 -10.26
C LEU M 229 -33.16 15.33 -10.30
N LEU M 230 -33.17 14.70 -9.12
CA LEU M 230 -32.67 13.34 -8.97
C LEU M 230 -33.22 12.42 -10.06
N LEU M 231 -32.30 11.83 -10.82
CA LEU M 231 -32.64 10.98 -11.94
C LEU M 231 -32.94 9.57 -11.48
N ASN M 232 -33.80 8.88 -12.22
CA ASN M 232 -34.01 7.43 -12.08
C ASN M 232 -34.30 7.06 -10.62
N GLY M 233 -35.44 7.55 -10.15
CA GLY M 233 -35.81 7.36 -8.76
C GLY M 233 -37.08 6.55 -8.56
N SER M 234 -37.65 6.63 -7.35
CA SER M 234 -38.85 5.91 -6.98
C SER M 234 -39.96 6.92 -6.69
N LEU M 235 -41.16 6.63 -7.20
CA LEU M 235 -42.26 7.58 -7.23
C LEU M 235 -42.95 7.65 -5.87
N ALA M 236 -44.08 8.36 -5.84
CA ALA M 236 -45.02 8.37 -4.73
C ALA M 236 -46.31 7.68 -5.17
N GLU M 237 -47.20 7.44 -4.21
CA GLU M 237 -48.36 6.60 -4.50
C GLU M 237 -49.48 7.39 -5.16
N GLU M 238 -50.04 8.37 -4.47
CA GLU M 238 -51.23 9.04 -4.99
C GLU M 238 -51.09 10.56 -5.05
N GLU M 239 -50.43 11.17 -4.07
CA GLU M 239 -50.36 12.61 -3.96
C GLU M 239 -48.91 13.07 -4.17
N VAL M 240 -48.75 14.13 -4.95
CA VAL M 240 -47.43 14.71 -5.16
C VAL M 240 -46.96 15.27 -3.82
N MET M 241 -46.00 14.59 -3.21
CA MET M 241 -45.66 14.87 -1.82
C MET M 241 -44.56 15.92 -1.71
N ILE M 242 -44.61 16.67 -0.61
CA ILE M 242 -43.63 17.70 -0.29
C ILE M 242 -43.08 17.34 1.07
N ARG M 243 -41.90 16.73 1.09
CA ARG M 243 -41.38 16.10 2.30
C ARG M 243 -40.35 17.00 2.98
N SER M 244 -40.88 18.01 3.67
CA SER M 244 -40.10 18.70 4.71
C SER M 244 -41.13 19.34 5.64
N GLU M 245 -41.37 18.69 6.78
CA GLU M 245 -42.31 19.24 7.76
C GLU M 245 -41.93 20.67 8.14
N ASN M 246 -40.67 20.87 8.53
CA ASN M 246 -40.21 22.19 8.94
C ASN M 246 -39.96 22.99 7.66
N ILE M 247 -41.04 23.58 7.17
CA ILE M 247 -41.04 24.31 5.90
C ILE M 247 -40.86 25.81 6.09
N THR M 248 -41.13 26.33 7.29
CA THR M 248 -41.08 27.78 7.51
C THR M 248 -39.64 28.26 7.58
N ASN M 249 -38.76 27.51 8.24
CA ASN M 249 -37.36 27.87 8.26
C ASN M 249 -36.74 27.64 6.89
N ASN M 250 -36.01 28.62 6.39
CA ASN M 250 -35.52 28.60 5.02
C ASN M 250 -34.07 28.16 4.90
N ALA M 251 -33.51 27.54 5.93
CA ALA M 251 -32.17 27.00 5.82
C ALA M 251 -32.19 25.59 5.25
N LYS M 252 -33.25 24.84 5.52
CA LYS M 252 -33.36 23.46 5.09
C LYS M 252 -33.97 23.37 3.69
N ASN M 253 -33.42 22.49 2.87
CA ASN M 253 -33.97 22.23 1.56
C ASN M 253 -35.38 21.66 1.67
N ILE M 254 -36.10 21.65 0.55
CA ILE M 254 -37.44 21.08 0.47
C ILE M 254 -37.44 20.02 -0.61
N LEU M 255 -37.68 18.78 -0.20
CA LEU M 255 -37.78 17.65 -1.11
C LEU M 255 -39.19 17.59 -1.68
N VAL M 256 -39.29 17.39 -2.99
CA VAL M 256 -40.58 17.21 -3.64
C VAL M 256 -40.52 15.92 -4.44
N GLN M 257 -41.59 15.14 -4.39
CA GLN M 257 -41.67 13.87 -5.11
C GLN M 257 -43.03 13.82 -5.80
N PHE M 258 -43.03 13.97 -7.12
CA PHE M 258 -44.25 13.94 -7.90
C PHE M 258 -44.45 12.59 -8.59
N ASN M 259 -45.73 12.24 -8.76
CA ASN M 259 -46.17 10.89 -9.06
C ASN M 259 -45.75 10.41 -10.45
N THR M 260 -46.27 11.05 -11.49
CA THR M 260 -45.94 10.59 -12.84
C THR M 260 -44.55 11.06 -13.23
N PRO M 261 -43.67 10.17 -13.68
CA PRO M 261 -42.30 10.57 -14.01
C PRO M 261 -42.26 11.44 -15.25
N VAL M 262 -41.22 12.26 -15.33
CA VAL M 262 -40.98 13.12 -16.49
C VAL M 262 -39.81 12.53 -17.26
N GLN M 263 -39.98 12.35 -18.56
CA GLN M 263 -39.02 11.61 -19.38
C GLN M 263 -37.94 12.58 -19.84
N ILE M 264 -36.77 12.55 -19.19
CA ILE M 264 -35.67 13.42 -19.57
C ILE M 264 -34.76 12.64 -20.50
N ASN M 265 -34.57 13.14 -21.71
CA ASN M 265 -33.95 12.38 -22.79
C ASN M 265 -32.75 13.18 -23.27
N CYS M 266 -31.54 12.73 -22.95
CA CYS M 266 -30.36 13.57 -23.31
C CYS M 266 -29.34 12.78 -24.12
N THR M 267 -28.26 13.46 -24.54
CA THR M 267 -27.22 12.79 -25.30
C THR M 267 -26.12 13.77 -25.68
N ARG M 268 -25.02 13.17 -26.18
CA ARG M 268 -23.92 13.85 -26.84
C ARG M 268 -23.74 13.23 -28.21
N PRO M 269 -23.79 14.03 -29.28
CA PRO M 269 -23.74 13.50 -30.64
C PRO M 269 -22.36 13.47 -31.28
N ASN M 270 -21.32 13.96 -30.60
CA ASN M 270 -19.98 13.87 -31.15
C ASN M 270 -19.54 12.42 -31.25
N ASN M 271 -18.45 12.20 -31.96
CA ASN M 271 -17.89 10.86 -32.16
C ASN M 271 -16.43 10.90 -31.71
N ASN M 272 -16.21 10.65 -30.43
CA ASN M 272 -14.85 10.62 -29.89
C ASN M 272 -14.11 9.38 -30.38
N THR M 273 -12.82 9.56 -30.62
CA THR M 273 -11.93 8.47 -31.01
C THR M 273 -10.91 8.28 -29.89
N ARG M 274 -11.02 7.17 -29.17
CA ARG M 274 -10.10 6.91 -28.06
C ARG M 274 -8.69 6.63 -28.60
N LYS M 275 -7.69 7.00 -27.82
CA LYS M 275 -6.31 6.79 -28.19
C LYS M 275 -5.51 6.37 -26.97
N SER M 276 -4.48 5.56 -27.19
CA SER M 276 -3.67 5.00 -26.11
C SER M 276 -2.24 5.51 -26.23
N ILE M 277 -1.70 5.98 -25.11
CA ILE M 277 -0.31 6.41 -25.02
C ILE M 277 0.34 5.61 -23.90
N ARG M 278 1.65 5.38 -24.04
CA ARG M 278 2.40 4.61 -23.06
C ARG M 278 3.03 5.58 -22.05
N ILE M 279 2.65 5.44 -20.79
CA ILE M 279 3.20 6.27 -19.72
C ILE M 279 4.32 5.56 -18.95
N GLY M 280 4.35 4.24 -18.97
CA GLY M 280 5.34 3.49 -18.24
C GLY M 280 5.19 2.00 -18.42
N PRO M 281 6.02 1.23 -17.74
CA PRO M 281 5.97 -0.23 -17.88
C PRO M 281 4.78 -0.84 -17.17
N GLY M 282 3.60 -0.79 -17.81
CA GLY M 282 2.42 -1.42 -17.25
C GLY M 282 1.19 -0.55 -17.23
N GLN M 283 1.38 0.77 -17.27
CA GLN M 283 0.27 1.71 -17.21
C GLN M 283 0.10 2.40 -18.57
N ALA M 284 -1.15 2.62 -18.96
CA ALA M 284 -1.47 3.28 -20.21
C ALA M 284 -2.34 4.50 -19.94
N PHE M 285 -2.11 5.57 -20.69
CA PHE M 285 -2.86 6.80 -20.57
C PHE M 285 -3.81 6.91 -21.76
N TYR M 286 -5.10 6.97 -21.48
CA TYR M 286 -6.15 6.91 -22.50
C TYR M 286 -6.66 8.32 -22.75
N ALA M 287 -6.26 8.89 -23.89
CA ALA M 287 -6.61 10.25 -24.25
C ALA M 287 -7.60 10.26 -25.40
N THR M 288 -7.97 11.47 -25.81
CA THR M 288 -8.87 11.67 -26.94
C THR M 288 -8.04 11.85 -28.20
N GLY M 289 -8.37 11.09 -29.24
CA GLY M 289 -7.66 11.19 -30.50
C GLY M 289 -8.18 12.33 -31.35
N ASP M 290 -8.47 12.05 -32.62
CA ASP M 290 -9.02 13.05 -33.53
C ASP M 290 -10.54 12.91 -33.56
N ILE M 291 -11.24 14.04 -33.44
CA ILE M 291 -12.69 14.05 -33.50
C ILE M 291 -13.11 13.93 -34.96
N ILE M 292 -13.93 12.93 -35.26
CA ILE M 292 -14.35 12.66 -36.63
C ILE M 292 -15.82 13.01 -36.75
N GLY M 293 -16.22 13.37 -37.97
CA GLY M 293 -17.60 13.76 -38.21
C GLY M 293 -17.87 15.20 -37.80
N ASP M 294 -19.10 15.46 -37.37
CA ASP M 294 -19.55 16.80 -37.04
C ASP M 294 -19.26 17.13 -35.59
N ILE M 295 -19.23 18.43 -35.29
CA ILE M 295 -19.06 18.94 -33.94
C ILE M 295 -20.31 19.71 -33.55
N ARG M 296 -20.90 19.34 -32.42
CA ARG M 296 -22.15 19.94 -31.97
C ARG M 296 -22.05 20.13 -30.46
N GLN M 297 -23.18 20.42 -29.83
CA GLN M 297 -23.26 20.63 -28.39
C GLN M 297 -24.20 19.60 -27.80
N ALA M 298 -23.70 18.81 -26.86
CA ALA M 298 -24.53 17.82 -26.18
C ALA M 298 -25.71 18.51 -25.50
N HIS M 299 -26.88 17.89 -25.56
CA HIS M 299 -28.09 18.60 -25.15
C HIS M 299 -29.06 17.64 -24.50
N CYS M 300 -30.01 18.23 -23.76
CA CYS M 300 -31.11 17.48 -23.15
C CYS M 300 -32.45 18.01 -23.64
N ASN M 301 -33.44 17.11 -23.72
CA ASN M 301 -34.81 17.47 -24.04
C ASN M 301 -35.75 16.95 -22.96
N VAL M 302 -36.75 17.77 -22.66
CA VAL M 302 -37.87 17.41 -21.79
C VAL M 302 -39.17 17.78 -22.49
N SER M 303 -40.16 16.91 -22.39
CA SER M 303 -41.41 17.12 -23.11
C SER M 303 -42.23 18.21 -22.42
N LYS M 304 -42.62 19.22 -23.21
CA LYS M 304 -43.10 20.47 -22.65
C LYS M 304 -44.43 20.31 -21.92
N ALA M 305 -45.37 19.57 -22.52
CA ALA M 305 -46.69 19.43 -21.91
C ALA M 305 -46.60 18.71 -20.57
N THR M 306 -45.83 17.62 -20.53
CA THR M 306 -45.66 16.89 -19.28
C THR M 306 -44.97 17.76 -18.24
N TRP M 307 -43.93 18.49 -18.64
CA TRP M 307 -43.23 19.35 -17.69
C TRP M 307 -44.14 20.41 -17.11
N ASN M 308 -44.91 21.09 -17.96
CA ASN M 308 -45.79 22.15 -17.49
C ASN M 308 -46.88 21.61 -16.58
N GLU M 309 -47.46 20.46 -16.94
CA GLU M 309 -48.49 19.87 -16.09
C GLU M 309 -47.91 19.47 -14.73
N THR M 310 -46.70 18.92 -14.71
CA THR M 310 -46.08 18.53 -13.45
C THR M 310 -45.79 19.75 -12.58
N LEU M 311 -45.31 20.84 -13.17
CA LEU M 311 -45.07 22.04 -12.39
C LEU M 311 -46.37 22.60 -11.85
N GLY M 312 -47.46 22.52 -12.63
CA GLY M 312 -48.76 22.92 -12.12
C GLY M 312 -49.19 22.10 -10.91
N LYS M 313 -48.97 20.78 -10.96
CA LYS M 313 -49.31 19.94 -9.82
C LYS M 313 -48.48 20.31 -8.59
N VAL M 314 -47.19 20.57 -8.80
CA VAL M 314 -46.31 20.95 -7.69
C VAL M 314 -46.78 22.27 -7.08
N VAL M 315 -47.19 23.23 -7.92
CA VAL M 315 -47.73 24.49 -7.41
C VAL M 315 -48.99 24.23 -6.59
N LYS M 316 -49.89 23.39 -7.10
CA LYS M 316 -51.11 23.08 -6.37
C LYS M 316 -50.81 22.53 -4.98
N GLN M 317 -49.86 21.60 -4.89
CA GLN M 317 -49.60 21.01 -3.59
C GLN M 317 -48.80 21.93 -2.66
N LEU M 318 -47.96 22.81 -3.22
CA LEU M 318 -47.24 23.76 -2.37
C LEU M 318 -48.17 24.85 -1.82
N ARG M 319 -49.24 25.18 -2.54
CA ARG M 319 -50.12 26.22 -2.03
C ARG M 319 -50.84 25.84 -0.74
N LYS M 320 -50.84 24.56 -0.37
CA LYS M 320 -51.51 24.16 0.87
C LYS M 320 -50.70 24.54 2.11
N HIS M 321 -49.38 24.53 2.02
CA HIS M 321 -48.52 24.80 3.17
C HIS M 321 -48.22 26.28 3.36
N PHE M 322 -48.75 27.16 2.50
CA PHE M 322 -48.49 28.59 2.59
C PHE M 322 -49.77 29.42 2.48
N GLY M 323 -50.93 28.81 2.61
CA GLY M 323 -52.16 29.55 2.41
C GLY M 323 -52.62 29.50 0.97
N ASN M 324 -53.94 29.55 0.79
CA ASN M 324 -54.52 29.34 -0.53
C ASN M 324 -54.14 30.46 -1.50
N ASN M 325 -54.34 31.72 -1.09
CA ASN M 325 -54.16 32.85 -1.98
C ASN M 325 -52.75 33.39 -1.82
N THR M 326 -51.85 32.97 -2.71
CA THR M 326 -50.47 33.46 -2.70
C THR M 326 -49.86 33.22 -4.08
N ILE M 327 -48.74 33.87 -4.33
CA ILE M 327 -48.08 33.88 -5.64
C ILE M 327 -46.78 33.12 -5.53
N ILE M 328 -46.50 32.28 -6.54
CA ILE M 328 -45.30 31.45 -6.57
C ILE M 328 -44.61 31.64 -7.93
N ARG M 329 -43.32 31.99 -7.89
CA ARG M 329 -42.54 32.13 -9.11
C ARG M 329 -41.16 31.50 -8.91
N PHE M 330 -40.78 30.63 -9.83
CA PHE M 330 -39.49 29.96 -9.80
C PHE M 330 -38.43 30.80 -10.50
N ALA M 331 -37.17 30.49 -10.22
CA ALA M 331 -36.04 31.17 -10.82
C ALA M 331 -34.81 30.27 -10.71
N ASN M 332 -33.98 30.30 -11.74
CA ASN M 332 -32.83 29.41 -11.82
C ASN M 332 -31.86 29.67 -10.67
N SER M 333 -30.88 28.77 -10.54
CA SER M 333 -29.91 28.88 -9.46
C SER M 333 -29.08 30.14 -9.62
N SER M 334 -28.71 30.74 -8.48
CA SER M 334 -28.11 32.07 -8.44
C SER M 334 -26.69 32.04 -7.89
N GLY M 335 -25.92 31.01 -8.23
CA GLY M 335 -24.53 30.99 -7.84
C GLY M 335 -24.01 29.64 -7.39
N GLY M 336 -22.74 29.59 -6.99
CA GLY M 336 -22.12 28.37 -6.53
C GLY M 336 -21.18 27.78 -7.56
N ASP M 337 -20.62 26.63 -7.20
CA ASP M 337 -19.72 25.88 -8.07
C ASP M 337 -20.45 25.48 -9.36
N LEU M 338 -19.66 24.98 -10.31
CA LEU M 338 -20.23 24.61 -11.60
C LEU M 338 -21.06 23.34 -11.54
N GLU M 339 -21.01 22.61 -10.43
CA GLU M 339 -21.77 21.37 -10.27
C GLU M 339 -22.91 21.47 -9.26
N VAL M 340 -23.17 22.66 -8.73
CA VAL M 340 -24.42 22.92 -8.02
C VAL M 340 -25.15 24.12 -8.60
N THR M 341 -24.47 24.98 -9.35
CA THR M 341 -25.12 25.98 -10.17
C THR M 341 -26.10 25.34 -11.14
N THR M 342 -25.70 24.22 -11.73
CA THR M 342 -26.54 23.45 -12.63
C THR M 342 -26.35 21.96 -12.33
N HIS M 343 -27.42 21.19 -12.54
CA HIS M 343 -27.42 19.82 -12.08
C HIS M 343 -26.48 18.94 -12.91
N SER M 344 -25.86 17.98 -12.23
CA SER M 344 -24.84 17.12 -12.80
C SER M 344 -25.37 15.68 -12.87
N PHE M 345 -25.10 15.00 -13.98
CA PHE M 345 -25.52 13.61 -14.04
C PHE M 345 -24.56 12.79 -14.89
N ASN M 346 -24.34 11.55 -14.47
CA ASN M 346 -23.51 10.62 -15.24
C ASN M 346 -24.35 9.93 -16.31
N CYS M 347 -23.92 10.06 -17.56
CA CYS M 347 -24.64 9.49 -18.71
C CYS M 347 -23.67 8.67 -19.54
N GLY M 348 -23.75 7.35 -19.42
CA GLY M 348 -22.92 6.47 -20.21
C GLY M 348 -21.52 6.26 -19.69
N GLY M 349 -21.26 6.64 -18.45
CA GLY M 349 -19.92 6.62 -17.91
C GLY M 349 -19.19 7.94 -17.96
N GLU M 350 -19.89 9.04 -18.24
CA GLU M 350 -19.30 10.36 -18.26
C GLU M 350 -20.34 11.34 -17.73
N PHE M 351 -19.87 12.48 -17.25
CA PHE M 351 -20.68 13.39 -16.44
C PHE M 351 -21.00 14.66 -17.21
N PHE M 352 -22.28 14.96 -17.35
CA PHE M 352 -22.78 16.17 -17.97
C PHE M 352 -23.08 17.21 -16.90
N TYR M 353 -22.49 18.40 -17.05
CA TYR M 353 -22.85 19.59 -16.29
C TYR M 353 -23.76 20.48 -17.14
N CYS M 354 -24.97 19.99 -17.36
CA CYS M 354 -25.91 20.55 -18.32
C CYS M 354 -26.87 21.50 -17.61
N ASN M 355 -27.03 22.72 -18.13
CA ASN M 355 -27.64 23.70 -17.24
C ASN M 355 -29.17 23.51 -17.23
N THR M 356 -29.82 24.16 -16.26
CA THR M 356 -31.26 23.97 -16.06
C THR M 356 -31.93 25.32 -15.82
N SER M 357 -31.66 26.30 -16.68
CA SER M 357 -32.35 27.58 -16.58
C SER M 357 -33.55 27.68 -17.52
N GLY M 358 -33.80 26.68 -18.35
CA GLY M 358 -34.94 26.64 -19.23
C GLY M 358 -36.18 26.01 -18.65
N LEU M 359 -36.13 25.57 -17.39
CA LEU M 359 -37.25 24.89 -16.75
C LEU M 359 -37.84 25.69 -15.60
N PHE M 360 -37.03 26.10 -14.64
CA PHE M 360 -37.53 26.73 -13.42
C PHE M 360 -37.84 28.19 -13.62
N ASN M 361 -38.68 28.48 -14.62
CA ASN M 361 -38.98 29.85 -15.01
C ASN M 361 -40.47 29.89 -15.34
N SER M 362 -41.29 30.10 -14.31
CA SER M 362 -42.74 30.08 -14.45
C SER M 362 -43.35 30.71 -13.20
N THR M 363 -44.21 31.70 -13.40
CA THR M 363 -44.93 32.35 -12.31
C THR M 363 -46.41 32.00 -12.40
N TRP M 364 -46.97 31.53 -11.29
CA TRP M 364 -48.33 30.99 -11.26
C TRP M 364 -49.18 31.82 -10.31
N ILE M 365 -49.93 32.77 -10.87
CA ILE M 365 -50.83 33.59 -10.06
C ILE M 365 -51.94 32.70 -9.47
N SER M 366 -52.59 33.22 -8.43
CA SER M 366 -53.54 32.42 -7.66
C SER M 366 -54.69 31.93 -8.53
N ASN M 367 -55.23 32.80 -9.38
CA ASN M 367 -56.36 32.43 -10.23
C ASN M 367 -55.89 31.66 -11.47
N ASN M 379 -45.39 18.03 -30.07
CA ASN M 379 -45.04 18.91 -28.97
C ASN M 379 -43.66 19.53 -29.17
N ASP M 380 -43.57 20.84 -28.96
CA ASP M 380 -42.28 21.53 -29.00
C ASP M 380 -41.44 21.06 -27.83
N SER M 381 -40.42 20.25 -28.12
CA SER M 381 -39.56 19.74 -27.07
C SER M 381 -38.72 20.85 -26.46
N ILE M 382 -38.65 20.88 -25.13
CA ILE M 382 -37.83 21.88 -24.43
C ILE M 382 -36.39 21.39 -24.44
N THR M 383 -35.52 22.13 -25.11
CA THR M 383 -34.11 21.81 -25.19
C THR M 383 -33.31 22.63 -24.17
N LEU M 384 -32.20 22.05 -23.72
CA LEU M 384 -31.34 22.74 -22.77
C LEU M 384 -29.90 22.28 -22.99
N PRO M 385 -28.95 23.21 -23.03
CA PRO M 385 -27.60 22.90 -23.47
C PRO M 385 -26.68 22.42 -22.35
N CYS M 386 -25.65 21.67 -22.75
CA CYS M 386 -24.73 21.04 -21.82
C CYS M 386 -23.33 21.59 -22.02
N ARG M 387 -22.48 21.32 -21.03
CA ARG M 387 -21.03 21.42 -21.17
C ARG M 387 -20.40 20.26 -20.42
N ILE M 388 -19.34 19.70 -20.99
CA ILE M 388 -18.81 18.41 -20.58
C ILE M 388 -17.49 18.60 -19.85
N LYS M 389 -17.33 17.91 -18.72
CA LYS M 389 -16.10 17.91 -17.95
C LYS M 389 -15.57 16.49 -17.79
N GLN M 390 -14.26 16.35 -17.82
CA GLN M 390 -13.63 15.03 -17.63
C GLN M 390 -13.19 14.82 -16.19
N ILE M 391 -12.29 15.66 -15.68
CA ILE M 391 -11.75 15.45 -14.34
C ILE M 391 -12.74 15.98 -13.31
N ILE M 392 -12.97 15.18 -12.28
CA ILE M 392 -14.02 15.46 -11.31
C ILE M 392 -13.47 15.34 -9.90
N ASN M 393 -14.09 16.09 -8.98
CA ASN M 393 -13.76 16.18 -7.57
C ASN M 393 -14.97 15.81 -6.72
N MET M 394 -15.71 14.78 -7.14
CA MET M 394 -17.00 14.50 -6.55
C MET M 394 -16.88 14.16 -5.07
N TRP M 395 -17.94 14.47 -4.33
CA TRP M 395 -18.01 14.44 -2.87
C TRP M 395 -17.06 15.45 -2.22
N GLN M 396 -16.38 16.26 -3.02
CA GLN M 396 -15.51 17.34 -2.54
C GLN M 396 -14.46 16.82 -1.57
N ARG M 397 -13.92 15.64 -1.87
CA ARG M 397 -12.74 15.18 -1.15
C ARG M 397 -11.60 16.17 -1.36
N ILE M 398 -10.87 16.46 -0.29
CA ILE M 398 -9.91 17.55 -0.32
C ILE M 398 -8.84 17.30 -1.37
N GLY M 399 -8.31 16.07 -1.44
CA GLY M 399 -7.18 15.81 -2.29
C GLY M 399 -7.30 14.65 -3.25
N GLN M 400 -8.48 14.43 -3.82
CA GLN M 400 -8.68 13.33 -4.77
C GLN M 400 -9.44 13.85 -5.98
N ALA M 401 -8.75 13.93 -7.11
CA ALA M 401 -9.35 14.30 -8.39
C ALA M 401 -9.16 13.14 -9.35
N MET M 402 -10.26 12.69 -9.96
CA MET M 402 -10.18 11.54 -10.84
C MET M 402 -10.48 11.95 -12.28
N TYR M 403 -9.89 11.18 -13.20
CA TYR M 403 -9.95 11.46 -14.62
C TYR M 403 -10.88 10.44 -15.26
N ALA M 404 -11.82 10.91 -16.07
CA ALA M 404 -12.76 10.01 -16.73
C ALA M 404 -12.30 9.77 -18.16
N PRO M 405 -11.97 8.54 -18.53
CA PRO M 405 -11.49 8.29 -19.90
C PRO M 405 -12.59 8.56 -20.90
N PRO M 406 -12.24 9.02 -22.10
CA PRO M 406 -13.26 9.33 -23.10
C PRO M 406 -14.00 8.09 -23.55
N ILE M 407 -15.28 8.26 -23.86
CA ILE M 407 -16.15 7.19 -24.31
C ILE M 407 -16.30 7.30 -25.82
N GLN M 408 -16.03 6.22 -26.53
CA GLN M 408 -15.93 6.26 -27.98
C GLN M 408 -17.32 6.31 -28.61
N GLY M 409 -17.51 7.25 -29.52
CA GLY M 409 -18.72 7.32 -30.33
C GLY M 409 -19.71 8.35 -29.83
N VAL M 410 -20.98 8.06 -30.11
CA VAL M 410 -22.09 8.91 -29.68
C VAL M 410 -22.68 8.30 -28.42
N ILE M 411 -23.10 9.15 -27.47
CA ILE M 411 -23.59 8.64 -26.20
C ILE M 411 -24.98 9.21 -25.96
N ARG M 412 -25.83 8.42 -25.28
CA ARG M 412 -27.22 8.80 -25.08
C ARG M 412 -27.74 8.12 -23.82
N CYS M 413 -28.75 8.73 -23.20
CA CYS M 413 -29.43 8.10 -22.07
C CYS M 413 -30.81 8.72 -21.88
N VAL M 414 -31.77 7.84 -21.58
CA VAL M 414 -33.15 8.21 -21.28
C VAL M 414 -33.38 7.96 -19.81
N SER M 415 -33.84 8.98 -19.07
CA SER M 415 -33.91 8.91 -17.63
C SER M 415 -35.26 9.41 -17.13
N ASN M 416 -35.50 9.14 -15.85
CA ASN M 416 -36.78 9.42 -15.19
C ASN M 416 -36.58 10.54 -14.16
N ILE M 417 -36.87 11.78 -14.55
CA ILE M 417 -36.99 12.83 -13.54
C ILE M 417 -38.17 12.51 -12.65
N THR M 418 -37.94 12.54 -11.34
CA THR M 418 -38.94 12.13 -10.37
C THR M 418 -39.23 13.19 -9.31
N GLY M 419 -38.23 13.96 -8.89
CA GLY M 419 -38.46 14.95 -7.87
C GLY M 419 -37.77 16.29 -8.10
N LEU M 420 -37.81 17.13 -7.06
CA LEU M 420 -37.15 18.42 -7.04
C LEU M 420 -36.40 18.57 -5.73
N ILE M 421 -35.39 19.44 -5.73
CA ILE M 421 -34.72 19.84 -4.50
C ILE M 421 -34.65 21.36 -4.54
N LEU M 422 -35.55 22.01 -3.81
CA LEU M 422 -35.71 23.45 -3.85
C LEU M 422 -35.30 24.06 -2.52
N THR M 423 -34.98 25.36 -2.58
CA THR M 423 -34.68 26.16 -1.41
C THR M 423 -35.48 27.44 -1.48
N ARG M 424 -36.08 27.84 -0.36
CA ARG M 424 -36.89 29.05 -0.37
C ARG M 424 -35.99 30.29 -0.40
N ASP M 425 -36.64 31.44 -0.50
CA ASP M 425 -35.95 32.73 -0.48
C ASP M 425 -36.24 33.41 0.85
N GLY M 426 -35.18 33.93 1.49
CA GLY M 426 -35.31 34.51 2.81
C GLY M 426 -35.97 35.87 2.83
N GLY M 427 -37.12 35.97 2.17
CA GLY M 427 -37.84 37.22 2.05
C GLY M 427 -38.29 37.80 3.38
N SER M 428 -37.99 39.07 3.60
CA SER M 428 -38.40 39.77 4.81
C SER M 428 -39.82 40.32 4.66
N THR M 429 -40.31 40.94 5.73
CA THR M 429 -41.63 41.58 5.81
C THR M 429 -42.69 40.51 5.54
N ASN M 430 -43.53 40.64 4.52
CA ASN M 430 -44.66 39.76 4.27
C ASN M 430 -44.61 39.22 2.86
N SER M 431 -43.45 38.69 2.47
CA SER M 431 -43.21 38.19 1.11
C SER M 431 -44.36 37.30 0.65
N THR M 432 -45.04 37.74 -0.41
CA THR M 432 -46.15 36.99 -1.00
C THR M 432 -45.67 36.12 -2.16
N THR M 433 -44.87 36.69 -3.07
CA THR M 433 -44.27 35.93 -4.15
C THR M 433 -43.09 35.15 -3.58
N GLU M 434 -43.41 34.01 -2.98
CA GLU M 434 -42.42 33.18 -2.30
C GLU M 434 -41.57 32.46 -3.34
N THR M 435 -40.61 33.18 -3.89
CA THR M 435 -39.72 32.63 -4.90
C THR M 435 -38.96 31.42 -4.35
N PHE M 436 -38.90 30.36 -5.16
CA PHE M 436 -38.10 29.19 -4.86
C PHE M 436 -36.93 29.10 -5.83
N ARG M 437 -35.91 28.36 -5.42
CA ARG M 437 -34.75 28.14 -6.27
C ARG M 437 -34.46 26.65 -6.31
N PRO M 438 -33.85 26.16 -7.39
CA PRO M 438 -33.36 24.78 -7.37
C PRO M 438 -32.04 24.71 -6.62
N GLY M 439 -32.09 24.22 -5.39
CA GLY M 439 -30.91 24.15 -4.54
C GLY M 439 -30.39 22.74 -4.41
N GLY M 440 -29.27 22.44 -5.08
CA GLY M 440 -28.79 21.07 -5.13
C GLY M 440 -28.34 20.54 -3.77
N GLY M 441 -27.59 21.34 -3.03
CA GLY M 441 -27.04 20.84 -1.79
C GLY M 441 -26.01 19.75 -2.04
N ASP M 442 -25.88 18.86 -1.07
CA ASP M 442 -24.98 17.72 -1.17
C ASP M 442 -25.69 16.57 -1.88
N MET M 443 -25.07 15.39 -1.86
CA MET M 443 -25.65 14.19 -2.45
C MET M 443 -26.44 13.36 -1.44
N ARG M 444 -26.55 13.82 -0.19
CA ARG M 444 -27.25 13.04 0.82
C ARG M 444 -28.76 13.10 0.64
N ASP M 445 -29.28 14.27 0.27
CA ASP M 445 -30.71 14.39 -0.03
C ASP M 445 -31.11 13.58 -1.26
N ASN M 446 -30.14 13.22 -2.11
CA ASN M 446 -30.42 12.33 -3.21
C ASN M 446 -30.85 10.95 -2.72
N TRP M 447 -30.39 10.55 -1.53
CA TRP M 447 -30.74 9.26 -0.96
C TRP M 447 -31.81 9.35 0.12
N ARG M 448 -31.91 10.48 0.82
CA ARG M 448 -32.87 10.58 1.91
C ARG M 448 -34.30 10.41 1.42
N SER M 449 -34.56 10.67 0.14
CA SER M 449 -35.87 10.39 -0.43
C SER M 449 -36.06 8.92 -0.77
N GLU M 450 -34.99 8.12 -0.69
CA GLU M 450 -35.08 6.69 -0.95
C GLU M 450 -35.24 5.86 0.31
N LEU M 451 -34.75 6.35 1.45
CA LEU M 451 -34.72 5.62 2.71
C LEU M 451 -35.48 6.36 3.79
N TYR M 452 -36.66 6.88 3.45
CA TYR M 452 -37.51 7.56 4.41
C TYR M 452 -38.52 6.64 5.07
N LYS M 453 -38.82 5.50 4.45
CA LYS M 453 -39.87 4.60 4.92
C LYS M 453 -39.35 3.46 5.78
N TYR M 454 -38.06 3.43 6.06
CA TYR M 454 -37.44 2.32 6.78
C TYR M 454 -36.83 2.80 8.09
N LYS M 455 -37.07 2.04 9.15
CA LYS M 455 -36.34 2.23 10.40
C LYS M 455 -35.82 0.88 10.88
N VAL M 456 -34.66 0.91 11.51
CA VAL M 456 -33.97 -0.30 11.95
C VAL M 456 -34.26 -0.49 13.43
N VAL M 457 -35.00 -1.55 13.77
CA VAL M 457 -35.36 -1.81 15.15
C VAL M 457 -34.61 -3.04 15.65
N LYS M 458 -34.16 -2.95 16.90
CA LYS M 458 -33.45 -4.02 17.58
C LYS M 458 -34.46 -4.84 18.38
N ILE M 459 -34.56 -6.13 18.07
CA ILE M 459 -35.42 -7.02 18.82
C ILE M 459 -34.86 -7.18 20.22
N GLU M 460 -35.73 -7.05 21.22
CA GLU M 460 -35.35 -7.23 22.62
C GLU M 460 -36.21 -8.35 23.18
N PRO M 461 -35.77 -9.60 23.09
CA PRO M 461 -36.51 -10.70 23.70
C PRO M 461 -36.40 -10.69 25.21
N LEU M 462 -36.87 -11.75 25.86
CA LEU M 462 -36.78 -11.89 27.31
C LEU M 462 -37.63 -10.82 28.00
N GLY M 463 -38.94 -10.85 27.76
CA GLY M 463 -39.84 -9.96 28.45
C GLY M 463 -40.16 -10.43 29.85
N VAL M 464 -40.54 -9.49 30.71
CA VAL M 464 -40.86 -9.76 32.11
C VAL M 464 -42.33 -9.41 32.32
N ALA M 465 -43.05 -10.26 33.05
CA ALA M 465 -44.47 -10.06 33.24
C ALA M 465 -44.90 -10.68 34.57
N PRO M 466 -45.88 -10.08 35.25
CA PRO M 466 -46.46 -10.72 36.43
C PRO M 466 -47.69 -11.56 36.10
N THR M 467 -47.78 -12.71 36.76
CA THR M 467 -48.93 -13.60 36.64
C THR M 467 -48.92 -14.55 37.83
N ARG M 468 -49.76 -15.57 37.78
CA ARG M 468 -49.91 -16.51 38.88
C ARG M 468 -49.45 -17.89 38.44
N CYS M 469 -48.47 -18.44 39.14
CA CYS M 469 -47.93 -19.77 38.89
C CYS M 469 -46.92 -20.09 39.98
N LYS M 470 -46.49 -21.34 40.02
CA LYS M 470 -45.47 -21.76 40.97
C LYS M 470 -44.73 -22.96 40.41
N ARG M 471 -43.42 -23.00 40.64
CA ARG M 471 -42.57 -24.11 40.23
C ARG M 471 -42.40 -25.04 41.42
N ARG M 472 -43.21 -26.10 41.45
CA ARG M 472 -43.24 -27.01 42.58
C ARG M 472 -42.00 -27.91 42.57
N VAL M 473 -41.95 -28.83 43.53
CA VAL M 473 -40.86 -29.79 43.63
C VAL M 473 -41.41 -31.20 43.62
N VAL N 2 -49.71 -19.50 1.61
CA VAL N 2 -50.94 -20.27 1.78
C VAL N 2 -50.82 -21.15 3.02
N GLY N 3 -51.89 -21.18 3.81
CA GLY N 3 -51.91 -21.97 5.03
C GLY N 3 -51.49 -21.17 6.25
N ILE N 4 -51.59 -21.82 7.41
CA ILE N 4 -51.22 -21.19 8.68
C ILE N 4 -49.75 -21.35 9.02
N GLY N 5 -49.02 -22.17 8.25
CA GLY N 5 -47.62 -22.40 8.55
C GLY N 5 -46.77 -21.15 8.41
N ALA N 6 -47.02 -20.37 7.34
CA ALA N 6 -46.27 -19.12 7.15
C ALA N 6 -46.55 -18.14 8.28
N VAL N 7 -47.81 -18.03 8.71
CA VAL N 7 -48.15 -17.12 9.79
C VAL N 7 -47.50 -17.57 11.09
N PHE N 8 -47.52 -18.87 11.37
CA PHE N 8 -46.95 -19.39 12.61
C PHE N 8 -45.43 -19.51 12.57
N LEU N 9 -44.81 -19.33 11.41
CA LEU N 9 -43.36 -19.40 11.26
C LEU N 9 -42.84 -18.20 10.47
N GLY N 10 -43.30 -17.01 10.85
CA GLY N 10 -42.89 -15.76 10.21
C GLY N 10 -41.85 -15.02 11.01
N PHE N 11 -42.14 -13.74 11.27
CA PHE N 11 -41.20 -12.87 11.96
C PHE N 11 -41.99 -11.71 12.56
N LEU N 12 -42.13 -11.71 13.89
CA LEU N 12 -42.93 -10.71 14.60
C LEU N 12 -44.35 -10.63 14.05
N GLY N 13 -44.94 -11.80 13.77
CA GLY N 13 -46.18 -11.83 13.01
C GLY N 13 -47.31 -11.05 13.64
N ALA N 14 -47.44 -11.13 14.97
CA ALA N 14 -48.51 -10.46 15.71
C ALA N 14 -47.94 -9.74 16.92
N ALA N 15 -46.88 -8.97 16.71
CA ALA N 15 -46.22 -8.28 17.82
C ALA N 15 -47.16 -7.31 18.52
N GLY N 16 -47.88 -6.49 17.74
CA GLY N 16 -48.80 -5.53 18.31
C GLY N 16 -50.12 -6.09 18.77
N SER N 17 -50.38 -7.37 18.52
CA SER N 17 -51.63 -8.00 18.91
C SER N 17 -51.62 -8.27 20.41
N THR N 18 -52.66 -8.93 20.90
CA THR N 18 -52.75 -9.22 22.31
C THR N 18 -51.68 -10.22 22.73
N MET N 19 -51.32 -10.15 24.02
CA MET N 19 -50.28 -11.04 24.54
C MET N 19 -50.70 -12.50 24.50
N GLY N 20 -52.00 -12.78 24.37
CA GLY N 20 -52.42 -14.14 24.06
C GLY N 20 -51.87 -14.59 22.71
N ALA N 21 -52.00 -13.73 21.70
CA ALA N 21 -51.41 -14.04 20.40
C ALA N 21 -49.88 -13.97 20.44
N ALA N 22 -49.33 -13.25 21.43
CA ALA N 22 -47.89 -13.26 21.62
C ALA N 22 -47.41 -14.61 22.14
N SER N 23 -48.11 -15.15 23.14
CA SER N 23 -47.81 -16.47 23.69
C SER N 23 -48.19 -17.59 22.73
N MET N 24 -49.04 -17.32 21.74
CA MET N 24 -49.40 -18.34 20.78
C MET N 24 -48.19 -18.82 19.98
N THR N 25 -47.34 -17.89 19.54
CA THR N 25 -46.17 -18.23 18.74
C THR N 25 -44.93 -17.62 19.39
N LEU N 26 -43.90 -18.45 19.57
CA LEU N 26 -42.65 -17.97 20.17
C LEU N 26 -41.46 -18.38 19.32
N THR N 27 -41.60 -19.48 18.58
CA THR N 27 -40.49 -19.95 17.74
C THR N 27 -40.14 -18.96 16.65
N VAL N 28 -41.10 -18.13 16.22
CA VAL N 28 -40.80 -17.08 15.25
C VAL N 28 -39.75 -16.13 15.79
N GLN N 29 -39.58 -16.07 17.11
CA GLN N 29 -38.55 -15.26 17.75
C GLN N 29 -37.36 -16.06 18.20
N ALA N 30 -37.58 -17.23 18.80
CA ALA N 30 -36.47 -18.03 19.31
C ALA N 30 -35.61 -18.58 18.18
N ARG N 31 -36.23 -18.97 17.06
CA ARG N 31 -35.47 -19.56 15.97
C ARG N 31 -34.89 -18.50 15.06
N ASN N 32 -35.68 -17.49 14.70
CA ASN N 32 -35.21 -16.44 13.79
C ASN N 32 -34.45 -15.35 14.55
N LEU N 33 -33.44 -15.77 15.30
CA LEU N 33 -32.57 -14.86 16.03
C LEU N 33 -31.09 -15.10 15.77
N LEU N 34 -30.71 -16.27 15.29
CA LEU N 34 -29.31 -16.62 15.06
C LEU N 34 -28.99 -16.95 13.61
N SER N 35 -29.87 -17.69 12.93
CA SER N 35 -29.60 -18.11 11.56
C SER N 35 -29.94 -17.01 10.56
N GLY N 36 -31.21 -16.59 10.53
CA GLY N 36 -31.65 -15.58 9.59
C GLY N 36 -32.71 -16.11 8.63
N THR N 58 -13.07 -8.04 -0.33
CA THR N 58 -11.89 -7.68 0.44
C THR N 58 -12.07 -6.31 1.11
N VAL N 59 -13.32 -5.87 1.22
CA VAL N 59 -13.63 -4.57 1.81
C VAL N 59 -14.59 -4.74 2.98
N TRP N 60 -15.76 -5.32 2.71
CA TRP N 60 -16.83 -5.43 3.68
C TRP N 60 -16.83 -6.77 4.40
N GLY N 61 -15.80 -7.58 4.21
CA GLY N 61 -15.68 -8.82 4.98
C GLY N 61 -15.59 -8.57 6.46
N ILE N 62 -14.82 -7.55 6.86
CA ILE N 62 -14.73 -7.21 8.28
C ILE N 62 -16.09 -6.74 8.80
N LYS N 63 -16.85 -6.04 7.95
CA LYS N 63 -18.21 -5.66 8.31
C LYS N 63 -19.07 -6.88 8.58
N GLN N 64 -19.01 -7.88 7.69
CA GLN N 64 -19.81 -9.09 7.85
C GLN N 64 -19.42 -9.84 9.12
N LEU N 65 -18.12 -10.02 9.35
CA LEU N 65 -17.65 -10.72 10.54
C LEU N 65 -18.03 -9.97 11.82
N GLN N 66 -17.94 -8.64 11.80
CA GLN N 66 -18.34 -7.86 12.97
C GLN N 66 -19.83 -8.05 13.27
N ALA N 67 -20.66 -8.04 12.23
CA ALA N 67 -22.09 -8.29 12.45
C ALA N 67 -22.32 -9.68 13.03
N ARG N 68 -21.64 -10.69 12.48
CA ARG N 68 -21.82 -12.05 12.96
C ARG N 68 -21.41 -12.19 14.41
N VAL N 69 -20.25 -11.63 14.78
CA VAL N 69 -19.78 -11.78 16.15
C VAL N 69 -20.67 -11.00 17.12
N LEU N 70 -21.16 -9.83 16.70
CA LEU N 70 -22.09 -9.10 17.55
C LEU N 70 -23.35 -9.90 17.81
N ALA N 71 -23.90 -10.52 16.76
CA ALA N 71 -25.12 -11.31 16.92
C ALA N 71 -24.88 -12.50 17.86
N VAL N 72 -23.78 -13.23 17.65
CA VAL N 72 -23.55 -14.43 18.47
C VAL N 72 -23.27 -14.04 19.91
N GLU N 73 -22.52 -12.95 20.14
CA GLU N 73 -22.24 -12.50 21.49
C GLU N 73 -23.52 -12.08 22.20
N ARG N 74 -24.40 -11.36 21.51
CA ARG N 74 -25.67 -10.96 22.11
C ARG N 74 -26.51 -12.18 22.47
N TYR N 75 -26.57 -13.17 21.57
CA TYR N 75 -27.36 -14.36 21.86
C TYR N 75 -26.81 -15.11 23.07
N LEU N 76 -25.48 -15.24 23.15
CA LEU N 76 -24.91 -15.97 24.29
C LEU N 76 -25.09 -15.21 25.59
N ARG N 77 -25.00 -13.87 25.56
CA ARG N 77 -25.31 -13.09 26.75
C ARG N 77 -26.75 -13.33 27.19
N ASP N 78 -27.67 -13.36 26.23
CA ASP N 78 -29.07 -13.60 26.57
C ASP N 78 -29.26 -14.99 27.18
N GLN N 79 -28.65 -16.01 26.58
CA GLN N 79 -28.82 -17.37 27.09
C GLN N 79 -28.22 -17.50 28.49
N GLN N 80 -27.05 -16.89 28.72
CA GLN N 80 -26.45 -16.94 30.05
C GLN N 80 -27.30 -16.21 31.07
N LEU N 81 -27.86 -15.05 30.69
CA LEU N 81 -28.74 -14.32 31.59
C LEU N 81 -29.95 -15.16 31.97
N LEU N 82 -30.47 -15.94 31.03
CA LEU N 82 -31.51 -16.90 31.39
C LEU N 82 -30.95 -17.99 32.30
N GLY N 83 -29.77 -18.52 31.98
CA GLY N 83 -29.28 -19.71 32.65
C GLY N 83 -28.97 -19.49 34.12
N ILE N 84 -28.37 -18.35 34.46
CA ILE N 84 -28.05 -18.08 35.85
C ILE N 84 -29.32 -17.93 36.69
N TRP N 85 -30.47 -17.79 36.04
CA TRP N 85 -31.77 -17.81 36.72
C TRP N 85 -32.20 -19.26 36.90
N GLY N 86 -33.45 -19.47 37.29
CA GLY N 86 -33.94 -20.80 37.62
C GLY N 86 -34.41 -21.62 36.43
N CYS N 87 -34.01 -21.24 35.22
CA CYS N 87 -34.45 -21.93 34.02
C CYS N 87 -33.41 -21.74 32.92
N SER N 88 -33.32 -22.71 32.02
CA SER N 88 -32.39 -22.59 30.91
C SER N 88 -33.04 -22.81 29.56
N GLY N 89 -34.00 -23.73 29.46
CA GLY N 89 -34.60 -24.04 28.18
C GLY N 89 -36.09 -24.29 28.23
N LYS N 90 -36.74 -23.91 29.34
CA LYS N 90 -38.18 -24.09 29.44
C LYS N 90 -38.93 -23.11 28.54
N LEU N 91 -38.31 -21.98 28.21
CA LEU N 91 -38.88 -20.92 27.37
C LEU N 91 -39.99 -20.16 28.10
N ILE N 92 -40.36 -20.65 29.28
CA ILE N 92 -41.49 -20.11 30.04
C ILE N 92 -41.14 -20.19 31.53
N CYS N 93 -40.63 -19.10 32.09
CA CYS N 93 -39.97 -19.16 33.39
C CYS N 93 -40.83 -18.48 34.44
N CYS N 94 -41.20 -19.24 35.48
CA CYS N 94 -41.99 -18.74 36.59
C CYS N 94 -41.16 -18.81 37.87
N THR N 95 -40.85 -17.65 38.44
CA THR N 95 -39.95 -17.57 39.59
C THR N 95 -40.75 -17.62 40.87
N ASN N 96 -40.12 -18.11 41.95
CA ASN N 96 -40.79 -18.34 43.22
C ASN N 96 -40.66 -17.16 44.19
N VAL N 97 -40.67 -15.94 43.68
CA VAL N 97 -40.60 -14.76 44.53
C VAL N 97 -41.75 -13.81 44.19
N PRO N 98 -42.24 -13.02 45.15
CA PRO N 98 -43.39 -12.16 44.87
C PRO N 98 -43.02 -10.96 44.01
N TRP N 99 -44.06 -10.26 43.55
CA TRP N 99 -43.92 -9.09 42.70
C TRP N 99 -44.42 -7.86 43.45
N ASN N 100 -43.61 -6.81 43.46
CA ASN N 100 -44.00 -5.58 44.12
C ASN N 100 -45.16 -4.92 43.38
N SER N 101 -46.19 -4.53 44.12
CA SER N 101 -47.41 -3.96 43.56
C SER N 101 -47.32 -2.45 43.35
N SER N 102 -46.11 -1.90 43.22
CA SER N 102 -45.93 -0.47 43.08
C SER N 102 -45.49 -0.05 41.68
N TRP N 103 -44.99 -0.97 40.85
CA TRP N 103 -44.45 -0.63 39.55
C TRP N 103 -45.50 -0.79 38.44
N SER N 104 -46.04 -1.99 38.27
CA SER N 104 -47.05 -2.21 37.26
C SER N 104 -48.37 -1.55 37.64
N ASN N 105 -48.93 -1.93 38.79
CA ASN N 105 -50.17 -1.35 39.30
C ASN N 105 -51.31 -1.49 38.30
N ARG N 106 -51.42 -2.67 37.70
CA ARG N 106 -52.51 -2.98 36.78
C ARG N 106 -53.24 -4.22 37.26
N ASN N 107 -54.56 -4.24 37.04
CA ASN N 107 -55.39 -5.35 37.49
C ASN N 107 -54.97 -6.64 36.80
N LEU N 108 -54.81 -7.70 37.59
CA LEU N 108 -54.33 -8.98 37.09
C LEU N 108 -55.43 -9.85 36.48
N SER N 109 -56.70 -9.51 36.70
CA SER N 109 -57.78 -10.31 36.12
C SER N 109 -57.82 -10.16 34.60
N GLU N 110 -57.71 -8.92 34.11
CA GLU N 110 -57.71 -8.64 32.68
C GLU N 110 -56.30 -8.31 32.17
N ILE N 111 -55.27 -8.73 32.91
CA ILE N 111 -53.90 -8.36 32.59
C ILE N 111 -53.38 -9.06 31.34
N TRP N 112 -54.10 -10.08 30.85
CA TRP N 112 -53.59 -10.91 29.77
C TRP N 112 -54.35 -10.72 28.46
N ASP N 113 -55.24 -9.74 28.38
CA ASP N 113 -56.04 -9.61 27.17
C ASP N 113 -56.06 -8.21 26.57
N ASN N 114 -56.04 -7.16 27.40
CA ASN N 114 -56.37 -5.84 26.87
C ASN N 114 -55.14 -5.06 26.38
N MET N 115 -54.08 -4.96 27.19
CA MET N 115 -52.94 -4.14 26.81
C MET N 115 -52.01 -4.94 25.90
N THR N 116 -50.86 -4.34 25.56
CA THR N 116 -49.94 -4.93 24.60
C THR N 116 -48.52 -4.85 25.14
N TRP N 117 -47.65 -5.72 24.62
CA TRP N 117 -46.25 -5.70 24.99
C TRP N 117 -45.60 -4.36 24.65
N LEU N 118 -46.09 -3.70 23.60
CA LEU N 118 -45.62 -2.35 23.29
C LEU N 118 -46.11 -1.31 24.29
N GLN N 119 -46.94 -1.72 25.26
CA GLN N 119 -47.22 -0.92 26.43
C GLN N 119 -46.50 -1.42 27.67
N TRP N 120 -46.27 -2.74 27.76
CA TRP N 120 -45.44 -3.29 28.83
C TRP N 120 -44.04 -2.69 28.81
N ASP N 121 -43.43 -2.60 27.63
CA ASP N 121 -42.08 -2.03 27.58
C ASP N 121 -42.07 -0.59 28.07
N LYS N 122 -43.05 0.21 27.68
CA LYS N 122 -43.18 1.58 28.18
C LYS N 122 -43.31 1.59 29.70
N GLU N 123 -44.20 0.77 30.24
CA GLU N 123 -44.47 0.80 31.66
C GLU N 123 -43.33 0.22 32.49
N ILE N 124 -42.49 -0.60 31.88
CA ILE N 124 -41.43 -1.27 32.64
C ILE N 124 -40.08 -0.60 32.46
N SER N 125 -39.95 0.28 31.46
CA SER N 125 -38.66 0.92 31.21
C SER N 125 -38.15 1.67 32.43
N ASN N 126 -39.04 2.38 33.15
CA ASN N 126 -38.62 3.09 34.34
C ASN N 126 -38.12 2.13 35.41
N TYR N 127 -38.80 1.00 35.58
CA TYR N 127 -38.51 0.05 36.66
C TYR N 127 -37.97 -1.24 36.05
N THR N 128 -36.66 -1.31 35.87
CA THR N 128 -36.00 -2.52 35.44
C THR N 128 -34.57 -2.51 35.98
N GLN N 129 -33.75 -3.44 35.50
CA GLN N 129 -32.39 -3.72 35.99
C GLN N 129 -32.37 -3.83 37.52
N ILE N 130 -33.56 -4.02 38.10
CA ILE N 130 -33.72 -4.29 39.52
C ILE N 130 -34.52 -5.58 39.75
N ILE N 131 -35.57 -5.79 38.95
CA ILE N 131 -36.26 -7.08 38.95
C ILE N 131 -35.27 -8.20 38.63
N TYR N 132 -34.38 -7.97 37.67
CA TYR N 132 -33.35 -8.96 37.36
C TYR N 132 -32.47 -9.23 38.57
N GLY N 133 -32.07 -8.18 39.29
CA GLY N 133 -31.22 -8.37 40.46
C GLY N 133 -31.92 -9.16 41.56
N LEU N 134 -33.16 -8.79 41.86
CA LEU N 134 -33.91 -9.51 42.88
C LEU N 134 -34.11 -10.97 42.48
N LEU N 135 -34.49 -11.20 41.22
CA LEU N 135 -34.72 -12.56 40.74
C LEU N 135 -33.45 -13.39 40.83
N GLU N 136 -32.31 -12.84 40.39
CA GLU N 136 -31.08 -13.62 40.39
C GLU N 136 -30.60 -13.89 41.82
N GLU N 137 -30.70 -12.90 42.71
CA GLU N 137 -30.25 -13.13 44.09
C GLU N 137 -31.13 -14.15 44.79
N SER N 138 -32.45 -14.03 44.64
CA SER N 138 -33.34 -15.00 45.27
C SER N 138 -33.14 -16.40 44.70
N GLN N 139 -32.97 -16.50 43.38
CA GLN N 139 -32.73 -17.81 42.78
C GLN N 139 -31.39 -18.38 43.23
N ASN N 140 -30.38 -17.53 43.38
CA ASN N 140 -29.09 -17.97 43.89
C ASN N 140 -29.23 -18.55 45.28
N GLN N 141 -29.96 -17.86 46.16
CA GLN N 141 -30.25 -18.41 47.47
C GLN N 141 -31.03 -19.71 47.36
N GLN N 142 -31.89 -19.82 46.34
CA GLN N 142 -32.68 -21.03 46.15
C GLN N 142 -31.79 -22.23 45.87
N GLU N 143 -30.91 -22.14 44.88
CA GLU N 143 -30.02 -23.28 44.68
C GLU N 143 -29.01 -23.42 45.82
N LYS N 144 -28.68 -22.35 46.53
CA LYS N 144 -27.77 -22.48 47.66
C LYS N 144 -28.36 -23.35 48.77
N ASN N 145 -29.59 -23.04 49.21
CA ASN N 145 -30.14 -23.83 50.29
C ASN N 145 -30.61 -25.20 49.79
N GLU N 146 -30.98 -25.32 48.52
CA GLU N 146 -31.24 -26.64 47.97
C GLU N 146 -29.99 -27.50 47.97
N GLN N 147 -28.84 -26.91 47.61
CA GLN N 147 -27.58 -27.63 47.66
C GLN N 147 -27.23 -28.02 49.09
N ASP N 148 -27.45 -27.12 50.04
CA ASP N 148 -27.17 -27.44 51.44
C ASP N 148 -28.02 -28.63 51.88
N LEU N 149 -29.31 -28.63 51.55
CA LEU N 149 -30.20 -29.71 51.94
C LEU N 149 -29.78 -31.03 51.30
N LEU N 150 -29.52 -31.02 50.00
CA LEU N 150 -29.15 -32.27 49.33
C LEU N 150 -27.80 -32.80 49.84
N ALA N 151 -26.86 -31.90 50.14
CA ALA N 151 -25.56 -32.34 50.65
C ALA N 151 -25.68 -32.92 52.05
N LEU N 152 -26.48 -32.28 52.92
CA LEU N 152 -26.66 -32.84 54.26
C LEU N 152 -27.52 -34.10 54.24
N ASP N 153 -28.30 -34.31 53.19
CA ASP N 153 -29.09 -35.53 53.06
C ASP N 153 -28.59 -36.40 51.93
N HIS O 1 -11.96 26.35 20.37
CA HIS O 1 -12.98 27.39 20.45
C HIS O 1 -13.56 27.69 19.07
N VAL O 2 -14.21 28.85 18.94
CA VAL O 2 -14.88 29.26 17.72
C VAL O 2 -14.32 30.61 17.33
N GLN O 3 -13.33 30.62 16.43
CA GLN O 3 -12.61 31.82 16.06
C GLN O 3 -13.16 32.37 14.75
N LEU O 4 -13.53 33.64 14.74
CA LEU O 4 -14.02 34.27 13.52
C LEU O 4 -13.67 35.75 13.54
N VAL O 5 -13.18 36.26 12.41
CA VAL O 5 -12.72 37.65 12.30
C VAL O 5 -13.22 38.23 10.98
N GLN O 6 -13.19 39.56 10.89
CA GLN O 6 -13.59 40.26 9.69
C GLN O 6 -12.45 41.15 9.20
N SER O 7 -12.60 41.65 7.98
CA SER O 7 -11.59 42.55 7.41
C SER O 7 -12.18 43.27 6.21
N GLY O 8 -11.73 44.51 6.01
CA GLY O 8 -11.96 45.22 4.76
C GLY O 8 -13.12 46.19 4.73
N GLY O 9 -13.30 46.99 5.77
CA GLY O 9 -14.33 48.02 5.79
C GLY O 9 -13.91 49.28 5.08
N GLY O 10 -14.34 50.42 5.62
CA GLY O 10 -13.89 51.71 5.15
C GLY O 10 -14.99 52.52 4.47
N VAL O 11 -14.56 53.56 3.75
CA VAL O 11 -15.44 54.47 3.06
C VAL O 11 -15.09 54.48 1.58
N LYS O 12 -16.11 54.45 0.74
CA LYS O 12 -15.92 54.33 -0.71
C LYS O 12 -16.85 55.30 -1.45
N LYS O 13 -16.40 55.74 -2.62
CA LYS O 13 -17.22 56.56 -3.49
C LYS O 13 -18.30 55.73 -4.17
N ILE O 14 -19.46 56.36 -4.38
CA ILE O 14 -20.58 55.65 -5.02
C ILE O 14 -20.17 55.12 -6.38
N GLY O 15 -20.63 53.90 -6.68
CA GLY O 15 -20.34 53.27 -7.95
C GLY O 15 -19.20 52.28 -7.95
N ALA O 16 -18.59 52.02 -6.81
CA ALA O 16 -17.47 51.09 -6.69
C ALA O 16 -17.91 49.85 -5.91
N ALA O 17 -17.04 48.85 -5.89
CA ALA O 17 -17.32 47.55 -5.28
C ALA O 17 -16.62 47.46 -3.93
N VAL O 18 -17.38 47.09 -2.91
CA VAL O 18 -16.86 46.90 -1.56
C VAL O 18 -16.63 45.41 -1.33
N ARG O 19 -15.42 45.05 -0.96
CA ARG O 19 -15.08 43.68 -0.61
C ARG O 19 -15.03 43.56 0.91
N ILE O 20 -15.72 42.55 1.45
CA ILE O 20 -15.70 42.30 2.88
C ILE O 20 -15.30 40.84 3.08
N SER O 21 -14.29 40.61 3.91
CA SER O 21 -13.79 39.27 4.15
C SER O 21 -14.15 38.83 5.57
N CYS O 22 -14.52 37.55 5.71
CA CYS O 22 -14.79 36.97 7.01
C CYS O 22 -14.01 35.65 7.08
N GLU O 23 -13.02 35.59 7.96
CA GLU O 23 -12.14 34.43 8.06
C GLU O 23 -12.44 33.68 9.34
N VAL O 24 -12.66 32.38 9.21
CA VAL O 24 -13.12 31.56 10.33
C VAL O 24 -12.23 30.33 10.48
N SER O 25 -11.99 29.96 11.75
CA SER O 25 -11.19 28.80 12.12
C SER O 25 -11.62 28.35 13.50
N GLY O 26 -11.02 27.26 13.96
CA GLY O 26 -11.36 26.67 15.24
C GLY O 26 -12.46 25.63 15.18
N TYR O 27 -13.07 25.42 14.01
CA TYR O 27 -14.09 24.42 13.83
C TYR O 27 -14.03 23.93 12.39
N ASN O 28 -14.56 22.73 12.16
CA ASN O 28 -14.60 22.20 10.81
C ASN O 28 -15.43 23.11 9.92
N PHE O 29 -14.87 23.50 8.78
CA PHE O 29 -15.46 24.54 7.96
C PHE O 29 -16.50 24.03 6.96
N MET O 30 -16.63 22.71 6.79
CA MET O 30 -17.57 22.20 5.80
C MET O 30 -19.00 22.59 6.13
N ASP O 31 -19.37 22.47 7.39
CA ASP O 31 -20.72 22.78 7.86
C ASP O 31 -20.80 24.25 8.28
N GLN O 32 -21.85 24.61 9.03
CA GLN O 32 -21.98 25.91 9.67
C GLN O 32 -22.00 27.05 8.65
N PHE O 33 -23.12 27.10 7.92
CA PHE O 33 -23.45 28.18 7.00
C PHE O 33 -23.07 29.53 7.59
N ILE O 34 -22.49 30.40 6.75
CA ILE O 34 -22.25 31.79 7.11
C ILE O 34 -23.54 32.56 6.84
N ASN O 35 -23.93 33.43 7.77
CA ASN O 35 -25.10 34.27 7.61
C ASN O 35 -24.67 35.73 7.63
N TRP O 36 -24.97 36.47 6.56
CA TRP O 36 -24.44 37.81 6.41
C TRP O 36 -25.50 38.81 6.83
N VAL O 37 -25.32 39.43 7.99
CA VAL O 37 -26.33 40.32 8.56
C VAL O 37 -25.83 41.76 8.53
N ARG O 38 -26.65 42.65 8.00
CA ARG O 38 -26.35 44.07 7.88
C ARG O 38 -27.15 44.83 8.90
N GLN O 39 -26.51 45.79 9.57
CA GLN O 39 -27.13 46.59 10.61
C GLN O 39 -26.94 48.05 10.24
N ALA O 40 -28.04 48.73 9.90
CA ALA O 40 -28.19 50.11 9.47
C ALA O 40 -28.51 51.01 10.65
N PRO O 41 -27.70 52.06 10.87
CA PRO O 41 -27.86 52.88 12.08
C PRO O 41 -29.24 53.52 12.14
N GLY O 42 -29.82 53.50 13.34
CA GLY O 42 -31.14 54.01 13.56
C GLY O 42 -32.27 53.02 13.37
N GLN O 43 -31.96 51.78 13.01
CA GLN O 43 -32.98 50.77 12.76
C GLN O 43 -32.50 49.42 13.28
N GLY O 44 -33.46 48.51 13.48
CA GLY O 44 -33.12 47.16 13.88
C GLY O 44 -32.48 46.38 12.75
N LEU O 45 -31.98 45.20 13.10
CA LEU O 45 -31.20 44.42 12.15
C LEU O 45 -32.05 44.03 10.94
N GLU O 46 -31.39 43.95 9.78
CA GLU O 46 -31.96 43.42 8.56
C GLU O 46 -31.06 42.31 8.05
N TRP O 47 -31.61 41.39 7.28
CA TRP O 47 -30.87 40.24 6.80
C TRP O 47 -30.72 40.31 5.28
N MET O 48 -29.50 40.04 4.80
CA MET O 48 -29.23 40.13 3.37
C MET O 48 -28.78 38.80 2.76
N GLY O 49 -28.96 37.68 3.45
CA GLY O 49 -28.77 36.38 2.86
C GLY O 49 -27.72 35.57 3.61
N TRP O 50 -27.46 34.38 3.05
CA TRP O 50 -26.48 33.48 3.64
C TRP O 50 -25.80 32.65 2.57
N MET O 51 -24.70 32.02 2.99
CA MET O 51 -23.84 31.24 2.13
C MET O 51 -23.49 29.92 2.83
N ASN O 52 -23.25 28.90 2.01
CA ASN O 52 -22.93 27.55 2.47
C ASN O 52 -21.62 27.15 1.79
N PRO O 53 -20.57 26.84 2.54
CA PRO O 53 -19.25 26.59 1.95
C PRO O 53 -19.01 25.18 1.43
N ILE O 54 -19.96 24.25 1.58
CA ILE O 54 -19.79 22.93 0.97
C ILE O 54 -19.63 23.08 -0.54
N TYR O 55 -20.53 23.83 -1.17
CA TYR O 55 -20.48 24.01 -2.62
C TYR O 55 -20.74 25.46 -3.02
N GLY O 56 -20.47 26.40 -2.12
CA GLY O 56 -20.75 27.80 -2.37
C GLY O 56 -22.21 28.11 -2.62
N GLN O 57 -23.12 27.40 -1.96
CA GLN O 57 -24.54 27.73 -2.12
C GLN O 57 -24.80 29.12 -1.56
N VAL O 58 -25.75 29.83 -2.19
CA VAL O 58 -26.13 31.15 -1.74
C VAL O 58 -27.65 31.20 -1.63
N ASN O 59 -28.14 32.12 -0.81
CA ASN O 59 -29.57 32.34 -0.65
C ASN O 59 -29.74 33.80 -0.21
N TYR O 60 -30.17 34.64 -1.15
CA TYR O 60 -30.20 36.08 -0.94
C TYR O 60 -31.52 36.50 -0.31
N SER O 61 -31.75 37.81 -0.26
CA SER O 61 -33.00 38.40 0.21
C SER O 61 -33.84 38.81 -0.98
N TRP O 62 -34.92 39.55 -0.72
CA TRP O 62 -35.80 40.05 -1.76
C TRP O 62 -35.34 41.41 -2.29
N ARG O 63 -34.20 41.90 -1.84
CA ARG O 63 -33.70 43.22 -2.22
C ARG O 63 -32.35 43.20 -2.91
N PHE O 64 -31.45 42.30 -2.52
CA PHE O 64 -30.06 42.33 -2.96
C PHE O 64 -29.78 41.51 -4.21
N GLN O 65 -30.79 40.85 -4.78
CA GLN O 65 -30.55 39.96 -5.90
C GLN O 65 -30.14 40.75 -7.13
N GLY O 66 -28.91 40.54 -7.58
CA GLY O 66 -28.33 41.32 -8.66
C GLY O 66 -27.34 42.37 -8.23
N ARG O 67 -26.96 42.41 -6.94
CA ARG O 67 -26.00 43.38 -6.45
C ARG O 67 -24.93 42.78 -5.53
N VAL O 68 -25.03 41.51 -5.18
CA VAL O 68 -24.15 40.90 -4.19
C VAL O 68 -23.59 39.61 -4.74
N THR O 69 -22.36 39.27 -4.35
CA THR O 69 -21.77 37.97 -4.65
C THR O 69 -21.13 37.44 -3.37
N MET O 70 -21.64 36.30 -2.89
CA MET O 70 -21.17 35.66 -1.67
C MET O 70 -20.26 34.50 -2.08
N THR O 71 -18.99 34.81 -2.31
CA THR O 71 -18.01 33.81 -2.73
C THR O 71 -17.32 33.22 -1.51
N ARG O 72 -16.55 32.17 -1.74
CA ARG O 72 -15.84 31.51 -0.66
C ARG O 72 -14.45 31.07 -1.13
N GLN O 73 -13.63 30.71 -0.16
CA GLN O 73 -12.37 30.01 -0.41
C GLN O 73 -12.14 29.02 0.72
N LEU O 74 -11.98 27.75 0.34
CA LEU O 74 -11.68 26.66 1.25
C LEU O 74 -10.18 26.57 1.47
N SER O 75 -9.73 25.48 2.08
CA SER O 75 -8.31 25.23 2.30
C SER O 75 -7.84 24.19 1.29
N GLN O 76 -6.83 24.55 0.48
CA GLN O 76 -6.36 23.66 -0.58
C GLN O 76 -5.64 22.45 -0.01
N ASP O 77 -4.65 22.67 0.87
CA ASP O 77 -3.83 21.56 1.42
C ASP O 77 -4.49 20.94 2.66
N PRO O 78 -4.46 19.60 2.86
CA PRO O 78 -5.08 18.98 4.04
C PRO O 78 -4.35 19.27 5.35
N ASP O 79 -3.32 20.13 5.31
CA ASP O 79 -2.61 20.47 6.53
C ASP O 79 -3.52 21.16 7.53
N ASP O 80 -4.29 22.16 7.08
CA ASP O 80 -5.23 22.89 7.92
C ASP O 80 -6.57 22.90 7.19
N PRO O 81 -7.35 21.83 7.29
CA PRO O 81 -8.59 21.73 6.50
C PRO O 81 -9.75 22.55 7.06
N ASP O 82 -9.56 23.28 8.15
CA ASP O 82 -10.65 24.02 8.79
C ASP O 82 -10.38 25.53 8.85
N TRP O 83 -9.76 26.07 7.80
CA TRP O 83 -9.46 27.49 7.70
C TRP O 83 -10.22 28.04 6.49
N GLY O 84 -11.34 28.70 6.73
CA GLY O 84 -12.22 29.12 5.66
C GLY O 84 -12.30 30.63 5.55
N THR O 85 -12.56 31.12 4.34
CA THR O 85 -12.67 32.56 4.11
C THR O 85 -13.89 32.83 3.24
N ALA O 86 -14.93 33.43 3.82
CA ALA O 86 -16.11 33.83 3.06
C ALA O 86 -16.00 35.29 2.67
N PHE O 87 -16.08 35.56 1.37
CA PHE O 87 -15.96 36.90 0.83
C PHE O 87 -17.33 37.36 0.37
N MET O 88 -17.62 38.65 0.56
CA MET O 88 -18.85 39.24 0.06
C MET O 88 -18.46 40.48 -0.74
N GLU O 89 -18.78 40.47 -2.03
CA GLU O 89 -18.54 41.60 -2.91
C GLU O 89 -19.86 42.30 -3.18
N LEU O 90 -19.96 43.56 -2.78
CA LEU O 90 -21.17 44.35 -2.96
C LEU O 90 -20.90 45.40 -4.03
N ARG O 91 -21.82 45.54 -4.98
CA ARG O 91 -21.60 46.36 -6.17
C ARG O 91 -22.71 47.39 -6.34
N GLY O 92 -22.34 48.52 -6.93
CA GLY O 92 -23.31 49.53 -7.31
C GLY O 92 -24.16 50.04 -6.18
N LEU O 93 -23.57 50.25 -5.00
CA LEU O 93 -24.33 50.56 -3.80
C LEU O 93 -24.86 51.99 -3.85
N ARG O 94 -26.11 52.15 -3.40
CA ARG O 94 -26.69 53.48 -3.23
C ARG O 94 -26.08 54.16 -2.00
N VAL O 95 -26.35 55.46 -1.89
CA VAL O 95 -25.76 56.25 -0.81
C VAL O 95 -26.35 55.88 0.55
N ASP O 96 -27.47 55.16 0.57
CA ASP O 96 -28.24 54.93 1.79
C ASP O 96 -27.97 53.57 2.43
N ASP O 97 -26.74 53.06 2.36
CA ASP O 97 -26.44 51.78 3.00
C ASP O 97 -25.16 51.86 3.83
N THR O 98 -24.80 53.04 4.32
CA THR O 98 -23.74 53.16 5.30
C THR O 98 -24.14 52.37 6.54
N ALA O 99 -23.43 51.29 6.83
CA ALA O 99 -23.91 50.36 7.86
C ALA O 99 -22.73 49.56 8.39
N VAL O 100 -23.03 48.55 9.20
CA VAL O 100 -22.03 47.63 9.71
C VAL O 100 -22.45 46.20 9.36
N TYR O 101 -21.51 45.43 8.86
CA TYR O 101 -21.77 44.08 8.38
C TYR O 101 -21.11 43.05 9.30
N TYR O 102 -21.89 42.04 9.66
CA TYR O 102 -21.47 40.96 10.54
C TYR O 102 -21.60 39.64 9.78
N CYS O 103 -20.69 38.72 10.07
CA CYS O 103 -20.75 37.37 9.52
C CYS O 103 -21.05 36.40 10.66
N ALA O 104 -22.34 36.23 10.96
CA ALA O 104 -22.76 35.35 12.03
C ALA O 104 -22.79 33.90 11.55
N ARG O 105 -23.02 32.99 12.48
CA ARG O 105 -23.20 31.58 12.15
C ARG O 105 -24.15 30.97 13.18
N GLY O 106 -24.20 29.65 13.24
CA GLY O 106 -25.16 28.96 14.07
C GLY O 106 -24.59 27.82 14.88
N PRO O 107 -25.47 27.03 15.49
CA PRO O 107 -25.04 25.98 16.40
C PRO O 107 -24.48 24.78 15.63
N SER O 108 -24.16 23.73 16.38
CA SER O 108 -23.62 22.50 15.80
C SER O 108 -24.75 21.69 15.20
N GLY O 109 -24.79 21.62 13.87
CA GLY O 109 -25.77 20.83 13.15
C GLY O 109 -26.92 21.63 12.57
N GLU O 110 -27.11 22.86 13.00
CA GLU O 110 -28.19 23.69 12.47
C GLU O 110 -27.65 25.03 12.00
N ASN O 111 -28.58 25.95 11.71
CA ASN O 111 -28.21 27.31 11.22
C ASN O 111 -29.06 28.39 11.91
N TYR O 112 -30.17 28.03 12.55
CA TYR O 112 -30.95 29.09 13.18
C TYR O 112 -31.20 28.78 14.65
N PRO O 113 -31.09 29.76 15.54
CA PRO O 113 -30.74 31.18 15.31
C PRO O 113 -29.25 31.47 15.52
N PHE O 114 -28.80 32.68 15.21
CA PHE O 114 -27.38 33.02 15.31
C PHE O 114 -26.93 33.06 16.76
N HIS O 115 -25.82 32.39 17.07
CA HIS O 115 -25.15 32.57 18.35
C HIS O 115 -23.90 33.45 18.26
N TYR O 116 -22.90 33.02 17.47
CA TYR O 116 -21.68 33.79 17.36
C TYR O 116 -21.85 34.93 16.37
N TRP O 117 -21.20 36.05 16.66
CA TRP O 117 -21.25 37.21 15.78
C TRP O 117 -19.84 37.74 15.60
N GLY O 118 -19.69 38.70 14.69
CA GLY O 118 -18.40 39.27 14.39
C GLY O 118 -18.27 40.70 14.86
N GLN O 119 -17.01 41.11 15.05
CA GLN O 119 -16.73 42.48 15.46
C GLN O 119 -17.35 43.49 14.49
N GLY O 120 -17.42 43.14 13.21
CA GLY O 120 -18.21 43.92 12.28
C GLY O 120 -17.44 44.96 11.50
N VAL O 121 -17.48 44.87 10.18
CA VAL O 121 -16.83 45.85 9.34
C VAL O 121 -17.81 46.97 9.04
N ARG O 122 -17.38 48.22 9.23
CA ARG O 122 -18.24 49.36 8.98
C ARG O 122 -17.91 49.93 7.61
N VAL O 123 -18.95 50.18 6.81
CA VAL O 123 -18.79 50.68 5.46
C VAL O 123 -19.62 51.95 5.32
N VAL O 124 -18.99 52.99 4.79
CA VAL O 124 -19.64 54.28 4.55
C VAL O 124 -19.40 54.65 3.10
N VAL O 125 -20.33 55.40 2.52
CA VAL O 125 -20.23 55.83 1.13
C VAL O 125 -20.25 57.35 1.09
N SER O 126 -19.42 57.93 0.23
CA SER O 126 -19.33 59.38 0.10
C SER O 126 -19.72 59.83 -1.30
N LEU P 1 -40.52 44.09 13.67
CA LEU P 1 -41.77 43.49 14.12
C LEU P 1 -42.46 44.37 15.17
N THR P 2 -42.30 45.68 15.01
CA THR P 2 -43.01 46.69 15.82
C THR P 2 -42.70 46.49 17.32
N GLN P 3 -41.43 46.71 17.65
CA GLN P 3 -41.04 46.72 19.05
C GLN P 3 -41.01 48.15 19.58
N PRO P 4 -41.17 48.32 20.90
CA PRO P 4 -41.12 49.67 21.46
C PRO P 4 -39.74 50.30 21.30
N ALA P 5 -39.71 51.62 21.19
CA ALA P 5 -38.47 52.34 20.92
C ALA P 5 -37.52 52.25 22.11
N SER P 6 -37.94 52.76 23.26
CA SER P 6 -37.08 52.76 24.44
C SER P 6 -37.95 52.81 25.69
N MET P 7 -37.37 52.40 26.80
CA MET P 7 -38.05 52.42 28.08
C MET P 7 -37.02 52.64 29.19
N SER P 8 -37.51 53.08 30.34
CA SER P 8 -36.68 53.40 31.49
C SER P 8 -37.11 52.57 32.69
N ALA P 9 -36.16 52.36 33.61
CA ALA P 9 -36.40 51.56 34.79
C ALA P 9 -35.45 52.01 35.88
N SER P 10 -35.71 51.54 37.10
CA SER P 10 -34.89 51.82 38.27
C SER P 10 -34.47 50.52 38.92
N PRO P 11 -33.33 50.51 39.62
CA PRO P 11 -32.82 49.25 40.19
C PRO P 11 -33.81 48.61 41.14
N GLY P 12 -33.84 47.29 41.13
CA GLY P 12 -34.75 46.52 41.95
C GLY P 12 -36.13 46.31 41.36
N GLN P 13 -36.40 46.80 40.16
CA GLN P 13 -37.69 46.67 39.53
C GLN P 13 -37.70 45.52 38.54
N SER P 14 -38.86 44.88 38.39
CA SER P 14 -39.07 43.81 37.44
C SER P 14 -39.98 44.29 36.32
N VAL P 15 -39.57 44.06 35.07
CA VAL P 15 -40.31 44.56 33.92
C VAL P 15 -40.46 43.46 32.89
N THR P 16 -41.54 43.53 32.12
CA THR P 16 -41.83 42.57 31.06
C THR P 16 -41.78 43.27 29.71
N ILE P 17 -41.20 42.59 28.73
CA ILE P 17 -41.09 43.08 27.36
C ILE P 17 -41.90 42.15 26.46
N SER P 18 -42.74 42.73 25.62
CA SER P 18 -43.63 41.98 24.75
C SER P 18 -43.23 42.17 23.29
N CYS P 19 -43.07 41.07 22.57
CA CYS P 19 -42.81 41.08 21.15
C CYS P 19 -44.07 40.64 20.41
N SER P 20 -44.46 41.42 19.41
CA SER P 20 -45.70 41.21 18.69
C SER P 20 -45.46 40.43 17.40
N GLY P 21 -46.51 39.77 16.94
CA GLY P 21 -46.41 39.00 15.70
C GLY P 21 -45.84 37.63 15.94
N THR P 22 -44.87 37.24 15.10
CA THR P 22 -44.13 36.00 15.18
C THR P 22 -44.99 34.77 14.89
N ARG P 23 -46.30 34.97 14.72
CA ARG P 23 -47.22 33.95 14.21
C ARG P 23 -47.00 32.56 14.80
N HIS P 24 -46.52 32.50 16.05
CA HIS P 24 -46.21 31.23 16.72
C HIS P 24 -45.19 30.41 15.94
N ILE P 25 -43.99 30.96 15.78
CA ILE P 25 -42.95 30.20 15.10
C ILE P 25 -41.66 30.23 15.93
N ILE P 26 -41.80 30.46 17.24
CA ILE P 26 -40.68 30.52 18.18
C ILE P 26 -39.79 31.73 17.91
N SER P 27 -39.69 32.60 18.91
CA SER P 27 -38.85 33.78 18.84
C SER P 27 -37.64 33.64 19.75
N ALA P 28 -36.71 34.59 19.62
CA ALA P 28 -35.50 34.60 20.42
C ALA P 28 -35.19 36.04 20.85
N TRP P 29 -34.47 36.16 21.95
CA TRP P 29 -34.11 37.46 22.52
C TRP P 29 -32.60 37.62 22.52
N PHE P 30 -32.16 38.76 21.96
CA PHE P 30 -30.75 39.13 21.87
C PHE P 30 -30.50 40.39 22.69
N GLN P 31 -29.45 40.38 23.51
CA GLN P 31 -29.01 41.56 24.23
C GLN P 31 -27.80 42.15 23.51
N GLN P 32 -27.85 43.46 23.27
CA GLN P 32 -26.84 44.14 22.46
C GLN P 32 -26.32 45.35 23.21
N TYR P 33 -25.01 45.47 23.28
CA TYR P 33 -24.39 46.70 23.74
C TYR P 33 -24.22 47.65 22.56
N PRO P 34 -24.31 48.97 22.78
CA PRO P 34 -24.21 49.92 21.66
C PRO P 34 -22.90 49.77 20.91
N GLY P 35 -23.01 49.48 19.62
CA GLY P 35 -21.84 49.28 18.78
C GLY P 35 -21.04 48.04 19.12
N LYS P 36 -21.70 46.92 19.36
CA LYS P 36 -21.07 45.66 19.72
C LYS P 36 -21.87 44.53 19.12
N PRO P 37 -21.31 43.32 19.05
CA PRO P 37 -22.08 42.17 18.57
C PRO P 37 -22.96 41.58 19.65
N PRO P 38 -24.28 41.69 19.50
CA PRO P 38 -25.18 41.04 20.48
C PRO P 38 -24.94 39.54 20.53
N LYS P 39 -25.06 38.99 21.73
CA LYS P 39 -24.95 37.56 21.94
C LYS P 39 -26.28 37.03 22.45
N LEU P 40 -26.60 35.80 22.05
CA LEU P 40 -27.90 35.20 22.37
C LEU P 40 -28.11 35.13 23.88
N ILE P 41 -29.29 35.54 24.34
CA ILE P 41 -29.62 35.44 25.75
C ILE P 41 -30.84 34.57 25.97
N ILE P 42 -31.74 34.49 24.97
CA ILE P 42 -32.88 33.58 25.06
C ILE P 42 -33.11 32.94 23.70
N PHE P 43 -33.18 31.61 23.67
CA PHE P 43 -33.61 30.87 22.48
C PHE P 43 -34.58 29.78 22.91
N ASP P 44 -35.46 29.40 21.98
CA ASP P 44 -36.53 28.43 22.18
C ASP P 44 -37.55 28.88 23.22
N ASP P 45 -37.47 30.12 23.69
CA ASP P 45 -38.36 30.71 24.69
C ASP P 45 -38.34 29.98 26.02
N ASP P 46 -37.40 29.05 26.22
CA ASP P 46 -37.38 28.27 27.45
C ASP P 46 -35.99 28.04 28.04
N LYS P 47 -34.94 28.55 27.42
CA LYS P 47 -33.58 28.26 27.87
C LYS P 47 -32.72 29.50 27.75
N ARG P 48 -31.65 29.54 28.54
CA ARG P 48 -30.68 30.61 28.52
C ARG P 48 -29.28 30.04 28.48
N PRO P 49 -28.34 30.73 27.85
CA PRO P 49 -26.96 30.24 27.81
C PRO P 49 -26.28 30.38 29.15
N SER P 50 -25.21 29.62 29.32
CA SER P 50 -24.42 29.70 30.54
C SER P 50 -23.80 31.08 30.69
N GLY P 51 -23.78 31.59 31.92
CA GLY P 51 -23.31 32.94 32.17
C GLY P 51 -24.41 33.98 32.20
N VAL P 52 -25.66 33.59 32.26
CA VAL P 52 -26.80 34.51 32.25
C VAL P 52 -27.48 34.44 33.62
N PRO P 53 -27.71 35.58 34.29
CA PRO P 53 -28.45 35.54 35.56
C PRO P 53 -29.83 34.94 35.39
N SER P 54 -30.29 34.27 36.44
CA SER P 54 -31.58 33.58 36.42
C SER P 54 -32.77 34.53 36.43
N ARG P 55 -32.54 35.84 36.56
CA ARG P 55 -33.64 36.81 36.56
C ARG P 55 -34.34 36.87 35.21
N PHE P 56 -33.75 36.29 34.17
CA PHE P 56 -34.33 36.30 32.83
C PHE P 56 -35.23 35.10 32.65
N SER P 57 -36.49 35.33 32.26
CA SER P 57 -37.31 34.20 31.85
C SER P 57 -38.22 34.65 30.72
N ALA P 58 -38.62 33.70 29.88
CA ALA P 58 -39.41 34.01 28.69
C ALA P 58 -40.46 32.94 28.47
N SER P 59 -41.52 33.32 27.77
CA SER P 59 -42.58 32.39 27.42
C SER P 59 -43.41 32.98 26.29
N ARG P 60 -44.40 32.22 25.85
CA ARG P 60 -45.24 32.62 24.72
C ARG P 60 -46.57 31.89 24.73
N PRO P 61 -47.52 32.29 25.60
CA PRO P 61 -48.85 31.65 25.54
C PRO P 61 -49.50 31.72 24.17
N GLY P 62 -49.32 32.83 23.46
CA GLY P 62 -49.92 33.00 22.15
C GLY P 62 -48.93 33.47 21.11
N ASP P 63 -49.31 34.49 20.33
CA ASP P 63 -48.40 35.01 19.31
C ASP P 63 -47.30 35.86 19.94
N THR P 64 -47.65 36.69 20.92
CA THR P 64 -46.69 37.61 21.51
C THR P 64 -45.75 36.88 22.45
N ALA P 65 -44.47 37.22 22.39
CA ALA P 65 -43.45 36.64 23.25
C ALA P 65 -43.23 37.55 24.45
N SER P 66 -43.38 36.99 25.64
CA SER P 66 -43.25 37.76 26.88
C SER P 66 -41.95 37.38 27.58
N LEU P 67 -41.08 38.36 27.78
CA LEU P 67 -39.80 38.17 28.46
C LEU P 67 -39.82 39.03 29.73
N THR P 68 -39.82 38.38 30.89
CA THR P 68 -39.84 39.09 32.16
C THR P 68 -38.48 39.00 32.84
N ILE P 69 -38.06 40.14 33.39
CA ILE P 69 -36.78 40.26 34.08
C ILE P 69 -37.05 40.87 35.45
N SER P 70 -36.28 40.42 36.44
CA SER P 70 -36.45 40.85 37.82
C SER P 70 -35.15 41.44 38.34
N ASN P 71 -35.27 42.20 39.42
CA ASN P 71 -34.15 42.84 40.14
C ASN P 71 -33.05 43.33 39.20
N VAL P 72 -33.47 44.14 38.21
CA VAL P 72 -32.57 44.59 37.16
C VAL P 72 -31.37 45.32 37.76
N GLN P 73 -30.18 44.92 37.36
CA GLN P 73 -28.96 45.49 37.90
C GLN P 73 -28.73 46.87 37.30
N PRO P 74 -28.23 47.84 38.07
CA PRO P 74 -28.17 49.23 37.58
C PRO P 74 -27.39 49.43 36.30
N GLU P 75 -26.34 48.63 36.06
CA GLU P 75 -25.52 48.76 34.87
C GLU P 75 -25.91 47.76 33.79
N ASP P 76 -27.20 47.46 33.65
CA ASP P 76 -27.69 46.55 32.62
C ASP P 76 -28.55 47.29 31.58
N GLU P 77 -28.23 48.55 31.32
CA GLU P 77 -28.84 49.27 30.21
C GLU P 77 -28.25 48.78 28.90
N ALA P 78 -29.12 48.53 27.92
CA ALA P 78 -28.68 47.91 26.67
C ALA P 78 -29.76 48.12 25.62
N THR P 79 -29.62 47.41 24.49
CA THR P 79 -30.67 47.33 23.49
C THR P 79 -31.07 45.86 23.33
N TYR P 80 -32.32 45.65 22.94
CA TYR P 80 -32.90 44.32 22.90
C TYR P 80 -33.44 44.05 21.50
N ILE P 81 -33.14 42.87 20.98
CA ILE P 81 -33.47 42.48 19.61
C ILE P 81 -34.37 41.27 19.66
N CYS P 82 -35.46 41.32 18.90
CA CYS P 82 -36.40 40.21 18.78
C CYS P 82 -36.12 39.48 17.47
N ASN P 83 -35.99 38.15 17.55
CA ASN P 83 -35.61 37.33 16.42
C ASN P 83 -36.76 36.38 16.11
N THR P 84 -37.10 36.26 14.83
CA THR P 84 -38.11 35.33 14.33
C THR P 84 -37.50 34.67 13.09
N TYR P 85 -36.72 33.60 13.34
CA TYR P 85 -35.94 32.96 12.28
C TYR P 85 -35.12 33.95 11.47
N GLU P 86 -35.64 34.31 10.30
CA GLU P 86 -34.88 35.08 9.32
C GLU P 86 -34.95 36.57 9.57
N PHE P 87 -36.03 37.04 10.19
CA PHE P 87 -36.25 38.47 10.35
C PHE P 87 -35.39 39.01 11.49
N PHE P 88 -35.64 40.25 11.88
CA PHE P 88 -35.16 40.79 13.14
C PHE P 88 -36.14 41.88 13.56
N GLY P 89 -36.38 41.97 14.85
CA GLY P 89 -37.42 42.84 15.36
C GLY P 89 -37.06 44.31 15.24
N GLY P 90 -37.79 45.13 16.02
CA GLY P 90 -37.51 46.55 16.04
C GLY P 90 -36.52 46.96 17.11
N GLY P 91 -36.31 46.12 18.12
CA GLY P 91 -35.37 46.42 19.19
C GLY P 91 -35.86 47.51 20.12
N THR P 92 -35.33 47.54 21.34
CA THR P 92 -35.73 48.53 22.32
C THR P 92 -34.51 48.95 23.13
N LYS P 93 -34.47 50.22 23.53
CA LYS P 93 -33.37 50.72 24.35
C LYS P 93 -33.83 50.75 25.81
N LEU P 94 -33.29 49.85 26.62
CA LEU P 94 -33.62 49.76 28.03
C LEU P 94 -32.58 50.56 28.82
N THR P 95 -33.04 51.59 29.53
CA THR P 95 -32.16 52.46 30.30
C THR P 95 -32.55 52.40 31.77
N VAL P 96 -31.59 52.06 32.63
CA VAL P 96 -31.81 51.98 34.07
C VAL P 96 -31.20 53.23 34.71
N LEU P 97 -32.05 54.00 35.39
CA LEU P 97 -31.58 55.22 36.04
C LEU P 97 -30.79 54.90 37.30
N GLY P 98 -29.90 55.83 37.66
CA GLY P 98 -29.08 55.66 38.85
C GLY P 98 -29.12 56.85 39.77
N GLN Q 1 -7.12 25.16 -60.46
CA GLN Q 1 -5.71 25.54 -60.58
C GLN Q 1 -5.04 24.83 -61.74
N VAL Q 2 -4.36 23.72 -61.44
CA VAL Q 2 -3.62 22.99 -62.45
C VAL Q 2 -4.58 22.32 -63.42
N GLN Q 3 -4.34 22.51 -64.71
CA GLN Q 3 -5.18 21.94 -65.76
C GLN Q 3 -4.71 20.52 -66.05
N ILE Q 4 -5.05 19.61 -65.13
CA ILE Q 4 -4.68 18.20 -65.28
C ILE Q 4 -5.51 17.59 -66.41
N ASP Q 5 -4.84 16.92 -67.32
CA ASP Q 5 -5.50 16.36 -68.51
C ASP Q 5 -6.02 14.96 -68.20
N ILE Q 6 -7.35 14.81 -68.22
CA ILE Q 6 -8.01 13.52 -68.06
C ILE Q 6 -8.94 13.33 -69.25
N SER Q 7 -8.84 12.19 -69.91
CA SER Q 7 -9.68 11.85 -71.05
C SER Q 7 -10.46 10.58 -70.74
N VAL Q 8 -11.68 10.50 -71.27
CA VAL Q 8 -12.57 9.37 -71.04
C VAL Q 8 -13.02 8.81 -72.39
N ALA Q 9 -12.98 7.49 -72.52
CA ALA Q 9 -13.45 6.85 -73.73
C ALA Q 9 -14.97 7.02 -73.84
N PRO Q 10 -15.48 7.33 -75.04
CA PRO Q 10 -16.94 7.46 -75.20
C PRO Q 10 -17.66 6.17 -74.87
N GLY Q 11 -18.83 6.31 -74.24
CA GLY Q 11 -19.62 5.17 -73.84
C GLY Q 11 -19.30 4.62 -72.47
N GLU Q 12 -18.29 5.15 -71.78
CA GLU Q 12 -17.92 4.69 -70.45
C GLU Q 12 -17.88 5.87 -69.49
N THR Q 13 -18.25 5.61 -68.25
CA THR Q 13 -18.34 6.66 -67.24
C THR Q 13 -16.95 7.16 -66.85
N ALA Q 14 -16.93 8.33 -66.22
CA ALA Q 14 -15.70 8.93 -65.72
C ALA Q 14 -15.90 9.41 -64.30
N ARG Q 15 -14.81 9.49 -63.54
CA ARG Q 15 -14.85 9.94 -62.15
C ARG Q 15 -13.78 10.99 -61.95
N ILE Q 16 -14.21 12.21 -61.61
CA ILE Q 16 -13.32 13.34 -61.38
C ILE Q 16 -13.25 13.61 -59.88
N SER Q 17 -12.07 14.00 -59.40
CA SER Q 17 -11.82 14.21 -57.98
C SER Q 17 -11.54 15.68 -57.69
N CYS Q 18 -11.95 16.12 -56.51
CA CYS Q 18 -11.61 17.42 -55.98
C CYS Q 18 -10.83 17.22 -54.68
N GLY Q 19 -9.65 17.84 -54.60
CA GLY Q 19 -8.71 17.55 -53.53
C GLY Q 19 -9.10 18.16 -52.20
N GLU Q 20 -8.28 17.85 -51.19
CA GLU Q 20 -8.40 18.40 -49.84
C GLU Q 20 -9.77 18.07 -49.23
N LYS Q 21 -9.99 16.78 -49.01
CA LYS Q 21 -11.20 16.33 -48.34
C LYS Q 21 -11.29 16.95 -46.94
N SER Q 22 -12.47 17.46 -46.61
CA SER Q 22 -12.75 18.01 -45.29
C SER Q 22 -13.26 16.90 -44.37
N LEU Q 23 -13.55 17.27 -43.13
CA LEU Q 23 -13.86 16.31 -42.07
C LEU Q 23 -15.15 16.68 -41.35
N GLY Q 24 -16.19 16.97 -42.13
CA GLY Q 24 -17.46 17.29 -41.50
C GLY Q 24 -18.58 17.31 -42.52
N SER Q 25 -19.73 17.84 -42.08
CA SER Q 25 -20.84 18.05 -42.99
C SER Q 25 -20.44 19.03 -44.08
N ARG Q 26 -20.86 18.74 -45.31
CA ARG Q 26 -20.40 19.48 -46.47
C ARG Q 26 -21.58 19.91 -47.34
N ALA Q 27 -21.31 20.94 -48.14
CA ALA Q 27 -22.22 21.42 -49.19
C ALA Q 27 -21.34 21.68 -50.41
N VAL Q 28 -21.42 20.78 -51.38
CA VAL Q 28 -20.49 20.76 -52.50
C VAL Q 28 -21.02 21.63 -53.63
N GLN Q 29 -20.10 22.21 -54.40
CA GLN Q 29 -20.42 22.96 -55.61
C GLN Q 29 -19.52 22.46 -56.74
N TRP Q 30 -20.09 22.38 -57.94
CA TRP Q 30 -19.38 21.86 -59.10
C TRP Q 30 -19.84 22.62 -60.34
N TYR Q 31 -18.94 23.39 -60.93
CA TYR Q 31 -19.23 24.23 -62.07
C TYR Q 31 -18.39 23.80 -63.26
N GLN Q 32 -18.84 24.15 -64.46
CA GLN Q 32 -18.09 23.86 -65.67
C GLN Q 32 -17.68 25.14 -66.37
N HIS Q 33 -16.77 24.98 -67.33
CA HIS Q 33 -16.23 26.09 -68.10
C HIS Q 33 -15.88 25.57 -69.48
N ARG Q 34 -16.66 25.98 -70.47
CA ARG Q 34 -16.44 25.58 -71.85
C ARG Q 34 -16.07 26.82 -72.67
N ALA Q 35 -14.96 26.73 -73.40
CA ALA Q 35 -14.42 27.87 -74.12
C ALA Q 35 -15.42 28.38 -75.15
N GLY Q 36 -15.60 29.70 -75.18
CA GLY Q 36 -16.47 30.34 -76.15
C GLY Q 36 -17.93 30.37 -75.80
N GLN Q 37 -18.33 29.79 -74.66
CA GLN Q 37 -19.71 29.76 -74.21
C GLN Q 37 -19.78 30.15 -72.75
N ALA Q 38 -20.98 30.50 -72.31
CA ALA Q 38 -21.19 30.97 -70.95
C ALA Q 38 -21.08 29.82 -69.96
N PRO Q 39 -20.22 29.91 -68.94
CA PRO Q 39 -20.18 28.86 -67.92
C PRO Q 39 -21.46 28.80 -67.13
N SER Q 40 -21.77 27.59 -66.64
CA SER Q 40 -22.97 27.36 -65.85
C SER Q 40 -22.69 26.27 -64.83
N LEU Q 41 -23.54 26.21 -63.82
CA LEU Q 41 -23.36 25.20 -62.77
C LEU Q 41 -23.69 23.82 -63.31
N ILE Q 42 -23.18 22.82 -62.60
CA ILE Q 42 -23.51 21.42 -62.84
C ILE Q 42 -24.11 20.77 -61.60
N ILE Q 43 -23.50 21.00 -60.44
CA ILE Q 43 -23.98 20.46 -59.17
C ILE Q 43 -23.98 21.59 -58.15
N TYR Q 44 -25.12 21.75 -57.46
CA TYR Q 44 -25.22 22.73 -56.38
C TYR Q 44 -25.38 22.09 -55.01
N ASN Q 45 -25.80 20.82 -54.94
CA ASN Q 45 -25.77 20.04 -53.72
C ASN Q 45 -25.52 18.59 -54.07
N ASN Q 46 -25.11 17.82 -53.07
CA ASN Q 46 -24.60 16.47 -53.31
C ASN Q 46 -25.63 15.60 -54.02
N GLN Q 47 -26.89 15.68 -53.60
CA GLN Q 47 -27.95 14.89 -54.21
C GLN Q 47 -29.08 15.75 -54.77
N ASP Q 48 -28.86 17.05 -54.93
CA ASP Q 48 -29.82 17.95 -55.53
C ASP Q 48 -29.16 18.65 -56.71
N ARG Q 49 -29.84 18.68 -57.84
CA ARG Q 49 -29.25 19.16 -59.09
C ARG Q 49 -30.16 20.17 -59.77
N PRO Q 50 -29.59 21.11 -60.52
CA PRO Q 50 -30.41 22.11 -61.21
C PRO Q 50 -31.13 21.53 -62.41
N SER Q 51 -32.26 22.14 -62.73
CA SER Q 51 -33.03 21.76 -63.90
C SER Q 51 -32.32 22.18 -65.18
N GLY Q 52 -32.79 21.67 -66.30
CA GLY Q 52 -32.23 21.98 -67.61
C GLY Q 52 -31.09 21.09 -68.05
N ILE Q 53 -30.14 20.85 -67.15
CA ILE Q 53 -29.01 19.96 -67.48
C ILE Q 53 -29.50 18.52 -67.53
N PRO Q 54 -29.14 17.74 -68.54
CA PRO Q 54 -29.57 16.34 -68.60
C PRO Q 54 -29.05 15.53 -67.41
N GLU Q 55 -29.68 14.37 -67.21
CA GLU Q 55 -29.47 13.55 -66.02
C GLU Q 55 -28.09 12.91 -65.96
N ARG Q 56 -27.31 12.97 -67.05
CA ARG Q 56 -26.12 12.13 -67.18
C ARG Q 56 -25.14 12.31 -66.03
N PHE Q 57 -25.09 13.49 -65.43
CA PHE Q 57 -24.07 13.79 -64.43
C PHE Q 57 -24.62 13.56 -63.02
N SER Q 58 -23.70 13.31 -62.08
CA SER Q 58 -24.09 13.14 -60.69
C SER Q 58 -22.90 13.40 -59.78
N GLY Q 59 -23.19 13.59 -58.49
CA GLY Q 59 -22.15 13.85 -57.51
C GLY Q 59 -22.25 12.89 -56.35
N SER Q 60 -21.14 12.78 -55.62
CA SER Q 60 -21.04 11.82 -54.53
C SER Q 60 -21.67 12.39 -53.26
N PRO Q 61 -22.61 11.69 -52.63
CA PRO Q 61 -23.19 12.16 -51.37
C PRO Q 61 -22.28 11.81 -50.19
N ASP Q 62 -21.87 12.83 -49.45
CA ASP Q 62 -20.95 12.61 -48.29
C ASP Q 62 -21.73 12.44 -46.98
N SER Q 63 -22.77 11.60 -46.97
CA SER Q 63 -23.50 11.39 -45.72
C SER Q 63 -22.73 10.41 -44.83
N PRO Q 64 -22.27 9.26 -45.35
CA PRO Q 64 -21.29 8.48 -44.59
C PRO Q 64 -19.91 9.12 -44.70
N PHE Q 65 -19.07 8.81 -43.73
CA PHE Q 65 -17.69 9.28 -43.76
C PHE Q 65 -16.88 8.49 -44.78
N GLY Q 66 -15.73 9.05 -45.16
CA GLY Q 66 -14.87 8.44 -46.15
C GLY Q 66 -15.34 8.58 -47.57
N THR Q 67 -16.40 9.35 -47.81
CA THR Q 67 -16.96 9.53 -49.15
C THR Q 67 -16.55 10.90 -49.67
N THR Q 68 -15.38 10.93 -50.30
CA THR Q 68 -14.89 12.17 -50.91
C THR Q 68 -15.80 12.58 -52.06
N ALA Q 69 -15.90 13.88 -52.29
CA ALA Q 69 -16.74 14.42 -53.35
C ALA Q 69 -16.15 14.02 -54.70
N THR Q 70 -16.75 13.00 -55.33
CA THR Q 70 -16.31 12.51 -56.63
C THR Q 70 -17.43 12.75 -57.64
N LEU Q 71 -17.09 13.41 -58.74
CA LEU Q 71 -18.05 13.75 -59.78
C LEU Q 71 -18.13 12.60 -60.77
N THR Q 72 -19.31 12.01 -60.92
CA THR Q 72 -19.53 10.88 -61.80
C THR Q 72 -20.19 11.36 -63.10
N ILE Q 73 -19.56 11.06 -64.23
CA ILE Q 73 -20.04 11.41 -65.55
C ILE Q 73 -20.47 10.10 -66.21
N THR Q 74 -21.78 9.85 -66.23
CA THR Q 74 -22.35 8.65 -66.81
C THR Q 74 -22.85 8.96 -68.21
N SER Q 75 -22.63 8.03 -69.14
CA SER Q 75 -23.02 8.19 -70.55
C SER Q 75 -22.38 9.46 -71.13
N VAL Q 76 -21.05 9.44 -71.19
CA VAL Q 76 -20.30 10.60 -71.63
C VAL Q 76 -20.65 10.94 -73.08
N GLU Q 77 -20.52 12.23 -73.41
CA GLU Q 77 -20.92 12.76 -74.71
C GLU Q 77 -19.78 13.60 -75.27
N ALA Q 78 -19.69 13.65 -76.60
CA ALA Q 78 -18.62 14.39 -77.26
C ALA Q 78 -18.64 15.88 -76.92
N GLY Q 79 -19.78 16.41 -76.50
CA GLY Q 79 -19.89 17.79 -76.07
C GLY Q 79 -19.52 18.05 -74.62
N ASP Q 80 -19.04 17.03 -73.90
CA ASP Q 80 -18.70 17.17 -72.50
C ASP Q 80 -17.32 17.77 -72.25
N GLU Q 81 -16.51 17.96 -73.30
CA GLU Q 81 -15.18 18.51 -73.12
C GLU Q 81 -15.26 19.90 -72.52
N ALA Q 82 -14.65 20.08 -71.34
CA ALA Q 82 -14.75 21.34 -70.61
C ALA Q 82 -13.72 21.33 -69.48
N ASP Q 83 -13.82 22.33 -68.60
CA ASP Q 83 -13.04 22.38 -67.38
C ASP Q 83 -14.01 22.33 -66.20
N TYR Q 84 -13.74 21.46 -65.25
CA TYR Q 84 -14.65 21.23 -64.13
C TYR Q 84 -13.98 21.69 -62.84
N TYR Q 85 -14.68 22.57 -62.12
CA TYR Q 85 -14.16 23.22 -60.92
C TYR Q 85 -15.05 22.91 -59.73
N CYS Q 86 -14.44 22.83 -58.56
CA CYS Q 86 -15.12 22.49 -57.32
C CYS Q 86 -15.02 23.63 -56.32
N HIS Q 87 -16.15 23.96 -55.69
CA HIS Q 87 -16.21 24.96 -54.62
C HIS Q 87 -16.81 24.29 -53.39
N ILE Q 88 -15.97 23.96 -52.42
CA ILE Q 88 -16.37 23.14 -51.29
C ILE Q 88 -16.83 24.03 -50.14
N TRP Q 89 -18.02 23.77 -49.64
CA TRP Q 89 -18.45 24.26 -48.34
C TRP Q 89 -18.26 23.20 -47.28
N ASP Q 90 -17.58 23.58 -46.21
CA ASP Q 90 -17.08 22.65 -45.20
C ASP Q 90 -17.38 23.21 -43.81
N SER Q 91 -17.69 22.30 -42.87
CA SER Q 91 -18.21 22.72 -41.57
C SER Q 91 -17.09 22.99 -40.56
N ARG Q 92 -16.28 21.98 -40.25
CA ARG Q 92 -15.25 22.16 -39.24
C ARG Q 92 -14.15 23.10 -39.71
N VAL Q 93 -13.42 22.69 -40.75
CA VAL Q 93 -12.36 23.52 -41.32
C VAL Q 93 -13.03 24.71 -42.01
N PRO Q 94 -12.40 25.88 -42.03
CA PRO Q 94 -13.14 27.12 -42.31
C PRO Q 94 -13.52 27.24 -43.78
N THR Q 95 -14.17 28.37 -44.09
CA THR Q 95 -14.69 28.63 -45.42
C THR Q 95 -13.58 28.65 -46.47
N LYS Q 96 -13.81 27.95 -47.57
CA LYS Q 96 -12.92 27.96 -48.72
C LYS Q 96 -13.44 28.98 -49.71
N TRP Q 97 -12.81 30.16 -49.75
CA TRP Q 97 -13.24 31.19 -50.69
C TRP Q 97 -12.85 30.84 -52.11
N VAL Q 98 -11.63 30.38 -52.32
CA VAL Q 98 -11.12 30.07 -53.66
C VAL Q 98 -11.57 28.68 -54.04
N PHE Q 99 -11.93 28.52 -55.32
CA PHE Q 99 -12.36 27.23 -55.82
C PHE Q 99 -11.20 26.23 -55.74
N GLY Q 100 -11.56 24.96 -55.63
CA GLY Q 100 -10.57 23.91 -55.54
C GLY Q 100 -9.86 23.66 -56.87
N GLY Q 101 -8.86 22.80 -56.82
CA GLY Q 101 -8.08 22.47 -58.00
C GLY Q 101 -8.94 21.91 -59.12
N GLY Q 102 -8.85 22.53 -60.29
CA GLY Q 102 -9.72 22.16 -61.40
C GLY Q 102 -9.23 20.95 -62.18
N THR Q 103 -10.08 20.49 -63.08
CA THR Q 103 -9.77 19.37 -63.95
C THR Q 103 -10.15 19.74 -65.38
N THR Q 104 -9.45 19.15 -66.35
CA THR Q 104 -9.74 19.35 -67.76
C THR Q 104 -10.23 18.01 -68.33
N LEU Q 105 -11.49 17.97 -68.75
CA LEU Q 105 -12.06 16.77 -69.36
C LEU Q 105 -12.11 16.93 -70.87
N THR Q 106 -11.53 15.97 -71.58
CA THR Q 106 -11.56 15.91 -73.03
C THR Q 106 -12.11 14.56 -73.46
N VAL Q 107 -12.76 14.54 -74.62
CA VAL Q 107 -13.42 13.35 -75.14
C VAL Q 107 -12.53 12.72 -76.20
N LEU Q 108 -12.22 11.44 -76.02
CA LEU Q 108 -11.42 10.69 -76.98
C LEU Q 108 -12.32 9.87 -77.90
N GLN R 1 -34.16 34.19 -66.61
CA GLN R 1 -34.34 34.88 -67.88
C GLN R 1 -33.81 36.31 -67.81
N MET R 2 -32.67 36.47 -67.14
CA MET R 2 -32.02 37.77 -67.00
C MET R 2 -30.68 37.75 -67.72
N GLN R 3 -30.41 38.78 -68.50
CA GLN R 3 -29.15 38.92 -69.23
C GLN R 3 -28.35 40.06 -68.62
N LEU R 4 -27.16 39.74 -68.11
CA LEU R 4 -26.31 40.69 -67.40
C LEU R 4 -25.29 41.25 -68.37
N GLN R 5 -25.32 42.57 -68.58
CA GLN R 5 -24.46 43.21 -69.58
C GLN R 5 -23.29 43.87 -68.86
N GLU R 6 -22.08 43.35 -69.07
CA GLU R 6 -20.89 43.87 -68.40
C GLU R 6 -20.23 44.92 -69.29
N SER R 7 -20.24 46.17 -68.83
CA SER R 7 -19.58 47.27 -69.50
C SER R 7 -18.33 47.64 -68.71
N GLY R 8 -17.18 47.56 -69.37
CA GLY R 8 -15.92 47.91 -68.75
C GLY R 8 -14.88 48.25 -69.79
N PRO R 9 -14.20 49.38 -69.63
CA PRO R 9 -13.14 49.74 -70.59
C PRO R 9 -12.03 48.71 -70.67
N GLY R 10 -11.72 48.03 -69.57
CA GLY R 10 -10.71 47.01 -69.56
C GLY R 10 -9.29 47.51 -69.58
N LEU R 11 -9.08 48.82 -69.46
CA LEU R 11 -7.74 49.41 -69.47
C LEU R 11 -7.68 50.50 -68.42
N VAL R 12 -6.77 50.37 -67.47
CA VAL R 12 -6.56 51.34 -66.40
C VAL R 12 -5.07 51.44 -66.13
N LYS R 13 -4.58 52.67 -65.97
CA LYS R 13 -3.18 52.88 -65.64
C LYS R 13 -2.88 52.29 -64.26
N PRO R 14 -1.63 51.88 -64.02
CA PRO R 14 -1.30 51.31 -62.71
C PRO R 14 -1.54 52.30 -61.57
N SER R 15 -1.91 51.75 -60.42
CA SER R 15 -2.25 52.54 -59.23
C SER R 15 -3.47 53.44 -59.51
N GLU R 16 -4.55 52.81 -59.95
CA GLU R 16 -5.80 53.52 -60.21
C GLU R 16 -6.94 52.53 -60.14
N THR R 17 -8.16 53.06 -60.03
CA THR R 17 -9.34 52.22 -59.91
C THR R 17 -9.69 51.56 -61.24
N LEU R 18 -10.01 50.27 -61.19
CA LEU R 18 -10.52 49.51 -62.33
C LEU R 18 -12.00 49.31 -62.10
N SER R 19 -12.83 50.10 -62.77
CA SER R 19 -14.26 50.13 -62.53
C SER R 19 -15.00 49.47 -63.69
N LEU R 20 -15.88 48.52 -63.37
CA LEU R 20 -16.75 47.92 -64.36
C LEU R 20 -18.15 47.82 -63.80
N THR R 21 -19.15 47.99 -64.68
CA THR R 21 -20.54 48.02 -64.28
C THR R 21 -21.28 46.87 -64.97
N CYS R 22 -21.92 46.01 -64.19
CA CYS R 22 -22.75 44.95 -64.71
C CYS R 22 -24.19 45.43 -64.64
N SER R 23 -24.72 45.85 -65.79
CA SER R 23 -26.08 46.35 -65.88
C SER R 23 -27.07 45.18 -65.96
N VAL R 24 -28.23 45.40 -65.33
CA VAL R 24 -29.27 44.39 -65.19
C VAL R 24 -30.37 44.66 -66.21
N SER R 25 -30.68 43.67 -67.03
CA SER R 25 -31.71 43.82 -68.05
C SER R 25 -32.94 42.96 -67.78
N GLY R 26 -32.75 41.64 -67.62
CA GLY R 26 -33.90 40.76 -67.51
C GLY R 26 -34.68 40.93 -66.22
N ALA R 27 -33.99 41.12 -65.09
CA ALA R 27 -34.65 41.12 -63.80
C ALA R 27 -34.38 42.40 -63.03
N SER R 28 -34.79 42.42 -61.75
CA SER R 28 -34.54 43.54 -60.86
C SER R 28 -33.39 43.22 -59.93
N ILE R 29 -32.67 44.28 -59.51
CA ILE R 29 -31.50 44.12 -58.66
C ILE R 29 -31.83 43.48 -57.32
N SER R 30 -33.07 43.60 -56.85
CA SER R 30 -33.47 43.12 -55.52
C SER R 30 -34.16 41.77 -55.58
N ASP R 31 -33.74 40.88 -56.48
CA ASP R 31 -34.33 39.55 -56.59
C ASP R 31 -33.47 38.45 -56.00
N SER R 32 -32.15 38.58 -56.06
CA SER R 32 -31.21 37.64 -55.45
C SER R 32 -29.86 38.32 -55.34
N TYR R 33 -28.93 37.67 -54.65
CA TYR R 33 -27.64 38.30 -54.37
C TYR R 33 -26.80 38.39 -55.65
N TRP R 34 -25.91 39.38 -55.69
CA TRP R 34 -25.02 39.58 -56.83
C TRP R 34 -23.60 39.29 -56.39
N SER R 35 -22.89 38.47 -57.15
CA SER R 35 -21.50 38.15 -56.81
C SER R 35 -20.61 38.36 -58.02
N TRP R 36 -19.30 38.34 -57.77
CA TRP R 36 -18.30 38.62 -58.79
C TRP R 36 -17.19 37.58 -58.75
N ILE R 37 -16.71 37.21 -59.94
CA ILE R 37 -15.70 36.17 -60.09
C ILE R 37 -14.62 36.66 -61.03
N ARG R 38 -13.37 36.42 -60.67
CA ARG R 38 -12.21 36.83 -61.46
C ARG R 38 -11.41 35.59 -61.86
N ARG R 39 -11.21 35.41 -63.16
CA ARG R 39 -10.39 34.32 -63.68
C ARG R 39 -9.09 34.89 -64.23
N SER R 40 -7.97 34.35 -63.75
CA SER R 40 -6.65 34.77 -64.20
C SER R 40 -5.81 33.54 -64.54
N PRO R 41 -4.87 33.68 -65.47
CA PRO R 41 -4.01 32.53 -65.82
C PRO R 41 -3.16 32.10 -64.63
N GLY R 42 -2.95 30.79 -64.53
CA GLY R 42 -2.16 30.20 -63.48
C GLY R 42 -2.95 29.71 -62.28
N LYS R 43 -4.17 30.20 -62.09
CA LYS R 43 -5.04 29.76 -61.00
C LYS R 43 -6.46 29.63 -61.52
N GLY R 44 -7.26 28.85 -60.81
CA GLY R 44 -8.66 28.72 -61.14
C GLY R 44 -9.42 30.00 -60.86
N LEU R 45 -10.62 30.07 -61.44
CA LEU R 45 -11.46 31.25 -61.22
C LEU R 45 -11.78 31.43 -59.75
N GLU R 46 -11.74 32.67 -59.29
CA GLU R 46 -11.82 33.02 -57.88
C GLU R 46 -13.09 33.80 -57.59
N TRP R 47 -13.75 33.43 -56.50
CA TRP R 47 -15.00 34.04 -56.05
C TRP R 47 -14.67 35.25 -55.20
N ILE R 48 -14.57 36.43 -55.82
CA ILE R 48 -13.95 37.57 -55.14
C ILE R 48 -14.85 38.23 -54.11
N GLY R 49 -16.15 37.95 -54.11
CA GLY R 49 -17.03 38.54 -53.14
C GLY R 49 -18.44 38.65 -53.67
N TYR R 50 -19.32 39.16 -52.82
CA TYR R 50 -20.74 39.24 -53.16
C TYR R 50 -21.37 40.44 -52.47
N VAL R 51 -22.61 40.74 -52.87
CA VAL R 51 -23.38 41.86 -52.34
C VAL R 51 -24.66 41.31 -51.72
N HIS R 52 -24.95 41.75 -50.50
CA HIS R 52 -26.16 41.33 -49.81
C HIS R 52 -27.35 42.17 -50.28
N LYS R 53 -28.56 41.71 -49.94
CA LYS R 53 -29.77 42.43 -50.31
C LYS R 53 -29.80 43.84 -49.72
N SER R 54 -29.41 43.98 -48.46
CA SER R 54 -29.42 45.26 -47.77
C SER R 54 -28.17 46.09 -48.03
N GLY R 55 -27.40 45.77 -49.08
CA GLY R 55 -26.21 46.53 -49.37
C GLY R 55 -25.02 46.22 -48.48
N ASP R 56 -25.11 45.16 -47.68
CA ASP R 56 -24.04 44.79 -46.75
C ASP R 56 -23.17 43.74 -47.44
N THR R 57 -22.33 44.21 -48.36
CA THR R 57 -21.51 43.32 -49.17
C THR R 57 -20.41 42.66 -48.34
N ASN R 58 -19.81 41.63 -48.90
CA ASN R 58 -18.68 40.93 -48.30
C ASN R 58 -17.63 40.68 -49.37
N TYR R 59 -16.37 40.79 -48.96
CA TYR R 59 -15.22 40.62 -49.84
C TYR R 59 -14.33 39.51 -49.32
N SER R 60 -13.45 39.03 -50.20
CA SER R 60 -12.50 38.00 -49.81
C SER R 60 -11.46 38.58 -48.84
N PRO R 61 -10.98 37.77 -47.89
CA PRO R 61 -9.96 38.27 -46.95
C PRO R 61 -8.68 38.73 -47.61
N SER R 62 -8.32 38.14 -48.75
CA SER R 62 -7.07 38.50 -49.41
C SER R 62 -7.08 39.94 -49.88
N LEU R 63 -8.19 40.41 -50.43
CA LEU R 63 -8.29 41.71 -51.07
C LEU R 63 -9.42 42.55 -50.48
N LYS R 64 -9.56 42.52 -49.15
CA LYS R 64 -10.64 43.27 -48.51
C LYS R 64 -10.49 44.77 -48.72
N SER R 65 -9.25 45.27 -48.67
CA SER R 65 -8.98 46.69 -48.79
C SER R 65 -8.55 47.09 -50.21
N ARG R 66 -8.56 46.16 -51.16
CA ARG R 66 -8.13 46.44 -52.52
C ARG R 66 -9.27 46.61 -53.51
N VAL R 67 -10.44 46.03 -53.22
CA VAL R 67 -11.57 46.06 -54.15
C VAL R 67 -12.81 46.48 -53.40
N ASN R 68 -13.75 47.10 -54.12
CA ASN R 68 -14.98 47.61 -53.53
C ASN R 68 -16.16 47.32 -54.45
N LEU R 69 -17.34 47.19 -53.84
CA LEU R 69 -18.58 46.91 -54.54
C LEU R 69 -19.63 47.93 -54.16
N SER R 70 -20.53 48.21 -55.10
CA SER R 70 -21.64 49.13 -54.84
C SER R 70 -22.85 48.70 -55.64
N LEU R 71 -24.02 49.03 -55.11
CA LEU R 71 -25.29 48.73 -55.74
C LEU R 71 -26.14 49.99 -55.78
N ASP R 72 -26.79 50.24 -56.90
CA ASP R 72 -27.63 51.41 -57.08
C ASP R 72 -29.03 50.97 -57.50
N THR R 73 -30.04 51.61 -56.92
CA THR R 73 -31.42 51.27 -57.20
C THR R 73 -32.03 52.12 -58.31
N SER R 74 -31.56 53.36 -58.47
CA SER R 74 -32.07 54.20 -59.55
C SER R 74 -31.76 53.60 -60.91
N LYS R 75 -30.54 53.09 -61.10
CA LYS R 75 -30.15 52.38 -62.30
C LYS R 75 -29.90 50.93 -61.95
N ASN R 76 -30.57 50.02 -62.64
CA ASN R 76 -30.48 48.60 -62.33
C ASN R 76 -29.13 48.05 -62.76
N GLN R 77 -28.12 48.21 -61.90
CA GLN R 77 -26.77 47.76 -62.20
C GLN R 77 -26.00 47.60 -60.91
N VAL R 78 -24.91 46.83 -60.99
CA VAL R 78 -23.95 46.70 -59.90
C VAL R 78 -22.62 47.22 -60.39
N SER R 79 -21.81 47.75 -59.47
CA SER R 79 -20.53 48.36 -59.82
C SER R 79 -19.42 47.75 -58.99
N LEU R 80 -18.31 47.42 -59.66
CA LEU R 80 -17.12 46.88 -59.04
C LEU R 80 -15.94 47.79 -59.33
N SER R 81 -15.08 48.00 -58.34
CA SER R 81 -13.98 48.95 -58.47
C SER R 81 -12.74 48.42 -57.77
N LEU R 82 -11.71 48.08 -58.55
CA LEU R 82 -10.41 47.77 -57.98
C LEU R 82 -9.68 49.06 -57.63
N VAL R 83 -8.86 48.99 -56.58
CA VAL R 83 -8.12 50.14 -56.07
C VAL R 83 -6.62 49.83 -56.16
N ALA R 84 -5.88 50.72 -56.81
CA ALA R 84 -4.43 50.58 -56.96
C ALA R 84 -4.06 49.25 -57.64
N ALA R 85 -4.54 49.11 -58.88
CA ALA R 85 -4.33 47.89 -59.62
C ALA R 85 -2.89 47.73 -60.05
N THR R 86 -2.45 46.47 -60.15
CA THR R 86 -1.13 46.10 -60.64
C THR R 86 -1.30 45.25 -61.90
N ALA R 87 -0.18 44.69 -62.38
CA ALA R 87 -0.23 43.91 -63.61
C ALA R 87 -0.69 42.47 -63.40
N ALA R 88 -0.91 42.05 -62.14
CA ALA R 88 -1.23 40.66 -61.84
C ALA R 88 -2.73 40.38 -61.72
N ASP R 89 -3.58 41.41 -61.79
CA ASP R 89 -5.01 41.22 -61.64
C ASP R 89 -5.76 41.23 -62.96
N SER R 90 -5.06 41.21 -64.08
CA SER R 90 -5.72 41.17 -65.39
C SER R 90 -6.33 39.80 -65.63
N GLY R 91 -7.34 39.75 -66.49
CA GLY R 91 -7.99 38.50 -66.83
C GLY R 91 -9.42 38.64 -67.30
N LYS R 92 -10.32 37.87 -66.68
CA LYS R 92 -11.72 37.86 -67.05
C LYS R 92 -12.57 38.08 -65.81
N TYR R 93 -13.63 38.88 -65.95
CA TYR R 93 -14.56 39.17 -64.87
C TYR R 93 -15.95 38.67 -65.24
N TYR R 94 -16.65 38.11 -64.24
CA TYR R 94 -18.01 37.63 -64.39
C TYR R 94 -18.85 38.19 -63.26
N CYS R 95 -20.02 38.74 -63.60
CA CYS R 95 -21.04 39.08 -62.61
C CYS R 95 -22.10 37.99 -62.66
N ALA R 96 -22.41 37.41 -61.49
CA ALA R 96 -23.23 36.22 -61.43
C ALA R 96 -24.33 36.36 -60.39
N ARG R 97 -25.41 35.62 -60.61
CA ARG R 97 -26.56 35.59 -59.72
C ARG R 97 -26.38 34.48 -58.68
N THR R 98 -26.67 34.80 -57.42
CA THR R 98 -26.43 33.87 -56.32
C THR R 98 -27.66 33.80 -55.44
N LEU R 99 -27.94 32.61 -54.94
CA LEU R 99 -29.14 32.31 -54.19
C LEU R 99 -28.77 31.96 -52.74
N HIS R 100 -29.67 32.33 -51.82
CA HIS R 100 -29.45 32.04 -50.41
C HIS R 100 -29.43 30.53 -50.19
N GLY R 101 -28.59 30.09 -49.28
CA GLY R 101 -28.50 28.68 -48.94
C GLY R 101 -28.55 28.47 -47.45
N ARG R 102 -29.28 27.44 -47.02
CA ARG R 102 -29.44 27.17 -45.57
C ARG R 102 -29.56 25.67 -45.28
N ARG R 103 -28.43 24.99 -45.16
CA ARG R 103 -28.40 23.56 -44.80
C ARG R 103 -28.11 23.45 -43.30
N ILE R 104 -28.90 22.64 -42.61
CA ILE R 104 -28.84 22.52 -41.17
C ILE R 104 -28.31 21.15 -40.81
N TYR R 105 -27.32 21.12 -39.91
CA TYR R 105 -26.76 19.86 -39.44
C TYR R 105 -26.81 19.69 -37.93
N GLY R 106 -26.88 20.78 -37.15
CA GLY R 106 -27.00 20.68 -35.72
C GLY R 106 -28.39 21.03 -35.22
N ILE R 107 -28.47 21.93 -34.25
CA ILE R 107 -29.75 22.42 -33.73
C ILE R 107 -29.82 23.92 -33.97
N VAL R 108 -30.87 24.36 -34.67
CA VAL R 108 -30.99 25.76 -35.07
C VAL R 108 -30.92 26.68 -33.86
N ALA R 109 -31.59 26.29 -32.78
CA ALA R 109 -31.63 27.13 -31.58
C ALA R 109 -30.25 27.42 -31.03
N PHE R 110 -29.26 26.58 -31.31
CA PHE R 110 -27.91 26.76 -30.82
C PHE R 110 -26.94 27.20 -31.91
N ASN R 111 -27.47 27.76 -33.01
CA ASN R 111 -26.74 28.00 -34.27
C ASN R 111 -26.51 26.68 -35.01
N GLU R 112 -25.25 26.29 -35.19
CA GLU R 112 -24.86 25.08 -35.90
C GLU R 112 -25.53 24.96 -37.27
N TRP R 113 -25.21 25.90 -38.16
CA TRP R 113 -25.44 25.72 -39.58
C TRP R 113 -24.58 26.72 -40.33
N PHE R 114 -24.59 26.60 -41.66
CA PHE R 114 -23.78 27.46 -42.51
C PHE R 114 -24.64 27.98 -43.65
N THR R 115 -24.30 29.18 -44.12
CA THR R 115 -24.98 29.81 -45.25
C THR R 115 -24.07 29.69 -46.46
N TYR R 116 -24.47 28.85 -47.41
CA TYR R 116 -23.68 28.62 -48.62
C TYR R 116 -24.30 29.33 -49.79
N PHE R 117 -23.46 29.91 -50.65
CA PHE R 117 -23.90 30.57 -51.86
C PHE R 117 -23.34 29.85 -53.07
N TYR R 118 -24.15 29.75 -54.11
CA TYR R 118 -23.74 29.07 -55.34
C TYR R 118 -24.18 29.90 -56.54
N MET R 119 -24.00 29.32 -57.72
CA MET R 119 -24.20 30.03 -58.97
C MET R 119 -25.28 29.32 -59.78
N ASP R 120 -26.18 30.08 -60.39
CA ASP R 120 -27.16 29.49 -61.30
C ASP R 120 -27.28 30.22 -62.63
N VAL R 121 -26.92 31.50 -62.70
CA VAL R 121 -26.90 32.25 -63.95
C VAL R 121 -25.67 33.14 -63.96
N TRP R 122 -24.85 33.00 -64.99
CA TRP R 122 -23.63 33.77 -65.15
C TRP R 122 -23.79 34.74 -66.32
N GLY R 123 -22.92 35.75 -66.33
CA GLY R 123 -22.80 36.61 -67.49
C GLY R 123 -21.87 36.01 -68.53
N ASN R 124 -21.90 36.59 -69.73
CA ASN R 124 -21.00 36.14 -70.78
C ASN R 124 -19.56 36.53 -70.51
N GLY R 125 -19.30 37.36 -69.51
CA GLY R 125 -17.95 37.69 -69.10
C GLY R 125 -17.39 38.89 -69.85
N THR R 126 -16.38 39.51 -69.23
CA THR R 126 -15.66 40.61 -69.85
C THR R 126 -14.16 40.39 -69.68
N GLN R 127 -13.39 40.84 -70.67
CA GLN R 127 -11.94 40.69 -70.65
C GLN R 127 -11.30 42.01 -70.30
N VAL R 128 -10.43 41.99 -69.29
CA VAL R 128 -9.71 43.18 -68.83
C VAL R 128 -8.22 42.91 -68.92
N THR R 129 -7.50 43.85 -69.50
CA THR R 129 -6.04 43.75 -69.66
C THR R 129 -5.42 45.04 -69.15
N VAL R 130 -4.71 44.95 -68.02
CA VAL R 130 -4.09 46.10 -67.40
C VAL R 130 -2.58 46.01 -67.60
N SER R 131 -2.00 47.05 -68.19
CA SER R 131 -0.58 47.08 -68.47
C SER R 131 -0.16 48.52 -68.76
N SER R 132 1.15 48.76 -68.69
CA SER R 132 1.67 50.09 -69.00
C SER R 132 1.41 50.44 -70.46
N ALA R 133 1.65 49.51 -71.37
CA ALA R 133 1.45 49.74 -72.80
C ALA R 133 1.35 48.42 -73.55
C1 NAG S . 21.11 31.97 3.59
C2 NAG S . 20.92 33.36 4.19
C3 NAG S . 20.07 34.23 3.26
C4 NAG S . 20.67 34.24 1.86
C5 NAG S . 20.87 32.82 1.36
C6 NAG S . 21.55 32.75 0.02
C7 NAG S . 20.66 34.06 6.53
C8 NAG S . 19.92 33.84 7.81
N2 NAG S . 20.30 33.28 5.50
O3 NAG S . 20.01 35.56 3.79
O4 NAG S . 19.79 34.93 0.97
O5 NAG S . 21.68 32.08 2.28
O6 NAG S . 20.63 32.41 -1.01
O7 NAG S . 21.54 34.91 6.42
C1 NAG S . 20.28 36.26 0.69
C2 NAG S . 19.11 37.22 0.84
C3 NAG S . 19.56 38.65 0.57
C4 NAG S . 20.74 39.00 1.46
C5 NAG S . 21.86 37.97 1.30
C6 NAG S . 23.01 38.20 2.25
C7 NAG S . 16.95 36.16 0.37
C8 NAG S . 15.92 35.86 -0.68
N2 NAG S . 18.01 36.85 -0.04
O3 NAG S . 18.48 39.54 0.82
O4 NAG S . 21.24 40.29 1.13
O5 NAG S . 21.35 36.65 1.57
O6 NAG S . 24.14 37.43 1.87
O7 NAG S . 16.81 35.79 1.53
C1 NAG T . 20.76 24.03 -9.30
C2 NAG T . 22.26 23.84 -9.06
C3 NAG T . 23.06 24.86 -9.87
C4 NAG T . 22.65 24.82 -11.34
C5 NAG T . 21.14 24.99 -11.45
C6 NAG T . 20.63 24.88 -12.87
C7 NAG T . 22.37 25.01 -6.89
C8 NAG T . 22.78 24.88 -5.45
N2 NAG T . 22.59 23.92 -7.65
O3 NAG T . 24.45 24.57 -9.76
O4 NAG T . 23.31 25.86 -12.06
O5 NAG T . 20.48 23.97 -10.69
O6 NAG T . 19.52 23.99 -12.95
O7 NAG T . 21.88 26.04 -7.33
C1 NAG T . 24.18 25.24 -13.01
C2 NAG T . 24.81 26.34 -13.88
C3 NAG T . 25.78 25.72 -14.89
C4 NAG T . 26.81 24.85 -14.18
C5 NAG T . 26.12 23.82 -13.28
C6 NAG T . 27.08 23.02 -12.44
C7 NAG T . 23.32 28.27 -14.10
C8 NAG T . 22.27 28.93 -14.92
N2 NAG T . 23.78 27.11 -14.56
O3 NAG T . 26.43 26.75 -15.61
O4 NAG T . 27.61 24.17 -15.13
O5 NAG T . 25.23 24.48 -12.37
O6 NAG T . 27.68 23.82 -11.43
O7 NAG T . 23.75 28.77 -13.06
C1 NAG U . 4.84 15.92 31.95
C2 NAG U . 5.08 15.95 30.41
C3 NAG U . 5.44 17.35 29.95
C4 NAG U . 4.43 18.38 30.43
C5 NAG U . 4.34 18.30 31.95
C6 NAG U . 3.33 19.25 32.54
C7 NAG U . 6.38 14.65 28.78
C8 NAG U . 7.51 13.68 28.60
N2 NAG U . 6.12 15.00 30.04
O3 NAG U . 5.50 17.38 28.52
O4 NAG U . 4.83 19.69 30.05
O5 NAG U . 3.92 16.97 32.31
O6 NAG U . 2.26 19.51 31.64
O7 NAG U . 5.75 15.09 27.83
C1 NAG U . 3.91 20.13 29.02
C2 NAG U . 3.56 21.61 29.24
C3 NAG U . 2.60 22.09 28.16
C4 NAG U . 3.11 21.74 26.76
C5 NAG U . 3.57 20.28 26.67
C6 NAG U . 4.27 19.96 25.37
C7 NAG U . 2.93 23.00 31.16
C8 NAG U . 2.31 23.02 32.52
N2 NAG U . 3.00 21.81 30.57
O3 NAG U . 2.43 23.50 28.28
O4 NAG U . 2.04 21.89 25.84
O5 NAG U . 4.49 19.97 27.72
O6 NAG U . 4.33 18.56 25.14
O7 NAG U . 3.36 24.02 30.62
C1 BMA U . 2.04 23.16 25.16
C2 BMA U . 1.13 22.99 23.94
C3 BMA U . 0.91 24.32 23.23
C4 BMA U . 0.49 25.41 24.21
C5 BMA U . 1.51 25.50 25.36
C6 BMA U . 1.12 26.53 26.42
O2 BMA U . -0.15 22.53 24.34
O3 BMA U . -0.05 24.20 22.20
O4 BMA U . 0.41 26.66 23.55
O5 BMA U . 1.59 24.21 25.99
O6 BMA U . -0.15 26.16 26.94
C1 MAN U . 0.60 23.73 21.00
C2 MAN U . 0.68 24.94 20.04
C3 MAN U . -0.72 25.30 19.56
C4 MAN U . -1.45 24.07 18.98
C5 MAN U . -1.47 22.95 20.03
C6 MAN U . -2.07 21.66 19.49
O2 MAN U . 1.42 24.61 18.86
O3 MAN U . -0.69 26.35 18.60
O4 MAN U . -2.78 24.41 18.63
O5 MAN U . -0.11 22.64 20.43
O6 MAN U . -1.15 21.08 18.57
C1 NAG V . 11.18 26.04 36.98
C2 NAG V . 11.91 26.80 38.07
C3 NAG V . 10.99 26.99 39.27
C4 NAG V . 9.66 27.59 38.86
C5 NAG V . 9.06 26.85 37.66
C6 NAG V . 7.86 27.58 37.07
C7 NAG V . 14.34 26.71 38.40
C8 NAG V . 15.50 25.86 38.83
N2 NAG V . 13.14 26.13 38.45
O3 NAG V . 11.63 27.83 40.23
O4 NAG V . 8.73 27.45 39.94
O5 NAG V . 10.02 26.75 36.60
O6 NAG V . 6.64 27.07 37.60
O7 NAG V . 14.48 27.87 38.02
C1 NAG V . 8.41 28.73 40.52
C2 NAG V . 8.27 28.53 42.02
C3 NAG V . 7.95 29.85 42.71
C4 NAG V . 8.98 30.91 42.32
C5 NAG V . 9.10 31.01 40.81
C6 NAG V . 10.20 31.94 40.37
C7 NAG V . 7.49 26.22 42.35
C8 NAG V . 6.32 25.34 42.67
N2 NAG V . 7.25 27.53 42.32
O3 NAG V . 7.94 29.66 44.11
O4 NAG V . 8.58 32.17 42.85
O5 NAG V . 9.41 29.72 40.26
O6 NAG V . 9.70 33.25 40.12
O7 NAG V . 8.61 25.76 42.11
C1 NAG W . 8.89 34.99 16.54
C2 NAG W . 8.00 35.63 17.61
C3 NAG W . 6.69 36.11 17.00
C4 NAG W . 6.97 37.03 15.82
C5 NAG W . 7.85 36.32 14.80
C6 NAG W . 8.25 37.19 13.63
C7 NAG W . 7.44 35.08 19.94
C8 NAG W . 7.20 33.98 20.93
N2 NAG W . 7.75 34.70 18.70
O3 NAG W . 5.93 36.81 17.99
O4 NAG W . 5.74 37.41 15.20
O5 NAG W . 9.07 35.91 15.44
O6 NAG W . 9.61 37.01 13.29
O7 NAG W . 7.34 36.26 20.25
C1 NAG W . 5.53 38.83 15.41
C2 NAG W . 4.13 39.00 16.01
C3 NAG W . 3.87 40.47 16.31
C4 NAG W . 4.99 41.04 17.18
C5 NAG W . 6.34 40.79 16.53
C6 NAG W . 7.51 41.23 17.39
C7 NAG W . 2.05 37.80 15.55
C8 NAG W . 1.10 37.32 14.49
N2 NAG W . 3.11 38.48 15.12
O3 NAG W . 2.62 40.60 16.98
O4 NAG W . 4.80 42.45 17.35
O5 NAG W . 6.51 39.39 16.29
O6 NAG W . 8.68 40.48 17.10
O7 NAG W . 1.86 37.58 16.74
C1 NAG X . 32.10 12.79 30.87
C2 NAG X . 32.17 13.39 29.48
C3 NAG X . 33.61 13.44 29.02
C4 NAG X . 34.47 14.18 30.04
C5 NAG X . 34.28 13.58 31.42
C6 NAG X . 34.98 14.37 32.50
C7 NAG X . 30.07 12.91 28.30
C8 NAG X . 29.37 12.05 27.30
N2 NAG X . 31.34 12.63 28.54
O3 NAG X . 33.67 14.10 27.75
O4 NAG X . 35.84 14.07 29.68
O5 NAG X . 32.89 13.57 31.77
O6 NAG X . 34.21 14.40 33.71
O7 NAG X . 29.49 13.83 28.88
C1 NAG X . 36.28 15.28 29.05
C2 NAG X . 37.80 15.27 28.96
C3 NAG X . 38.29 16.51 28.21
C4 NAG X . 37.62 16.61 26.86
C5 NAG X . 36.11 16.58 27.02
C6 NAG X . 35.36 16.56 25.70
C7 NAG X . 38.93 14.07 30.77
C8 NAG X . 39.51 14.17 32.15
N2 NAG X . 38.40 15.20 30.27
O3 NAG X . 39.71 16.44 28.06
O4 NAG X . 38.01 17.81 26.19
O5 NAG X . 35.72 15.40 27.73
O6 NAG X . 35.39 15.27 25.11
O7 NAG X . 38.94 13.02 30.13
C1 BMA X . 38.82 17.43 25.05
C2 BMA X . 38.87 18.62 24.07
C3 BMA X . 39.79 18.27 22.90
C4 BMA X . 41.16 17.76 23.40
C5 BMA X . 40.95 16.60 24.40
C6 BMA X . 42.26 16.11 25.02
O2 BMA X . 39.42 19.77 24.68
O3 BMA X . 39.97 19.37 22.03
O4 BMA X . 41.94 17.30 22.31
O5 BMA X . 40.12 17.07 25.47
O6 BMA X . 42.55 16.92 26.14
C1 NAG Y . 27.92 17.84 27.58
C2 NAG Y . 29.36 17.99 27.09
C3 NAG Y . 30.31 17.87 28.26
C4 NAG Y . 29.92 18.87 29.35
C5 NAG Y . 28.44 18.78 29.69
C6 NAG Y . 27.99 19.87 30.64
C7 NAG Y . 30.65 17.15 25.16
C8 NAG Y . 30.81 16.03 24.18
N2 NAG Y . 29.66 17.00 26.07
O3 NAG Y . 31.64 18.12 27.83
O4 NAG Y . 30.67 18.59 30.53
O5 NAG Y . 27.63 18.89 28.50
O6 NAG Y . 28.60 19.73 31.91
O7 NAG Y . 31.36 18.15 25.14
C1 NAG Y . 31.75 19.55 30.64
C2 NAG Y . 32.77 19.03 31.66
C3 NAG Y . 34.13 18.79 31.00
C4 NAG Y . 34.62 20.02 30.25
C5 NAG Y . 33.48 20.64 29.44
C6 NAG Y . 33.87 20.95 28.01
C7 NAG Y . 32.16 19.89 33.87
C8 NAG Y . 32.42 20.94 34.90
N2 NAG Y . 32.90 19.96 32.76
O3 NAG Y . 34.03 17.68 30.10
O4 NAG Y . 35.11 20.97 31.18
O5 NAG Y . 32.38 19.73 29.37
O6 NAG Y . 34.62 22.15 27.91
O7 NAG Y . 31.34 19.00 34.05
C1 BMA Y . 36.38 21.50 30.75
C2 BMA Y . 37.51 20.86 31.62
C3 BMA Y . 38.87 21.32 31.11
C4 BMA Y . 39.00 21.12 29.59
C5 BMA Y . 37.84 21.82 28.88
C6 BMA Y . 37.87 21.66 27.37
O2 BMA Y . 37.49 19.44 31.50
O3 BMA Y . 39.95 20.69 31.79
O4 BMA Y . 40.23 21.64 29.10
O5 BMA Y . 36.62 21.26 29.37
O6 BMA Y . 38.92 22.49 26.87
C1 MAN Y . 40.87 21.73 32.21
C2 MAN Y . 42.14 21.04 32.80
C3 MAN Y . 43.15 22.09 33.28
C4 MAN Y . 42.49 23.48 33.41
C5 MAN Y . 41.10 23.32 34.06
C6 MAN Y . 40.45 24.65 34.39
O2 MAN Y . 42.83 20.27 31.81
O3 MAN Y . 44.30 22.16 32.44
O4 MAN Y . 43.30 24.33 34.22
O5 MAN Y . 40.23 22.62 33.13
O6 MAN Y . 40.30 25.38 33.18
C1 MAN Y . 38.32 23.70 26.34
C2 MAN Y . 39.16 24.14 25.10
C3 MAN Y . 40.48 24.80 25.53
C4 MAN Y . 40.23 25.85 26.62
C5 MAN Y . 39.53 25.20 27.80
C6 MAN Y . 39.27 26.15 28.95
O2 MAN Y . 38.47 25.14 24.34
O3 MAN Y . 41.16 25.38 24.43
O4 MAN Y . 41.48 26.40 27.04
O5 MAN Y . 38.26 24.70 27.34
O6 MAN Y . 39.12 25.39 30.14
C1 NAG Z . 32.36 17.93 39.10
C2 NAG Z . 32.42 18.94 37.96
C3 NAG Z . 32.66 20.35 38.50
C4 NAG Z . 33.73 20.36 39.59
C5 NAG Z . 33.44 19.32 40.66
C6 NAG Z . 33.21 19.93 42.03
C7 NAG Z . 33.28 17.59 36.10
C8 NAG Z . 34.43 17.35 35.18
N2 NAG Z . 33.44 18.57 36.98
O3 NAG Z . 31.45 20.89 39.01
O4 NAG Z . 35.01 20.08 39.01
O5 NAG Z . 32.25 18.60 40.33
O6 NAG Z . 33.63 21.28 42.07
O7 NAG Z . 32.26 16.91 36.05
C1 NAG Z . 36.01 20.73 39.82
C2 NAG Z . 37.39 20.40 39.24
C3 NAG Z . 38.48 21.09 40.04
C4 NAG Z . 38.20 22.58 40.14
C5 NAG Z . 36.79 22.83 40.67
C6 NAG Z . 36.41 24.28 40.68
C7 NAG Z . 37.59 18.15 40.26
C8 NAG Z . 37.84 16.69 39.98
N2 NAG Z . 37.61 18.95 39.19
O3 NAG Z . 39.74 20.87 39.41
O4 NAG Z . 39.15 23.19 41.02
O5 NAG Z . 35.84 22.15 39.85
O6 NAG Z . 36.45 24.84 39.38
O7 NAG Z . 37.38 18.56 41.40
C1 NAG AA . 18.35 28.81 33.66
C2 NAG AA . 17.38 29.88 33.17
C3 NAG AA . 18.13 30.98 32.42
C4 NAG AA . 19.28 31.53 33.27
C5 NAG AA . 20.16 30.37 33.75
C6 NAG AA . 21.26 30.83 34.68
C7 NAG AA . 15.29 28.66 32.78
C8 NAG AA . 14.33 28.13 31.76
N2 NAG AA . 16.36 29.30 32.31
O3 NAG AA . 17.21 32.02 32.09
O4 NAG AA . 20.08 32.42 32.51
O5 NAG AA . 19.37 29.42 34.46
O6 NAG AA . 20.74 31.38 35.89
O7 NAG AA . 15.09 28.51 33.99
C1 NAG AA . 19.63 33.79 32.61
C2 NAG AA . 20.79 34.73 32.30
C3 NAG AA . 20.31 36.18 32.33
C4 NAG AA . 19.09 36.38 31.44
C5 NAG AA . 18.03 35.35 31.78
C6 NAG AA . 16.85 35.38 30.82
C7 NAG AA . 21.88 34.76 34.53
C8 NAG AA . 23.15 34.48 35.26
N2 NAG AA . 21.92 34.54 33.21
O3 NAG AA . 21.39 37.02 31.92
O4 NAG AA . 18.51 37.67 31.64
O5 NAG AA . 18.56 34.02 31.70
O6 NAG AA . 16.23 34.10 30.73
O7 NAG AA . 20.87 35.16 35.10
C1 BMA AA . 19.17 38.74 30.94
C2 BMA AA . 18.12 39.79 30.49
C3 BMA AA . 18.78 41.14 30.09
C4 BMA AA . 19.90 41.53 31.06
C5 BMA AA . 20.87 40.37 31.22
C6 BMA AA . 22.02 40.68 32.15
O2 BMA AA . 17.20 40.07 31.52
O3 BMA AA . 17.80 42.17 30.02
O4 BMA AA . 20.62 42.65 30.59
O5 BMA AA . 20.14 39.29 31.79
O6 BMA AA . 21.54 41.50 33.18
C1 MAN AA . 18.06 43.08 28.91
C2 MAN AA . 17.08 44.28 29.06
C3 MAN AA . 15.66 43.82 28.77
C4 MAN AA . 15.59 43.16 27.40
C5 MAN AA . 16.56 41.96 27.36
C6 MAN AA . 16.61 41.28 26.01
O2 MAN AA . 17.35 45.31 28.09
O3 MAN AA . 14.71 44.87 28.86
O4 MAN AA . 14.27 42.70 27.15
O5 MAN AA . 17.89 42.41 27.67
O6 MAN AA . 15.82 40.10 26.07
C1 MAN AA . 17.51 46.58 28.74
C2 MAN AA . 16.35 47.52 28.24
C3 MAN AA . 16.60 47.93 26.79
C4 MAN AA . 18.01 48.49 26.61
C5 MAN AA . 19.04 47.46 27.09
C6 MAN AA . 20.47 47.97 26.99
O2 MAN AA . 16.31 48.74 28.99
O3 MAN AA . 15.63 48.87 26.33
O4 MAN AA . 18.24 48.77 25.23
O5 MAN AA . 18.78 47.14 28.47
O6 MAN AA . 20.73 48.28 25.63
C1 MAN AA . 14.99 48.88 29.58
C2 MAN AA . 14.96 50.27 30.31
C3 MAN AA . 14.05 50.20 31.54
C4 MAN AA . 12.88 49.26 31.28
C5 MAN AA . 13.41 47.83 31.16
C6 MAN AA . 12.46 46.89 30.42
O2 MAN AA . 14.38 51.27 29.47
O3 MAN AA . 13.58 51.49 31.91
O4 MAN AA . 11.96 49.33 32.35
O5 MAN AA . 14.69 47.80 30.46
O6 MAN AA . 12.64 45.57 30.95
C1 MAN AA . 22.37 41.32 34.34
C2 MAN AA . 21.46 41.43 35.55
C3 MAN AA . 20.83 42.80 35.55
C4 MAN AA . 21.92 43.88 35.56
C5 MAN AA . 22.90 43.67 34.38
C6 MAN AA . 24.14 44.55 34.46
O2 MAN AA . 22.21 41.36 36.77
O3 MAN AA . 19.91 42.98 36.61
O4 MAN AA . 21.33 45.17 35.45
O5 MAN AA . 23.37 42.30 34.37
O6 MAN AA . 23.84 45.71 35.23
C1 MAN AA . 18.61 42.50 36.20
C2 MAN AA . 17.52 43.29 36.99
C3 MAN AA . 17.51 42.84 38.46
C4 MAN AA . 17.45 41.30 38.58
C5 MAN AA . 18.62 40.69 37.80
C6 MAN AA . 18.64 39.18 37.83
O2 MAN AA . 16.22 43.03 36.48
O3 MAN AA . 16.41 43.41 39.16
O4 MAN AA . 17.54 40.92 39.94
O5 MAN AA . 18.50 41.10 36.42
O6 MAN AA . 18.11 38.70 36.59
C1 MAN AA . 24.66 46.78 34.74
C2 MAN AA . 24.14 48.11 35.39
C3 MAN AA . 24.83 49.35 34.79
C4 MAN AA . 25.50 49.04 33.44
C5 MAN AA . 24.59 48.08 32.68
C6 MAN AA . 24.99 47.89 31.23
O2 MAN AA . 24.42 48.16 36.79
O3 MAN AA . 25.78 49.92 35.70
O4 MAN AA . 25.68 50.23 32.69
O5 MAN AA . 24.64 46.79 33.32
O6 MAN AA . 24.28 46.77 30.72
C1 NAG BA . 4.72 16.44 39.10
C2 NAG BA . 3.33 16.71 38.50
C3 NAG BA . 2.40 17.29 39.58
C4 NAG BA . 2.37 16.40 40.82
C5 NAG BA . 3.79 16.12 41.31
C6 NAG BA . 3.84 15.10 42.43
C7 NAG BA . 3.82 18.88 37.41
C8 NAG BA . 3.81 19.62 36.12
N2 NAG BA . 3.41 17.60 37.36
O3 NAG BA . 1.09 17.41 39.05
O4 NAG BA . 1.67 17.06 41.86
O5 NAG BA . 4.59 15.59 40.25
O6 NAG BA . 3.29 15.62 43.64
O7 NAG BA . 4.18 19.40 38.47
C1 NAG BA . 0.45 16.34 42.19
C2 NAG BA . -0.66 17.36 42.42
C3 NAG BA . -1.98 16.66 42.69
C4 NAG BA . -2.30 15.64 41.60
C5 NAG BA . -1.11 14.69 41.43
C6 NAG BA . -1.29 13.71 40.30
C7 NAG BA . 0.14 19.49 43.35
C8 NAG BA . 0.44 20.26 44.61
N2 NAG BA . -0.33 18.24 43.53
O3 NAG BA . -3.04 17.62 42.77
O4 NAG BA . -3.46 14.90 41.94
O5 NAG BA . 0.07 15.45 41.14
O6 NAG BA . -0.30 12.69 40.33
O7 NAG BA . 0.34 19.96 42.24
C1 NAG CA . 18.93 -13.17 41.62
C2 NAG CA . 19.18 -14.62 41.25
C3 NAG CA . 19.46 -15.50 42.46
C4 NAG CA . 20.54 -14.87 43.35
C5 NAG CA . 20.37 -13.36 43.48
C6 NAG CA . 21.45 -12.62 42.69
C7 NAG CA . 18.20 -16.06 39.56
C8 NAG CA . 16.93 -16.63 38.99
N2 NAG CA . 18.05 -15.15 40.52
O3 NAG CA . 19.90 -16.79 42.04
O4 NAG CA . 20.50 -15.47 44.65
O5 NAG CA . 19.08 -12.94 43.02
O6 NAG CA . 21.90 -13.44 41.60
O7 NAG CA . 19.31 -16.41 39.16
C1 NAG CA . 21.58 -16.40 44.77
C2 NAG CA . 22.02 -16.50 46.22
C3 NAG CA . 23.18 -17.49 46.38
C4 NAG CA . 22.87 -18.80 45.68
C5 NAG CA . 22.37 -18.56 44.25
C6 NAG CA . 21.98 -19.88 43.58
C7 NAG CA . 22.65 -14.98 48.01
C8 NAG CA . 23.25 -13.64 48.34
N2 NAG CA . 22.41 -15.19 46.71
O3 NAG CA . 23.41 -17.73 47.77
O4 NAG CA . 24.05 -19.61 45.64
O5 NAG CA . 21.24 -17.69 44.29
O6 NAG CA . 20.67 -20.26 44.00
O7 NAG CA . 22.39 -15.81 48.86
C1 NAG DA . 32.42 -6.54 -19.70
C2 NAG DA . 33.73 -7.26 -19.42
C3 NAG DA . 34.63 -6.39 -18.54
C4 NAG DA . 34.82 -5.02 -19.17
C5 NAG DA . 33.45 -4.38 -19.47
C6 NAG DA . 33.55 -3.07 -20.21
C7 NAG DA . 34.26 -9.62 -19.01
C8 NAG DA . 33.87 -10.86 -18.27
N2 NAG DA . 33.50 -8.54 -18.78
O3 NAG DA . 35.90 -7.02 -18.39
O4 NAG DA . 35.52 -4.17 -18.27
O5 NAG DA . 32.68 -5.27 -20.30
O6 NAG DA . 34.71 -3.03 -21.04
O7 NAG DA . 35.22 -9.59 -19.78
C1 NAG DA . 36.87 -3.96 -18.72
C2 NAG DA . 37.78 -3.97 -17.49
C3 NAG DA . 39.23 -3.77 -17.90
C4 NAG DA . 39.63 -4.81 -18.95
C5 NAG DA . 38.66 -4.78 -20.12
C6 NAG DA . 38.91 -5.88 -21.13
C7 NAG DA . 36.60 -3.21 -15.47
C8 NAG DA . 36.28 -2.03 -14.60
N2 NAG DA . 37.38 -2.95 -16.54
O3 NAG DA . 40.07 -3.88 -16.76
O4 NAG DA . 40.95 -4.54 -19.42
O5 NAG DA . 37.31 -4.97 -19.65
O6 NAG DA . 39.67 -6.93 -20.57
O7 NAG DA . 36.20 -4.33 -15.23
C1 NAG EA . 25.34 6.65 -20.21
C2 NAG EA . 24.82 7.24 -21.52
C3 NAG EA . 25.99 7.71 -22.40
C4 NAG EA . 26.91 8.63 -21.60
C5 NAG EA . 27.33 7.97 -20.30
C6 NAG EA . 28.16 8.87 -19.41
C7 NAG EA . 24.39 5.10 -22.70
C8 NAG EA . 23.36 4.30 -23.41
N2 NAG EA . 23.98 6.30 -22.24
O3 NAG EA . 25.49 8.38 -23.54
O4 NAG EA . 28.06 8.93 -22.38
O5 NAG EA . 26.17 7.60 -19.54
O6 NAG EA . 27.69 8.85 -18.06
O7 NAG EA . 25.55 4.71 -22.55
C1 NAG EA . 28.05 10.34 -22.68
C2 NAG EA . 29.45 10.75 -23.16
C3 NAG EA . 29.45 12.22 -23.53
C4 NAG EA . 28.36 12.52 -24.54
C5 NAG EA . 27.01 12.02 -24.03
C6 NAG EA . 25.91 12.16 -25.05
C7 NAG EA . 31.06 9.28 -22.04
C8 NAG EA . 32.07 9.15 -20.93
N2 NAG EA . 30.45 10.46 -22.14
O3 NAG EA . 30.72 12.57 -24.07
O4 NAG EA . 28.28 13.93 -24.77
O5 NAG EA . 27.09 10.63 -23.71
O6 NAG EA . 25.64 10.93 -25.71
O7 NAG EA . 30.81 8.34 -22.81
C1 NAG FA . 13.79 -33.09 -3.32
C2 NAG FA . 13.91 -31.57 -3.57
C3 NAG FA . 15.36 -31.17 -3.85
C4 NAG FA . 16.30 -31.71 -2.78
C5 NAG FA . 16.13 -33.21 -2.68
C6 NAG FA . 17.00 -33.85 -1.62
C7 NAG FA . 12.78 -29.89 -4.98
C8 NAG FA . 11.91 -29.67 -6.17
N2 NAG FA . 13.06 -31.16 -4.68
O3 NAG FA . 15.47 -29.75 -3.91
O4 NAG FA . 17.65 -31.40 -3.10
O5 NAG FA . 14.77 -33.50 -2.34
O6 NAG FA . 17.28 -32.94 -0.55
O7 NAG FA . 13.22 -28.96 -4.32
C1 NAG FA . 18.13 -30.37 -2.19
C2 NAG FA . 19.56 -30.68 -1.79
C3 NAG FA . 20.08 -29.62 -0.83
C4 NAG FA . 19.85 -28.21 -1.38
C5 NAG FA . 18.42 -28.04 -1.89
C6 NAG FA . 18.22 -26.73 -2.63
C7 NAG FA . 20.81 -32.68 -1.06
C8 NAG FA . 20.71 -34.02 -0.41
N2 NAG FA . 19.66 -32.01 -1.18
O3 NAG FA . 21.46 -29.82 -0.60
O4 NAG FA . 20.04 -27.27 -0.34
O5 NAG FA . 18.07 -29.09 -2.80
O6 NAG FA . 16.84 -26.53 -2.94
O7 NAG FA . 21.87 -32.22 -1.45
C1 BMA FA . 21.36 -26.68 -0.31
C2 BMA FA . 21.25 -25.45 0.62
C3 BMA FA . 22.64 -24.86 0.88
C4 BMA FA . 23.63 -25.92 1.31
C5 BMA FA . 23.66 -27.07 0.29
C6 BMA FA . 24.58 -28.20 0.69
O2 BMA FA . 20.74 -25.83 1.89
O3 BMA FA . 22.57 -23.83 1.87
O4 BMA FA . 24.94 -25.36 1.41
O5 BMA FA . 22.33 -27.61 0.17
O6 BMA FA . 24.26 -28.59 2.01
C1 MAN FA . 22.74 -22.55 1.22
C2 MAN FA . 23.51 -21.62 2.22
C3 MAN FA . 22.58 -21.17 3.34
C4 MAN FA . 21.27 -20.60 2.78
C5 MAN FA . 20.60 -21.67 1.91
C6 MAN FA . 19.29 -21.21 1.29
O2 MAN FA . 23.95 -20.42 1.57
O3 MAN FA . 23.20 -20.21 4.18
O4 MAN FA . 20.40 -20.24 3.84
O5 MAN FA . 21.49 -22.01 0.84
O6 MAN FA . 19.57 -20.70 -0.01
C1 NAG GA . 23.77 -38.00 -8.27
C2 NAG GA . 24.46 -39.13 -9.06
C3 NAG GA . 24.21 -40.48 -8.37
C4 NAG GA . 24.58 -40.42 -6.90
C5 NAG GA . 23.88 -39.25 -6.21
C6 NAG GA . 24.32 -39.05 -4.78
C7 NAG GA . 24.56 -39.88 -11.40
C8 NAG GA . 23.92 -39.81 -12.74
N2 NAG GA . 23.97 -39.16 -10.43
O3 NAG GA . 24.97 -41.49 -9.02
O4 NAG GA . 24.18 -41.63 -6.25
O5 NAG GA . 24.21 -38.04 -6.90
O6 NAG GA . 23.88 -40.12 -3.95
O7 NAG GA . 25.58 -40.53 -11.20
C1 NAG GA . 25.32 -42.36 -5.78
C2 NAG GA . 25.18 -43.82 -6.23
C3 NAG GA . 26.41 -44.63 -5.81
C4 NAG GA . 27.69 -43.96 -6.28
C5 NAG GA . 27.72 -42.51 -5.80
C6 NAG GA . 28.92 -41.76 -6.30
C7 NAG GA . 22.76 -44.25 -6.24
C8 NAG GA . 21.62 -44.93 -5.55
N2 NAG GA . 23.96 -44.41 -5.69
O3 NAG GA . 26.32 -45.94 -6.36
O4 NAG GA . 28.81 -44.66 -5.76
O5 NAG GA . 26.56 -41.82 -6.27
O6 NAG GA . 29.86 -41.53 -5.26
O7 NAG GA . 22.60 -43.58 -7.26
C1 NAG HA . 34.24 -19.27 -6.80
C2 NAG HA . 34.72 -20.41 -5.89
C3 NAG HA . 35.24 -19.86 -4.57
C4 NAG HA . 36.31 -18.79 -4.82
C5 NAG HA . 35.74 -17.71 -5.75
C6 NAG HA . 36.76 -16.67 -6.14
C7 NAG HA . 33.85 -22.65 -5.35
C8 NAG HA . 32.62 -23.48 -5.12
N2 NAG HA . 33.64 -21.36 -5.64
O3 NAG HA . 35.80 -20.90 -3.79
O4 NAG HA . 36.74 -18.21 -3.60
O5 NAG HA . 35.30 -18.32 -6.97
O6 NAG HA . 36.51 -16.15 -7.44
O7 NAG HA . 34.98 -23.12 -5.29
C1 NAG HA . 38.12 -18.58 -3.41
C2 NAG HA . 38.80 -17.56 -2.49
C3 NAG HA . 40.24 -17.97 -2.23
C4 NAG HA . 40.30 -19.39 -1.70
C5 NAG HA . 39.55 -20.34 -2.64
C6 NAG HA . 39.47 -21.76 -2.11
C7 NAG HA . 37.71 -15.40 -2.90
C8 NAG HA . 37.83 -14.06 -3.58
N2 NAG HA . 38.74 -16.22 -3.08
O3 NAG HA . 40.81 -17.08 -1.28
O4 NAG HA . 41.66 -19.81 -1.59
O5 NAG HA . 38.21 -19.89 -2.82
O6 NAG HA . 40.64 -22.11 -1.39
O7 NAG HA . 36.73 -15.70 -2.23
C1 NAG IA . 11.77 -32.72 -30.58
C2 NAG IA . 12.43 -31.36 -30.64
C3 NAG IA . 12.59 -30.93 -32.09
C4 NAG IA . 13.33 -31.99 -32.88
C5 NAG IA . 12.66 -33.36 -32.70
C6 NAG IA . 13.44 -34.49 -33.33
C7 NAG IA . 12.01 -30.01 -28.65
C8 NAG IA . 11.14 -28.98 -28.01
N2 NAG IA . 11.69 -30.37 -29.89
O3 NAG IA . 13.29 -29.69 -32.14
O4 NAG IA . 13.32 -31.68 -34.27
O5 NAG IA . 12.55 -33.67 -31.30
O6 NAG IA . 13.60 -34.29 -34.73
O7 NAG IA . 12.98 -30.49 -28.06
C1 NAG IA . 14.58 -31.08 -34.63
C2 NAG IA . 14.68 -30.99 -36.15
C3 NAG IA . 15.97 -30.30 -36.56
C4 NAG IA . 16.10 -28.95 -35.87
C5 NAG IA . 15.95 -29.12 -34.36
C6 NAG IA . 15.93 -27.81 -33.61
C7 NAG IA . 13.47 -32.74 -37.39
C8 NAG IA . 13.54 -34.11 -37.98
N2 NAG IA . 14.57 -32.30 -36.77
O3 NAG IA . 16.00 -30.14 -37.97
O4 NAG IA . 17.36 -28.36 -36.15
O5 NAG IA . 14.71 -29.78 -34.06
O6 NAG IA . 14.82 -27.01 -34.00
O7 NAG IA . 12.46 -32.04 -37.48
C1 BMA IA . 17.14 -27.25 -37.04
C2 BMA IA . 17.55 -25.95 -36.30
C3 BMA IA . 17.37 -24.76 -37.24
C4 BMA IA . 18.08 -25.00 -38.59
C5 BMA IA . 17.65 -26.36 -39.19
C6 BMA IA . 18.42 -26.70 -40.45
O2 BMA IA . 18.92 -25.99 -35.94
O3 BMA IA . 17.83 -23.56 -36.65
O4 BMA IA . 17.76 -23.97 -39.50
O5 BMA IA . 17.91 -27.39 -38.22
O6 BMA IA . 19.72 -27.14 -40.08
C1 NAG JA . 16.82 -29.39 -26.46
C2 NAG JA . 17.11 -28.94 -27.89
C3 NAG JA . 16.98 -30.14 -28.81
C4 NAG JA . 17.86 -31.28 -28.33
C5 NAG JA . 17.65 -31.55 -26.83
C6 NAG JA . 18.65 -32.55 -26.27
C7 NAG JA . 16.48 -27.03 -29.30
C8 NAG JA . 15.44 -25.98 -29.58
N2 NAG JA . 16.20 -27.87 -28.29
O3 NAG JA . 17.35 -29.76 -30.13
O4 NAG JA . 17.54 -32.47 -29.05
O5 NAG JA . 17.80 -30.35 -26.06
O6 NAG JA . 18.46 -33.83 -26.86
O7 NAG JA . 17.51 -27.12 -29.96
C1 NAG JA . 18.48 -32.68 -30.13
C2 NAG JA . 17.74 -33.31 -31.31
C3 NAG JA . 17.81 -32.37 -32.52
C4 NAG JA . 19.26 -32.07 -32.86
C5 NAG JA . 20.01 -31.59 -31.63
C6 NAG JA . 20.64 -30.23 -31.82
C7 NAG JA . 17.80 -35.42 -32.57
C8 NAG JA . 18.52 -36.72 -32.76
N2 NAG JA . 18.31 -34.61 -31.64
O3 NAG JA . 17.12 -31.17 -32.21
O4 NAG JA . 19.87 -33.26 -33.34
O5 NAG JA . 19.09 -31.45 -30.53
O6 NAG JA . 21.70 -30.28 -32.76
O7 NAG JA . 16.80 -35.14 -33.22
C1 BMA JA . 20.60 -33.03 -34.57
C2 BMA JA . 19.73 -33.55 -35.76
C3 BMA JA . 20.48 -33.27 -37.06
C4 BMA JA . 20.92 -31.80 -37.16
C5 BMA JA . 21.75 -31.44 -35.91
C6 BMA JA . 22.24 -30.01 -35.91
O2 BMA JA . 18.50 -32.85 -35.84
O3 BMA JA . 19.71 -33.62 -38.22
O4 BMA JA . 21.70 -31.58 -38.32
O5 BMA JA . 20.93 -31.65 -34.74
O6 BMA JA . 23.15 -29.87 -37.00
C1 MAN JA . 19.92 -35.01 -38.53
C2 MAN JA . 21.47 -35.27 -38.72
C3 MAN JA . 21.95 -34.80 -40.10
C4 MAN JA . 21.03 -35.30 -41.21
C5 MAN JA . 19.61 -34.80 -40.94
C6 MAN JA . 18.61 -35.20 -42.00
O2 MAN JA . 21.79 -36.66 -38.66
O3 MAN JA . 23.30 -35.19 -40.36
O4 MAN JA . 21.47 -34.81 -42.47
O5 MAN JA . 19.17 -35.38 -39.68
O6 MAN JA . 18.46 -36.63 -41.97
C1 MAN JA . 24.50 -30.01 -36.50
C2 MAN JA . 25.41 -29.12 -37.40
C3 MAN JA . 25.50 -29.72 -38.80
C4 MAN JA . 25.90 -31.20 -38.74
C5 MAN JA . 24.92 -31.97 -37.85
C6 MAN JA . 25.27 -33.44 -37.69
O2 MAN JA . 26.74 -29.09 -36.90
O3 MAN JA . 26.40 -28.99 -39.62
O4 MAN JA . 25.90 -31.77 -40.04
O5 MAN JA . 24.91 -31.36 -36.54
O6 MAN JA . 25.24 -34.05 -38.97
C1 NAG KA . 16.53 -41.27 -30.23
C2 NAG KA . 17.32 -40.00 -30.51
C3 NAG KA . 18.69 -40.33 -31.11
C4 NAG KA . 18.69 -41.66 -31.87
C5 NAG KA . 18.13 -42.81 -31.02
C6 NAG KA . 19.19 -43.73 -30.48
C7 NAG KA . 15.62 -38.29 -30.96
C8 NAG KA . 14.96 -37.44 -32.00
N2 NAG KA . 16.58 -39.11 -31.40
O3 NAG KA . 19.65 -40.36 -30.06
O4 NAG KA . 17.93 -41.53 -33.06
O5 NAG KA . 17.41 -42.30 -29.89
O6 NAG KA . 19.05 -45.04 -31.01
O7 NAG KA . 15.29 -38.24 -29.78
C1 NAG KA . 18.76 -41.16 -34.18
C2 NAG KA . 18.99 -42.39 -35.09
C3 NAG KA . 19.74 -42.00 -36.35
C4 NAG KA . 19.07 -40.82 -37.04
C5 NAG KA . 18.90 -39.67 -36.06
C6 NAG KA . 18.18 -38.49 -36.65
C7 NAG KA . 20.93 -43.36 -33.89
C8 NAG KA . 21.45 -44.59 -33.20
N2 NAG KA . 19.68 -43.46 -34.38
O3 NAG KA . 19.80 -43.12 -37.23
O4 NAG KA . 19.85 -40.39 -38.15
O5 NAG KA . 18.15 -40.11 -34.93
O6 NAG KA . 18.16 -38.54 -38.06
O7 NAG KA . 21.59 -42.34 -34.00
C1 NAG LA . 26.84 -35.94 -15.68
C2 NAG LA . 27.91 -35.56 -14.67
C3 NAG LA . 29.11 -34.93 -15.38
C4 NAG LA . 29.62 -35.82 -16.52
C5 NAG LA . 28.46 -36.23 -17.43
C6 NAG LA . 28.86 -37.26 -18.45
C7 NAG LA . 26.72 -35.07 -12.59
C8 NAG LA . 26.23 -34.00 -11.66
N2 NAG LA . 27.38 -34.65 -13.67
O3 NAG LA . 30.15 -34.69 -14.44
O4 NAG LA . 30.57 -35.13 -17.31
O5 NAG LA . 27.40 -36.80 -16.66
O6 NAG LA . 29.44 -36.67 -19.61
O7 NAG LA . 26.51 -36.25 -12.37
C1 NAG LA . 31.92 -35.35 -16.88
C2 NAG LA . 32.87 -35.17 -18.07
C3 NAG LA . 34.33 -35.27 -17.63
C4 NAG LA . 34.60 -34.34 -16.46
C5 NAG LA . 33.57 -34.54 -15.35
C6 NAG LA . 33.69 -33.53 -14.23
C7 NAG LA . 32.75 -37.43 -19.07
C8 NAG LA . 32.38 -38.20 -20.30
N2 NAG LA . 32.57 -36.10 -19.14
O3 NAG LA . 35.14 -34.95 -18.75
O4 NAG LA . 35.87 -34.63 -15.88
O5 NAG LA . 32.24 -34.41 -15.88
O6 NAG LA . 32.41 -33.02 -13.89
O7 NAG LA . 33.16 -37.98 -18.05
C1 BMA LA . 37.02 -34.14 -16.62
C2 BMA LA . 38.06 -33.57 -15.62
C3 BMA LA . 39.47 -33.44 -16.26
C4 BMA LA . 39.82 -34.66 -17.16
C5 BMA LA . 38.68 -34.91 -18.14
C6 BMA LA . 38.94 -36.10 -19.05
O2 BMA LA . 38.19 -34.42 -14.49
O3 BMA LA . 40.46 -33.29 -15.23
O4 BMA LA . 41.01 -34.43 -17.89
O5 BMA LA . 37.52 -35.22 -17.38
O6 BMA LA . 40.35 -36.19 -19.24
C1 MAN LA . 41.53 -32.40 -15.63
C2 MAN LA . 42.68 -32.57 -14.59
C3 MAN LA . 42.26 -31.92 -13.27
C4 MAN LA . 41.88 -30.47 -13.51
C5 MAN LA . 40.70 -30.42 -14.48
C6 MAN LA . 40.25 -29.00 -14.80
O2 MAN LA . 43.86 -31.86 -15.01
O3 MAN LA . 43.26 -32.03 -12.26
O4 MAN LA . 41.50 -29.86 -12.28
O5 MAN LA . 41.08 -31.05 -15.72
O6 MAN LA . 41.40 -28.25 -15.21
C1 MAN LA . 45.04 -32.68 -14.79
C2 MAN LA . 46.00 -31.90 -13.87
C3 MAN LA . 46.51 -30.66 -14.62
C4 MAN LA . 47.13 -31.05 -15.97
C5 MAN LA . 46.13 -31.86 -16.81
C6 MAN LA . 46.74 -32.41 -18.08
O2 MAN LA . 47.16 -32.71 -13.56
O3 MAN LA . 47.42 -29.88 -13.85
O4 MAN LA . 47.50 -29.88 -16.69
O5 MAN LA . 45.66 -33.00 -16.03
O6 MAN LA . 47.46 -31.36 -18.71
C1 MAN LA . 47.57 -32.51 -12.18
C2 MAN LA . 48.81 -33.45 -11.93
C3 MAN LA . 48.37 -34.88 -11.67
C4 MAN LA . 47.32 -34.92 -10.57
C5 MAN LA . 46.11 -34.13 -11.01
C6 MAN LA . 45.00 -34.12 -9.97
O2 MAN LA . 49.52 -33.06 -10.75
O3 MAN LA . 49.48 -35.72 -11.35
O4 MAN LA . 46.96 -36.26 -10.30
O5 MAN LA . 46.49 -32.76 -11.26
O6 MAN LA . 45.54 -33.61 -8.76
C1 MAN LA . 40.65 -37.44 -19.91
C2 MAN LA . 40.38 -38.60 -18.92
C3 MAN LA . 41.38 -38.53 -17.78
C4 MAN LA . 42.82 -38.46 -18.30
C5 MAN LA . 42.98 -37.31 -19.31
C6 MAN LA . 44.35 -37.27 -19.99
O2 MAN LA . 40.60 -39.86 -19.54
O3 MAN LA . 41.24 -39.64 -16.89
O4 MAN LA . 43.72 -38.27 -17.22
O5 MAN LA . 41.99 -37.45 -20.35
O6 MAN LA . 44.25 -37.87 -21.28
C1 MAN LA . 40.43 -39.23 -15.77
C2 MAN LA . 41.14 -39.71 -14.47
C3 MAN LA . 40.99 -41.23 -14.31
C4 MAN LA . 39.53 -41.66 -14.47
C5 MAN LA . 39.01 -41.19 -15.83
C6 MAN LA . 37.55 -41.55 -16.07
O2 MAN LA . 40.54 -39.14 -13.30
O3 MAN LA . 41.50 -41.69 -13.06
O4 MAN LA . 39.42 -43.07 -14.40
O5 MAN LA . 39.11 -39.75 -15.90
O6 MAN LA . 37.38 -42.92 -15.72
C1 MAN LA . 44.67 -39.25 -21.21
C2 MAN LA . 46.22 -39.27 -20.94
C3 MAN LA . 47.02 -39.08 -22.22
C4 MAN LA . 46.48 -39.96 -23.35
C5 MAN LA . 45.02 -39.61 -23.59
C6 MAN LA . 44.40 -40.39 -24.73
O2 MAN LA . 46.64 -40.54 -20.41
O3 MAN LA . 48.41 -39.34 -22.02
O4 MAN LA . 47.22 -39.74 -24.54
O5 MAN LA . 44.29 -39.95 -22.39
O6 MAN LA . 44.43 -41.77 -24.40
C1 NAG MA . 13.93 -40.28 -2.86
C2 NAG MA . 14.21 -39.69 -1.47
C3 NAG MA . 14.70 -40.78 -0.51
C4 NAG MA . 13.75 -41.97 -0.51
C5 NAG MA . 13.48 -42.46 -1.92
C6 NAG MA . 12.41 -43.53 -2.00
C7 NAG MA . 16.43 -38.71 -1.91
C8 NAG MA . 17.24 -37.45 -1.89
N2 NAG MA . 15.15 -38.59 -1.53
O3 NAG MA . 14.82 -40.25 0.79
O4 NAG MA . 14.32 -43.04 0.23
O5 NAG MA . 13.02 -41.38 -2.75
O6 NAG MA . 11.14 -42.96 -2.27
O7 NAG MA . 16.92 -39.78 -2.26
C1 NAG MA . 13.56 -43.33 1.43
C2 NAG MA . 14.54 -43.61 2.57
C3 NAG MA . 13.77 -43.86 3.87
C4 NAG MA . 12.80 -42.72 4.15
C5 NAG MA . 11.89 -42.50 2.95
C6 NAG MA . 10.97 -41.32 3.12
C7 NAG MA . 16.51 -44.64 1.53
C8 NAG MA . 17.28 -45.91 1.31
N2 NAG MA . 15.39 -44.74 2.26
O3 NAG MA . 14.70 -43.99 4.94
O4 NAG MA . 12.00 -43.03 5.29
O5 NAG MA . 12.69 -42.24 1.79
O6 NAG MA . 10.01 -41.26 2.06
O7 NAG MA . 16.88 -43.57 1.06
C1 NAG NA . -14.68 -42.01 -18.95
C2 NAG NA . -16.08 -41.45 -19.05
C3 NAG NA . -17.09 -42.60 -18.98
C4 NAG NA . -16.72 -43.75 -19.91
C5 NAG NA . -15.21 -44.07 -19.92
C6 NAG NA . -14.80 -44.92 -21.10
C7 NAG NA . -17.35 -39.62 -18.02
C8 NAG NA . -17.47 -38.70 -16.84
N2 NAG NA . -16.33 -40.49 -17.98
O3 NAG NA . -18.37 -42.11 -19.32
O4 NAG NA . -17.37 -44.94 -19.48
O5 NAG NA . -14.45 -42.87 -20.01
O6 NAG NA . -14.80 -46.30 -20.78
O7 NAG NA . -18.14 -39.57 -18.96
C1 NAG NA . -18.24 -45.39 -20.51
C2 NAG NA . -19.58 -45.78 -19.91
C3 NAG NA . -20.57 -46.15 -20.99
C4 NAG NA . -20.67 -45.05 -22.03
C5 NAG NA . -19.27 -44.70 -22.55
C6 NAG NA . -19.27 -43.49 -23.45
C7 NAG NA . -19.22 -46.68 -17.65
C8 NAG NA . -19.07 -47.91 -16.82
N2 NAG NA . -19.41 -46.87 -18.95
O3 NAG NA . -21.86 -46.38 -20.41
O4 NAG NA . -21.48 -45.46 -23.12
O5 NAG NA . -18.42 -44.35 -21.44
O6 NAG NA . -18.27 -42.56 -23.05
O7 NAG NA . -19.17 -45.55 -17.16
C1 NAG OA . -3.68 19.17 -33.14
C2 NAG OA . -4.37 18.88 -34.47
C3 NAG OA . -3.55 17.88 -35.28
C4 NAG OA . -2.12 18.40 -35.45
C5 NAG OA . -1.52 18.73 -34.08
C6 NAG OA . -0.15 19.37 -34.18
C7 NAG OA . -6.75 18.73 -35.02
C8 NAG OA . -8.08 18.13 -34.67
N2 NAG OA . -5.71 18.38 -34.26
O3 NAG OA . -4.15 17.70 -36.55
O4 NAG OA . -1.33 17.41 -36.09
O5 NAG OA . -2.36 19.66 -33.39
O6 NAG OA . 0.88 18.39 -34.19
O7 NAG OA . -6.63 19.51 -35.97
C1 NAG OA . -1.08 17.80 -37.46
C2 NAG OA . -1.19 16.55 -38.33
C3 NAG OA . -0.96 16.91 -39.79
C4 NAG OA . -1.91 18.01 -40.23
C5 NAG OA . -1.78 19.21 -39.28
C6 NAG OA . -2.78 20.31 -39.58
C7 NAG OA . -0.61 14.46 -37.19
C8 NAG OA . 0.49 13.51 -36.82
N2 NAG OA . -0.25 15.52 -37.89
O3 NAG OA . -1.17 15.75 -40.60
O4 NAG OA . -1.60 18.43 -41.55
O5 NAG OA . -2.01 18.79 -37.93
O6 NAG OA . -3.85 19.85 -40.40
O7 NAG OA . -1.78 14.26 -36.85
C1 NAG PA . 9.11 18.70 -25.66
C2 NAG PA . 8.83 20.20 -25.57
C3 NAG PA . 9.60 20.96 -26.65
C4 NAG PA . 11.08 20.60 -26.58
C5 NAG PA . 11.25 19.10 -26.66
C6 NAG PA . 12.70 18.66 -26.50
C7 NAG PA . 6.63 20.17 -26.72
C8 NAG PA . 5.18 20.54 -26.61
N2 NAG PA . 7.40 20.47 -25.66
O3 NAG PA . 9.42 22.36 -26.46
O4 NAG PA . 11.77 21.22 -27.67
O5 NAG PA . 10.52 18.48 -25.60
O6 NAG PA . 12.80 17.47 -25.74
O7 NAG PA . 7.08 19.63 -27.73
C1 NAG PA . 12.54 22.34 -27.20
C2 NAG PA . 12.10 23.57 -27.99
C3 NAG PA . 12.86 24.80 -27.51
C4 NAG PA . 12.69 24.97 -26.00
C5 NAG PA . 13.11 23.68 -25.29
C6 NAG PA . 12.86 23.74 -23.79
C7 NAG PA . 11.47 23.84 -30.35
C8 NAG PA . 11.82 23.54 -31.77
N2 NAG PA . 12.30 23.37 -29.41
O3 NAG PA . 12.36 25.96 -28.17
O4 NAG PA . 13.51 26.04 -25.54
O5 NAG PA . 12.35 22.58 -25.79
O6 NAG PA . 13.73 22.87 -23.09
O7 NAG PA . 10.46 24.47 -30.05
C1 NAG QA . -32.19 5.17 -15.19
C2 NAG QA . -30.66 5.37 -15.28
C3 NAG QA . -30.23 5.58 -16.75
C4 NAG QA . -30.79 4.50 -17.65
C5 NAG QA . -32.29 4.44 -17.50
C6 NAG QA . -32.94 3.36 -18.33
C7 NAG QA . -28.94 6.74 -14.17
C8 NAG QA . -28.69 7.95 -13.32
N2 NAG QA . -30.22 6.48 -14.46
O3 NAG QA . -28.80 5.60 -16.83
O4 NAG QA . -30.45 4.74 -19.01
O5 NAG QA . -32.61 4.18 -16.13
O6 NAG QA . -33.95 2.69 -17.58
O7 NAG QA . -28.03 6.02 -14.58
C1 NAG QA . -29.48 3.75 -19.41
C2 NAG QA . -29.77 3.30 -20.84
C3 NAG QA . -28.75 2.26 -21.28
C4 NAG QA . -27.32 2.74 -21.05
C5 NAG QA . -27.15 3.30 -19.63
C6 NAG QA . -25.81 3.98 -19.42
C7 NAG QA . -31.78 2.64 -22.10
C8 NAG QA . -33.16 2.06 -22.01
N2 NAG QA . -31.13 2.76 -20.94
O3 NAG QA . -28.94 1.97 -22.66
O4 NAG QA . -26.43 1.64 -21.18
O5 NAG QA . -28.16 4.28 -19.34
O6 NAG QA . -25.49 4.06 -18.04
O7 NAG QA . -31.27 2.96 -23.16
C1 BMA QA . -25.77 1.59 -22.46
C2 BMA QA . -24.65 0.54 -22.30
C3 BMA QA . -24.02 0.23 -23.65
C4 BMA QA . -25.06 -0.07 -24.72
C5 BMA QA . -26.06 1.10 -24.79
C6 BMA QA . -27.16 0.86 -25.82
O2 BMA QA . -25.20 -0.69 -21.83
O3 BMA QA . -23.10 -0.87 -23.55
O4 BMA QA . -24.45 -0.25 -25.98
O5 BMA QA . -26.67 1.25 -23.50
O6 BMA QA . -27.86 2.10 -26.02
C1 MAN QA . -21.80 -0.45 -24.03
C2 MAN QA . -21.15 -1.66 -24.75
C3 MAN QA . -20.67 -2.70 -23.73
C4 MAN QA . -19.82 -2.04 -22.64
C5 MAN QA . -20.65 -0.94 -21.96
C6 MAN QA . -19.87 -0.21 -20.87
O2 MAN QA . -19.98 -1.27 -25.47
O3 MAN QA . -19.94 -3.75 -24.36
O4 MAN QA . -19.45 -3.01 -21.67
O5 MAN QA . -21.01 0.04 -22.96
O6 MAN QA . -19.22 -1.19 -20.06
C1 NAG RA . -36.45 10.42 -25.49
C2 NAG RA . -37.53 11.13 -26.35
C3 NAG RA . -38.88 10.40 -26.26
C4 NAG RA . -38.71 8.91 -26.55
C5 NAG RA . -37.72 8.35 -25.54
C6 NAG RA . -37.46 6.87 -25.69
C7 NAG RA . -38.18 13.47 -26.74
C8 NAG RA . -38.26 14.84 -26.14
N2 NAG RA . -37.68 12.52 -25.95
O3 NAG RA . -39.80 10.98 -27.17
O4 NAG RA . -39.96 8.24 -26.49
O5 NAG RA . -36.47 9.01 -25.76
O6 NAG RA . -36.99 6.56 -26.99
O7 NAG RA . -38.55 13.23 -27.88
C1 NAG RA . -40.23 7.53 -27.74
C2 NAG RA . -40.90 8.50 -28.72
C3 NAG RA . -41.17 7.79 -30.04
C4 NAG RA . -39.90 7.17 -30.59
C5 NAG RA . -39.25 6.27 -29.54
C6 NAG RA . -37.90 5.72 -29.98
C7 NAG RA . -42.61 10.23 -28.50
C8 NAG RA . -43.89 10.65 -27.83
N2 NAG RA . -42.13 9.04 -28.16
O3 NAG RA . -41.71 8.72 -30.98
O4 NAG RA . -40.19 6.40 -31.75
O5 NAG RA . -39.01 7.00 -28.33
O6 NAG RA . -36.84 6.36 -29.29
O7 NAG RA . -42.06 10.95 -29.33
C1 NAG SA . -17.36 7.17 -35.45
C2 NAG SA . -18.52 6.21 -35.70
C3 NAG SA . -17.98 4.82 -36.02
C4 NAG SA . -16.96 4.87 -37.15
C5 NAG SA . -15.90 5.94 -36.87
C6 NAG SA . -14.96 6.16 -38.04
C7 NAG SA . -20.73 5.84 -34.70
C8 NAG SA . -21.52 5.84 -33.43
N2 NAG SA . -19.43 6.16 -34.58
O3 NAG SA . -19.08 3.97 -36.36
O4 NAG SA . -16.28 3.64 -37.29
O5 NAG SA . -16.51 7.20 -36.58
O6 NAG SA . -15.48 7.13 -38.93
O7 NAG SA . -21.23 5.57 -35.78
C1 NAG SA . -16.99 2.62 -38.05
C2 NAG SA . -16.53 2.59 -39.50
C3 NAG SA . -17.22 1.44 -40.24
C4 NAG SA . -17.00 0.12 -39.52
C5 NAG SA . -17.43 0.25 -38.05
C6 NAG SA . -17.10 -0.99 -37.24
C7 NAG SA . -16.01 4.36 -41.12
C8 NAG SA . -16.43 5.68 -41.70
N2 NAG SA . -16.81 3.86 -40.17
O3 NAG SA . -16.72 1.36 -41.57
O4 NAG SA . -17.75 -0.91 -40.13
O5 NAG SA . -16.74 1.35 -37.43
O6 NAG SA . -15.77 -0.93 -36.74
O7 NAG SA . -14.99 3.78 -41.50
C1 NAG TA . -30.23 32.71 -14.16
C2 NAG TA . -28.84 32.72 -14.78
C3 NAG TA . -28.38 34.14 -15.01
C4 NAG TA . -29.41 34.92 -15.82
C5 NAG TA . -30.79 34.79 -15.17
C6 NAG TA . -31.89 35.43 -16.00
C7 NAG TA . -27.60 30.72 -14.10
C8 NAG TA . -26.61 30.15 -13.14
N2 NAG TA . -27.90 32.01 -13.93
O3 NAG TA . -27.13 34.12 -15.68
O4 NAG TA . -29.05 36.30 -15.86
O5 NAG TA . -31.13 33.42 -15.02
O6 NAG TA . -31.67 36.82 -16.17
O7 NAG TA . -28.11 30.04 -14.98
C1 NAG TA . -28.35 36.62 -17.08
C2 NAG TA . -28.13 38.12 -17.13
C3 NAG TA . -27.34 38.50 -18.37
C4 NAG TA . -26.04 37.71 -18.43
C5 NAG TA . -26.33 36.22 -18.34
C6 NAG TA . -25.09 35.37 -18.27
C7 NAG TA . -29.88 39.38 -15.95
C8 NAG TA . -31.19 40.09 -16.07
N2 NAG TA . -29.39 38.85 -17.08
O3 NAG TA . -27.07 39.90 -18.35
O4 NAG TA . -25.34 37.99 -19.63
O5 NAG TA . -27.09 35.93 -17.16
O6 NAG TA . -24.54 35.37 -16.96
O7 NAG TA . -29.29 39.28 -14.87
C1 BMA TA . -24.17 38.77 -19.29
C2 BMA TA . -23.10 38.61 -20.38
C3 BMA TA . -21.90 39.47 -20.04
C4 BMA TA . -22.30 40.92 -19.71
C5 BMA TA . -23.42 40.94 -18.65
C6 BMA TA . -23.96 42.34 -18.37
O2 BMA TA . -23.60 39.07 -21.63
O3 BMA TA . -20.93 39.46 -21.09
O4 BMA TA . -21.17 41.64 -19.22
O5 BMA TA . -24.50 40.14 -19.12
O6 BMA TA . -23.07 42.98 -17.47
C1 NAG UA . -26.46 27.51 -18.85
C2 NAG UA . -25.93 28.91 -19.14
C3 NAG UA . -27.07 29.92 -19.06
C4 NAG UA . -28.24 29.47 -19.93
C5 NAG UA . -28.59 27.99 -19.68
C6 NAG UA . -29.65 27.47 -20.62
C7 NAG UA . -24.04 30.31 -18.39
C8 NAG UA . -23.01 30.53 -17.32
N2 NAG UA . -24.87 29.26 -18.20
O3 NAG UA . -26.62 31.19 -19.50
O4 NAG UA . -29.39 30.24 -19.60
O5 NAG UA . -27.43 27.17 -19.84
O6 NAG UA . -30.89 28.13 -20.42
O7 NAG UA . -24.12 31.03 -19.37
C1 NAG UA . -29.63 31.27 -20.58
C2 NAG UA . -30.79 32.12 -20.08
C3 NAG UA . -30.43 33.61 -20.13
C4 NAG UA . -29.81 33.97 -21.47
C5 NAG UA . -28.64 33.05 -21.81
C6 NAG UA . -27.32 33.77 -21.95
C7 NAG UA . -32.85 30.90 -20.57
C8 NAG UA . -34.04 30.78 -21.49
N2 NAG UA . -31.99 31.87 -20.86
O3 NAG UA . -29.53 33.91 -19.07
O4 NAG UA . -30.79 33.87 -22.48
O5 NAG UA . -28.48 32.08 -20.75
O6 NAG UA . -27.10 34.18 -23.29
O7 NAG UA . -32.69 30.14 -19.63
C1 BMA UA . -30.77 35.04 -23.33
C2 BMA UA . -32.23 35.37 -23.72
C3 BMA UA . -32.30 36.71 -24.46
C4 BMA UA . -31.53 37.80 -23.70
C5 BMA UA . -30.09 37.31 -23.50
C6 BMA UA . -29.14 38.34 -22.89
O2 BMA UA . -33.03 35.51 -22.56
O3 BMA UA . -33.64 37.11 -24.70
O4 BMA UA . -31.52 39.02 -24.43
O5 BMA UA . -30.14 36.15 -22.68
O6 BMA UA . -28.34 38.91 -23.94
C1 MAN UA . -33.78 37.46 -26.10
C2 MAN UA . -34.39 38.88 -26.17
C3 MAN UA . -35.32 39.00 -27.37
C4 MAN UA . -34.77 38.20 -28.55
C5 MAN UA . -34.80 36.70 -28.20
C6 MAN UA . -33.78 35.88 -28.97
O2 MAN UA . -33.37 39.87 -26.37
O3 MAN UA . -35.53 40.36 -27.75
O4 MAN UA . -35.56 38.44 -29.70
O5 MAN UA . -34.59 36.50 -26.77
O6 MAN UA . -33.91 36.19 -30.36
C1 MAN UA . -27.74 37.87 -24.74
C2 MAN UA . -26.20 38.10 -24.81
C3 MAN UA . -25.84 39.22 -25.80
C4 MAN UA . -26.57 39.03 -27.13
C5 MAN UA . -28.07 38.98 -26.87
C6 MAN UA . -28.89 38.83 -28.14
O2 MAN UA . -25.52 36.94 -25.28
O3 MAN UA . -24.44 39.30 -26.01
O4 MAN UA . -26.28 40.09 -28.01
O5 MAN UA . -28.33 37.83 -26.05
O6 MAN UA . -30.12 39.51 -27.96
C1 NAG VA . -38.24 32.61 -19.12
C2 NAG VA . -37.02 32.64 -20.04
C3 NAG VA . -37.42 32.73 -21.51
C4 NAG VA . -38.58 33.70 -21.73
C5 NAG VA . -39.72 33.44 -20.76
C6 NAG VA . -41.01 33.06 -21.46
C7 NAG VA . -35.17 33.64 -18.76
C8 NAG VA . -34.35 34.86 -18.52
N2 NAG VA . -36.13 33.74 -19.68
O3 NAG VA . -37.76 31.44 -21.98
O4 NAG VA . -38.12 35.04 -21.57
O5 NAG VA . -39.39 32.34 -19.90
O6 NAG VA . -41.99 34.08 -21.33
O7 NAG VA . -34.97 32.59 -18.14
C1 NAG VA . -38.82 35.85 -22.54
C2 NAG VA . -38.36 37.31 -22.41
C3 NAG VA . -39.04 38.17 -23.46
C4 NAG VA . -38.86 37.59 -24.85
C5 NAG VA . -39.29 36.12 -24.88
C6 NAG VA . -39.01 35.44 -26.20
C7 NAG VA . -39.78 37.93 -20.49
C8 NAG VA . -39.79 38.51 -19.10
N2 NAG VA . -38.58 37.83 -21.07
O3 NAG VA . -38.51 39.49 -23.42
O4 NAG VA . -39.62 38.32 -25.80
O5 NAG VA . -38.58 35.38 -23.87
O6 NAG VA . -37.94 36.08 -26.88
O7 NAG VA . -40.82 37.58 -21.04
C1 NAG WA . -33.63 17.40 -28.80
C2 NAG WA . -33.27 16.36 -29.85
C3 NAG WA . -32.60 17.03 -31.04
C4 NAG WA . -33.46 18.16 -31.59
C5 NAG WA . -33.86 19.12 -30.46
C6 NAG WA . -34.87 20.17 -30.91
C7 NAG WA . -32.90 14.28 -28.60
C8 NAG WA . -31.88 13.30 -28.12
N2 NAG WA . -32.42 15.33 -29.30
O3 NAG WA . -32.37 16.04 -32.05
O4 NAG WA . -32.74 18.92 -32.56
O5 NAG WA . -34.47 18.41 -29.38
O6 NAG WA . -34.26 21.16 -31.71
O7 NAG WA . -34.10 14.13 -28.40
C1 NAG WA . -32.89 18.43 -33.91
C2 NAG WA . -32.58 19.56 -34.89
C3 NAG WA . -32.66 19.05 -36.34
C4 NAG WA . -31.79 17.81 -36.53
C5 NAG WA . -32.12 16.77 -35.45
C6 NAG WA . -31.20 15.57 -35.48
C7 NAG WA . -34.78 20.71 -34.91
C8 NAG WA . -35.48 22.00 -34.65
N2 NAG WA . -33.45 20.71 -34.69
O3 NAG WA . -32.24 20.11 -37.19
O4 NAG WA . -32.05 17.19 -37.78
O5 NAG WA . -32.01 17.34 -34.14
O6 NAG WA . -30.90 15.11 -34.17
O7 NAG WA . -35.38 19.70 -35.29
C1 BMA WA . -31.45 17.84 -38.93
C2 BMA WA . -30.96 16.77 -39.93
C3 BMA WA . -30.66 17.37 -41.33
C4 BMA WA . -31.73 18.41 -41.76
C5 BMA WA . -31.95 19.42 -40.64
C6 BMA WA . -33.02 20.45 -40.97
O2 BMA WA . -31.94 15.76 -40.12
O3 BMA WA . -30.56 16.32 -42.32
O4 BMA WA . -31.32 19.11 -42.93
O5 BMA WA . -32.40 18.70 -39.50
O6 BMA WA . -34.01 19.81 -41.77
C1 MAN WA . -29.55 16.61 -43.31
C2 MAN WA . -29.69 15.54 -44.45
C3 MAN WA . -29.17 14.19 -43.94
C4 MAN WA . -27.74 14.35 -43.42
C5 MAN WA . -27.75 15.34 -42.26
C6 MAN WA . -26.37 15.57 -41.66
O2 MAN WA . -28.89 15.87 -45.60
O3 MAN WA . -29.22 13.17 -44.94
O4 MAN WA . -27.25 13.10 -42.97
O5 MAN WA . -28.25 16.61 -42.74
O6 MAN WA . -25.48 15.93 -42.70
C1 MAN WA . -29.65 15.69 -46.81
C2 MAN WA . -28.90 14.67 -47.70
C3 MAN WA . -27.57 15.28 -48.14
C4 MAN WA . -27.81 16.62 -48.84
C5 MAN WA . -28.61 17.58 -47.93
C6 MAN WA . -29.02 18.86 -48.64
O2 MAN WA . -29.61 14.40 -48.91
O3 MAN WA . -26.82 14.41 -48.97
O4 MAN WA . -26.55 17.23 -49.16
O5 MAN WA . -29.83 16.93 -47.49
O6 MAN WA . -27.86 19.41 -49.26
C1 MAN WA . -30.16 13.06 -48.89
C2 MAN WA . -31.25 13.00 -50.00
C3 MAN WA . -32.30 11.95 -49.67
C4 MAN WA . -31.71 10.85 -48.82
C5 MAN WA . -31.32 11.43 -47.45
C6 MAN WA . -30.39 10.53 -46.65
O2 MAN WA . -30.70 12.60 -51.25
O3 MAN WA . -32.88 11.40 -50.85
O4 MAN WA . -32.66 9.80 -48.63
O5 MAN WA . -30.67 12.73 -47.60
O6 MAN WA . -30.87 9.18 -46.76
C1 MAN WA . -35.30 19.92 -41.11
C2 MAN WA . -35.62 18.54 -40.47
C3 MAN WA . -35.88 17.52 -41.58
C4 MAN WA . -36.95 18.05 -42.55
C5 MAN WA . -36.46 19.38 -43.12
C6 MAN WA . -37.42 19.97 -44.15
O2 MAN WA . -36.82 18.59 -39.71
O3 MAN WA . -36.27 16.24 -41.06
O4 MAN WA . -37.15 17.13 -43.60
O5 MAN WA . -36.28 20.31 -42.04
O6 MAN WA . -37.29 19.16 -45.31
C1 MAN WA . -35.22 15.29 -41.38
C2 MAN WA . -35.70 14.43 -42.61
C3 MAN WA . -34.84 13.17 -42.82
C4 MAN WA . -33.71 13.10 -41.80
C5 MAN WA . -34.34 13.19 -40.41
C6 MAN WA . -33.34 12.94 -39.28
O2 MAN WA . -35.59 15.17 -43.84
O3 MAN WA . -34.33 13.09 -44.14
O4 MAN WA . -33.01 11.88 -41.93
O5 MAN WA . -34.91 14.51 -40.21
O6 MAN WA . -32.51 11.86 -39.65
C1 MAN WA . -38.43 19.28 -46.20
C2 MAN WA . -39.75 19.04 -45.39
C3 MAN WA . -39.99 17.55 -45.08
C4 MAN WA . -39.65 16.64 -46.27
C5 MAN WA . -38.25 16.98 -46.78
C6 MAN WA . -37.78 16.10 -47.92
O2 MAN WA . -40.90 19.46 -46.14
O3 MAN WA . -41.32 17.30 -44.65
O4 MAN WA . -39.70 15.28 -45.89
O5 MAN WA . -38.26 18.34 -47.23
O6 MAN WA . -36.42 15.74 -47.67
C1 NAG XA . -39.42 5.26 -15.66
C2 NAG XA . -38.89 3.85 -15.92
C3 NAG XA . -40.03 2.94 -16.42
C4 NAG XA . -41.22 3.00 -15.47
C5 NAG XA . -41.64 4.44 -15.23
C6 NAG XA . -42.71 4.58 -14.18
C7 NAG XA . -37.88 4.21 -18.15
C8 NAG XA . -36.62 4.12 -18.95
N2 NAG XA . -37.78 3.83 -16.86
O3 NAG XA . -39.56 1.61 -16.53
O4 NAG XA . -42.32 2.31 -16.06
O5 NAG XA . -40.52 5.21 -14.77
O6 NAG XA . -42.16 4.95 -12.92
O7 NAG XA . -38.92 4.62 -18.65
C1 NAG XA . -42.69 1.15 -15.28
C2 NAG XA . -43.17 0.06 -16.25
C3 NAG XA . -43.53 -1.21 -15.49
C4 NAG XA . -42.38 -1.64 -14.59
C5 NAG XA . -41.95 -0.49 -13.68
C6 NAG XA . -40.74 -0.83 -12.85
C7 NAG XA . -44.14 1.19 -18.20
C8 NAG XA . -45.42 1.58 -18.90
N2 NAG XA . -44.29 0.52 -17.05
O3 NAG XA . -43.85 -2.25 -16.41
O4 NAG XA . -42.80 -2.75 -13.78
O5 NAG XA . -41.60 0.64 -14.48
O6 NAG XA . -40.54 -2.23 -12.76
O7 NAG XA . -43.03 1.45 -18.67
C1 NAG YA . -41.39 21.93 12.80
C2 NAG YA . -40.68 22.13 14.12
C3 NAG YA . -41.68 22.05 15.26
C4 NAG YA . -42.72 23.17 15.17
C5 NAG YA . -42.86 23.76 13.76
C6 NAG YA . -42.06 25.03 13.53
C7 NAG YA . -38.57 21.32 15.10
C8 NAG YA . -37.60 20.18 15.16
N2 NAG YA . -39.63 21.14 14.30
O3 NAG YA . -41.00 22.14 16.51
O4 NAG YA . -43.98 22.64 15.53
O5 NAG YA . -42.54 22.84 12.71
O6 NAG YA . -41.77 25.22 12.15
O7 NAG YA . -38.41 22.34 15.75
C1 NAG YA . -44.67 23.46 16.51
C2 NAG YA . -43.72 23.80 17.68
C3 NAG YA . -44.39 24.73 18.68
C4 NAG YA . -45.01 25.94 17.97
C5 NAG YA . -45.94 25.46 16.87
C6 NAG YA . -46.58 26.58 16.09
C7 NAG YA . -44.01 21.68 18.92
C8 NAG YA . -43.30 20.51 19.54
N2 NAG YA . -43.22 22.60 18.34
O3 NAG YA . -43.43 25.17 19.64
O4 NAG YA . -45.74 26.73 18.89
O5 NAG YA . -45.19 24.67 15.93
O6 NAG YA . -46.72 26.24 14.71
O7 NAG YA . -45.23 21.79 18.95
C1 NAG ZA . -8.22 -15.44 55.41
C2 NAG ZA . -8.78 -16.45 56.40
C3 NAG ZA . -10.30 -16.29 56.53
C4 NAG ZA . -10.65 -14.85 56.86
C5 NAG ZA . -10.01 -13.90 55.86
C6 NAG ZA . -10.24 -12.44 56.20
C7 NAG ZA . -7.72 -18.64 56.77
C8 NAG ZA . -7.47 -20.00 56.20
N2 NAG ZA . -8.44 -17.82 56.01
O3 NAG ZA . -10.78 -17.17 57.54
O4 NAG ZA . -12.06 -14.69 56.85
O5 NAG ZA . -8.60 -14.11 55.82
O6 NAG ZA . -11.29 -12.29 57.13
O7 NAG ZA . -7.31 -18.31 57.88
C1 NAG AB . 31.29 28.31 9.88
C2 NAG AB . 32.50 29.24 10.11
C3 NAG AB . 33.77 28.64 9.50
C4 NAG AB . 33.97 27.21 9.99
C5 NAG AB . 32.72 26.38 9.70
C6 NAG AB . 32.81 24.96 10.22
C7 NAG AB . 32.09 30.85 8.28
C8 NAG AB . 31.86 32.30 7.94
N2 NAG AB . 32.26 30.58 9.58
O3 NAG AB . 34.89 29.44 9.86
O4 NAG AB . 35.08 26.62 9.33
O5 NAG AB . 31.59 26.99 10.35
O6 NAG AB . 34.17 24.58 10.45
O7 NAG AB . 32.11 29.98 7.41
C1 NAG BB . 26.39 6.32 1.46
C2 NAG BB . 27.27 5.85 2.62
C3 NAG BB . 28.45 6.79 2.82
C4 NAG BB . 29.23 6.96 1.52
C5 NAG BB . 28.28 7.43 0.43
C6 NAG BB . 28.94 7.54 -0.93
C7 NAG BB . 26.74 4.78 4.77
C8 NAG BB . 25.85 4.79 5.97
N2 NAG BB . 26.50 5.72 3.84
O3 NAG BB . 29.31 6.25 3.82
O4 NAG BB . 30.28 7.90 1.69
O5 NAG BB . 27.19 6.51 0.28
O6 NAG BB . 28.27 8.48 -1.76
O7 NAG BB . 27.64 3.95 4.63
C1 NAG CB . 12.86 -8.57 47.94
C2 NAG CB . 13.45 -8.54 49.35
C3 NAG CB . 13.04 -9.80 50.10
C4 NAG CB . 11.52 -9.93 50.11
C5 NAG CB . 10.96 -9.89 48.70
C6 NAG CB . 9.46 -9.85 48.66
C7 NAG CB . 15.65 -8.03 50.33
C8 NAG CB . 17.13 -7.99 50.09
N2 NAG CB . 14.91 -8.44 49.29
O3 NAG CB . 13.52 -9.73 51.44
O4 NAG CB . 11.15 -11.16 50.72
O5 NAG CB . 11.41 -8.71 48.02
O6 NAG CB . 8.95 -8.64 49.21
O7 NAG CB . 15.15 -7.72 51.40
C1 NAG DB . 24.40 18.21 49.80
C2 NAG DB . 25.41 19.32 50.03
C3 NAG DB . 26.48 18.87 51.02
C4 NAG DB . 25.82 18.39 52.31
C5 NAG DB . 24.78 17.31 52.00
C6 NAG DB . 24.01 16.87 53.22
C7 NAG DB . 26.02 20.99 48.33
C8 NAG DB . 26.70 21.23 47.02
N2 NAG DB . 26.04 19.73 48.78
O3 NAG DB . 27.35 19.95 51.32
O4 NAG DB . 26.81 17.83 53.18
O5 NAG DB . 23.82 17.82 51.06
O6 NAG DB . 22.62 16.71 52.92
O7 NAG DB . 25.46 21.90 48.96
C1 NAG EB . -19.65 -53.91 9.31
C2 NAG EB . -20.70 -54.87 9.83
C3 NAG EB . -20.66 -54.94 11.36
C4 NAG EB . -19.25 -55.26 11.84
C5 NAG EB . -18.25 -54.26 11.24
C6 NAG EB . -16.82 -54.58 11.59
C7 NAG EB . -22.97 -55.38 9.04
C8 NAG EB . -24.28 -54.82 8.58
N2 NAG EB . -22.03 -54.49 9.37
O3 NAG EB . -21.57 -55.94 11.82
O4 NAG EB . -19.20 -55.19 13.26
O5 NAG EB . -18.35 -54.29 9.81
O6 NAG EB . -16.56 -54.36 12.97
O7 NAG EB . -22.77 -56.59 9.08
C1 NAG FB . 28.63 -12.67 -29.56
C2 NAG FB . 29.40 -13.08 -30.83
C3 NAG FB . 28.81 -12.42 -32.08
C4 NAG FB . 27.31 -12.65 -32.14
C5 NAG FB . 26.66 -12.18 -30.85
C6 NAG FB . 25.17 -12.43 -30.81
C7 NAG FB . 31.33 -11.54 -30.62
C8 NAG FB . 32.82 -11.45 -30.51
N2 NAG FB . 30.83 -12.77 -30.71
O3 NAG FB . 29.44 -12.94 -33.23
O4 NAG FB . 26.75 -11.94 -33.24
O5 NAG FB . 27.23 -12.89 -29.75
O6 NAG FB . 24.76 -12.89 -29.53
O7 NAG FB . 30.62 -10.53 -30.61
C1 NAG GB . 7.09 -3.05 -25.91
C2 NAG GB . 6.42 -4.19 -26.71
C3 NAG GB . 7.30 -4.62 -27.89
C4 NAG GB . 7.67 -3.42 -28.73
C5 NAG GB . 8.35 -2.37 -27.87
C6 NAG GB . 8.70 -1.11 -28.63
C7 NAG GB . 5.26 -6.28 -26.14
C8 NAG GB . 5.10 -7.38 -25.14
N2 NAG GB . 6.13 -5.33 -25.84
O3 NAG GB . 6.60 -5.58 -28.68
O4 NAG GB . 8.55 -3.82 -29.78
O5 NAG GB . 7.47 -1.99 -26.81
O6 NAG GB . 9.23 -0.12 -27.76
O7 NAG GB . 4.62 -6.27 -27.19
C1 NAG HB . -11.48 -47.26 -11.59
C2 NAG HB . -11.59 -48.63 -12.27
C3 NAG HB . -12.87 -49.33 -11.82
C4 NAG HB . -12.89 -49.44 -10.29
C5 NAG HB . -12.73 -48.06 -9.66
C6 NAG HB . -12.59 -48.12 -8.16
C7 NAG HB . -11.28 -49.51 -14.54
C8 NAG HB . -11.32 -49.19 -16.01
N2 NAG HB . -11.58 -48.50 -13.72
O3 NAG HB . -12.94 -50.63 -12.39
O4 NAG HB . -14.13 -49.99 -9.87
O5 NAG HB . -11.54 -47.43 -10.15
O6 NAG HB . -11.59 -49.05 -7.76
O7 NAG HB . -10.99 -50.62 -14.13
C1 NAG IB . 15.93 -51.63 -22.50
C2 NAG IB . 16.14 -51.32 -23.98
C3 NAG IB . 15.85 -52.56 -24.82
C4 NAG IB . 16.66 -53.74 -24.33
C5 NAG IB . 16.41 -53.96 -22.85
C6 NAG IB . 17.27 -55.06 -22.26
C7 NAG IB . 15.48 -49.56 -25.57
C8 NAG IB . 14.53 -48.42 -25.84
N2 NAG IB . 15.31 -50.20 -24.40
O3 NAG IB . 16.17 -52.30 -26.19
O4 NAG IB . 16.28 -54.92 -25.05
O5 NAG IB . 16.73 -52.77 -22.12
O6 NAG IB . 17.46 -54.88 -20.86
O7 NAG IB . 16.36 -49.87 -26.37
C1 NAG JB . -55.32 -4.90 17.72
C2 NAG JB . -56.42 -5.36 18.69
C3 NAG JB . -56.58 -6.87 18.62
C4 NAG JB . -56.80 -7.33 17.18
C5 NAG JB . -55.68 -6.80 16.30
C6 NAG JB . -55.88 -7.13 14.83
C7 NAG JB . -57.08 -4.74 20.97
C8 NAG JB . -56.60 -4.30 22.32
N2 NAG JB . -56.14 -4.94 20.05
O3 NAG JB . -57.70 -7.27 19.41
O4 NAG JB . -56.81 -8.75 17.12
O5 NAG JB . -55.61 -5.37 16.40
O6 NAG JB . -55.78 -8.52 14.60
O7 NAG JB . -58.27 -4.93 20.73
C1 NAG KB . -9.48 29.67 -29.91
C2 NAG KB . -9.68 30.88 -30.84
C3 NAG KB . -9.07 32.14 -30.24
C4 NAG KB . -9.56 32.36 -28.80
C5 NAG KB . -9.28 31.11 -27.98
C6 NAG KB . -9.79 31.20 -26.56
C7 NAG KB . -7.85 30.46 -32.43
C8 NAG KB . -7.50 30.22 -33.88
N2 NAG KB . -9.15 30.63 -32.17
O3 NAG KB . -9.43 33.27 -31.03
O4 NAG KB . -8.90 33.47 -28.22
O5 NAG KB . -9.93 29.98 -28.59
O6 NAG KB . -9.13 32.23 -25.84
O7 NAG KB . -6.98 30.48 -31.57
C1 NAG LB . -1.30 26.14 -7.96
C2 NAG LB . -2.49 26.78 -7.23
C3 NAG LB . -3.11 27.89 -8.09
C4 NAG LB . -2.06 28.89 -8.51
C5 NAG LB . -0.91 28.18 -9.22
C6 NAG LB . 0.22 29.09 -9.59
C7 NAG LB . -4.43 25.98 -5.95
C8 NAG LB . -5.38 24.85 -5.73
N2 NAG LB . -3.49 25.78 -6.88
O3 NAG LB . -4.14 28.55 -7.35
O4 NAG LB . -2.62 29.86 -9.38
O5 NAG LB . -0.37 27.16 -8.36
O6 NAG LB . -0.23 30.21 -10.36
O7 NAG LB . -4.52 27.03 -5.33
C1 NAG MB . -47.09 15.30 9.21
C2 NAG MB . -47.45 16.34 10.28
C3 NAG MB . -48.02 15.63 11.52
C4 NAG MB . -49.14 14.68 11.13
C5 NAG MB . -48.69 13.75 10.00
C6 NAG MB . -49.80 12.86 9.48
C7 NAG MB . -46.42 18.36 11.19
C8 NAG MB . -45.14 19.08 11.49
N2 NAG MB . -46.30 17.16 10.64
O3 NAG MB . -48.50 16.60 12.44
O4 NAG MB . -49.52 13.90 12.26
O5 NAG MB . -48.24 14.53 8.88
O6 NAG MB . -49.31 11.56 9.17
O7 NAG MB . -47.51 18.87 11.45
C1 NAG NB . -49.70 24.51 -17.89
C2 NAG NB . -50.14 25.46 -19.01
C3 NAG NB . -51.28 26.35 -18.54
C4 NAG NB . -52.42 25.52 -17.97
C5 NAG NB . -51.90 24.57 -16.90
C6 NAG NB . -52.94 23.62 -16.37
C7 NAG NB . -48.57 26.23 -20.73
C8 NAG NB . -47.40 27.12 -21.03
N2 NAG NB . -49.02 26.26 -19.47
O3 NAG NB . -51.74 27.14 -19.63
O4 NAG NB . -53.42 26.36 -17.41
O5 NAG NB . -50.84 23.76 -17.43
O6 NAG NB . -54.11 24.32 -15.94
O7 NAG NB . -49.07 25.50 -21.59
#